data_5JRL
#
_entry.id   5JRL
#
_cell.length_a   108.466
_cell.length_b   136.586
_cell.length_c   110.777
_cell.angle_alpha   90.000
_cell.angle_beta   97.620
_cell.angle_gamma   90.000
#
_symmetry.space_group_name_H-M   'P 1 21 1'
#
_entity_poly.entity_id   1
_entity_poly.type   'polypeptide(L)'
_entity_poly.pdbx_seq_one_letter_code
;MGSSHHHHHHSSGLVPRGSHMKIALRSGLPAVALLAAAALSPAAQAGESKGRPWTLEDILTVPEVNEIALSDNGRLAIYA
AEIADLDAGKPRSHIRIVDVETGRTKELLTVDTIKSLRSVPGTQDWSALVDLGEGQQLYRIDTEGKLLPLIVNPNPVPVG
KADMSFPLGGGIRPSHIGILDYDWSPDGKWLWYSQLRAKSDGPRVRFDEEVTALLGRRRSTIDVEVDFFLRNPEGDTTRI
MARPSTDRVATRGGGRVLWRGNEVQFRIETSDGTLGGAFEFVAWNRVNRTVRTLAKQRDLLSMSILVGPRGGQLSTSGLG
SDRELIETSAEGRPHSYGRVAFDIGDSRSAGWKRSRDGKRVVIGTRGLGDARYGLALIDKTGVRELRADASLTRCGFDGM
LRSAICVEEGMSRPPRLVRVDLGTDKITDLGPISPRHEEIEPLQTIARTFVSRDGYWSSGYVLLPRGHRAADRHPAVVVT
HGTDADDRFAEPANQWNYPVQLLAERGYVVLLLNDPSPGQSKDLMDAMHAWLRGKGPPDPETVQQKLWLTGVHSFEDAVT
ELAAEGLIDPARVGIAGYSRGSQMVNVTVTNSKMFRAASSGDGGFLEPAGYATGRSSYDAVYGGAPLSDNIERWRRFAPS
LNADKVCAAVLQQVASASPSQIELFEALRAAGVATQISYYPGATAASDETHVFYLTTNRLRAMRENIAWFDYWLLDKRDA
DAPFPDHVVKWDRLKKNLPDRCAAAPSAWSHPQFEK
;
_entity_poly.pdbx_strand_id   A,B,C,D
#
# COMPACT_ATOMS: atom_id res chain seq x y z
N LYS A 50 37.90 -30.09 11.60
CA LYS A 50 38.72 -28.87 11.61
C LYS A 50 37.85 -27.62 11.69
N GLY A 51 36.68 -27.70 11.10
CA GLY A 51 35.72 -26.60 11.08
C GLY A 51 35.64 -25.95 9.71
N ARG A 52 34.48 -25.37 9.43
CA ARG A 52 34.19 -24.73 8.15
C ARG A 52 34.58 -23.26 8.18
N PRO A 53 34.82 -22.66 7.02
CA PRO A 53 35.16 -21.23 6.98
C PRO A 53 33.95 -20.34 7.21
N TRP A 54 34.24 -19.08 7.54
CA TRP A 54 33.19 -18.07 7.71
C TRP A 54 32.48 -17.81 6.39
N THR A 55 31.18 -17.54 6.49
CA THR A 55 30.38 -17.09 5.36
C THR A 55 29.83 -15.70 5.67
N LEU A 56 29.11 -15.13 4.70
CA LEU A 56 28.53 -13.81 4.90
C LEU A 56 27.33 -13.87 5.82
N GLU A 57 26.51 -14.91 5.68
CA GLU A 57 25.33 -15.07 6.53
C GLU A 57 25.71 -15.37 7.98
N ASP A 58 26.92 -15.89 8.22
CA ASP A 58 27.35 -16.16 9.58
C ASP A 58 27.56 -14.86 10.35
N ILE A 59 28.15 -13.85 9.71
CA ILE A 59 28.33 -12.57 10.37
C ILE A 59 26.99 -11.91 10.62
N LEU A 60 25.99 -12.20 9.78
CA LEU A 60 24.67 -11.61 9.96
C LEU A 60 23.91 -12.24 11.12
N THR A 61 24.05 -13.56 11.29
CA THR A 61 23.25 -14.33 12.23
C THR A 61 23.90 -14.50 13.59
N VAL A 62 25.05 -13.87 13.83
CA VAL A 62 25.71 -13.95 15.13
C VAL A 62 24.74 -13.43 16.19
N PRO A 63 24.41 -14.22 17.21
CA PRO A 63 23.38 -13.82 18.16
C PRO A 63 23.87 -12.78 19.16
N GLU A 64 22.95 -11.89 19.54
CA GLU A 64 23.16 -10.94 20.62
C GLU A 64 22.27 -11.34 21.79
N VAL A 65 22.84 -11.43 22.98
CA VAL A 65 22.08 -11.64 24.20
C VAL A 65 22.22 -10.37 25.03
N ASN A 66 21.17 -9.54 25.04
CA ASN A 66 21.09 -8.40 25.92
C ASN A 66 20.20 -8.64 27.14
N GLU A 67 19.54 -9.78 27.21
CA GLU A 67 18.57 -10.07 28.27
C GLU A 67 18.84 -11.44 28.84
N ILE A 68 19.22 -11.50 30.12
CA ILE A 68 19.39 -12.75 30.85
C ILE A 68 18.94 -12.52 32.28
N ALA A 69 18.20 -13.48 32.82
CA ALA A 69 17.65 -13.35 34.16
C ALA A 69 17.75 -14.69 34.89
N LEU A 70 18.27 -14.65 36.11
CA LEU A 70 18.39 -15.83 36.95
C LEU A 70 17.30 -15.81 38.02
N SER A 71 16.75 -16.97 38.32
CA SER A 71 15.70 -17.07 39.31
C SER A 71 16.24 -16.74 40.70
N ASP A 72 15.33 -16.38 41.60
CA ASP A 72 15.73 -16.02 42.96
C ASP A 72 16.37 -17.21 43.68
N ASN A 73 15.77 -18.40 43.54
CA ASN A 73 16.38 -19.60 44.09
C ASN A 73 17.63 -20.01 43.34
N GLY A 74 17.78 -19.56 42.09
CA GLY A 74 18.97 -19.85 41.31
C GLY A 74 18.95 -21.14 40.54
N ARG A 75 17.82 -21.85 40.53
CA ARG A 75 17.74 -23.14 39.85
C ARG A 75 17.25 -23.03 38.41
N LEU A 76 16.75 -21.88 37.98
CA LEU A 76 16.28 -21.70 36.63
C LEU A 76 16.72 -20.33 36.11
N ALA A 77 16.87 -20.22 34.80
CA ALA A 77 17.27 -18.98 34.17
C ALA A 77 16.67 -18.90 32.78
N ILE A 78 16.42 -17.68 32.32
CA ILE A 78 15.82 -17.44 31.01
C ILE A 78 16.62 -16.36 30.30
N TYR A 79 16.84 -16.54 29.00
CA TYR A 79 17.58 -15.55 28.22
C TYR A 79 17.02 -15.54 26.80
N ALA A 80 17.20 -14.41 26.12
CA ALA A 80 16.72 -14.22 24.77
C ALA A 80 17.88 -13.84 23.87
N ALA A 81 18.01 -14.55 22.75
CA ALA A 81 19.06 -14.31 21.77
C ALA A 81 18.45 -13.65 20.55
N GLU A 82 18.95 -12.45 20.22
CA GLU A 82 18.50 -11.75 19.02
C GLU A 82 19.27 -12.27 17.82
N ILE A 83 18.55 -12.81 16.84
CA ILE A 83 19.15 -13.42 15.65
C ILE A 83 18.47 -12.83 14.42
N ALA A 84 19.28 -12.43 13.44
CA ALA A 84 18.73 -11.89 12.20
C ALA A 84 17.95 -12.96 11.45
N ASP A 85 16.69 -12.66 11.13
CA ASP A 85 15.81 -13.60 10.46
C ASP A 85 15.67 -13.21 8.99
N LEU A 86 15.95 -14.17 8.10
CA LEU A 86 15.88 -13.89 6.67
C LEU A 86 14.44 -13.77 6.20
N ASP A 87 13.55 -14.61 6.72
CA ASP A 87 12.16 -14.56 6.29
C ASP A 87 11.46 -13.30 6.78
N ALA A 88 11.81 -12.84 7.99
CA ALA A 88 11.22 -11.61 8.51
C ALA A 88 11.88 -10.35 7.98
N GLY A 89 13.11 -10.46 7.48
CA GLY A 89 13.84 -9.30 7.02
C GLY A 89 14.43 -8.45 8.13
N LYS A 90 14.31 -8.88 9.37
CA LYS A 90 14.81 -8.11 10.52
C LYS A 90 15.10 -9.10 11.64
N PRO A 91 15.68 -8.64 12.75
CA PRO A 91 15.96 -9.56 13.85
C PRO A 91 14.72 -9.96 14.61
N ARG A 92 14.76 -11.17 15.16
CA ARG A 92 13.73 -11.67 16.06
C ARG A 92 14.40 -12.32 17.26
N SER A 93 13.82 -12.13 18.43
CA SER A 93 14.41 -12.62 19.66
C SER A 93 13.86 -14.00 20.00
N HIS A 94 14.75 -14.95 20.23
CA HIS A 94 14.39 -16.31 20.59
C HIS A 94 14.51 -16.47 22.11
N ILE A 95 13.38 -16.72 22.76
CA ILE A 95 13.35 -16.87 24.22
C ILE A 95 13.62 -18.33 24.56
N ARG A 96 14.50 -18.55 25.53
CA ARG A 96 14.92 -19.90 25.92
C ARG A 96 15.01 -20.00 27.43
N ILE A 97 14.62 -21.16 27.96
CA ILE A 97 14.74 -21.45 29.38
C ILE A 97 15.86 -22.46 29.58
N VAL A 98 16.57 -22.32 30.69
CA VAL A 98 17.75 -23.12 30.98
C VAL A 98 17.68 -23.62 32.42
N ASP A 99 17.96 -24.91 32.61
CA ASP A 99 18.11 -25.47 33.94
C ASP A 99 19.58 -25.32 34.36
N VAL A 100 19.81 -24.56 35.43
CA VAL A 100 21.17 -24.23 35.83
C VAL A 100 21.90 -25.49 36.31
N GLU A 101 21.19 -26.39 36.97
CA GLU A 101 21.83 -27.60 37.50
C GLU A 101 22.21 -28.55 36.37
N THR A 102 21.25 -28.90 35.50
CA THR A 102 21.51 -29.90 34.47
C THR A 102 22.25 -29.30 33.28
N GLY A 103 21.86 -28.11 32.85
CA GLY A 103 22.36 -27.54 31.62
C GLY A 103 21.44 -27.69 30.43
N ARG A 104 20.22 -28.18 30.62
CA ARG A 104 19.29 -28.34 29.52
C ARG A 104 18.72 -26.99 29.10
N THR A 105 18.64 -26.77 27.79
CA THR A 105 18.12 -25.53 27.23
C THR A 105 16.93 -25.86 26.33
N LYS A 106 15.76 -25.32 26.68
CA LYS A 106 14.53 -25.55 25.94
C LYS A 106 14.09 -24.25 25.27
N GLU A 107 13.89 -24.32 23.95
CA GLU A 107 13.47 -23.15 23.18
C GLU A 107 11.97 -22.94 23.38
N LEU A 108 11.59 -21.76 23.86
CA LEU A 108 10.19 -21.50 24.23
C LEU A 108 9.41 -20.87 23.08
N LEU A 109 9.70 -19.60 22.78
CA LEU A 109 8.92 -18.86 21.80
C LEU A 109 9.79 -17.82 21.14
N THR A 110 9.49 -17.51 19.88
CA THR A 110 10.16 -16.45 19.13
C THR A 110 9.26 -15.23 19.06
N VAL A 111 9.81 -14.06 19.38
CA VAL A 111 9.08 -12.81 19.38
C VAL A 111 9.85 -11.78 18.56
N ASP A 112 9.28 -10.58 18.45
CA ASP A 112 9.95 -9.50 17.74
C ASP A 112 11.04 -8.88 18.62
N THR A 113 10.64 -8.21 19.69
CA THR A 113 11.57 -7.61 20.64
C THR A 113 11.21 -8.06 22.06
N ILE A 114 12.21 -8.07 22.93
CA ILE A 114 12.02 -8.33 24.35
C ILE A 114 13.00 -7.46 25.13
N LYS A 115 12.52 -6.80 26.17
CA LYS A 115 13.34 -5.90 26.97
C LYS A 115 12.97 -6.04 28.44
N SER A 116 13.90 -5.62 29.30
CA SER A 116 13.67 -5.55 30.75
C SER A 116 13.24 -6.91 31.31
N LEU A 117 14.06 -7.93 31.05
CA LEU A 117 13.74 -9.27 31.51
C LEU A 117 14.21 -9.42 32.96
N ARG A 118 13.26 -9.68 33.86
CA ARG A 118 13.55 -9.80 35.28
C ARG A 118 12.75 -10.97 35.84
N SER A 119 13.09 -11.36 37.06
CA SER A 119 12.37 -12.39 37.79
C SER A 119 11.42 -11.74 38.79
N VAL A 120 10.17 -12.17 38.78
CA VAL A 120 9.15 -11.62 39.67
C VAL A 120 9.48 -11.99 41.11
N PRO A 121 9.73 -11.02 41.98
CA PRO A 121 10.01 -11.36 43.38
C PRO A 121 8.76 -11.91 44.05
N GLY A 122 8.97 -12.87 44.95
CA GLY A 122 7.89 -13.54 45.64
C GLY A 122 7.31 -14.74 44.91
N THR A 123 7.55 -14.86 43.61
CA THR A 123 7.13 -16.02 42.84
C THR A 123 8.34 -16.58 42.09
N GLN A 124 8.11 -17.68 41.38
CA GLN A 124 9.12 -18.29 40.53
C GLN A 124 9.00 -17.88 39.08
N ASP A 125 8.07 -16.98 38.75
CA ASP A 125 7.83 -16.58 37.38
C ASP A 125 8.82 -15.47 36.97
N TRP A 126 8.69 -15.02 35.72
CA TRP A 126 9.45 -13.90 35.20
C TRP A 126 8.51 -12.91 34.55
N SER A 127 9.00 -11.68 34.39
CA SER A 127 8.27 -10.63 33.70
C SER A 127 9.20 -9.93 32.72
N ALA A 128 8.64 -9.47 31.60
CA ALA A 128 9.44 -8.82 30.58
C ALA A 128 8.54 -7.93 29.74
N LEU A 129 9.16 -7.03 28.99
CA LEU A 129 8.48 -6.20 28.00
C LEU A 129 8.76 -6.82 26.64
N VAL A 130 7.73 -7.42 26.05
CA VAL A 130 7.89 -8.13 24.79
C VAL A 130 6.95 -7.53 23.76
N ASP A 131 7.26 -7.78 22.49
CA ASP A 131 6.45 -7.33 21.37
C ASP A 131 6.19 -8.51 20.46
N LEU A 132 4.92 -8.90 20.35
CA LEU A 132 4.50 -9.98 19.47
C LEU A 132 4.14 -9.47 18.08
N GLY A 133 4.35 -8.18 17.80
CA GLY A 133 3.94 -7.54 16.57
C GLY A 133 2.77 -6.60 16.74
N GLU A 134 2.08 -6.64 17.88
CA GLU A 134 0.98 -5.73 18.18
C GLU A 134 1.42 -4.52 19.00
N GLY A 135 2.70 -4.38 19.27
CA GLY A 135 3.22 -3.35 20.14
C GLY A 135 3.74 -3.91 21.45
N GLN A 136 4.65 -3.17 22.06
CA GLN A 136 5.35 -3.64 23.26
C GLN A 136 4.43 -3.55 24.46
N GLN A 137 4.20 -4.67 25.13
CA GLN A 137 3.37 -4.74 26.32
C GLN A 137 4.13 -5.43 27.43
N LEU A 138 3.50 -5.52 28.59
CA LEU A 138 4.09 -6.18 29.75
C LEU A 138 3.51 -7.59 29.86
N TYR A 139 4.38 -8.59 29.85
CA TYR A 139 3.98 -9.99 29.89
C TYR A 139 4.60 -10.68 31.09
N ARG A 140 3.93 -11.72 31.57
CA ARG A 140 4.45 -12.61 32.60
C ARG A 140 4.79 -13.95 31.96
N ILE A 141 5.95 -14.49 32.30
CA ILE A 141 6.36 -15.82 31.86
C ILE A 141 6.29 -16.74 33.07
N ASP A 142 5.40 -17.72 33.02
CA ASP A 142 5.22 -18.64 34.14
C ASP A 142 6.45 -19.52 34.29
N THR A 143 6.56 -20.15 35.47
CA THR A 143 7.75 -20.92 35.80
C THR A 143 8.06 -22.01 34.78
N GLU A 144 7.06 -22.45 34.01
CA GLU A 144 7.30 -23.47 32.99
C GLU A 144 7.64 -22.89 31.62
N GLY A 145 7.60 -21.57 31.46
CA GLY A 145 8.13 -20.93 30.27
C GLY A 145 7.14 -20.48 29.22
N LYS A 146 5.84 -20.44 29.52
CA LYS A 146 4.86 -19.91 28.59
C LYS A 146 4.41 -18.53 29.07
N LEU A 147 4.24 -17.60 28.12
CA LEU A 147 3.94 -16.23 28.46
C LEU A 147 2.46 -15.93 28.25
N LEU A 148 1.93 -15.08 29.12
CA LEU A 148 0.54 -14.62 29.07
C LEU A 148 0.52 -13.15 29.46
N PRO A 149 -0.39 -12.37 28.88
CA PRO A 149 -0.35 -10.92 29.10
C PRO A 149 -0.56 -10.55 30.56
N LEU A 150 0.06 -9.44 30.95
CA LEU A 150 -0.06 -8.91 32.32
C LEU A 150 -0.68 -7.51 32.27
N ILE A 151 0.01 -6.52 31.70
CA ILE A 151 -0.53 -5.18 31.50
C ILE A 151 -0.48 -4.89 30.01
N VAL A 152 -1.59 -4.41 29.45
CA VAL A 152 -1.71 -4.17 28.02
C VAL A 152 -2.29 -2.80 27.79
N ASN A 153 -1.55 -1.94 27.09
CA ASN A 153 -2.08 -0.66 26.65
C ASN A 153 -2.86 -0.87 25.35
N PRO A 154 -4.17 -0.64 25.34
CA PRO A 154 -4.94 -0.88 24.11
C PRO A 154 -4.58 0.06 22.97
N ASN A 155 -3.96 1.20 23.25
CA ASN A 155 -3.59 2.19 22.23
C ASN A 155 -2.10 2.49 22.30
N PRO A 156 -1.26 1.59 21.80
CA PRO A 156 0.18 1.89 21.77
C PRO A 156 0.50 2.95 20.74
N VAL A 157 1.40 3.86 21.10
CA VAL A 157 1.75 4.97 20.22
C VAL A 157 2.91 4.54 19.32
N PRO A 158 2.97 5.02 18.08
CA PRO A 158 4.11 4.70 17.22
C PRO A 158 5.37 5.42 17.68
N VAL A 159 6.51 4.77 17.46
CA VAL A 159 7.79 5.20 18.01
C VAL A 159 8.87 4.91 16.97
N GLY A 160 9.93 5.69 16.99
CA GLY A 160 11.05 5.51 16.08
C GLY A 160 11.02 6.52 14.95
N LYS A 161 11.82 6.25 13.93
CA LYS A 161 11.85 7.12 12.76
C LYS A 161 10.83 6.58 11.77
N ALA A 162 9.68 7.24 11.72
CA ALA A 162 8.58 6.85 10.85
C ALA A 162 7.63 8.02 10.74
N ASP A 163 6.76 7.98 9.73
CA ASP A 163 5.71 8.97 9.63
C ASP A 163 4.79 8.89 10.83
N MET A 164 4.35 10.07 11.31
CA MET A 164 3.36 10.16 12.37
C MET A 164 3.80 9.41 13.63
N SER A 165 5.10 9.43 13.92
CA SER A 165 5.64 8.70 15.05
C SER A 165 6.36 9.66 16.00
N PHE A 166 6.54 9.21 17.24
CA PHE A 166 7.22 10.02 18.24
C PHE A 166 8.71 9.68 18.24
N PRO A 167 9.60 10.66 18.07
CA PRO A 167 11.04 10.36 18.06
C PRO A 167 11.58 10.10 19.45
N LEU A 168 11.42 8.87 19.93
CA LEU A 168 11.88 8.49 21.26
C LEU A 168 13.38 8.71 21.42
N GLY A 169 14.18 7.93 20.70
CA GLY A 169 15.63 8.06 20.77
C GLY A 169 16.37 6.73 20.72
N ILE A 172 14.83 4.88 17.57
CA ILE A 172 15.16 3.45 17.58
C ILE A 172 14.37 2.77 16.46
N ARG A 173 14.36 1.44 16.45
CA ARG A 173 13.62 0.68 15.45
C ARG A 173 12.15 1.11 15.46
N PRO A 174 11.55 1.35 14.29
CA PRO A 174 10.14 1.74 14.27
C PRO A 174 9.25 0.64 14.83
N SER A 175 8.38 1.01 15.76
CA SER A 175 7.51 0.06 16.44
C SER A 175 6.46 0.85 17.20
N HIS A 176 5.56 0.13 17.85
CA HIS A 176 4.57 0.70 18.76
C HIS A 176 4.91 0.27 20.18
N ILE A 177 4.79 1.19 21.13
CA ILE A 177 5.12 0.93 22.52
C ILE A 177 3.85 1.14 23.35
N GLY A 178 3.30 0.05 23.86
CA GLY A 178 2.19 0.11 24.80
C GLY A 178 2.64 0.42 26.21
N ILE A 179 3.66 -0.27 26.70
CA ILE A 179 4.20 -0.08 28.04
C ILE A 179 5.67 0.33 27.91
N LEU A 180 6.00 1.51 28.40
CA LEU A 180 7.34 2.05 28.23
C LEU A 180 8.34 1.42 29.20
N ASP A 181 7.98 1.35 30.48
CA ASP A 181 8.89 0.87 31.50
C ASP A 181 8.07 0.36 32.68
N TYR A 182 8.70 -0.49 33.51
CA TYR A 182 8.03 -1.05 34.67
C TYR A 182 9.07 -1.47 35.69
N ASP A 183 8.64 -1.59 36.95
CA ASP A 183 9.46 -2.20 37.99
C ASP A 183 8.57 -2.79 39.07
N TRP A 184 8.97 -3.96 39.57
CA TRP A 184 8.27 -4.59 40.69
C TRP A 184 8.74 -4.01 42.03
N SER A 185 7.86 -4.10 43.02
CA SER A 185 8.25 -3.82 44.39
C SER A 185 9.09 -4.99 44.92
N PRO A 186 9.85 -4.77 45.99
CA PRO A 186 10.70 -5.87 46.51
C PRO A 186 9.92 -7.10 46.92
N ASP A 187 8.66 -6.94 47.35
CA ASP A 187 7.83 -8.08 47.72
C ASP A 187 6.96 -8.58 46.57
N GLY A 188 7.02 -7.94 45.40
CA GLY A 188 6.21 -8.34 44.27
C GLY A 188 4.74 -8.02 44.37
N LYS A 189 4.30 -7.39 45.46
CA LYS A 189 2.88 -7.09 45.62
C LYS A 189 2.46 -5.87 44.81
N TRP A 190 3.33 -4.87 44.71
CA TRP A 190 3.04 -3.64 44.00
C TRP A 190 3.74 -3.63 42.64
N LEU A 191 3.09 -3.03 41.64
CA LEU A 191 3.63 -2.94 40.30
C LEU A 191 3.59 -1.49 39.84
N TRP A 192 4.76 -0.92 39.56
CA TRP A 192 4.89 0.40 38.98
C TRP A 192 5.20 0.28 37.50
N TYR A 193 4.54 1.09 36.68
CA TYR A 193 4.82 1.09 35.25
C TYR A 193 4.44 2.43 34.65
N SER A 194 5.01 2.71 33.48
CA SER A 194 4.75 3.94 32.74
C SER A 194 4.43 3.59 31.29
N GLN A 195 3.51 4.34 30.69
CA GLN A 195 3.11 4.09 29.32
C GLN A 195 2.93 5.42 28.58
N LEU A 196 3.22 5.40 27.28
CA LEU A 196 3.10 6.60 26.46
C LEU A 196 1.65 6.79 26.03
N ARG A 197 1.16 8.02 26.17
CA ARG A 197 -0.17 8.39 25.75
C ARG A 197 -0.06 9.46 24.67
N ALA A 198 -0.60 9.19 23.49
CA ALA A 198 -0.53 10.13 22.39
C ALA A 198 -1.42 11.34 22.69
N LYS A 199 -0.83 12.53 22.68
CA LYS A 199 -1.59 13.74 22.94
C LYS A 199 -2.51 14.03 21.77
N SER A 200 -3.80 14.16 22.05
CA SER A 200 -4.81 14.36 21.01
C SER A 200 -5.29 15.81 21.08
N ASP A 201 -4.87 16.60 20.09
CA ASP A 201 -5.39 17.94 19.89
C ASP A 201 -5.07 18.36 18.46
N GLY A 202 -5.81 19.37 17.98
CA GLY A 202 -5.59 19.89 16.66
C GLY A 202 -4.22 20.51 16.52
N PRO A 203 -3.71 20.58 15.30
CA PRO A 203 -2.42 21.24 15.07
C PRO A 203 -2.49 22.72 15.41
N ARG A 204 -1.45 23.22 16.06
CA ARG A 204 -1.43 24.58 16.59
C ARG A 204 -0.24 25.35 16.03
N VAL A 205 -0.32 26.67 16.16
CA VAL A 205 0.78 27.53 15.75
C VAL A 205 1.91 27.44 16.77
N ARG A 206 3.14 27.35 16.28
CA ARG A 206 4.32 27.28 17.12
C ARG A 206 5.16 28.53 16.94
N PHE A 207 5.89 28.90 17.99
CA PHE A 207 6.60 30.17 18.02
C PHE A 207 8.01 29.99 18.56
N ASP A 208 8.95 30.75 17.97
CA ASP A 208 10.30 30.95 18.50
C ASP A 208 10.99 29.60 18.67
N GLU A 209 11.42 29.22 19.88
CA GLU A 209 12.21 28.00 20.06
C GLU A 209 11.45 26.75 19.67
N GLU A 210 10.11 26.79 19.66
CA GLU A 210 9.36 25.65 19.14
C GLU A 210 9.62 25.43 17.66
N VAL A 211 9.86 26.51 16.91
CA VAL A 211 10.12 26.38 15.49
C VAL A 211 11.56 25.97 15.22
N THR A 212 12.51 26.51 16.01
CA THR A 212 13.91 26.19 15.77
C THR A 212 14.21 24.72 16.02
N ALA A 213 13.45 24.06 16.90
CA ALA A 213 13.66 22.65 17.17
C ALA A 213 13.24 21.76 16.00
N LEU A 214 12.49 22.28 15.05
CA LEU A 214 12.02 21.54 13.89
C LEU A 214 12.96 21.67 12.69
N LEU A 215 14.12 22.30 12.86
CA LEU A 215 15.02 22.57 11.74
C LEU A 215 15.38 21.31 10.98
N GLY A 216 15.85 20.28 11.68
CA GLY A 216 16.35 19.10 11.02
C GLY A 216 15.32 18.01 10.77
N ARG A 217 14.04 18.34 10.75
CA ARG A 217 13.01 17.33 10.64
C ARG A 217 12.99 16.72 9.24
N ARG A 218 13.08 15.40 9.17
CA ARG A 218 12.92 14.69 7.91
C ARG A 218 11.55 14.06 7.73
N ARG A 219 10.67 14.13 8.73
CA ARG A 219 9.42 13.39 8.69
C ARG A 219 8.42 14.02 9.64
N SER A 220 7.15 13.69 9.43
CA SER A 220 6.11 14.14 10.34
C SER A 220 6.23 13.42 11.68
N THR A 221 5.88 14.13 12.75
CA THR A 221 5.96 13.60 14.10
C THR A 221 4.67 13.90 14.85
N ILE A 222 4.46 13.16 15.93
CA ILE A 222 3.32 13.40 16.82
C ILE A 222 3.84 13.83 18.17
N ASP A 223 2.94 14.16 19.09
CA ASP A 223 3.29 14.61 20.42
C ASP A 223 2.64 13.70 21.45
N VAL A 224 3.40 13.37 22.50
CA VAL A 224 2.97 12.38 23.48
C VAL A 224 3.25 12.90 24.89
N GLU A 225 2.57 12.28 25.85
CA GLU A 225 2.83 12.48 27.27
C GLU A 225 3.08 11.11 27.90
N VAL A 226 3.77 11.13 29.04
CA VAL A 226 4.13 9.90 29.75
C VAL A 226 3.29 9.81 31.01
N ASP A 227 2.47 8.77 31.10
CA ASP A 227 1.67 8.51 32.28
C ASP A 227 2.39 7.51 33.19
N PHE A 228 2.34 7.77 34.49
CA PHE A 228 2.93 6.88 35.49
C PHE A 228 1.80 6.27 36.31
N PHE A 229 1.74 4.94 36.34
CA PHE A 229 0.69 4.22 37.04
C PHE A 229 1.28 3.39 38.17
N LEU A 230 0.43 3.10 39.16
CA LEU A 230 0.78 2.22 40.26
C LEU A 230 -0.40 1.33 40.59
N ARG A 231 -0.16 0.02 40.65
CA ARG A 231 -1.19 -0.97 40.94
C ARG A 231 -0.96 -1.53 42.33
N ASN A 232 -2.02 -1.57 43.15
CA ASN A 232 -1.93 -2.08 44.50
C ASN A 232 -1.99 -3.61 44.46
N PRO A 233 -1.85 -4.28 45.61
CA PRO A 233 -2.02 -5.74 45.62
C PRO A 233 -3.43 -6.20 45.27
N GLU A 234 -4.43 -5.33 45.37
CA GLU A 234 -5.81 -5.68 45.09
C GLU A 234 -6.16 -5.58 43.61
N GLY A 235 -5.20 -5.22 42.75
CA GLY A 235 -5.44 -5.14 41.33
C GLY A 235 -5.94 -3.80 40.83
N ASP A 236 -6.12 -2.82 41.72
CA ASP A 236 -6.57 -1.49 41.32
C ASP A 236 -5.38 -0.63 40.94
N THR A 237 -5.51 0.10 39.84
CA THR A 237 -4.46 0.97 39.34
C THR A 237 -4.88 2.42 39.51
N THR A 238 -3.91 3.28 39.82
CA THR A 238 -4.13 4.72 39.88
C THR A 238 -2.96 5.44 39.22
N ARG A 239 -3.25 6.55 38.56
CA ARG A 239 -2.22 7.28 37.83
C ARG A 239 -1.48 8.20 38.78
N ILE A 240 -0.16 8.04 38.86
CA ILE A 240 0.66 8.84 39.77
C ILE A 240 0.76 10.28 39.26
N MET A 241 1.18 10.45 38.00
CA MET A 241 1.38 11.78 37.44
C MET A 241 1.47 11.65 35.92
N ALA A 242 1.67 12.79 35.27
CA ALA A 242 1.85 12.86 33.83
C ALA A 242 3.03 13.78 33.53
N ARG A 243 3.79 13.44 32.49
CA ARG A 243 4.98 14.20 32.16
C ARG A 243 4.99 14.56 30.68
N PRO A 244 5.51 15.73 30.33
CA PRO A 244 5.60 16.12 28.92
C PRO A 244 6.72 15.36 28.21
N SER A 245 6.69 15.43 26.88
CA SER A 245 7.72 14.79 26.06
C SER A 245 9.11 15.38 26.34
N THR A 246 9.17 16.60 26.89
CA THR A 246 10.44 17.26 27.18
C THR A 246 11.24 16.56 28.27
N ASP A 247 10.68 15.58 28.96
CA ASP A 247 11.38 14.85 30.01
C ASP A 247 12.06 13.64 29.38
N ARG A 248 13.39 13.67 29.30
CA ARG A 248 14.12 12.57 28.68
C ARG A 248 14.26 11.38 29.62
N VAL A 249 14.22 11.62 30.94
CA VAL A 249 14.27 10.51 31.89
C VAL A 249 12.99 9.70 31.81
N ALA A 250 11.85 10.37 31.61
CA ALA A 250 10.57 9.67 31.53
C ALA A 250 10.35 9.02 30.16
N THR A 251 10.70 9.73 29.09
CA THR A 251 10.43 9.21 27.74
C THR A 251 11.36 8.06 27.38
N ARG A 252 12.68 8.25 27.60
CA ARG A 252 13.63 7.20 27.24
C ARG A 252 13.42 5.94 28.09
N GLY A 253 12.99 6.10 29.35
CA GLY A 253 12.70 4.96 30.18
C GLY A 253 13.95 4.27 30.70
N GLY A 254 13.76 3.05 31.20
CA GLY A 254 14.86 2.27 31.71
C GLY A 254 15.52 2.85 32.93
N GLY A 255 14.90 3.84 33.57
CA GLY A 255 15.50 4.51 34.69
C GLY A 255 15.36 3.74 35.99
N ARG A 256 16.00 4.29 37.02
CA ARG A 256 15.99 3.69 38.34
C ARG A 256 14.79 4.18 39.15
N VAL A 257 14.20 3.27 39.91
CA VAL A 257 13.08 3.57 40.78
C VAL A 257 13.26 2.80 42.08
N LEU A 258 13.13 3.49 43.20
CA LEU A 258 13.38 2.92 44.52
C LEU A 258 12.08 2.75 45.30
N TRP A 259 12.04 1.72 46.13
CA TRP A 259 10.92 1.46 47.02
C TRP A 259 11.39 1.65 48.45
N ARG A 260 10.90 2.69 49.11
CA ARG A 260 11.20 2.96 50.51
C ARG A 260 9.88 3.10 51.26
N GLY A 261 9.63 2.18 52.19
CA GLY A 261 8.46 2.28 53.05
C GLY A 261 7.15 2.43 52.31
N ASN A 262 6.42 3.50 52.62
CA ASN A 262 5.15 3.80 51.95
C ASN A 262 5.33 4.57 50.67
N GLU A 263 6.56 4.90 50.27
CA GLU A 263 6.81 5.74 49.11
C GLU A 263 7.48 4.95 48.00
N VAL A 264 7.21 5.37 46.77
CA VAL A 264 7.91 4.89 45.58
C VAL A 264 8.55 6.10 44.90
N GLN A 265 9.86 6.04 44.66
CA GLN A 265 10.64 7.18 44.22
C GLN A 265 11.29 6.89 42.88
N PHE A 266 11.18 7.83 41.94
CA PHE A 266 11.82 7.73 40.64
C PHE A 266 12.27 9.11 40.19
N ARG A 267 12.90 9.17 39.03
CA ARG A 267 13.58 10.36 38.55
C ARG A 267 12.82 11.01 37.40
N ILE A 268 12.78 12.34 37.40
CA ILE A 268 12.15 13.12 36.34
C ILE A 268 13.01 14.33 36.04
N GLU A 269 12.71 14.97 34.91
CA GLU A 269 13.40 16.18 34.47
C GLU A 269 12.37 17.21 34.03
N THR A 270 12.57 18.46 34.44
CA THR A 270 11.67 19.55 34.06
C THR A 270 12.30 20.43 32.98
N GLU A 280 14.66 16.37 38.77
CA GLU A 280 14.55 16.15 40.20
C GLU A 280 14.29 14.68 40.52
N PHE A 281 14.32 14.36 41.81
CA PHE A 281 13.91 13.05 42.31
C PHE A 281 12.59 13.22 43.04
N VAL A 282 11.57 12.49 42.60
CA VAL A 282 10.20 12.67 43.07
C VAL A 282 9.76 11.41 43.81
N ALA A 283 8.86 11.60 44.78
CA ALA A 283 8.37 10.51 45.60
C ALA A 283 6.85 10.51 45.61
N TRP A 284 6.26 9.31 45.57
CA TRP A 284 4.82 9.12 45.59
C TRP A 284 4.45 8.20 46.74
N ASN A 285 3.53 8.65 47.59
CA ASN A 285 3.09 7.87 48.73
C ASN A 285 1.99 6.89 48.32
N ARG A 286 2.16 5.62 48.69
CA ARG A 286 1.25 4.58 48.23
C ARG A 286 -0.16 4.76 48.80
N VAL A 287 -0.26 5.15 50.07
CA VAL A 287 -1.55 5.28 50.74
C VAL A 287 -2.05 6.72 50.64
N ASN A 288 -1.28 7.67 51.19
CA ASN A 288 -1.69 9.07 51.18
C ASN A 288 -2.00 9.59 49.77
N ARG A 289 -1.37 9.00 48.75
CA ARG A 289 -1.53 9.43 47.35
C ARG A 289 -1.15 10.90 47.19
N THR A 290 0.02 11.26 47.72
CA THR A 290 0.56 12.60 47.63
C THR A 290 1.95 12.56 47.01
N VAL A 291 2.40 13.71 46.52
CA VAL A 291 3.68 13.84 45.81
C VAL A 291 4.56 14.84 46.56
N ARG A 292 5.85 14.55 46.60
CA ARG A 292 6.83 15.47 47.17
C ARG A 292 8.14 15.37 46.40
N THR A 293 9.11 16.17 46.80
CA THR A 293 10.42 16.17 46.15
C THR A 293 11.56 15.97 47.15
N LEU A 300 19.18 12.10 46.31
CA LEU A 300 20.04 11.34 47.20
C LEU A 300 20.84 10.30 46.40
N LEU A 301 22.05 10.01 46.86
CA LEU A 301 22.93 9.08 46.14
C LEU A 301 22.41 7.65 46.13
N SER A 302 21.38 7.35 46.93
CA SER A 302 20.75 6.04 46.85
C SER A 302 20.11 5.79 45.48
N MET A 303 19.84 6.86 44.73
CA MET A 303 19.33 6.76 43.38
C MET A 303 20.41 6.54 42.34
N SER A 304 21.69 6.54 42.74
CA SER A 304 22.81 6.49 41.81
C SER A 304 23.32 5.06 41.65
N ILE A 305 23.70 4.73 40.41
CA ILE A 305 24.34 3.44 40.15
C ILE A 305 25.72 3.41 40.81
N LEU A 306 26.22 2.19 41.01
CA LEU A 306 27.54 1.95 41.59
C LEU A 306 27.65 2.51 43.00
N VAL A 307 26.91 1.88 43.91
CA VAL A 307 27.02 2.13 45.34
C VAL A 307 27.74 0.94 45.95
N GLY A 308 28.58 1.22 46.97
CA GLY A 308 29.42 0.20 47.54
C GLY A 308 28.80 -0.46 48.75
N PRO A 309 29.56 -1.35 49.39
CA PRO A 309 29.05 -2.01 50.60
C PRO A 309 28.88 -1.07 51.77
N ARG A 310 29.64 0.02 51.81
CA ARG A 310 29.50 1.01 52.87
C ARG A 310 28.39 2.02 52.59
N GLY A 311 27.80 2.00 51.40
CA GLY A 311 26.78 2.95 51.03
C GLY A 311 27.27 4.17 50.29
N GLY A 312 28.55 4.21 49.90
CA GLY A 312 29.10 5.34 49.18
C GLY A 312 29.24 5.06 47.68
N GLN A 313 29.60 6.11 46.95
CA GLN A 313 29.74 6.02 45.50
C GLN A 313 31.08 5.40 45.14
N LEU A 314 31.05 4.40 44.26
CA LEU A 314 32.27 3.77 43.78
C LEU A 314 32.83 4.55 42.61
N SER A 315 34.16 4.67 42.57
CA SER A 315 34.83 5.36 41.47
C SER A 315 36.27 4.87 41.40
N THR A 316 36.89 5.09 40.24
CA THR A 316 38.29 4.78 40.02
C THR A 316 39.04 6.06 39.69
N SER A 317 40.21 6.24 40.31
CA SER A 317 41.04 7.41 40.11
C SER A 317 42.42 6.98 39.63
N GLY A 318 43.14 7.92 39.03
CA GLY A 318 44.46 7.66 38.49
C GLY A 318 44.46 7.64 36.97
N LEU A 319 45.67 7.61 36.42
CA LEU A 319 45.90 7.64 34.98
C LEU A 319 46.88 6.54 34.60
N GLY A 320 47.00 6.33 33.29
CA GLY A 320 48.01 5.40 32.80
C GLY A 320 47.64 3.94 33.03
N SER A 321 48.61 3.18 33.55
CA SER A 321 48.52 1.73 33.54
C SER A 321 47.41 1.21 34.44
N ASP A 322 47.35 1.68 35.68
CA ASP A 322 46.42 1.15 36.65
C ASP A 322 45.75 2.27 37.42
N ARG A 323 44.54 2.00 37.90
CA ARG A 323 43.73 2.92 38.69
C ARG A 323 43.74 2.49 40.15
N GLU A 324 42.99 3.24 40.97
CA GLU A 324 42.75 2.91 42.36
C GLU A 324 41.27 3.01 42.64
N LEU A 325 40.65 1.90 43.03
CA LEU A 325 39.21 1.86 43.27
C LEU A 325 38.91 2.39 44.66
N ILE A 326 38.08 3.44 44.74
CA ILE A 326 37.73 4.08 46.00
C ILE A 326 36.21 4.14 46.13
N GLU A 327 35.75 4.39 47.36
CA GLU A 327 34.33 4.58 47.65
C GLU A 327 34.20 5.80 48.54
N THR A 328 33.45 6.80 48.06
CA THR A 328 33.29 8.08 48.75
C THR A 328 31.91 8.13 49.41
N SER A 329 31.89 8.30 50.73
CA SER A 329 30.65 8.37 51.47
C SER A 329 29.90 9.67 51.14
N ALA A 330 28.61 9.68 51.45
CA ALA A 330 27.80 10.87 51.23
C ALA A 330 28.32 12.06 52.01
N GLU A 331 28.92 11.82 53.18
CA GLU A 331 29.54 12.91 53.94
C GLU A 331 30.86 13.37 53.33
N GLY A 332 31.43 12.61 52.39
CA GLY A 332 32.63 13.03 51.68
C GLY A 332 33.90 12.32 52.09
N ARG A 333 33.86 11.36 53.01
CA ARG A 333 35.06 10.69 53.47
C ARG A 333 35.37 9.51 52.54
N PRO A 334 36.47 9.56 51.79
CA PRO A 334 36.78 8.47 50.87
C PRO A 334 37.38 7.26 51.56
N HIS A 335 37.21 6.11 50.92
CA HIS A 335 37.82 4.86 51.36
C HIS A 335 38.35 4.15 50.13
N SER A 336 39.65 3.83 50.15
CA SER A 336 40.32 3.21 49.00
C SER A 336 40.44 1.71 49.22
N TYR A 337 40.12 0.94 48.18
CA TYR A 337 40.25 -0.51 48.22
C TYR A 337 41.58 -1.00 47.65
N GLY A 338 42.46 -0.10 47.25
CA GLY A 338 43.76 -0.47 46.71
C GLY A 338 43.82 -0.27 45.20
N ARG A 339 44.96 -0.66 44.65
CA ARG A 339 45.21 -0.50 43.22
C ARG A 339 44.43 -1.52 42.42
N VAL A 340 43.93 -1.09 41.26
CA VAL A 340 43.16 -1.95 40.36
C VAL A 340 43.65 -1.75 38.94
N ALA A 341 43.63 -2.82 38.16
CA ALA A 341 44.12 -2.82 36.79
C ALA A 341 43.02 -2.55 35.76
N PHE A 342 41.82 -2.21 36.21
CA PHE A 342 40.64 -2.21 35.34
C PHE A 342 39.87 -0.90 35.46
N ASP A 343 38.92 -0.72 34.55
CA ASP A 343 37.99 0.39 34.55
C ASP A 343 36.62 -0.08 35.01
N ILE A 344 35.89 0.81 35.67
CA ILE A 344 34.65 0.46 36.37
C ILE A 344 33.45 0.95 35.58
N GLY A 345 32.36 0.19 35.66
CA GLY A 345 31.05 0.67 35.23
C GLY A 345 30.92 0.96 33.76
N ASP A 346 31.42 0.07 32.90
CA ASP A 346 31.23 0.24 31.47
C ASP A 346 29.84 -0.25 31.06
N SER A 347 29.27 0.43 30.07
CA SER A 347 27.95 0.05 29.58
C SER A 347 27.95 -1.31 28.91
N ARG A 348 29.11 -1.78 28.43
CA ARG A 348 29.24 -3.07 27.77
C ARG A 348 29.55 -4.20 28.76
N SER A 349 29.75 -3.88 30.03
CA SER A 349 30.12 -4.87 31.02
C SER A 349 28.87 -5.43 31.70
N ALA A 350 29.05 -6.19 32.78
CA ALA A 350 27.94 -6.85 33.45
C ALA A 350 27.11 -5.89 34.30
N GLY A 351 27.52 -4.63 34.44
CA GLY A 351 26.78 -3.69 35.25
C GLY A 351 27.11 -3.79 36.73
N TRP A 352 26.11 -3.59 37.58
CA TRP A 352 26.34 -3.58 39.02
C TRP A 352 25.10 -4.14 39.72
N LYS A 353 25.35 -4.88 40.80
CA LYS A 353 24.29 -5.48 41.61
C LYS A 353 24.70 -5.46 43.07
N ARG A 354 23.74 -5.20 43.95
CA ARG A 354 23.98 -5.13 45.39
C ARG A 354 23.15 -6.19 46.10
N SER A 355 23.72 -6.80 47.12
CA SER A 355 23.02 -7.81 47.89
C SER A 355 21.94 -7.17 48.75
N ARG A 356 20.97 -8.00 49.17
CA ARG A 356 19.89 -7.50 50.02
C ARG A 356 20.42 -6.92 51.32
N ASP A 357 21.36 -7.63 51.97
CA ASP A 357 21.96 -7.14 53.20
C ASP A 357 22.89 -5.96 52.99
N GLY A 358 23.30 -5.69 51.76
CA GLY A 358 24.15 -4.56 51.45
C GLY A 358 25.63 -4.76 51.76
N LYS A 359 26.03 -5.94 52.22
CA LYS A 359 27.42 -6.20 52.58
C LYS A 359 28.27 -6.65 51.40
N ARG A 360 27.65 -7.03 50.27
CA ARG A 360 28.37 -7.55 49.12
C ARG A 360 27.78 -6.96 47.85
N VAL A 361 28.65 -6.50 46.95
CA VAL A 361 28.22 -6.01 45.64
C VAL A 361 29.13 -6.62 44.58
N VAL A 362 28.60 -6.68 43.36
CA VAL A 362 29.34 -7.11 42.18
C VAL A 362 29.25 -6.00 41.13
N ILE A 363 30.36 -5.71 40.48
CA ILE A 363 30.43 -4.67 39.47
C ILE A 363 31.05 -5.23 38.21
N GLY A 364 30.53 -4.81 37.06
CA GLY A 364 31.14 -5.19 35.80
C GLY A 364 32.43 -4.42 35.57
N THR A 365 33.38 -5.08 34.93
CA THR A 365 34.71 -4.51 34.77
C THR A 365 35.19 -4.64 33.32
N ARG A 366 36.04 -3.69 32.94
CA ARG A 366 36.77 -3.74 31.68
C ARG A 366 38.22 -3.39 31.97
N GLY A 367 39.12 -4.33 31.74
CA GLY A 367 40.52 -4.11 32.08
C GLY A 367 41.26 -3.33 30.99
N LEU A 368 42.20 -2.50 31.43
CA LEU A 368 43.13 -1.88 30.51
C LEU A 368 44.10 -2.93 29.97
N GLY A 369 44.78 -2.59 28.88
CA GLY A 369 45.52 -3.63 28.19
C GLY A 369 44.59 -4.58 27.46
N ASP A 370 44.59 -5.85 27.88
CA ASP A 370 43.87 -6.91 27.17
C ASP A 370 42.43 -6.56 26.84
N ALA A 371 41.82 -5.62 27.55
CA ALA A 371 40.45 -5.15 27.26
C ALA A 371 39.45 -6.30 27.35
N ARG A 372 39.46 -6.99 28.49
CA ARG A 372 38.56 -8.10 28.75
C ARG A 372 37.55 -7.71 29.82
N TYR A 373 36.33 -8.21 29.68
CA TYR A 373 35.25 -7.95 30.62
C TYR A 373 35.13 -9.07 31.63
N GLY A 374 34.75 -8.71 32.85
CA GLY A 374 34.65 -9.67 33.92
C GLY A 374 33.87 -9.12 35.09
N LEU A 375 34.00 -9.79 36.23
CA LEU A 375 33.31 -9.43 37.44
C LEU A 375 34.31 -9.05 38.53
N ALA A 376 33.83 -8.26 39.50
CA ALA A 376 34.61 -7.89 40.66
C ALA A 376 33.72 -7.91 41.89
N LEU A 377 34.18 -8.55 42.95
CA LEU A 377 33.42 -8.66 44.19
C LEU A 377 33.97 -7.68 45.21
N ILE A 378 33.08 -6.87 45.79
CA ILE A 378 33.44 -5.91 46.81
C ILE A 378 32.73 -6.31 48.10
N ASP A 379 33.45 -6.28 49.21
CA ASP A 379 32.90 -6.61 50.52
C ASP A 379 33.75 -5.91 51.58
N LYS A 380 33.54 -6.28 52.84
CA LYS A 380 34.20 -5.60 53.94
C LYS A 380 35.72 -5.73 53.88
N THR A 381 36.23 -6.86 53.39
CA THR A 381 37.67 -7.07 53.41
C THR A 381 38.39 -6.32 52.31
N GLY A 382 37.78 -6.15 51.14
CA GLY A 382 38.42 -5.41 50.07
C GLY A 382 37.87 -5.83 48.71
N VAL A 383 38.66 -5.56 47.69
CA VAL A 383 38.29 -5.83 46.30
C VAL A 383 38.94 -7.12 45.85
N ARG A 384 38.14 -8.02 45.29
CA ARG A 384 38.65 -9.25 44.70
C ARG A 384 37.88 -9.53 43.42
N GLU A 385 38.59 -9.75 42.32
CA GLU A 385 37.99 -10.07 41.03
C GLU A 385 38.28 -11.52 40.68
N LEU A 386 37.25 -12.24 40.25
CA LEU A 386 37.45 -13.59 39.71
C LEU A 386 37.83 -13.49 38.24
N ARG A 387 38.70 -14.39 37.81
CA ARG A 387 39.21 -14.38 36.46
C ARG A 387 38.73 -15.61 35.69
N ALA A 388 38.49 -15.42 34.40
CA ALA A 388 38.10 -16.48 33.48
C ALA A 388 38.96 -16.38 32.23
N ASP A 389 38.89 -17.42 31.39
CA ASP A 389 39.69 -17.47 30.18
C ASP A 389 39.08 -16.66 29.04
N ALA A 390 37.92 -16.06 29.25
CA ALA A 390 37.29 -15.18 28.27
C ALA A 390 36.56 -14.07 29.02
N SER A 391 35.79 -13.28 28.28
CA SER A 391 35.09 -12.14 28.86
C SER A 391 33.65 -12.51 29.21
N LEU A 392 33.18 -11.98 30.33
CA LEU A 392 31.79 -12.15 30.79
C LEU A 392 31.07 -10.83 30.56
N THR A 393 30.13 -10.83 29.62
CA THR A 393 29.46 -9.59 29.19
C THR A 393 28.17 -9.38 30.00
N ARG A 394 27.17 -10.21 29.77
CA ARG A 394 25.89 -10.11 30.46
C ARG A 394 25.75 -11.23 31.48
N CYS A 395 25.23 -10.88 32.66
CA CYS A 395 25.16 -11.82 33.77
C CYS A 395 23.84 -11.65 34.52
N GLY A 396 23.27 -12.78 34.94
CA GLY A 396 22.20 -12.79 35.90
C GLY A 396 22.73 -13.08 37.30
N PHE A 397 21.92 -12.77 38.30
CA PHE A 397 22.29 -13.01 39.69
C PHE A 397 21.06 -13.44 40.47
N ASP A 398 21.30 -14.14 41.58
CA ASP A 398 20.25 -14.49 42.52
C ASP A 398 20.10 -13.40 43.56
N GLY A 399 19.17 -13.59 44.50
CA GLY A 399 18.94 -12.60 45.52
C GLY A 399 20.07 -12.49 46.53
N MET A 400 20.74 -13.61 46.81
CA MET A 400 21.82 -13.64 47.79
C MET A 400 23.17 -13.29 47.20
N LEU A 401 23.25 -13.05 45.89
CA LEU A 401 24.50 -12.76 45.20
C LEU A 401 25.55 -13.86 45.42
N ARG A 402 25.09 -15.09 45.60
CA ARG A 402 26.00 -16.22 45.80
C ARG A 402 26.32 -16.97 44.51
N SER A 403 25.61 -16.69 43.41
CA SER A 403 25.83 -17.41 42.17
C SER A 403 25.38 -16.55 41.00
N ALA A 404 25.86 -16.90 39.80
CA ALA A 404 25.56 -16.12 38.62
C ALA A 404 25.57 -17.03 37.40
N ILE A 405 24.75 -16.66 36.41
CA ILE A 405 24.79 -17.27 35.09
C ILE A 405 25.10 -16.18 34.08
N CYS A 406 26.12 -16.39 33.27
CA CYS A 406 26.69 -15.35 32.43
C CYS A 406 26.84 -15.83 31.00
N VAL A 407 27.12 -14.89 30.11
CA VAL A 407 27.45 -15.17 28.72
C VAL A 407 28.96 -15.02 28.57
N GLU A 408 29.65 -16.14 28.35
CA GLU A 408 31.09 -16.13 28.14
C GLU A 408 31.38 -15.87 26.68
N GLU A 409 32.19 -14.86 26.40
CA GLU A 409 32.40 -14.37 25.05
C GLU A 409 33.88 -14.10 24.85
N GLY A 410 34.34 -14.29 23.60
CA GLY A 410 35.73 -14.04 23.27
C GLY A 410 35.85 -13.60 21.82
N MET A 411 37.05 -13.14 21.47
CA MET A 411 37.27 -12.58 20.14
C MET A 411 36.98 -13.60 19.04
N SER A 412 37.69 -14.73 19.07
CA SER A 412 37.49 -15.79 18.09
C SER A 412 36.62 -16.93 18.61
N ARG A 413 36.21 -16.90 19.89
CA ARG A 413 35.38 -18.00 20.39
C ARG A 413 33.94 -17.56 20.51
N PRO A 414 33.01 -18.33 19.95
CA PRO A 414 31.59 -17.94 19.96
C PRO A 414 31.04 -17.91 21.37
N PRO A 415 29.91 -17.23 21.59
CA PRO A 415 29.40 -17.07 22.96
C PRO A 415 28.86 -18.37 23.54
N ARG A 416 28.99 -18.50 24.85
CA ARG A 416 28.54 -19.67 25.58
C ARG A 416 27.95 -19.25 26.91
N LEU A 417 26.96 -20.03 27.37
CA LEU A 417 26.42 -19.84 28.71
C LEU A 417 27.30 -20.57 29.73
N VAL A 418 27.57 -19.89 30.85
CA VAL A 418 28.37 -20.47 31.92
C VAL A 418 27.74 -20.14 33.26
N ARG A 419 27.98 -20.99 34.25
CA ARG A 419 27.54 -20.79 35.62
C ARG A 419 28.73 -20.40 36.48
N VAL A 420 28.59 -19.35 37.26
CA VAL A 420 29.65 -18.83 38.11
C VAL A 420 29.19 -18.92 39.56
N ASP A 421 29.99 -19.62 40.37
CA ASP A 421 29.80 -19.64 41.81
C ASP A 421 30.70 -18.57 42.40
N LEU A 422 30.09 -17.51 42.96
CA LEU A 422 30.86 -16.36 43.41
C LEU A 422 31.64 -16.65 44.69
N GLY A 423 31.25 -17.68 45.45
CA GLY A 423 31.99 -18.01 46.66
C GLY A 423 33.32 -18.67 46.36
N THR A 424 33.32 -19.71 45.53
CA THR A 424 34.51 -20.49 45.22
C THR A 424 35.21 -20.06 43.93
N ASP A 425 34.67 -19.08 43.21
CA ASP A 425 35.25 -18.59 41.97
C ASP A 425 35.37 -19.70 40.92
N LYS A 426 34.46 -20.66 40.94
CA LYS A 426 34.48 -21.79 40.01
C LYS A 426 33.48 -21.54 38.90
N ILE A 427 33.95 -21.64 37.66
CA ILE A 427 33.11 -21.43 36.48
C ILE A 427 32.81 -22.78 35.86
N THR A 428 31.55 -23.21 35.96
CA THR A 428 31.10 -24.45 35.34
C THR A 428 30.44 -24.12 34.00
N ASP A 429 30.86 -24.82 32.95
CA ASP A 429 30.45 -24.50 31.60
C ASP A 429 29.11 -25.16 31.26
N LEU A 430 28.26 -24.42 30.55
CA LEU A 430 27.00 -24.90 30.02
C LEU A 430 27.05 -24.91 28.49
N GLY A 431 25.92 -25.25 27.87
CA GLY A 431 25.85 -25.39 26.44
C GLY A 431 26.20 -24.11 25.69
N PRO A 432 26.65 -24.26 24.44
CA PRO A 432 26.94 -23.08 23.62
C PRO A 432 25.67 -22.39 23.17
N ILE A 433 25.79 -21.08 22.94
CA ILE A 433 24.63 -20.28 22.57
C ILE A 433 24.24 -20.50 21.11
N SER A 434 25.23 -20.51 20.21
CA SER A 434 25.00 -20.64 18.78
C SER A 434 25.81 -21.82 18.24
N PRO A 435 25.22 -23.01 18.18
CA PRO A 435 25.92 -24.15 17.58
C PRO A 435 26.30 -23.94 16.12
N ARG A 436 25.65 -23.00 15.43
CA ARG A 436 26.05 -22.68 14.07
C ARG A 436 27.46 -22.12 14.02
N HIS A 437 27.83 -21.30 15.00
CA HIS A 437 29.14 -20.66 15.03
C HIS A 437 30.19 -21.47 15.76
N GLU A 438 29.81 -22.58 16.40
CA GLU A 438 30.80 -23.47 17.00
C GLU A 438 31.49 -24.35 15.97
N GLU A 439 30.88 -24.53 14.80
CA GLU A 439 31.46 -25.35 13.74
C GLU A 439 32.36 -24.57 12.80
N ILE A 440 32.56 -23.27 13.06
CA ILE A 440 33.43 -22.45 12.23
C ILE A 440 34.85 -22.52 12.78
N GLU A 441 35.81 -22.71 11.88
CA GLU A 441 37.22 -22.78 12.28
C GLU A 441 37.68 -21.39 12.75
N PRO A 442 38.15 -21.24 13.98
CA PRO A 442 38.48 -19.90 14.48
C PRO A 442 39.65 -19.29 13.73
N LEU A 443 39.50 -18.01 13.39
CA LEU A 443 40.57 -17.26 12.76
C LEU A 443 41.65 -16.91 13.79
N GLN A 444 42.83 -16.58 13.29
CA GLN A 444 43.93 -16.19 14.16
C GLN A 444 43.81 -14.70 14.50
N THR A 445 43.66 -14.40 15.79
CA THR A 445 43.59 -13.04 16.28
C THR A 445 44.63 -12.85 17.38
N ILE A 446 45.42 -11.79 17.27
CA ILE A 446 46.46 -11.48 18.25
C ILE A 446 46.19 -10.09 18.80
N ALA A 447 45.94 -10.00 20.10
CA ALA A 447 45.76 -8.71 20.74
C ALA A 447 47.08 -7.97 20.81
N ARG A 448 47.10 -6.74 20.29
CA ARG A 448 48.32 -5.95 20.23
C ARG A 448 47.99 -4.48 20.42
N THR A 449 48.89 -3.77 21.09
CA THR A 449 48.79 -2.34 21.28
C THR A 449 49.94 -1.65 20.57
N PHE A 450 49.68 -0.48 20.01
CA PHE A 450 50.63 0.24 19.19
C PHE A 450 50.89 1.63 19.77
N VAL A 451 52.16 2.03 19.80
CA VAL A 451 52.55 3.36 20.26
C VAL A 451 52.85 4.22 19.04
N SER A 452 52.34 5.44 19.04
CA SER A 452 52.44 6.34 17.90
C SER A 452 53.56 7.36 18.11
N ARG A 453 53.74 8.21 17.10
CA ARG A 453 54.79 9.22 17.15
C ARG A 453 54.54 10.29 18.20
N ASP A 454 53.30 10.45 18.64
CA ASP A 454 52.96 11.40 19.69
C ASP A 454 53.04 10.78 21.09
N GLY A 455 53.44 9.52 21.19
CA GLY A 455 53.62 8.88 22.48
C GLY A 455 52.38 8.23 23.06
N TYR A 456 51.29 8.15 22.30
CA TYR A 456 50.04 7.58 22.79
C TYR A 456 49.88 6.16 22.28
N TRP A 457 49.36 5.29 23.14
CA TRP A 457 49.13 3.89 22.81
C TRP A 457 47.65 3.65 22.51
N SER A 458 47.39 2.75 21.56
CA SER A 458 46.03 2.40 21.16
C SER A 458 45.91 0.89 21.10
N SER A 459 45.02 0.33 21.91
CA SER A 459 44.79 -1.11 21.93
C SER A 459 44.00 -1.54 20.70
N GLY A 460 44.11 -2.82 20.38
CA GLY A 460 43.39 -3.34 19.23
C GLY A 460 43.67 -4.81 19.03
N TYR A 461 43.30 -5.29 17.84
CA TYR A 461 43.46 -6.70 17.49
C TYR A 461 43.98 -6.81 16.06
N VAL A 462 44.95 -7.69 15.86
CA VAL A 462 45.49 -8.01 14.55
C VAL A 462 44.82 -9.31 14.11
N LEU A 463 44.01 -9.24 13.06
CA LEU A 463 43.23 -10.38 12.59
C LEU A 463 43.85 -10.90 11.30
N LEU A 464 44.41 -12.11 11.37
CA LEU A 464 45.17 -12.70 10.27
C LEU A 464 44.25 -13.38 9.27
N PRO A 465 44.65 -13.48 8.00
CA PRO A 465 43.84 -14.17 7.01
C PRO A 465 43.92 -15.68 7.16
N ARG A 466 42.95 -16.36 6.59
CA ARG A 466 42.94 -17.82 6.61
C ARG A 466 44.11 -18.37 5.80
N GLY A 467 44.68 -19.47 6.28
CA GLY A 467 45.82 -20.06 5.61
C GLY A 467 47.07 -19.21 5.64
N HIS A 468 47.19 -18.31 6.60
CA HIS A 468 48.37 -17.46 6.70
C HIS A 468 49.54 -18.26 7.26
N ARG A 469 50.66 -18.21 6.55
CA ARG A 469 51.92 -18.75 7.03
C ARG A 469 52.94 -17.62 7.08
N ALA A 470 54.02 -17.85 7.82
CA ALA A 470 55.07 -16.86 7.92
C ALA A 470 55.65 -16.58 6.54
N ALA A 471 56.21 -15.37 6.38
CA ALA A 471 56.74 -14.89 5.10
C ALA A 471 55.62 -14.65 4.07
N ASP A 472 54.52 -14.07 4.52
CA ASP A 472 53.41 -13.69 3.65
C ASP A 472 53.12 -12.20 3.79
N ARG A 473 53.01 -11.51 2.66
CA ARG A 473 52.58 -10.12 2.62
C ARG A 473 51.13 -10.07 2.14
N HIS A 474 50.31 -9.30 2.85
CA HIS A 474 48.89 -9.25 2.56
C HIS A 474 48.41 -7.81 2.46
N PRO A 475 47.37 -7.55 1.68
CA PRO A 475 46.69 -6.26 1.76
C PRO A 475 45.95 -6.13 3.08
N ALA A 476 45.84 -4.89 3.56
CA ALA A 476 45.31 -4.63 4.89
C ALA A 476 44.10 -3.71 4.82
N VAL A 477 43.23 -3.83 5.81
CA VAL A 477 42.07 -2.95 6.00
C VAL A 477 41.96 -2.62 7.48
N VAL A 478 41.89 -1.33 7.79
CA VAL A 478 41.80 -0.86 9.17
C VAL A 478 40.34 -0.56 9.49
N VAL A 479 39.83 -1.17 10.55
CA VAL A 479 38.45 -0.97 11.00
C VAL A 479 38.50 -0.41 12.41
N THR A 480 37.90 0.76 12.60
CA THR A 480 37.96 1.46 13.88
C THR A 480 36.60 2.03 14.22
N HIS A 481 36.10 1.69 15.42
CA HIS A 481 35.00 2.42 16.03
C HIS A 481 35.29 2.59 17.52
N GLY A 482 35.45 3.83 17.95
CA GLY A 482 35.56 4.15 19.36
C GLY A 482 36.56 3.29 20.11
N THR A 483 36.15 2.86 21.30
CA THR A 483 36.90 1.92 22.12
C THR A 483 36.45 0.48 21.93
N ASP A 484 35.57 0.21 20.96
CA ASP A 484 34.81 -1.03 20.90
C ASP A 484 35.59 -2.21 20.34
N ALA A 485 36.87 -2.04 19.99
CA ALA A 485 37.71 -3.20 19.69
C ALA A 485 38.24 -3.77 20.99
N ASP A 486 37.83 -5.00 21.30
CA ASP A 486 37.98 -5.59 22.62
C ASP A 486 37.81 -7.10 22.48
N ASP A 487 37.66 -7.80 23.59
CA ASP A 487 37.49 -9.24 23.54
C ASP A 487 36.00 -9.52 23.60
N ARG A 488 35.42 -9.78 22.43
CA ARG A 488 34.01 -10.09 22.24
C ARG A 488 33.88 -10.74 20.88
N PHE A 489 32.79 -11.47 20.68
CA PHE A 489 32.60 -12.24 19.45
C PHE A 489 31.80 -11.40 18.46
N ALA A 490 32.47 -10.97 17.38
CA ALA A 490 31.83 -10.31 16.24
C ALA A 490 30.86 -9.21 16.67
N GLU A 491 31.33 -8.33 17.55
CA GLU A 491 30.49 -7.28 18.10
C GLU A 491 30.06 -6.33 17.01
N PRO A 492 28.75 -6.21 16.72
CA PRO A 492 28.32 -5.31 15.64
C PRO A 492 28.54 -3.83 15.94
N ALA A 493 28.68 -3.45 17.21
CA ALA A 493 29.02 -2.07 17.53
C ALA A 493 30.40 -1.69 17.01
N ASN A 494 31.26 -2.68 16.77
CA ASN A 494 32.60 -2.47 16.22
C ASN A 494 32.63 -2.70 14.72
N GLN A 495 32.34 -3.92 14.28
CA GLN A 495 32.46 -4.26 12.87
C GLN A 495 31.49 -3.50 11.99
N TRP A 496 30.26 -3.30 12.48
CA TRP A 496 29.18 -2.63 11.72
C TRP A 496 28.97 -3.45 10.44
N ASN A 497 28.91 -2.82 9.27
CA ASN A 497 28.66 -3.52 8.01
C ASN A 497 29.95 -3.97 7.32
N TYR A 498 31.10 -3.79 7.96
CA TYR A 498 32.37 -4.17 7.36
C TYR A 498 32.66 -5.63 7.70
N PRO A 499 32.60 -6.55 6.73
CA PRO A 499 32.73 -7.98 7.06
C PRO A 499 34.15 -8.37 7.43
N VAL A 500 34.54 -8.07 8.67
CA VAL A 500 35.89 -8.33 9.13
C VAL A 500 36.25 -9.80 8.98
N GLN A 501 35.31 -10.70 9.28
CA GLN A 501 35.60 -12.13 9.18
C GLN A 501 35.81 -12.55 7.74
N LEU A 502 34.89 -12.15 6.84
CA LEU A 502 34.97 -12.59 5.45
C LEU A 502 36.14 -11.98 4.71
N LEU A 503 36.66 -10.83 5.17
CA LEU A 503 37.86 -10.27 4.55
C LEU A 503 39.07 -11.17 4.75
N ALA A 504 39.18 -11.79 5.93
CA ALA A 504 40.32 -12.65 6.21
C ALA A 504 40.25 -13.94 5.40
N GLU A 505 39.04 -14.50 5.24
CA GLU A 505 38.89 -15.71 4.43
C GLU A 505 39.32 -15.46 2.99
N ARG A 506 39.18 -14.23 2.51
CA ARG A 506 39.56 -13.87 1.15
C ARG A 506 40.99 -13.33 1.07
N GLY A 507 41.74 -13.34 2.17
CA GLY A 507 43.14 -12.99 2.14
C GLY A 507 43.54 -11.62 2.64
N TYR A 508 42.62 -10.89 3.28
CA TYR A 508 42.95 -9.59 3.86
C TYR A 508 43.45 -9.73 5.28
N VAL A 509 44.45 -8.91 5.63
CA VAL A 509 44.80 -8.69 7.03
C VAL A 509 43.93 -7.55 7.53
N VAL A 510 43.10 -7.83 8.53
CA VAL A 510 42.21 -6.83 9.09
C VAL A 510 42.80 -6.37 10.42
N LEU A 511 43.07 -5.07 10.52
CA LEU A 511 43.60 -4.46 11.73
C LEU A 511 42.46 -3.77 12.46
N LEU A 512 42.05 -4.33 13.59
CA LEU A 512 41.02 -3.74 14.44
C LEU A 512 41.74 -2.90 15.49
N LEU A 513 41.60 -1.58 15.42
CA LEU A 513 42.37 -0.68 16.26
C LEU A 513 41.46 0.44 16.74
N ASN A 514 41.48 0.71 18.04
CA ASN A 514 40.67 1.77 18.62
C ASN A 514 41.36 3.11 18.46
N ASP A 515 40.69 4.16 18.91
CA ASP A 515 41.34 5.45 19.09
C ASP A 515 42.31 5.34 20.27
N PRO A 516 43.28 6.25 20.36
CA PRO A 516 44.12 6.28 21.56
C PRO A 516 43.24 6.47 22.79
N SER A 517 43.41 5.59 23.77
CA SER A 517 42.54 5.59 24.95
C SER A 517 42.70 6.90 25.70
N PRO A 518 41.63 7.65 25.94
CA PRO A 518 41.78 8.99 26.55
C PRO A 518 42.22 8.94 28.00
N GLY A 519 42.01 7.83 28.70
CA GLY A 519 42.38 7.74 30.10
C GLY A 519 43.85 7.58 30.38
N GLN A 520 44.70 7.50 29.35
CA GLN A 520 46.13 7.32 29.58
C GLN A 520 46.84 8.63 29.93
N SER A 521 46.40 9.75 29.36
CA SER A 521 47.12 11.01 29.48
C SER A 521 46.17 12.14 29.84
N LYS A 522 46.70 13.12 30.57
CA LYS A 522 45.92 14.31 30.91
C LYS A 522 45.58 15.12 29.66
N ASP A 523 46.41 15.04 28.63
CA ASP A 523 46.17 15.81 27.41
C ASP A 523 44.88 15.37 26.73
N LEU A 524 44.63 14.06 26.67
CA LEU A 524 43.45 13.57 26.00
C LEU A 524 42.19 13.80 26.82
N MET A 525 42.29 13.73 28.15
CA MET A 525 41.12 13.95 28.98
C MET A 525 40.68 15.41 28.96
N ASP A 526 41.62 16.35 29.02
CA ASP A 526 41.27 17.76 28.98
C ASP A 526 40.67 18.14 27.64
N ALA A 527 41.17 17.56 26.54
CA ALA A 527 40.59 17.83 25.23
C ALA A 527 39.21 17.21 25.09
N MET A 528 39.03 16.01 25.67
CA MET A 528 37.72 15.38 25.61
C MET A 528 36.71 16.12 26.48
N HIS A 529 37.16 16.67 27.61
CA HIS A 529 36.27 17.46 28.46
C HIS A 529 35.77 18.69 27.73
N ALA A 530 36.66 19.38 27.01
CA ALA A 530 36.26 20.57 26.27
C ALA A 530 35.24 20.24 25.19
N TRP A 531 35.33 19.05 24.60
CA TRP A 531 34.38 18.65 23.58
C TRP A 531 32.98 18.47 24.18
N LEU A 532 32.89 17.74 25.29
CA LEU A 532 31.60 17.59 25.96
C LEU A 532 31.11 18.91 26.55
N ARG A 533 32.04 19.76 26.99
CA ARG A 533 31.64 21.01 27.65
C ARG A 533 31.08 22.00 26.65
N GLY A 534 31.65 22.07 25.45
CA GLY A 534 31.21 23.02 24.45
C GLY A 534 32.06 24.27 24.34
N LYS A 535 33.26 24.28 24.92
CA LYS A 535 34.16 25.42 24.91
C LYS A 535 35.45 25.01 25.61
N GLY A 536 36.49 25.79 25.41
CA GLY A 536 37.78 25.54 26.03
C GLY A 536 37.85 26.03 27.46
N PRO A 537 39.04 25.97 28.08
CA PRO A 537 40.28 25.39 27.54
C PRO A 537 40.22 23.86 27.48
N PRO A 538 41.12 23.23 26.70
CA PRO A 538 42.23 23.79 25.93
C PRO A 538 41.84 24.48 24.62
N ASP A 539 42.87 24.86 23.87
CA ASP A 539 42.69 25.60 22.62
C ASP A 539 41.96 24.73 21.59
N PRO A 540 40.93 25.25 20.91
CA PRO A 540 40.32 24.49 19.82
C PRO A 540 41.31 23.93 18.81
N GLU A 541 42.45 24.60 18.60
CA GLU A 541 43.47 24.03 17.72
C GLU A 541 44.01 22.73 18.29
N THR A 542 44.13 22.63 19.61
CA THR A 542 44.58 21.39 20.23
C THR A 542 43.46 20.35 20.32
N VAL A 543 42.21 20.80 20.37
CA VAL A 543 41.08 19.87 20.37
C VAL A 543 41.07 19.06 19.09
N GLN A 544 41.34 19.71 17.95
CA GLN A 544 41.46 18.98 16.69
C GLN A 544 42.64 18.02 16.70
N GLN A 545 43.72 18.38 17.41
CA GLN A 545 44.90 17.54 17.43
C GLN A 545 44.71 16.31 18.31
N LYS A 546 44.18 16.49 19.52
CA LYS A 546 44.15 15.42 20.50
C LYS A 546 43.03 14.42 20.25
N LEU A 547 41.86 14.90 19.79
CA LEU A 547 40.74 13.99 19.56
C LEU A 547 40.64 13.47 18.14
N TRP A 548 41.41 14.02 17.20
CA TRP A 548 41.33 13.56 15.82
C TRP A 548 42.71 13.31 15.20
N LEU A 549 43.51 14.38 15.06
CA LEU A 549 44.73 14.29 14.27
C LEU A 549 45.69 13.23 14.80
N THR A 550 45.85 13.16 16.13
CA THR A 550 46.77 12.16 16.70
C THR A 550 46.27 10.74 16.47
N GLY A 551 44.97 10.56 16.19
CA GLY A 551 44.48 9.25 15.80
C GLY A 551 44.93 8.86 14.41
N VAL A 552 45.06 9.85 13.51
CA VAL A 552 45.60 9.57 12.19
C VAL A 552 47.03 9.07 12.29
N HIS A 553 47.82 9.65 13.20
CA HIS A 553 49.19 9.19 13.41
C HIS A 553 49.22 7.78 13.97
N SER A 554 48.26 7.46 14.85
CA SER A 554 48.23 6.13 15.45
C SER A 554 47.92 5.05 14.41
N PHE A 555 47.18 5.41 13.36
CA PHE A 555 46.91 4.46 12.29
C PHE A 555 48.11 4.32 11.35
N GLU A 556 48.73 5.45 10.99
CA GLU A 556 49.89 5.41 10.11
C GLU A 556 51.06 4.69 10.77
N ASP A 557 51.31 4.95 12.06
CA ASP A 557 52.43 4.32 12.72
C ASP A 557 52.18 2.85 12.99
N ALA A 558 50.90 2.44 13.08
CA ALA A 558 50.58 1.04 13.27
C ALA A 558 50.68 0.24 11.97
N VAL A 559 50.40 0.88 10.84
CA VAL A 559 50.51 0.19 9.55
C VAL A 559 51.98 0.03 9.17
N THR A 560 52.76 1.10 9.30
CA THR A 560 54.18 1.01 8.96
C THR A 560 54.94 0.11 9.91
N GLU A 561 54.48 -0.02 11.16
CA GLU A 561 55.12 -0.94 12.10
C GLU A 561 54.92 -2.38 11.69
N LEU A 562 53.70 -2.73 11.26
CA LEU A 562 53.45 -4.09 10.76
C LEU A 562 54.09 -4.28 9.39
N ALA A 563 54.20 -3.22 8.60
CA ALA A 563 54.86 -3.33 7.29
C ALA A 563 56.35 -3.60 7.46
N ALA A 564 56.97 -3.03 8.49
CA ALA A 564 58.38 -3.33 8.78
C ALA A 564 58.57 -4.79 9.20
N GLU A 565 57.51 -5.45 9.66
CA GLU A 565 57.56 -6.86 9.98
C GLU A 565 57.20 -7.75 8.80
N GLY A 566 56.94 -7.15 7.63
CA GLY A 566 56.59 -7.92 6.44
C GLY A 566 55.19 -8.48 6.43
N LEU A 567 54.34 -8.09 7.38
CA LEU A 567 52.98 -8.60 7.41
C LEU A 567 52.05 -7.90 6.43
N ILE A 568 52.29 -6.61 6.16
CA ILE A 568 51.38 -5.78 5.41
C ILE A 568 52.09 -5.21 4.19
N ASP A 569 51.37 -5.15 3.06
CA ASP A 569 51.83 -4.41 1.90
C ASP A 569 51.36 -2.97 2.04
N PRO A 570 52.26 -2.00 2.23
CA PRO A 570 51.81 -0.60 2.36
C PRO A 570 51.15 -0.06 1.11
N ALA A 571 51.37 -0.67 -0.04
CA ALA A 571 50.75 -0.19 -1.27
C ALA A 571 49.24 -0.38 -1.24
N ARG A 572 48.78 -1.52 -0.71
CA ARG A 572 47.35 -1.80 -0.59
C ARG A 572 46.99 -1.79 0.88
N VAL A 573 46.33 -0.72 1.33
CA VAL A 573 45.82 -0.59 2.69
C VAL A 573 44.51 0.17 2.64
N GLY A 574 43.47 -0.39 3.28
CA GLY A 574 42.20 0.28 3.42
C GLY A 574 41.97 0.77 4.85
N ILE A 575 40.88 1.52 5.01
CA ILE A 575 40.44 1.99 6.32
C ILE A 575 38.93 2.13 6.29
N ALA A 576 38.27 1.82 7.40
CA ALA A 576 36.83 1.88 7.47
C ALA A 576 36.38 2.25 8.87
N GLY A 577 35.17 2.78 8.96
CA GLY A 577 34.60 3.13 10.25
C GLY A 577 33.25 3.78 10.06
N TYR A 578 32.50 3.83 11.16
CA TYR A 578 31.19 4.48 11.19
C TYR A 578 31.05 5.26 12.49
N SER A 579 30.16 6.25 12.47
CA SER A 579 29.89 7.11 13.62
C SER A 579 31.20 7.77 14.04
N ARG A 580 31.71 7.52 15.23
CA ARG A 580 33.02 8.04 15.62
C ARG A 580 34.10 7.63 14.62
N GLY A 581 34.08 6.36 14.20
CA GLY A 581 35.05 5.90 13.21
C GLY A 581 34.91 6.60 11.87
N SER A 582 33.68 6.99 11.52
CA SER A 582 33.47 7.77 10.30
C SER A 582 34.24 9.09 10.35
N GLN A 583 34.21 9.77 11.50
CA GLN A 583 34.99 10.98 11.65
C GLN A 583 36.48 10.70 11.49
N MET A 584 36.96 9.61 12.08
CA MET A 584 38.37 9.23 11.93
C MET A 584 38.71 8.98 10.47
N VAL A 585 37.83 8.27 9.75
CA VAL A 585 38.07 8.02 8.33
C VAL A 585 38.15 9.32 7.55
N ASN A 586 37.20 10.22 7.79
CA ASN A 586 37.17 11.47 7.05
C ASN A 586 38.37 12.37 7.38
N VAL A 587 38.92 12.23 8.58
CA VAL A 587 40.09 13.04 8.95
C VAL A 587 41.37 12.42 8.37
N THR A 588 41.50 11.10 8.43
CA THR A 588 42.70 10.46 7.90
C THR A 588 42.81 10.66 6.39
N VAL A 589 41.71 10.49 5.66
CA VAL A 589 41.75 10.60 4.21
C VAL A 589 42.17 11.99 3.77
N THR A 590 41.80 13.02 4.54
CA THR A 590 42.24 14.38 4.21
C THR A 590 43.68 14.63 4.65
N ASN A 591 44.06 14.12 5.83
CA ASN A 591 45.36 14.41 6.42
C ASN A 591 46.42 13.35 6.15
N SER A 592 46.11 12.33 5.34
CA SER A 592 47.06 11.26 5.08
C SER A 592 46.94 10.76 3.65
N LYS A 593 48.08 10.45 3.05
CA LYS A 593 48.15 9.82 1.73
C LYS A 593 48.32 8.31 1.81
N MET A 594 48.41 7.75 3.02
CA MET A 594 48.82 6.36 3.21
C MET A 594 47.72 5.35 2.92
N PHE A 595 46.46 5.77 2.82
CA PHE A 595 45.34 4.86 2.65
C PHE A 595 44.76 5.00 1.25
N ARG A 596 44.67 3.87 0.54
CA ARG A 596 44.23 3.88 -0.85
C ARG A 596 42.71 3.99 -0.98
N ALA A 597 41.98 3.26 -0.15
CA ALA A 597 40.52 3.25 -0.20
C ALA A 597 39.96 3.42 1.21
N ALA A 598 38.75 3.95 1.29
CA ALA A 598 38.13 4.23 2.58
C ALA A 598 36.62 4.11 2.47
N SER A 599 35.99 3.70 3.57
CA SER A 599 34.54 3.62 3.67
C SER A 599 34.11 4.23 4.99
N SER A 600 33.28 5.27 4.92
CA SER A 600 32.83 6.00 6.10
C SER A 600 31.33 5.77 6.29
N GLY A 601 30.98 4.96 7.29
CA GLY A 601 29.58 4.66 7.57
C GLY A 601 28.88 5.80 8.29
N ASP A 602 27.72 6.22 7.76
CA ASP A 602 26.76 7.10 8.42
C ASP A 602 27.43 8.22 9.20
N GLY A 603 28.09 9.13 8.51
CA GLY A 603 28.90 10.19 9.10
C GLY A 603 28.18 11.52 9.15
N GLY A 604 28.94 12.59 8.93
CA GLY A 604 28.41 13.94 8.87
C GLY A 604 28.83 14.87 9.99
N PHE A 605 29.42 14.37 11.06
CA PHE A 605 29.99 15.30 12.04
C PHE A 605 31.25 15.95 11.47
N LEU A 606 31.59 17.11 12.02
CA LEU A 606 32.69 17.99 11.63
C LEU A 606 32.38 18.76 10.35
N GLU A 607 31.25 18.49 9.67
CA GLU A 607 30.94 19.23 8.45
C GLU A 607 30.15 20.50 8.76
N PRO A 608 30.39 21.57 8.00
CA PRO A 608 29.70 22.84 8.29
C PRO A 608 28.19 22.79 8.09
N ALA A 609 27.67 21.81 7.36
CA ALA A 609 26.24 21.76 7.11
C ALA A 609 25.44 21.38 8.35
N GLY A 610 26.08 20.79 9.35
CA GLY A 610 25.37 20.34 10.54
C GLY A 610 25.61 21.20 11.76
N TYR A 611 26.10 22.42 11.57
CA TYR A 611 26.46 23.27 12.71
C TYR A 611 25.23 23.71 13.49
N ALA A 612 24.19 24.17 12.78
CA ALA A 612 23.03 24.76 13.46
C ALA A 612 22.42 23.78 14.46
N THR A 613 22.42 22.48 14.13
CA THR A 613 21.88 21.50 15.05
C THR A 613 22.88 21.13 16.14
N GLY A 614 24.17 21.10 15.80
CA GLY A 614 25.20 20.64 16.70
C GLY A 614 26.05 21.71 17.35
N ARG A 615 25.50 22.92 17.50
CA ARG A 615 26.31 24.10 17.83
C ARG A 615 27.27 23.85 18.98
N SER A 616 26.76 23.36 20.11
CA SER A 616 27.61 23.20 21.30
C SER A 616 28.74 22.20 21.05
N SER A 617 28.48 21.16 20.25
CA SER A 617 29.52 20.18 19.97
C SER A 617 30.56 20.73 18.98
N TYR A 618 30.14 21.59 18.06
CA TYR A 618 31.07 22.16 17.10
C TYR A 618 31.92 23.27 17.71
N ASP A 619 31.33 24.07 18.60
CA ASP A 619 32.02 25.24 19.15
C ASP A 619 33.30 24.88 19.88
N ALA A 620 33.45 23.64 20.35
CA ALA A 620 34.71 23.23 20.95
C ALA A 620 35.77 22.99 19.90
N VAL A 621 35.39 22.40 18.77
CA VAL A 621 36.36 22.09 17.72
C VAL A 621 36.78 23.34 16.98
N TYR A 622 35.82 24.07 16.41
CA TYR A 622 36.13 25.20 15.53
C TYR A 622 36.05 26.55 16.21
N GLY A 623 35.62 26.61 17.47
CA GLY A 623 35.53 27.87 18.19
C GLY A 623 34.30 28.70 17.90
N GLY A 624 33.59 28.44 16.82
CA GLY A 624 32.41 29.24 16.50
C GLY A 624 31.78 28.79 15.20
N ALA A 625 30.88 29.64 14.71
CA ALA A 625 30.10 29.33 13.51
C ALA A 625 31.00 29.27 12.28
N PRO A 626 30.55 28.59 11.22
CA PRO A 626 31.35 28.55 9.99
C PRO A 626 31.52 29.91 9.32
N LEU A 627 30.52 30.78 9.42
CA LEU A 627 30.58 32.09 8.79
C LEU A 627 31.12 33.18 9.72
N SER A 628 31.52 32.82 10.94
CA SER A 628 32.09 33.80 11.86
C SER A 628 33.56 34.02 11.53
N ASP A 629 34.27 34.74 12.39
CA ASP A 629 35.69 34.97 12.18
C ASP A 629 36.53 33.71 12.38
N ASN A 630 35.92 32.61 12.81
CA ASN A 630 36.62 31.34 12.97
C ASN A 630 36.70 30.54 11.67
N ILE A 631 36.22 31.10 10.56
CA ILE A 631 36.10 30.35 9.31
C ILE A 631 37.42 29.72 8.89
N GLU A 632 38.55 30.37 9.18
CA GLU A 632 39.83 29.80 8.80
C GLU A 632 40.10 28.49 9.52
N ARG A 633 39.54 28.30 10.72
CA ARG A 633 39.64 27.01 11.37
C ARG A 633 38.79 25.97 10.64
N TRP A 634 37.63 26.36 10.13
CA TRP A 634 36.80 25.45 9.36
C TRP A 634 37.50 25.03 8.08
N ARG A 635 38.25 25.93 7.46
CA ARG A 635 38.89 25.63 6.19
C ARG A 635 40.13 24.75 6.36
N ARG A 636 40.79 24.83 7.51
CA ARG A 636 41.98 24.01 7.73
C ARG A 636 41.66 22.58 8.13
N PHE A 637 40.50 22.34 8.74
CA PHE A 637 40.20 21.07 9.38
C PHE A 637 39.05 20.33 8.72
N ALA A 638 37.86 20.94 8.68
CA ALA A 638 36.65 20.25 8.24
C ALA A 638 36.88 19.52 6.92
N PRO A 639 36.52 18.23 6.83
CA PRO A 639 36.92 17.46 5.64
C PRO A 639 36.25 17.91 4.35
N SER A 640 35.01 18.41 4.40
CA SER A 640 34.33 18.80 3.18
C SER A 640 35.03 19.95 2.48
N LEU A 641 35.72 20.80 3.23
CA LEU A 641 36.49 21.89 2.65
C LEU A 641 37.89 21.46 2.25
N ASN A 642 38.36 20.31 2.74
CA ASN A 642 39.71 19.81 2.48
C ASN A 642 39.78 18.83 1.31
N ALA A 643 38.69 18.67 0.56
CA ALA A 643 38.61 17.63 -0.46
C ALA A 643 39.79 17.63 -1.43
N ASP A 644 40.43 18.79 -1.62
CA ASP A 644 41.60 18.86 -2.51
C ASP A 644 42.78 18.06 -1.99
N LYS A 645 42.84 17.79 -0.69
CA LYS A 645 43.93 17.02 -0.10
C LYS A 645 43.71 15.52 -0.18
N VAL A 646 42.62 15.08 -0.79
CA VAL A 646 42.18 13.69 -0.74
C VAL A 646 42.57 13.01 -2.04
N CYS A 647 43.53 12.08 -1.96
CA CYS A 647 43.74 11.07 -3.00
C CYS A 647 43.45 9.72 -2.36
N ALA A 648 42.30 9.15 -2.72
CA ALA A 648 41.81 7.88 -2.17
C ALA A 648 40.42 7.63 -2.74
N ALA A 649 39.88 6.45 -2.44
CA ALA A 649 38.53 6.07 -2.83
C ALA A 649 37.66 6.09 -1.57
N VAL A 650 36.70 7.02 -1.53
CA VAL A 650 35.88 7.26 -0.35
C VAL A 650 34.47 6.79 -0.65
N LEU A 651 34.04 5.73 0.03
CA LEU A 651 32.67 5.23 -0.07
C LEU A 651 31.90 5.64 1.19
N GLN A 652 30.68 6.11 0.98
CA GLN A 652 29.79 6.50 2.08
C GLN A 652 28.56 5.61 2.07
N GLN A 653 28.41 4.81 3.12
CA GLN A 653 27.20 4.02 3.34
C GLN A 653 26.36 4.77 4.37
N VAL A 654 25.19 5.24 3.95
CA VAL A 654 24.47 6.29 4.65
C VAL A 654 23.03 5.85 4.88
N ALA A 655 22.65 5.72 6.15
CA ALA A 655 21.26 5.46 6.50
C ALA A 655 20.41 6.73 6.55
N SER A 656 20.96 7.81 7.14
CA SER A 656 20.14 8.97 7.47
C SER A 656 19.89 9.91 6.30
N ALA A 657 20.86 10.03 5.39
CA ALA A 657 20.82 11.00 4.29
C ALA A 657 20.72 12.43 4.83
N SER A 658 21.61 12.75 5.77
CA SER A 658 21.66 14.07 6.37
C SER A 658 22.35 15.06 5.43
N PRO A 659 22.08 16.36 5.59
CA PRO A 659 22.75 17.35 4.73
C PRO A 659 24.25 17.42 4.93
N SER A 660 24.76 16.92 6.06
CA SER A 660 26.20 16.93 6.29
C SER A 660 26.91 15.82 5.51
N GLN A 661 26.25 14.69 5.32
CA GLN A 661 26.85 13.62 4.51
C GLN A 661 26.82 13.99 3.03
N ILE A 662 25.74 14.60 2.56
CA ILE A 662 25.65 15.01 1.17
C ILE A 662 26.69 16.09 0.87
N GLU A 663 26.93 16.99 1.83
CA GLU A 663 27.95 18.02 1.63
C GLU A 663 29.32 17.41 1.42
N LEU A 664 29.63 16.33 2.14
CA LEU A 664 30.90 15.66 1.94
C LEU A 664 30.97 14.98 0.58
N PHE A 665 29.84 14.46 0.10
CA PHE A 665 29.83 13.82 -1.21
C PHE A 665 30.01 14.84 -2.33
N GLU A 666 29.19 15.89 -2.33
CA GLU A 666 29.29 16.90 -3.38
C GLU A 666 30.64 17.61 -3.36
N ALA A 667 31.32 17.63 -2.22
CA ALA A 667 32.65 18.23 -2.16
C ALA A 667 33.72 17.34 -2.78
N LEU A 668 33.65 16.03 -2.49
CA LEU A 668 34.62 15.10 -3.05
C LEU A 668 34.42 14.94 -4.55
N ARG A 669 33.17 14.94 -5.00
CA ARG A 669 32.91 14.82 -6.43
C ARG A 669 33.35 16.06 -7.20
N ALA A 670 33.17 17.23 -6.61
CA ALA A 670 33.61 18.46 -7.27
C ALA A 670 35.12 18.60 -7.30
N ALA A 671 35.84 17.84 -6.47
CA ALA A 671 37.29 17.88 -6.42
C ALA A 671 37.93 16.83 -7.33
N GLY A 672 37.14 16.07 -8.09
CA GLY A 672 37.67 15.03 -8.94
C GLY A 672 38.01 13.74 -8.23
N VAL A 673 37.81 13.67 -6.91
CA VAL A 673 38.07 12.44 -6.18
C VAL A 673 37.02 11.40 -6.54
N ALA A 674 37.45 10.13 -6.62
CA ALA A 674 36.52 9.05 -6.89
C ALA A 674 35.77 8.70 -5.61
N THR A 675 34.45 8.87 -5.63
CA THR A 675 33.66 8.66 -4.43
C THR A 675 32.24 8.28 -4.83
N GLN A 676 31.55 7.61 -3.91
CA GLN A 676 30.17 7.23 -4.12
C GLN A 676 29.47 7.21 -2.77
N ILE A 677 28.21 7.62 -2.76
CA ILE A 677 27.38 7.62 -1.55
C ILE A 677 26.22 6.66 -1.78
N SER A 678 26.04 5.72 -0.84
CA SER A 678 25.01 4.70 -0.94
C SER A 678 24.00 4.91 0.18
N TYR A 679 22.75 5.16 -0.19
CA TYR A 679 21.69 5.48 0.75
C TYR A 679 20.71 4.32 0.82
N TYR A 680 20.71 3.61 1.96
CA TYR A 680 19.86 2.43 2.15
C TYR A 680 18.53 2.85 2.76
N PRO A 681 17.41 2.34 2.23
CA PRO A 681 16.10 2.81 2.70
C PRO A 681 15.57 2.02 3.89
N GLY A 682 14.37 2.36 4.33
CA GLY A 682 13.71 1.62 5.39
C GLY A 682 12.90 0.45 4.84
N ALA A 683 12.02 -0.07 5.70
CA ALA A 683 11.17 -1.18 5.29
C ALA A 683 10.17 -0.76 4.22
N THR A 684 9.60 0.44 4.37
CA THR A 684 8.71 1.03 3.38
C THR A 684 9.15 2.47 3.14
N ALA A 685 8.38 3.19 2.33
CA ALA A 685 8.66 4.61 2.13
C ALA A 685 8.38 5.44 3.36
N ALA A 686 7.59 4.91 4.31
CA ALA A 686 7.24 5.62 5.52
C ALA A 686 8.18 5.33 6.69
N SER A 687 9.22 4.52 6.46
CA SER A 687 10.16 4.15 7.50
C SER A 687 11.58 4.47 7.06
N ASP A 688 12.48 4.53 8.03
CA ASP A 688 13.90 4.76 7.80
C ASP A 688 14.70 3.56 8.30
N GLU A 689 16.01 3.66 8.12
CA GLU A 689 16.95 2.66 8.65
C GLU A 689 17.64 3.22 9.87
N THR A 690 17.78 2.38 10.90
CA THR A 690 18.46 2.79 12.11
C THR A 690 19.95 3.00 11.86
N HIS A 691 20.59 3.73 12.78
CA HIS A 691 22.02 4.01 12.66
C HIS A 691 22.82 2.74 12.41
N VAL A 692 22.57 1.70 13.21
CA VAL A 692 23.04 0.36 12.89
C VAL A 692 21.92 -0.34 12.12
N PHE A 693 22.28 -0.99 11.02
CA PHE A 693 21.27 -1.51 10.11
C PHE A 693 20.55 -2.69 10.75
N TYR A 694 19.22 -2.58 10.86
CA TYR A 694 18.40 -3.67 11.37
C TYR A 694 17.74 -4.49 10.26
N LEU A 695 17.91 -4.11 9.00
CA LEU A 695 17.29 -4.82 7.89
C LEU A 695 18.32 -5.75 7.27
N THR A 696 18.00 -7.05 7.19
CA THR A 696 18.95 -8.03 6.69
C THR A 696 19.32 -7.75 5.23
N THR A 697 18.33 -7.38 4.42
CA THR A 697 18.61 -7.08 3.02
C THR A 697 19.55 -5.89 2.88
N ASN A 698 19.51 -4.95 3.81
CA ASN A 698 20.47 -3.86 3.80
C ASN A 698 21.80 -4.28 4.41
N ARG A 699 21.78 -5.13 5.43
CA ARG A 699 23.02 -5.58 6.06
C ARG A 699 23.85 -6.42 5.11
N LEU A 700 23.20 -7.31 4.35
CA LEU A 700 23.95 -8.19 3.44
C LEU A 700 24.55 -7.40 2.29
N ARG A 701 23.79 -6.50 1.68
CA ARG A 701 24.31 -5.74 0.55
C ARG A 701 25.36 -4.74 0.99
N ALA A 702 25.25 -4.20 2.21
CA ALA A 702 26.27 -3.29 2.71
C ALA A 702 27.59 -4.01 2.96
N MET A 703 27.53 -5.27 3.41
CA MET A 703 28.75 -6.05 3.58
C MET A 703 29.37 -6.38 2.23
N ARG A 704 28.54 -6.71 1.23
CA ARG A 704 29.07 -7.01 -0.09
C ARG A 704 29.60 -5.77 -0.78
N GLU A 705 28.98 -4.61 -0.55
CA GLU A 705 29.46 -3.38 -1.17
C GLU A 705 30.85 -3.02 -0.65
N ASN A 706 31.10 -3.24 0.66
CA ASN A 706 32.45 -3.04 1.18
C ASN A 706 33.41 -4.08 0.62
N ILE A 707 32.95 -5.30 0.39
CA ILE A 707 33.78 -6.31 -0.25
C ILE A 707 34.16 -5.85 -1.65
N ALA A 708 33.17 -5.45 -2.44
CA ALA A 708 33.44 -5.04 -3.81
C ALA A 708 34.24 -3.75 -3.88
N TRP A 709 34.09 -2.86 -2.91
CA TRP A 709 34.80 -1.59 -2.95
C TRP A 709 36.28 -1.77 -2.64
N PHE A 710 36.59 -2.52 -1.58
CA PHE A 710 37.98 -2.76 -1.22
C PHE A 710 38.65 -3.78 -2.13
N ASP A 711 37.89 -4.61 -2.84
CA ASP A 711 38.49 -5.49 -3.84
C ASP A 711 38.88 -4.73 -5.09
N TYR A 712 38.05 -3.77 -5.51
CA TYR A 712 38.30 -3.05 -6.75
C TYR A 712 39.46 -2.07 -6.60
N TRP A 713 39.43 -1.24 -5.57
CA TRP A 713 40.42 -0.17 -5.46
C TRP A 713 41.75 -0.66 -4.93
N LEU A 714 41.73 -1.54 -3.92
CA LEU A 714 43.00 -2.05 -3.38
C LEU A 714 43.62 -3.09 -4.29
N LEU A 715 42.85 -4.12 -4.67
CA LEU A 715 43.38 -5.29 -5.37
C LEU A 715 43.19 -5.25 -6.88
N ASP A 716 42.55 -4.21 -7.43
CA ASP A 716 42.20 -4.17 -8.85
C ASP A 716 41.41 -5.41 -9.25
N LYS A 717 40.58 -5.89 -8.32
CA LYS A 717 39.86 -7.16 -8.45
C LYS A 717 38.38 -6.85 -8.73
N ARG A 718 37.92 -7.22 -9.92
CA ARG A 718 36.50 -7.09 -10.25
C ARG A 718 35.74 -8.27 -9.66
N ASP A 719 34.64 -7.96 -8.99
CA ASP A 719 33.90 -8.96 -8.22
C ASP A 719 32.69 -9.45 -9.02
N ALA A 720 32.58 -10.77 -9.17
CA ALA A 720 31.40 -11.36 -9.79
C ALA A 720 30.20 -11.37 -8.85
N ASP A 721 30.44 -11.25 -7.54
CA ASP A 721 29.38 -11.24 -6.53
C ASP A 721 28.93 -9.83 -6.17
N ALA A 722 29.39 -8.81 -6.90
CA ALA A 722 29.13 -7.42 -6.56
C ALA A 722 27.63 -7.19 -6.31
N PRO A 723 27.27 -6.52 -5.21
CA PRO A 723 25.84 -6.46 -4.82
C PRO A 723 24.98 -5.62 -5.75
N PHE A 724 25.56 -4.65 -6.45
CA PHE A 724 24.77 -3.81 -7.33
C PHE A 724 25.33 -3.87 -8.75
N PRO A 725 24.48 -3.91 -9.77
CA PRO A 725 24.97 -4.05 -11.14
C PRO A 725 25.57 -2.75 -11.64
N ASP A 726 26.17 -2.83 -12.84
CA ASP A 726 26.66 -1.71 -13.64
C ASP A 726 27.32 -0.63 -12.78
N HIS A 727 28.05 -1.05 -11.74
CA HIS A 727 28.73 -0.16 -10.81
C HIS A 727 30.22 -0.09 -11.09
N VAL A 728 30.90 -1.24 -11.04
CA VAL A 728 32.31 -1.32 -11.43
C VAL A 728 32.55 -0.62 -12.76
N VAL A 729 31.56 -0.65 -13.66
CA VAL A 729 31.64 0.15 -14.89
C VAL A 729 31.75 1.64 -14.55
N LYS A 730 30.92 2.11 -13.61
CA LYS A 730 30.97 3.51 -13.21
C LYS A 730 32.26 3.81 -12.44
N TRP A 731 32.75 2.86 -11.64
CA TRP A 731 33.99 3.06 -10.90
C TRP A 731 35.18 3.19 -11.85
N ASP A 732 35.10 2.56 -13.03
CA ASP A 732 36.14 2.75 -14.04
C ASP A 732 36.16 4.19 -14.53
N ARG A 733 34.98 4.78 -14.77
CA ARG A 733 34.92 6.16 -15.23
C ARG A 733 35.42 7.13 -14.18
N LEU A 734 35.32 6.77 -12.90
CA LEU A 734 35.90 7.60 -11.85
C LEU A 734 37.42 7.51 -11.86
N LYS A 735 37.97 6.31 -12.03
CA LYS A 735 39.41 6.15 -12.07
C LYS A 735 40.03 6.88 -13.27
N LYS A 736 39.30 6.94 -14.39
CA LYS A 736 39.82 7.64 -15.57
C LYS A 736 39.84 9.15 -15.35
N ASN A 737 38.94 9.68 -14.52
CA ASN A 737 38.81 11.11 -14.31
C ASN A 737 39.61 11.62 -13.11
N LEU A 738 40.41 10.77 -12.48
CA LEU A 738 41.21 11.20 -11.34
C LEU A 738 42.11 12.38 -11.73
N PRO A 739 42.32 13.33 -10.83
CA PRO A 739 43.21 14.45 -11.14
C PRO A 739 44.66 14.03 -11.14
N ASP A 740 45.50 14.90 -11.71
CA ASP A 740 46.93 14.63 -11.78
C ASP A 740 47.55 14.49 -10.40
N ARG A 741 46.97 15.16 -9.40
CA ARG A 741 47.49 15.07 -8.04
C ARG A 741 46.86 13.89 -7.28
N LYS B 50 -22.41 -17.58 -42.95
CA LYS B 50 -22.06 -17.22 -41.58
C LYS B 50 -20.77 -17.92 -41.17
N GLY B 51 -20.49 -19.06 -41.79
CA GLY B 51 -19.27 -19.81 -41.54
C GLY B 51 -19.51 -21.02 -40.66
N ARG B 52 -18.69 -22.05 -40.87
CA ARG B 52 -18.76 -23.32 -40.16
C ARG B 52 -17.89 -23.29 -38.91
N PRO B 53 -18.19 -24.14 -37.93
CA PRO B 53 -17.39 -24.15 -36.70
C PRO B 53 -16.01 -24.74 -36.91
N TRP B 54 -15.13 -24.48 -35.95
CA TRP B 54 -13.78 -25.00 -35.99
C TRP B 54 -13.77 -26.51 -35.82
N THR B 55 -12.90 -27.17 -36.56
CA THR B 55 -12.65 -28.60 -36.38
C THR B 55 -11.36 -28.76 -35.57
N LEU B 56 -11.06 -30.02 -35.21
CA LEU B 56 -9.74 -30.31 -34.66
C LEU B 56 -8.72 -30.42 -35.79
N GLU B 57 -9.14 -30.98 -36.93
CA GLU B 57 -8.27 -31.05 -38.10
C GLU B 57 -7.99 -29.66 -38.67
N ASP B 58 -8.90 -28.71 -38.43
CA ASP B 58 -8.64 -27.34 -38.86
C ASP B 58 -7.41 -26.77 -38.16
N ILE B 59 -7.29 -26.99 -36.85
CA ILE B 59 -6.12 -26.53 -36.11
C ILE B 59 -4.87 -27.23 -36.63
N LEU B 60 -5.00 -28.46 -37.10
CA LEU B 60 -3.84 -29.22 -37.56
C LEU B 60 -3.37 -28.73 -38.92
N THR B 61 -4.29 -28.35 -39.79
CA THR B 61 -3.97 -28.03 -41.18
C THR B 61 -3.71 -26.55 -41.43
N VAL B 62 -3.66 -25.72 -40.39
CA VAL B 62 -3.37 -24.30 -40.55
C VAL B 62 -2.01 -24.17 -41.24
N PRO B 63 -1.94 -23.56 -42.42
CA PRO B 63 -0.66 -23.55 -43.16
C PRO B 63 0.34 -22.58 -42.55
N GLU B 64 1.61 -22.96 -42.62
CA GLU B 64 2.72 -22.10 -42.27
C GLU B 64 3.44 -21.69 -43.55
N VAL B 65 3.67 -20.41 -43.72
CA VAL B 65 4.49 -19.91 -44.82
C VAL B 65 5.74 -19.32 -44.21
N ASN B 66 6.85 -20.04 -44.28
CA ASN B 66 8.15 -19.52 -43.91
C ASN B 66 9.01 -19.13 -45.10
N GLU B 67 8.53 -19.39 -46.32
CA GLU B 67 9.33 -19.19 -47.53
C GLU B 67 8.51 -18.42 -48.54
N ILE B 68 8.96 -17.20 -48.87
CA ILE B 68 8.34 -16.40 -49.91
C ILE B 68 9.44 -15.55 -50.56
N ALA B 69 9.37 -15.42 -51.88
CA ALA B 69 10.38 -14.70 -52.63
C ALA B 69 9.72 -13.96 -53.78
N LEU B 70 10.15 -12.71 -54.00
CA LEU B 70 9.68 -11.89 -55.10
C LEU B 70 10.76 -11.79 -56.16
N SER B 71 10.36 -11.85 -57.42
CA SER B 71 11.31 -11.76 -58.52
C SER B 71 11.94 -10.37 -58.59
N ASP B 72 13.10 -10.30 -59.25
CA ASP B 72 13.84 -9.04 -59.34
C ASP B 72 13.02 -7.98 -60.07
N ASN B 73 12.40 -8.35 -61.19
CA ASN B 73 11.52 -7.41 -61.89
C ASN B 73 10.29 -7.08 -61.05
N GLY B 74 9.89 -8.00 -60.17
CA GLY B 74 8.75 -7.79 -59.30
C GLY B 74 7.41 -8.21 -59.88
N ARG B 75 7.40 -8.84 -61.06
CA ARG B 75 6.15 -9.26 -61.68
C ARG B 75 5.77 -10.70 -61.35
N LEU B 76 6.65 -11.47 -60.72
CA LEU B 76 6.36 -12.85 -60.37
C LEU B 76 6.82 -13.12 -58.94
N ALA B 77 6.14 -14.05 -58.28
CA ALA B 77 6.47 -14.42 -56.92
C ALA B 77 6.12 -15.89 -56.69
N ILE B 78 6.86 -16.53 -55.79
CA ILE B 78 6.67 -17.94 -55.47
C ILE B 78 6.79 -18.11 -53.96
N TYR B 79 5.84 -18.84 -53.38
CA TYR B 79 5.83 -19.09 -51.94
C TYR B 79 5.41 -20.53 -51.69
N ALA B 80 5.76 -21.04 -50.51
CA ALA B 80 5.49 -22.41 -50.12
C ALA B 80 4.69 -22.42 -48.83
N ALA B 81 3.63 -23.23 -48.78
CA ALA B 81 2.77 -23.34 -47.62
C ALA B 81 2.88 -24.74 -47.04
N GLU B 82 3.40 -24.83 -45.81
CA GLU B 82 3.51 -26.11 -45.13
C GLU B 82 2.17 -26.47 -44.52
N ILE B 83 1.61 -27.60 -44.94
CA ILE B 83 0.31 -28.07 -44.48
C ILE B 83 0.46 -29.50 -43.98
N ALA B 84 -0.15 -29.79 -42.83
CA ALA B 84 -0.12 -31.14 -42.29
C ALA B 84 -0.87 -32.10 -43.21
N ASP B 85 -0.22 -33.18 -43.60
CA ASP B 85 -0.79 -34.18 -44.50
C ASP B 85 -1.18 -35.42 -43.71
N LEU B 86 -2.42 -35.87 -43.91
CA LEU B 86 -2.90 -37.03 -43.18
C LEU B 86 -2.39 -38.35 -43.75
N ASP B 87 -2.14 -38.40 -45.07
CA ASP B 87 -1.61 -39.62 -45.66
C ASP B 87 -0.15 -39.84 -45.30
N ALA B 88 0.65 -38.78 -45.38
CA ALA B 88 2.08 -38.89 -45.06
C ALA B 88 2.34 -38.92 -43.56
N GLY B 89 1.37 -38.49 -42.74
CA GLY B 89 1.57 -38.44 -41.31
C GLY B 89 2.48 -37.32 -40.83
N LYS B 90 2.84 -36.39 -41.71
CA LYS B 90 3.76 -35.31 -41.36
C LYS B 90 3.46 -34.15 -42.29
N PRO B 91 4.11 -32.99 -42.08
CA PRO B 91 3.86 -31.85 -42.96
C PRO B 91 4.55 -32.02 -44.31
N ARG B 92 3.89 -31.50 -45.34
CA ARG B 92 4.44 -31.42 -46.68
C ARG B 92 4.26 -30.00 -47.20
N SER B 93 5.28 -29.49 -47.89
CA SER B 93 5.29 -28.12 -48.35
C SER B 93 4.69 -28.04 -49.76
N HIS B 94 3.67 -27.19 -49.91
CA HIS B 94 3.02 -26.97 -51.21
C HIS B 94 3.64 -25.74 -51.84
N ILE B 95 4.33 -25.93 -52.96
CA ILE B 95 4.97 -24.84 -53.69
C ILE B 95 3.97 -24.25 -54.68
N ARG B 96 3.83 -22.93 -54.66
CA ARG B 96 2.89 -22.23 -55.53
C ARG B 96 3.58 -21.02 -56.15
N ILE B 97 3.16 -20.67 -57.36
CA ILE B 97 3.62 -19.46 -58.03
C ILE B 97 2.44 -18.50 -58.08
N VAL B 98 2.76 -17.20 -58.01
CA VAL B 98 1.75 -16.15 -57.92
C VAL B 98 2.11 -15.04 -58.91
N ASP B 99 1.14 -14.66 -59.74
CA ASP B 99 1.27 -13.47 -60.57
C ASP B 99 0.82 -12.27 -59.76
N VAL B 100 1.73 -11.32 -59.53
CA VAL B 100 1.44 -10.24 -58.60
C VAL B 100 0.48 -9.21 -59.19
N GLU B 101 0.51 -9.01 -60.51
CA GLU B 101 -0.36 -8.02 -61.12
C GLU B 101 -1.78 -8.56 -61.30
N THR B 102 -1.92 -9.83 -61.72
CA THR B 102 -3.24 -10.40 -61.93
C THR B 102 -3.85 -10.92 -60.63
N GLY B 103 -3.04 -11.56 -59.78
CA GLY B 103 -3.53 -12.23 -58.60
C GLY B 103 -3.72 -13.71 -58.76
N ARG B 104 -3.39 -14.27 -59.91
CA ARG B 104 -3.53 -15.72 -60.12
C ARG B 104 -2.49 -16.48 -59.32
N THR B 105 -2.95 -17.49 -58.59
CA THR B 105 -2.07 -18.37 -57.81
C THR B 105 -2.15 -19.77 -58.38
N LYS B 106 -1.04 -20.26 -58.91
CA LYS B 106 -0.96 -21.58 -59.53
C LYS B 106 -0.24 -22.56 -58.61
N GLU B 107 -0.78 -23.75 -58.49
CA GLU B 107 -0.17 -24.80 -57.67
C GLU B 107 0.86 -25.55 -58.50
N LEU B 108 2.08 -25.63 -57.99
CA LEU B 108 3.18 -26.21 -58.78
C LEU B 108 3.49 -27.65 -58.36
N LEU B 109 4.11 -27.83 -57.21
CA LEU B 109 4.55 -29.15 -56.79
C LEU B 109 4.52 -29.23 -55.27
N THR B 110 4.22 -30.43 -54.77
CA THR B 110 4.22 -30.71 -53.34
C THR B 110 5.47 -31.50 -52.97
N VAL B 111 6.24 -30.98 -52.01
CA VAL B 111 7.50 -31.59 -51.62
C VAL B 111 7.47 -31.92 -50.13
N ASP B 112 8.57 -32.43 -49.60
CA ASP B 112 8.66 -32.71 -48.17
C ASP B 112 9.04 -31.45 -47.39
N THR B 113 10.24 -30.93 -47.61
CA THR B 113 10.70 -29.71 -46.98
C THR B 113 11.30 -28.79 -48.02
N ILE B 114 11.19 -27.49 -47.77
CA ILE B 114 11.82 -26.47 -48.62
C ILE B 114 12.31 -25.34 -47.71
N LYS B 115 13.54 -24.87 -47.98
CA LYS B 115 14.14 -23.80 -47.20
C LYS B 115 14.96 -22.91 -48.13
N SER B 116 15.24 -21.70 -47.65
CA SER B 116 16.13 -20.76 -48.33
C SER B 116 15.68 -20.49 -49.76
N LEU B 117 14.42 -20.07 -49.91
CA LEU B 117 13.89 -19.75 -51.24
C LEU B 117 14.26 -18.31 -51.58
N ARG B 118 15.05 -18.14 -52.64
CA ARG B 118 15.53 -16.84 -53.07
C ARG B 118 15.45 -16.74 -54.59
N SER B 119 15.60 -15.52 -55.08
CA SER B 119 15.63 -15.26 -56.52
C SER B 119 17.08 -15.14 -56.97
N VAL B 120 17.45 -15.92 -57.99
CA VAL B 120 18.82 -15.92 -58.51
C VAL B 120 19.10 -14.57 -59.16
N PRO B 121 20.10 -13.82 -58.69
CA PRO B 121 20.38 -12.52 -59.29
C PRO B 121 20.89 -12.65 -60.72
N GLY B 122 20.48 -11.72 -61.57
CA GLY B 122 20.75 -11.78 -62.98
C GLY B 122 19.85 -12.69 -63.77
N THR B 123 18.86 -13.32 -63.13
CA THR B 123 17.97 -14.26 -63.78
C THR B 123 16.58 -14.10 -63.18
N GLN B 124 15.56 -14.42 -63.98
CA GLN B 124 14.19 -14.43 -63.48
C GLN B 124 13.84 -15.72 -62.76
N ASP B 125 14.76 -16.66 -62.67
CA ASP B 125 14.53 -17.92 -61.99
C ASP B 125 14.69 -17.77 -60.48
N TRP B 126 14.51 -18.86 -59.75
CA TRP B 126 14.67 -18.89 -58.30
C TRP B 126 15.60 -20.04 -57.92
N SER B 127 15.86 -20.16 -56.63
CA SER B 127 16.66 -21.25 -56.09
C SER B 127 16.19 -21.56 -54.68
N ALA B 128 16.26 -22.83 -54.30
CA ALA B 128 15.81 -23.24 -52.98
C ALA B 128 16.49 -24.54 -52.60
N LEU B 129 16.45 -24.86 -51.31
CA LEU B 129 16.91 -26.14 -50.79
C LEU B 129 15.66 -26.99 -50.57
N VAL B 130 15.49 -28.01 -51.41
CA VAL B 130 14.26 -28.79 -51.47
C VAL B 130 14.59 -30.26 -51.20
N ASP B 131 13.70 -30.92 -50.47
CA ASP B 131 13.80 -32.35 -50.21
C ASP B 131 12.58 -33.03 -50.81
N LEU B 132 12.80 -33.84 -51.84
CA LEU B 132 11.74 -34.61 -52.48
C LEU B 132 11.52 -35.97 -51.84
N GLY B 133 12.22 -36.25 -50.74
CA GLY B 133 12.24 -37.57 -50.13
C GLY B 133 13.55 -38.30 -50.31
N GLU B 134 14.41 -37.85 -51.22
CA GLU B 134 15.73 -38.42 -51.42
C GLU B 134 16.81 -37.67 -50.66
N GLY B 135 16.45 -36.68 -49.86
CA GLY B 135 17.38 -35.84 -49.15
C GLY B 135 17.38 -34.42 -49.71
N GLN B 136 17.77 -33.47 -48.86
CA GLN B 136 17.71 -32.06 -49.21
C GLN B 136 18.86 -31.69 -50.14
N GLN B 137 18.52 -31.16 -51.32
CA GLN B 137 19.50 -30.73 -52.30
C GLN B 137 19.19 -29.31 -52.72
N LEU B 138 20.02 -28.75 -53.60
CA LEU B 138 19.83 -27.40 -54.13
C LEU B 138 19.18 -27.50 -55.50
N TYR B 139 18.01 -26.88 -55.65
CA TYR B 139 17.24 -26.97 -56.88
C TYR B 139 17.03 -25.58 -57.48
N ARG B 140 16.80 -25.56 -58.79
CA ARG B 140 16.52 -24.33 -59.53
C ARG B 140 15.07 -24.35 -60.00
N ILE B 141 14.36 -23.25 -59.76
CA ILE B 141 12.98 -23.08 -60.18
C ILE B 141 12.97 -22.08 -61.32
N ASP B 142 12.68 -22.56 -62.53
CA ASP B 142 12.63 -21.69 -63.70
C ASP B 142 11.43 -20.76 -63.61
N THR B 143 11.48 -19.68 -64.41
CA THR B 143 10.42 -18.68 -64.40
C THR B 143 9.04 -19.30 -64.64
N GLU B 144 8.98 -20.37 -65.45
CA GLU B 144 7.72 -21.07 -65.66
C GLU B 144 7.23 -21.79 -64.41
N GLY B 145 8.13 -22.10 -63.48
CA GLY B 145 7.75 -22.69 -62.22
C GLY B 145 8.00 -24.18 -62.05
N LYS B 146 8.76 -24.81 -62.94
CA LYS B 146 9.16 -26.20 -62.78
C LYS B 146 10.58 -26.28 -62.24
N LEU B 147 10.80 -27.18 -61.30
CA LEU B 147 12.10 -27.29 -60.64
C LEU B 147 12.93 -28.39 -61.27
N LEU B 148 14.23 -28.14 -61.39
CA LEU B 148 15.20 -29.09 -61.91
C LEU B 148 16.47 -28.97 -61.08
N PRO B 149 17.23 -30.06 -60.94
CA PRO B 149 18.38 -30.05 -60.03
C PRO B 149 19.40 -28.97 -60.37
N LEU B 150 20.14 -28.56 -59.33
CA LEU B 150 21.23 -27.60 -59.48
C LEU B 150 22.52 -28.21 -58.94
N ILE B 151 22.64 -28.40 -57.62
CA ILE B 151 23.74 -29.14 -57.00
C ILE B 151 23.12 -30.29 -56.21
N VAL B 152 23.69 -31.48 -56.36
CA VAL B 152 23.19 -32.68 -55.71
C VAL B 152 24.36 -33.43 -55.09
N ASN B 153 24.27 -33.69 -53.79
CA ASN B 153 25.24 -34.54 -53.10
C ASN B 153 24.81 -35.99 -53.25
N PRO B 154 25.60 -36.85 -53.88
CA PRO B 154 25.14 -38.23 -54.14
C PRO B 154 24.90 -39.06 -52.89
N ASN B 155 25.55 -38.72 -51.77
CA ASN B 155 25.39 -39.47 -50.52
C ASN B 155 25.15 -38.49 -49.38
N PRO B 156 23.90 -38.13 -49.12
CA PRO B 156 23.61 -37.25 -47.99
C PRO B 156 23.72 -37.98 -46.67
N VAL B 157 24.10 -37.25 -45.63
CA VAL B 157 24.26 -37.82 -44.30
C VAL B 157 22.95 -37.71 -43.53
N PRO B 158 22.66 -38.64 -42.62
CA PRO B 158 21.45 -38.51 -41.81
C PRO B 158 21.60 -37.44 -40.75
N VAL B 159 20.47 -36.78 -40.44
CA VAL B 159 20.46 -35.61 -39.58
C VAL B 159 19.17 -35.64 -38.76
N GLY B 160 19.22 -35.06 -37.56
CA GLY B 160 18.09 -35.05 -36.66
C GLY B 160 18.28 -36.05 -35.53
N LYS B 161 17.19 -36.30 -34.81
CA LYS B 161 17.24 -37.27 -33.71
C LYS B 161 16.85 -38.62 -34.29
N ALA B 162 17.85 -39.47 -34.48
CA ALA B 162 17.66 -40.80 -35.02
C ALA B 162 18.91 -41.62 -34.74
N ASP B 163 18.77 -42.94 -34.83
CA ASP B 163 19.94 -43.80 -34.72
C ASP B 163 20.90 -43.53 -35.86
N MET B 164 22.19 -43.55 -35.55
CA MET B 164 23.26 -43.42 -36.56
C MET B 164 23.13 -42.12 -37.36
N SER B 165 22.73 -41.05 -36.70
CA SER B 165 22.52 -39.76 -37.34
C SER B 165 23.34 -38.69 -36.63
N PHE B 166 23.54 -37.57 -37.32
CA PHE B 166 24.29 -36.46 -36.77
C PHE B 166 23.34 -35.44 -36.17
N PRO B 167 23.52 -35.03 -34.86
CA PRO B 167 22.63 -34.05 -34.22
C PRO B 167 22.93 -32.61 -34.65
N LEU B 168 22.37 -32.23 -35.78
CA LEU B 168 22.58 -30.90 -36.36
C LEU B 168 22.15 -29.78 -35.41
N ILE B 172 16.84 -31.61 -35.21
CA ILE B 172 15.64 -31.19 -35.93
C ILE B 172 14.93 -32.45 -36.47
N ARG B 173 13.99 -32.26 -37.39
CA ARG B 173 13.26 -33.38 -37.95
C ARG B 173 14.22 -34.36 -38.63
N PRO B 174 14.04 -35.66 -38.42
CA PRO B 174 14.94 -36.65 -39.04
C PRO B 174 14.83 -36.63 -40.55
N SER B 175 15.99 -36.60 -41.21
CA SER B 175 16.08 -36.48 -42.66
C SER B 175 17.54 -36.55 -43.06
N HIS B 176 17.78 -36.58 -44.36
CA HIS B 176 19.12 -36.52 -44.93
C HIS B 176 19.34 -35.16 -45.57
N ILE B 177 20.51 -34.57 -45.32
CA ILE B 177 20.86 -33.25 -45.85
C ILE B 177 22.01 -33.43 -46.83
N GLY B 178 21.71 -33.28 -48.12
CA GLY B 178 22.74 -33.30 -49.14
C GLY B 178 23.50 -31.99 -49.23
N ILE B 179 22.77 -30.89 -49.24
CA ILE B 179 23.34 -29.55 -49.32
C ILE B 179 22.91 -28.77 -48.10
N LEU B 180 23.87 -28.37 -47.27
CA LEU B 180 23.55 -27.74 -45.99
C LEU B 180 23.11 -26.29 -46.17
N ASP B 181 23.88 -25.50 -46.92
CA ASP B 181 23.60 -24.08 -47.09
C ASP B 181 24.23 -23.60 -48.38
N TYR B 182 23.76 -22.46 -48.88
CA TYR B 182 24.27 -21.88 -50.11
C TYR B 182 24.00 -20.38 -50.12
N ASP B 183 24.78 -19.67 -50.93
CA ASP B 183 24.52 -18.25 -51.20
C ASP B 183 25.04 -17.90 -52.58
N TRP B 184 24.28 -17.08 -53.29
CA TRP B 184 24.69 -16.56 -54.58
C TRP B 184 25.62 -15.35 -54.42
N SER B 185 26.44 -15.12 -55.45
CA SER B 185 27.17 -13.88 -55.57
C SER B 185 26.22 -12.75 -55.97
N PRO B 186 26.61 -11.49 -55.75
CA PRO B 186 25.72 -10.38 -56.13
C PRO B 186 25.37 -10.37 -57.61
N ASP B 187 26.28 -10.80 -58.48
CA ASP B 187 26.01 -10.84 -59.91
C ASP B 187 25.40 -12.16 -60.38
N GLY B 188 25.35 -13.17 -59.51
CA GLY B 188 24.68 -14.41 -59.83
C GLY B 188 25.46 -15.39 -60.66
N LYS B 189 26.70 -15.09 -61.03
CA LYS B 189 27.51 -16.01 -61.81
C LYS B 189 28.36 -16.95 -60.97
N TRP B 190 28.37 -16.76 -59.65
CA TRP B 190 29.13 -17.60 -58.73
C TRP B 190 28.19 -18.19 -57.68
N LEU B 191 28.55 -19.37 -57.19
CA LEU B 191 27.73 -20.08 -56.21
C LEU B 191 28.63 -20.63 -55.11
N TRP B 192 28.34 -20.26 -53.88
CA TRP B 192 29.01 -20.80 -52.69
C TRP B 192 28.03 -21.72 -51.98
N TYR B 193 28.49 -22.91 -51.61
CA TYR B 193 27.62 -23.87 -50.94
C TYR B 193 28.45 -24.79 -50.07
N SER B 194 27.81 -25.32 -49.03
CA SER B 194 28.44 -26.22 -48.07
C SER B 194 27.58 -27.49 -47.93
N GLN B 195 28.25 -28.61 -47.71
CA GLN B 195 27.57 -29.89 -47.57
C GLN B 195 28.24 -30.71 -46.48
N LEU B 196 27.44 -31.56 -45.83
CA LEU B 196 27.93 -32.42 -44.76
C LEU B 196 28.54 -33.69 -45.34
N ARG B 197 29.75 -34.01 -44.91
CA ARG B 197 30.44 -35.23 -45.31
C ARG B 197 30.61 -36.12 -44.09
N ALA B 198 30.07 -37.34 -44.17
CA ALA B 198 30.16 -38.26 -43.06
C ALA B 198 31.60 -38.74 -42.89
N LYS B 199 32.15 -38.54 -41.70
CA LYS B 199 33.51 -38.99 -41.42
C LYS B 199 33.53 -40.50 -41.29
N SER B 200 34.38 -41.16 -42.08
CA SER B 200 34.45 -42.62 -42.10
C SER B 200 35.75 -43.06 -41.45
N ASP B 201 35.64 -43.58 -40.23
CA ASP B 201 36.75 -44.21 -39.54
C ASP B 201 36.19 -45.09 -38.43
N GLY B 202 37.01 -46.02 -37.96
CA GLY B 202 36.63 -46.87 -36.87
C GLY B 202 36.42 -46.07 -35.59
N PRO B 203 35.66 -46.63 -34.65
CA PRO B 203 35.45 -45.94 -33.37
C PRO B 203 36.76 -45.83 -32.60
N ARG B 204 36.88 -44.74 -31.84
CA ARG B 204 38.11 -44.43 -31.13
C ARG B 204 37.80 -44.16 -29.67
N VAL B 205 38.86 -44.19 -28.86
CA VAL B 205 38.73 -43.95 -27.43
C VAL B 205 38.65 -42.45 -27.19
N ARG B 206 37.72 -42.03 -26.35
CA ARG B 206 37.48 -40.62 -26.05
C ARG B 206 37.88 -40.32 -24.61
N PHE B 207 38.33 -39.09 -24.38
CA PHE B 207 38.93 -38.74 -23.10
C PHE B 207 38.41 -37.40 -22.60
N ASP B 208 38.22 -37.32 -21.28
CA ASP B 208 38.01 -36.06 -20.55
C ASP B 208 36.80 -35.33 -21.14
N GLU B 209 36.96 -34.12 -21.68
CA GLU B 209 35.81 -33.35 -22.13
C GLU B 209 35.05 -34.03 -23.26
N GLU B 210 35.74 -34.89 -24.03
CA GLU B 210 35.04 -35.65 -25.06
C GLU B 210 33.98 -36.56 -24.45
N VAL B 211 34.29 -37.16 -23.30
CA VAL B 211 33.35 -38.06 -22.65
C VAL B 211 32.23 -37.28 -21.97
N THR B 212 32.56 -36.13 -21.37
CA THR B 212 31.56 -35.34 -20.67
C THR B 212 30.50 -34.78 -21.61
N ALA B 213 30.81 -34.64 -22.90
CA ALA B 213 29.81 -34.15 -23.85
C ALA B 213 28.78 -35.22 -24.20
N LEU B 214 29.06 -36.48 -23.89
CA LEU B 214 28.16 -37.60 -24.17
C LEU B 214 27.21 -37.89 -23.03
N LEU B 215 27.19 -37.06 -21.98
CA LEU B 215 26.41 -37.35 -20.79
C LEU B 215 24.94 -37.57 -21.12
N GLY B 216 24.37 -36.76 -22.00
CA GLY B 216 22.94 -36.81 -22.23
C GLY B 216 22.50 -37.55 -23.48
N ARG B 217 23.36 -38.42 -24.00
CA ARG B 217 23.06 -39.11 -25.25
C ARG B 217 21.93 -40.12 -25.05
N ARG B 218 20.88 -40.02 -25.86
CA ARG B 218 19.81 -40.99 -25.86
C ARG B 218 19.88 -42.01 -26.98
N ARG B 219 20.78 -41.86 -27.94
CA ARG B 219 20.76 -42.67 -29.15
C ARG B 219 22.14 -42.72 -29.77
N SER B 220 22.25 -43.46 -30.86
CA SER B 220 23.50 -43.55 -31.61
C SER B 220 23.72 -42.28 -32.41
N THR B 221 24.98 -41.88 -32.54
CA THR B 221 25.36 -40.71 -33.31
C THR B 221 26.57 -41.04 -34.18
N ILE B 222 26.68 -40.33 -35.30
CA ILE B 222 27.85 -40.45 -36.16
C ILE B 222 28.61 -39.14 -36.13
N ASP B 223 29.74 -39.08 -36.82
CA ASP B 223 30.57 -37.90 -36.85
C ASP B 223 30.75 -37.45 -38.31
N VAL B 224 30.66 -36.14 -38.54
CA VAL B 224 30.70 -35.59 -39.89
C VAL B 224 31.65 -34.39 -39.90
N GLU B 225 31.98 -33.97 -41.12
CA GLU B 225 32.70 -32.73 -41.35
C GLU B 225 31.92 -31.90 -42.38
N VAL B 226 32.17 -30.59 -42.37
CA VAL B 226 31.49 -29.65 -43.25
C VAL B 226 32.48 -29.18 -44.30
N ASP B 227 32.19 -29.47 -45.56
CA ASP B 227 33.03 -29.06 -46.67
C ASP B 227 32.44 -27.82 -47.33
N PHE B 228 33.31 -26.87 -47.68
CA PHE B 228 32.91 -25.61 -48.30
C PHE B 228 33.42 -25.58 -49.74
N PHE B 229 32.52 -25.29 -50.67
CA PHE B 229 32.84 -25.28 -52.09
C PHE B 229 32.50 -23.93 -52.71
N LEU B 230 33.05 -23.69 -53.89
CA LEU B 230 32.77 -22.49 -54.68
C LEU B 230 32.80 -22.86 -56.15
N ARG B 231 31.90 -22.27 -56.93
CA ARG B 231 31.74 -22.60 -58.33
C ARG B 231 31.96 -21.35 -59.19
N ASN B 232 32.83 -21.48 -60.18
CA ASN B 232 33.13 -20.39 -61.11
C ASN B 232 32.04 -20.34 -62.18
N PRO B 233 32.08 -19.36 -63.10
CA PRO B 233 31.02 -19.30 -64.13
C PRO B 233 31.11 -20.44 -65.14
N GLU B 234 32.26 -21.08 -65.27
CA GLU B 234 32.45 -22.16 -66.23
C GLU B 234 31.98 -23.51 -65.72
N GLY B 235 31.50 -23.59 -64.48
CA GLY B 235 30.98 -24.82 -63.94
C GLY B 235 31.94 -25.68 -63.16
N ASP B 236 33.16 -25.19 -62.89
CA ASP B 236 34.14 -25.94 -62.14
C ASP B 236 34.05 -25.58 -60.66
N THR B 237 34.06 -26.59 -59.81
CA THR B 237 33.98 -26.40 -58.36
C THR B 237 35.29 -26.76 -57.69
N THR B 238 35.61 -26.04 -56.62
CA THR B 238 36.79 -26.31 -55.82
C THR B 238 36.43 -26.17 -54.34
N ARG B 239 37.11 -26.95 -53.51
CA ARG B 239 36.82 -26.99 -52.08
C ARG B 239 37.65 -25.93 -51.35
N ILE B 240 36.96 -25.03 -50.66
CA ILE B 240 37.65 -23.99 -49.89
C ILE B 240 38.42 -24.60 -48.73
N MET B 241 37.72 -25.34 -47.87
CA MET B 241 38.31 -25.94 -46.67
C MET B 241 37.30 -26.92 -46.09
N ALA B 242 37.66 -27.51 -44.95
CA ALA B 242 36.79 -28.41 -44.21
C ALA B 242 36.78 -28.01 -42.75
N ARG B 243 35.63 -28.20 -42.10
CA ARG B 243 35.48 -27.80 -40.71
C ARG B 243 35.01 -28.97 -39.85
N PRO B 244 35.49 -29.07 -38.62
CA PRO B 244 35.08 -30.17 -37.74
C PRO B 244 33.66 -29.98 -37.22
N SER B 245 33.12 -31.07 -36.66
CA SER B 245 31.79 -31.04 -36.06
C SER B 245 31.67 -30.02 -34.95
N THR B 246 32.79 -29.61 -34.34
CA THR B 246 32.77 -28.65 -33.24
C THR B 246 32.47 -27.24 -33.69
N ASP B 247 32.38 -26.98 -34.99
CA ASP B 247 32.11 -25.65 -35.51
C ASP B 247 30.60 -25.51 -35.66
N ARG B 248 30.00 -24.64 -34.84
CA ARG B 248 28.53 -24.57 -34.78
C ARG B 248 27.97 -23.77 -35.95
N VAL B 249 28.59 -22.64 -36.31
CA VAL B 249 28.07 -21.84 -37.41
C VAL B 249 28.25 -22.57 -38.73
N ALA B 250 29.24 -23.46 -38.82
CA ALA B 250 29.42 -24.25 -40.03
C ALA B 250 28.34 -25.31 -40.17
N THR B 251 28.01 -26.00 -39.08
CA THR B 251 26.98 -27.03 -39.13
C THR B 251 25.59 -26.42 -39.18
N ARG B 252 25.33 -25.42 -38.35
CA ARG B 252 24.04 -24.73 -38.38
C ARG B 252 24.06 -23.70 -39.50
N VAL B 257 27.81 -14.92 -45.11
CA VAL B 257 28.89 -14.85 -46.10
C VAL B 257 28.71 -13.63 -47.00
N LEU B 258 29.76 -12.83 -47.12
CA LEU B 258 29.75 -11.63 -47.94
C LEU B 258 30.78 -11.73 -49.05
N TRP B 259 30.54 -10.99 -50.12
CA TRP B 259 31.41 -10.95 -51.30
C TRP B 259 32.04 -9.57 -51.38
N ARG B 260 33.37 -9.51 -51.27
CA ARG B 260 34.09 -8.25 -51.24
C ARG B 260 35.25 -8.31 -52.24
N GLY B 261 35.19 -7.48 -53.27
CA GLY B 261 36.31 -7.37 -54.19
C GLY B 261 36.69 -8.70 -54.80
N ASN B 262 37.95 -9.08 -54.61
CA ASN B 262 38.47 -10.36 -55.07
C ASN B 262 38.21 -11.49 -54.09
N GLU B 263 37.51 -11.23 -52.99
CA GLU B 263 37.43 -12.17 -51.89
C GLU B 263 35.99 -12.61 -51.64
N VAL B 264 35.86 -13.78 -51.03
CA VAL B 264 34.61 -14.27 -50.46
C VAL B 264 34.90 -14.70 -49.02
N GLN B 265 34.13 -14.17 -48.08
CA GLN B 265 34.44 -14.32 -46.66
C GLN B 265 33.21 -14.79 -45.88
N PHE B 266 33.43 -15.74 -44.99
CA PHE B 266 32.39 -16.28 -44.13
C PHE B 266 32.94 -16.49 -42.73
N ARG B 267 32.05 -16.73 -41.78
CA ARG B 267 32.39 -16.82 -40.36
C ARG B 267 32.51 -18.28 -39.93
N ILE B 268 33.53 -18.58 -39.14
CA ILE B 268 33.74 -19.91 -38.58
C ILE B 268 34.09 -19.78 -37.10
N GLU B 269 33.94 -20.90 -36.39
CA GLU B 269 34.29 -20.99 -34.97
C GLU B 269 35.38 -22.05 -34.79
N THR B 270 36.31 -21.78 -33.87
CA THR B 270 37.46 -22.65 -33.68
C THR B 270 37.68 -22.89 -32.19
N SER B 271 38.04 -24.12 -31.85
CA SER B 271 38.41 -24.51 -30.49
C SER B 271 37.31 -24.19 -29.47
N GLU B 280 36.26 -16.79 -35.88
CA GLU B 280 36.96 -15.81 -36.71
C GLU B 280 36.22 -15.59 -38.03
N PHE B 281 36.64 -14.58 -38.78
CA PHE B 281 36.15 -14.31 -40.12
C PHE B 281 37.27 -14.69 -41.09
N VAL B 282 37.05 -15.74 -41.88
CA VAL B 282 38.04 -16.25 -42.82
C VAL B 282 37.61 -15.91 -44.23
N ALA B 283 38.57 -15.46 -45.04
CA ALA B 283 38.31 -15.03 -46.41
C ALA B 283 39.05 -15.93 -47.38
N TRP B 284 38.38 -16.29 -48.48
CA TRP B 284 38.94 -17.14 -49.52
C TRP B 284 39.11 -16.33 -50.80
N ASN B 285 40.30 -16.43 -51.40
CA ASN B 285 40.58 -15.74 -52.65
C ASN B 285 40.08 -16.58 -53.82
N ARG B 286 39.35 -15.93 -54.74
CA ARG B 286 38.66 -16.66 -55.81
C ARG B 286 39.56 -16.91 -57.02
N VAL B 287 40.72 -16.27 -57.10
CA VAL B 287 41.72 -16.56 -58.12
C VAL B 287 42.99 -17.16 -57.51
N ASN B 288 43.63 -16.44 -56.59
CA ASN B 288 44.83 -16.95 -55.93
C ASN B 288 44.58 -18.27 -55.21
N ARG B 289 43.33 -18.51 -54.79
CA ARG B 289 42.94 -19.72 -54.07
C ARG B 289 43.71 -19.87 -52.76
N THR B 290 43.75 -18.79 -51.99
CA THR B 290 44.39 -18.76 -50.68
C THR B 290 43.39 -18.31 -49.63
N VAL B 291 43.72 -18.60 -48.37
CA VAL B 291 42.88 -18.26 -47.24
C VAL B 291 43.66 -17.38 -46.27
N ARG B 292 42.92 -16.58 -45.50
CA ARG B 292 43.50 -15.73 -44.48
C ARG B 292 42.42 -15.37 -43.47
N THR B 293 42.78 -14.54 -42.50
CA THR B 293 41.86 -14.13 -41.45
C THR B 293 41.90 -12.62 -41.22
N MET B 303 29.85 -7.19 -39.80
CA MET B 303 29.20 -8.01 -40.82
C MET B 303 27.81 -8.46 -40.37
N SER B 304 27.35 -7.89 -39.27
CA SER B 304 26.06 -8.26 -38.72
C SER B 304 24.92 -7.73 -39.58
N ILE B 305 23.75 -8.34 -39.40
CA ILE B 305 22.53 -7.94 -40.10
C ILE B 305 22.05 -6.66 -39.42
N LEU B 306 20.98 -6.04 -39.94
CA LEU B 306 20.44 -4.77 -39.41
C LEU B 306 21.45 -3.63 -39.55
N VAL B 307 21.98 -3.48 -40.77
CA VAL B 307 22.83 -2.35 -41.12
C VAL B 307 21.99 -1.37 -41.95
N GLY B 308 22.16 -0.08 -41.67
CA GLY B 308 21.31 0.94 -42.25
C GLY B 308 21.93 1.69 -43.40
N PRO B 309 21.27 2.78 -43.82
CA PRO B 309 21.75 3.52 -44.99
C PRO B 309 23.11 4.19 -44.79
N ARG B 310 23.50 4.48 -43.54
CA ARG B 310 24.82 5.04 -43.29
C ARG B 310 25.91 3.98 -43.23
N GLY B 311 25.54 2.70 -43.14
CA GLY B 311 26.51 1.63 -42.99
C GLY B 311 26.76 1.20 -41.57
N GLY B 312 25.99 1.71 -40.60
CA GLY B 312 26.15 1.35 -39.21
C GLY B 312 25.11 0.34 -38.73
N GLN B 313 25.27 -0.07 -37.48
CA GLN B 313 24.43 -1.10 -36.89
C GLN B 313 23.17 -0.49 -36.29
N LEU B 314 22.04 -1.16 -36.52
CA LEU B 314 20.76 -0.72 -35.99
C LEU B 314 20.52 -1.30 -34.60
N SER B 315 19.93 -0.49 -33.73
CA SER B 315 19.53 -0.95 -32.40
C SER B 315 18.45 -0.03 -31.88
N THR B 316 17.70 -0.54 -30.89
CA THR B 316 16.70 0.25 -30.19
C THR B 316 17.11 0.36 -28.72
N SER B 317 17.21 1.59 -28.24
CA SER B 317 17.65 1.87 -26.87
C SER B 317 16.48 2.43 -26.06
N GLY B 318 16.54 2.21 -24.76
CA GLY B 318 15.53 2.71 -23.84
C GLY B 318 14.61 1.60 -23.34
N LEU B 319 13.76 1.99 -22.39
CA LEU B 319 12.85 1.07 -21.74
C LEU B 319 11.48 1.72 -21.64
N GLY B 320 10.50 0.91 -21.25
CA GLY B 320 9.15 1.42 -21.04
C GLY B 320 8.28 1.46 -22.29
N SER B 321 7.44 2.50 -22.38
CA SER B 321 6.41 2.54 -23.40
C SER B 321 6.99 2.65 -24.81
N ASP B 322 8.15 3.28 -24.95
CA ASP B 322 8.71 3.51 -26.28
C ASP B 322 10.23 3.53 -26.20
N ARG B 323 10.86 3.07 -27.28
CA ARG B 323 12.31 3.08 -27.44
C ARG B 323 12.69 4.16 -28.44
N GLU B 324 14.00 4.25 -28.72
CA GLU B 324 14.52 5.17 -29.73
C GLU B 324 15.43 4.39 -30.66
N LEU B 325 15.09 4.38 -31.95
CA LEU B 325 15.91 3.70 -32.95
C LEU B 325 17.17 4.51 -33.24
N ILE B 326 18.31 3.82 -33.29
CA ILE B 326 19.60 4.49 -33.40
C ILE B 326 20.53 3.63 -34.22
N GLU B 327 21.43 4.29 -34.96
CA GLU B 327 22.42 3.62 -35.79
C GLU B 327 23.82 4.03 -35.34
N THR B 328 24.67 3.04 -35.09
CA THR B 328 26.02 3.26 -34.60
C THR B 328 27.04 2.92 -35.68
N SER B 329 27.90 3.88 -36.01
CA SER B 329 28.91 3.69 -37.04
C SER B 329 29.96 2.64 -36.64
N ARG B 333 30.19 6.37 -33.93
CA ARG B 333 29.39 7.54 -33.61
C ARG B 333 27.90 7.24 -33.79
N PRO B 334 27.14 7.36 -32.70
CA PRO B 334 25.71 7.07 -32.78
C PRO B 334 24.93 8.16 -33.50
N HIS B 335 23.93 7.75 -34.28
CA HIS B 335 23.01 8.66 -34.95
C HIS B 335 21.59 8.17 -34.71
N SER B 336 20.79 9.00 -34.03
CA SER B 336 19.45 8.63 -33.62
C SER B 336 18.41 9.10 -34.63
N TYR B 337 17.45 8.23 -34.93
CA TYR B 337 16.34 8.55 -35.82
C TYR B 337 15.09 9.00 -35.06
N GLY B 338 15.14 9.10 -33.75
CA GLY B 338 14.02 9.50 -32.94
C GLY B 338 13.41 8.33 -32.19
N ARG B 339 12.32 8.64 -31.48
CA ARG B 339 11.63 7.63 -30.68
C ARG B 339 10.72 6.77 -31.55
N VAL B 340 10.62 5.50 -31.20
CA VAL B 340 9.80 4.54 -31.95
C VAL B 340 9.01 3.68 -30.97
N ALA B 341 7.84 3.24 -31.42
CA ALA B 341 6.93 2.43 -30.62
C ALA B 341 7.10 0.94 -30.85
N PHE B 342 8.09 0.52 -31.64
CA PHE B 342 8.24 -0.88 -32.03
C PHE B 342 9.60 -1.41 -31.62
N ASP B 343 9.72 -2.74 -31.61
CA ASP B 343 10.98 -3.42 -31.40
C ASP B 343 11.52 -3.94 -32.73
N ILE B 344 12.84 -3.94 -32.84
CA ILE B 344 13.49 -4.15 -34.13
C ILE B 344 14.00 -5.59 -34.24
N GLY B 345 13.93 -6.13 -35.44
CA GLY B 345 14.65 -7.35 -35.78
C GLY B 345 14.20 -8.60 -35.07
N ASP B 346 12.89 -8.75 -34.89
CA ASP B 346 12.38 -9.99 -34.32
C ASP B 346 12.46 -11.11 -35.35
N SER B 347 12.73 -12.32 -34.86
CA SER B 347 12.83 -13.47 -35.75
C SER B 347 11.50 -13.82 -36.41
N ARG B 348 10.38 -13.38 -35.82
CA ARG B 348 9.06 -13.63 -36.37
C ARG B 348 8.60 -12.55 -37.33
N SER B 349 9.35 -11.45 -37.46
CA SER B 349 8.95 -10.32 -38.29
C SER B 349 9.46 -10.54 -39.72
N ALA B 350 9.35 -9.49 -40.55
CA ALA B 350 9.73 -9.58 -41.96
C ALA B 350 11.23 -9.65 -42.18
N GLY B 351 12.04 -9.48 -41.14
CA GLY B 351 13.48 -9.54 -41.32
C GLY B 351 14.08 -8.21 -41.73
N TRP B 352 15.13 -8.25 -42.54
CA TRP B 352 15.86 -7.05 -42.92
C TRP B 352 16.35 -7.19 -44.36
N LYS B 353 16.30 -6.08 -45.10
CA LYS B 353 16.77 -6.06 -46.48
C LYS B 353 17.32 -4.67 -46.80
N ARG B 354 18.39 -4.65 -47.61
CA ARG B 354 19.07 -3.42 -47.98
C ARG B 354 19.03 -3.24 -49.49
N SER B 355 18.83 -2.00 -49.93
CA SER B 355 18.83 -1.68 -51.35
C SER B 355 20.24 -1.82 -51.92
N ARG B 356 20.31 -1.96 -53.24
CA ARG B 356 21.61 -2.14 -53.90
C ARG B 356 22.49 -0.92 -53.72
N ASP B 357 21.94 0.28 -53.93
CA ASP B 357 22.72 1.50 -53.75
C ASP B 357 23.03 1.77 -52.28
N GLY B 358 22.24 1.24 -51.37
CA GLY B 358 22.50 1.39 -49.95
C GLY B 358 21.84 2.58 -49.28
N LYS B 359 20.98 3.32 -49.99
CA LYS B 359 20.32 4.48 -49.42
C LYS B 359 18.98 4.16 -48.77
N ARG B 360 18.49 2.93 -48.90
CA ARG B 360 17.18 2.56 -48.36
C ARG B 360 17.25 1.15 -47.80
N VAL B 361 16.66 0.96 -46.62
CA VAL B 361 16.59 -0.35 -45.97
C VAL B 361 15.20 -0.51 -45.36
N VAL B 362 14.75 -1.76 -45.28
CA VAL B 362 13.46 -2.11 -44.69
C VAL B 362 13.70 -3.14 -43.60
N ILE B 363 13.01 -2.97 -42.46
CA ILE B 363 13.17 -3.85 -41.32
C ILE B 363 11.79 -4.29 -40.83
N GLY B 364 11.73 -5.52 -40.32
CA GLY B 364 10.51 -5.97 -39.66
C GLY B 364 10.40 -5.40 -38.25
N THR B 365 9.18 -5.03 -37.89
CA THR B 365 8.91 -4.40 -36.60
C THR B 365 7.92 -5.23 -35.81
N ARG B 366 8.00 -5.12 -34.48
CA ARG B 366 6.99 -5.65 -33.58
C ARG B 366 6.54 -4.53 -32.66
N GLY B 367 5.29 -4.11 -32.80
CA GLY B 367 4.81 -2.98 -32.01
C GLY B 367 4.58 -3.37 -30.55
N LEU B 368 5.01 -2.49 -29.66
CA LEU B 368 4.67 -2.61 -28.25
C LEU B 368 3.18 -2.25 -28.07
N GLY B 369 2.60 -2.66 -26.95
CA GLY B 369 1.15 -2.58 -26.92
C GLY B 369 0.55 -3.62 -27.82
N ASP B 370 -0.11 -3.18 -28.90
CA ASP B 370 -0.92 -4.00 -29.80
C ASP B 370 -0.28 -5.34 -30.17
N ALA B 371 1.05 -5.40 -30.23
CA ALA B 371 1.82 -6.57 -30.63
C ALA B 371 1.44 -7.01 -32.04
N ARG B 372 1.82 -6.15 -32.99
CA ARG B 372 1.52 -6.33 -34.41
C ARG B 372 2.79 -6.13 -35.21
N TYR B 373 3.02 -7.02 -36.18
CA TYR B 373 4.22 -6.96 -36.99
C TYR B 373 4.01 -6.05 -38.20
N GLY B 374 5.05 -5.31 -38.55
CA GLY B 374 4.99 -4.39 -39.67
C GLY B 374 6.38 -4.12 -40.21
N LEU B 375 6.44 -3.19 -41.16
CA LEU B 375 7.69 -2.80 -41.79
C LEU B 375 8.00 -1.34 -41.49
N ALA B 376 9.28 -1.00 -41.52
CA ALA B 376 9.75 0.36 -41.32
C ALA B 376 10.74 0.71 -42.43
N LEU B 377 10.50 1.84 -43.08
CA LEU B 377 11.34 2.29 -44.19
C LEU B 377 12.34 3.30 -43.67
N ILE B 378 13.62 2.95 -43.72
CA ILE B 378 14.71 3.79 -43.24
C ILE B 378 15.48 4.33 -44.45
N ASP B 379 15.77 5.62 -44.42
CA ASP B 379 16.53 6.27 -45.49
C ASP B 379 17.23 7.49 -44.92
N LYS B 380 17.78 8.32 -45.82
CA LYS B 380 18.50 9.51 -45.38
C LYS B 380 17.61 10.44 -44.57
N THR B 381 16.37 10.66 -45.03
CA THR B 381 15.43 11.51 -44.33
C THR B 381 15.22 11.04 -42.90
N GLY B 382 14.65 9.85 -42.75
CA GLY B 382 14.36 9.31 -41.44
C GLY B 382 13.77 7.93 -41.56
N VAL B 383 13.08 7.50 -40.51
CA VAL B 383 12.41 6.20 -40.48
C VAL B 383 10.90 6.47 -40.54
N ARG B 384 10.25 5.95 -41.56
CA ARG B 384 8.80 6.03 -41.72
C ARG B 384 8.26 4.62 -41.88
N GLU B 385 7.45 4.17 -40.94
CA GLU B 385 6.93 2.82 -40.94
C GLU B 385 5.50 2.79 -41.46
N LEU B 386 5.18 1.74 -42.21
CA LEU B 386 3.83 1.48 -42.66
C LEU B 386 3.38 0.15 -42.08
N ARG B 387 2.17 0.11 -41.56
CA ARG B 387 1.56 -1.11 -41.06
C ARG B 387 0.18 -1.23 -41.69
N ALA B 388 -0.51 -2.32 -41.38
CA ALA B 388 -1.80 -2.63 -41.99
C ALA B 388 -2.84 -2.86 -40.92
N ASP B 389 -4.07 -3.16 -41.35
CA ASP B 389 -5.13 -3.52 -40.43
C ASP B 389 -4.86 -4.85 -39.72
N ALA B 390 -3.85 -5.59 -40.15
CA ALA B 390 -3.45 -6.84 -39.53
C ALA B 390 -1.93 -6.89 -39.52
N SER B 391 -1.38 -8.05 -39.15
CA SER B 391 0.07 -8.21 -39.02
C SER B 391 0.68 -8.69 -40.33
N LEU B 392 1.86 -8.17 -40.65
CA LEU B 392 2.62 -8.56 -41.84
C LEU B 392 3.84 -9.33 -41.38
N THR B 393 3.87 -10.64 -41.66
CA THR B 393 4.90 -11.51 -41.14
C THR B 393 6.01 -11.75 -42.14
N ARG B 394 5.74 -12.51 -43.21
CA ARG B 394 6.74 -12.84 -44.21
C ARG B 394 6.58 -11.94 -45.42
N CYS B 395 7.69 -11.40 -45.92
CA CYS B 395 7.69 -10.48 -47.03
C CYS B 395 8.85 -10.77 -47.98
N GLY B 396 8.55 -10.82 -49.27
CA GLY B 396 9.58 -10.79 -50.30
C GLY B 396 9.75 -9.37 -50.83
N PHE B 397 10.90 -9.12 -51.45
CA PHE B 397 11.21 -7.79 -51.95
C PHE B 397 11.84 -7.90 -53.34
N ASP B 398 11.73 -6.81 -54.09
CA ASP B 398 12.36 -6.69 -55.39
C ASP B 398 13.77 -6.12 -55.23
N GLY B 399 14.46 -5.93 -56.35
CA GLY B 399 15.83 -5.43 -56.29
C GLY B 399 15.91 -3.97 -55.89
N MET B 400 14.97 -3.16 -56.36
CA MET B 400 14.98 -1.73 -56.10
C MET B 400 14.30 -1.36 -54.78
N LEU B 401 13.78 -2.34 -54.04
CA LEU B 401 13.14 -2.11 -52.74
C LEU B 401 11.94 -1.18 -52.84
N ARG B 402 11.30 -1.14 -54.01
CA ARG B 402 10.13 -0.29 -54.22
C ARG B 402 8.81 -1.05 -54.09
N SER B 403 8.84 -2.36 -53.88
CA SER B 403 7.61 -3.13 -53.78
C SER B 403 7.88 -4.39 -52.98
N ALA B 404 6.79 -4.97 -52.45
CA ALA B 404 6.90 -6.17 -51.64
C ALA B 404 5.61 -6.98 -51.76
N ILE B 405 5.76 -8.30 -51.65
CA ILE B 405 4.63 -9.20 -51.50
C ILE B 405 4.73 -9.86 -50.13
N CYS B 406 3.65 -9.76 -49.35
CA CYS B 406 3.70 -10.11 -47.94
C CYS B 406 2.52 -11.02 -47.58
N VAL B 407 2.62 -11.62 -46.40
CA VAL B 407 1.57 -12.45 -45.84
C VAL B 407 0.87 -11.64 -44.76
N GLU B 408 -0.37 -11.23 -45.03
CA GLU B 408 -1.15 -10.52 -44.03
C GLU B 408 -1.82 -11.52 -43.09
N GLU B 409 -1.63 -11.32 -41.79
CA GLU B 409 -2.04 -12.30 -40.80
C GLU B 409 -2.64 -11.59 -39.60
N GLY B 410 -3.64 -12.22 -38.98
CA GLY B 410 -4.29 -11.65 -37.83
C GLY B 410 -4.73 -12.75 -36.88
N MET B 411 -5.10 -12.34 -35.66
CA MET B 411 -5.44 -13.31 -34.62
C MET B 411 -6.62 -14.17 -35.05
N SER B 412 -7.75 -13.55 -35.37
CA SER B 412 -8.92 -14.25 -35.88
C SER B 412 -8.99 -14.24 -37.41
N ARG B 413 -8.03 -13.61 -38.07
CA ARG B 413 -8.04 -13.49 -39.53
C ARG B 413 -7.11 -14.51 -40.13
N PRO B 414 -7.58 -15.39 -41.01
CA PRO B 414 -6.69 -16.35 -41.67
C PRO B 414 -5.67 -15.64 -42.55
N PRO B 415 -4.54 -16.28 -42.85
CA PRO B 415 -3.50 -15.60 -43.62
C PRO B 415 -3.92 -15.36 -45.07
N ARG B 416 -3.42 -14.24 -45.62
CA ARG B 416 -3.72 -13.85 -46.98
C ARG B 416 -2.48 -13.27 -47.63
N LEU B 417 -2.41 -13.39 -48.95
CA LEU B 417 -1.36 -12.74 -49.73
C LEU B 417 -1.76 -11.30 -50.02
N VAL B 418 -0.83 -10.37 -49.84
CA VAL B 418 -1.05 -8.96 -50.15
C VAL B 418 0.20 -8.42 -50.83
N ARG B 419 0.00 -7.34 -51.60
CA ARG B 419 1.08 -6.65 -52.28
C ARG B 419 1.21 -5.24 -51.69
N VAL B 420 2.44 -4.85 -51.40
CA VAL B 420 2.72 -3.57 -50.76
C VAL B 420 3.59 -2.74 -51.70
N ASP B 421 3.12 -1.54 -52.03
CA ASP B 421 3.94 -0.57 -52.75
C ASP B 421 4.60 0.33 -51.73
N LEU B 422 5.93 0.23 -51.62
CA LEU B 422 6.64 0.93 -50.56
C LEU B 422 6.72 2.43 -50.79
N GLY B 423 6.56 2.88 -52.03
CA GLY B 423 6.54 4.31 -52.31
C GLY B 423 5.24 4.97 -51.92
N THR B 424 4.11 4.36 -52.29
CA THR B 424 2.79 4.94 -52.03
C THR B 424 2.15 4.41 -50.76
N ASP B 425 2.77 3.43 -50.09
CA ASP B 425 2.25 2.86 -48.85
C ASP B 425 0.85 2.28 -49.02
N LYS B 426 0.54 1.81 -50.24
CA LYS B 426 -0.77 1.25 -50.55
C LYS B 426 -0.68 -0.27 -50.54
N ILE B 427 -1.59 -0.92 -49.84
CA ILE B 427 -1.65 -2.38 -49.74
C ILE B 427 -2.80 -2.86 -50.62
N THR B 428 -2.46 -3.58 -51.69
CA THR B 428 -3.46 -4.19 -52.56
C THR B 428 -3.59 -5.66 -52.20
N ASP B 429 -4.82 -6.11 -51.99
CA ASP B 429 -5.08 -7.45 -51.49
C ASP B 429 -5.14 -8.47 -52.63
N LEU B 430 -4.60 -9.66 -52.37
CA LEU B 430 -4.66 -10.80 -53.26
C LEU B 430 -5.45 -11.91 -52.59
N GLY B 431 -5.52 -13.07 -53.25
CA GLY B 431 -6.32 -14.18 -52.78
C GLY B 431 -5.87 -14.72 -51.44
N PRO B 432 -6.76 -15.44 -50.76
CA PRO B 432 -6.41 -16.02 -49.46
C PRO B 432 -5.48 -17.23 -49.61
N ILE B 433 -4.75 -17.50 -48.54
CA ILE B 433 -3.77 -18.61 -48.56
C ILE B 433 -4.48 -19.94 -48.40
N SER B 434 -5.39 -20.04 -47.44
CA SER B 434 -6.06 -21.30 -47.10
C SER B 434 -7.57 -21.11 -47.20
N PRO B 435 -8.16 -21.39 -48.37
CA PRO B 435 -9.62 -21.29 -48.49
C PRO B 435 -10.38 -22.17 -47.51
N ARG B 436 -9.73 -23.20 -46.96
CA ARG B 436 -10.38 -24.03 -45.95
C ARG B 436 -10.70 -23.24 -44.69
N HIS B 437 -9.80 -22.33 -44.31
CA HIS B 437 -10.00 -21.56 -43.08
C HIS B 437 -10.77 -20.26 -43.31
N GLU B 438 -11.01 -19.87 -44.55
CA GLU B 438 -11.84 -18.71 -44.83
C GLU B 438 -13.32 -18.98 -44.60
N GLU B 439 -13.73 -20.24 -44.63
CA GLU B 439 -15.11 -20.63 -44.41
C GLU B 439 -15.43 -20.83 -42.92
N ILE B 440 -14.45 -20.66 -42.04
CA ILE B 440 -14.67 -20.79 -40.61
C ILE B 440 -15.03 -19.42 -40.05
N GLU B 441 -16.07 -19.38 -39.22
CA GLU B 441 -16.49 -18.12 -38.63
C GLU B 441 -15.43 -17.63 -37.65
N PRO B 442 -15.05 -16.35 -37.68
CA PRO B 442 -14.05 -15.85 -36.73
C PRO B 442 -14.61 -15.85 -35.31
N LEU B 443 -13.83 -16.39 -34.38
CA LEU B 443 -14.18 -16.32 -32.97
C LEU B 443 -13.89 -14.93 -32.42
N GLN B 444 -14.55 -14.59 -31.32
CA GLN B 444 -14.35 -13.27 -30.72
C GLN B 444 -13.05 -13.28 -29.93
N THR B 445 -12.11 -12.43 -30.35
CA THR B 445 -10.82 -12.27 -29.68
C THR B 445 -10.60 -10.80 -29.41
N ILE B 446 -10.53 -10.42 -28.13
CA ILE B 446 -10.27 -9.05 -27.73
C ILE B 446 -8.91 -8.99 -27.06
N ALA B 447 -8.02 -8.15 -27.59
CA ALA B 447 -6.70 -8.00 -27.02
C ALA B 447 -6.76 -7.12 -25.77
N ARG B 448 -6.19 -7.62 -24.68
CA ARG B 448 -6.20 -6.86 -23.43
C ARG B 448 -4.87 -7.07 -22.71
N THR B 449 -4.40 -6.02 -22.06
CA THR B 449 -3.20 -6.07 -21.23
C THR B 449 -3.59 -5.95 -19.77
N PHE B 450 -2.83 -6.61 -18.90
CA PHE B 450 -3.16 -6.72 -17.50
C PHE B 450 -1.98 -6.26 -16.65
N VAL B 451 -2.23 -5.34 -15.72
CA VAL B 451 -1.25 -4.93 -14.72
C VAL B 451 -1.46 -5.78 -13.48
N SER B 452 -0.36 -6.15 -12.83
CA SER B 452 -0.38 -7.09 -11.72
C SER B 452 -0.05 -6.38 -10.41
N ARG B 453 -0.01 -7.17 -9.34
CA ARG B 453 0.24 -6.62 -8.01
C ARG B 453 1.64 -6.01 -7.90
N ASP B 454 2.58 -6.49 -8.71
CA ASP B 454 3.95 -5.98 -8.69
C ASP B 454 4.15 -4.80 -9.61
N GLY B 455 3.10 -4.35 -10.30
CA GLY B 455 3.19 -3.21 -11.18
C GLY B 455 3.63 -3.50 -12.60
N TYR B 456 3.64 -4.76 -13.01
CA TYR B 456 4.06 -5.15 -14.35
C TYR B 456 2.86 -5.47 -15.21
N TRP B 457 2.95 -5.12 -16.50
CA TRP B 457 1.88 -5.36 -17.45
C TRP B 457 2.25 -6.51 -18.39
N SER B 458 1.25 -7.26 -18.80
CA SER B 458 1.43 -8.41 -19.67
C SER B 458 0.38 -8.36 -20.79
N SER B 459 0.85 -8.30 -22.03
CA SER B 459 -0.04 -8.30 -23.18
C SER B 459 -0.57 -9.70 -23.47
N GLY B 460 -1.75 -9.76 -24.08
CA GLY B 460 -2.34 -11.04 -24.41
C GLY B 460 -3.65 -10.86 -25.14
N TYR B 461 -4.37 -11.98 -25.26
CA TYR B 461 -5.65 -12.02 -25.95
C TYR B 461 -6.65 -12.83 -25.13
N VAL B 462 -7.89 -12.36 -25.08
CA VAL B 462 -8.99 -13.08 -24.44
C VAL B 462 -9.88 -13.64 -25.54
N LEU B 463 -9.98 -14.96 -25.58
CA LEU B 463 -10.78 -15.65 -26.59
C LEU B 463 -12.12 -16.06 -25.96
N LEU B 464 -13.22 -15.51 -26.51
CA LEU B 464 -14.54 -15.79 -25.99
C LEU B 464 -15.12 -17.05 -26.61
N PRO B 465 -15.96 -17.78 -25.88
CA PRO B 465 -16.57 -19.00 -26.43
C PRO B 465 -17.64 -18.65 -27.45
N ARG B 466 -18.01 -19.66 -28.24
CA ARG B 466 -19.09 -19.51 -29.19
C ARG B 466 -20.43 -19.38 -28.46
N GLY B 467 -21.29 -18.50 -28.97
CA GLY B 467 -22.56 -18.26 -28.33
C GLY B 467 -22.45 -17.48 -27.04
N HIS B 468 -21.48 -16.57 -26.94
CA HIS B 468 -21.26 -15.80 -25.74
C HIS B 468 -22.05 -14.50 -25.78
N ARG B 469 -22.73 -14.19 -24.68
CA ARG B 469 -23.39 -12.91 -24.47
C ARG B 469 -22.86 -12.30 -23.18
N ALA B 470 -23.12 -11.01 -23.00
CA ALA B 470 -22.66 -10.31 -21.82
C ALA B 470 -23.21 -10.96 -20.55
N ALA B 471 -22.44 -10.87 -19.47
CA ALA B 471 -22.80 -11.43 -18.16
C ALA B 471 -22.98 -12.94 -18.22
N ASP B 472 -21.97 -13.62 -18.78
CA ASP B 472 -21.93 -15.08 -18.82
C ASP B 472 -20.69 -15.57 -18.09
N ARG B 473 -20.85 -16.59 -17.26
CA ARG B 473 -19.75 -17.23 -16.56
C ARG B 473 -19.34 -18.48 -17.33
N HIS B 474 -18.03 -18.65 -17.51
CA HIS B 474 -17.49 -19.78 -18.28
C HIS B 474 -16.25 -20.32 -17.60
N PRO B 475 -15.97 -21.61 -17.76
CA PRO B 475 -14.70 -22.16 -17.28
C PRO B 475 -13.54 -21.68 -18.15
N ALA B 476 -12.38 -21.49 -17.52
CA ALA B 476 -11.26 -20.83 -18.15
C ALA B 476 -10.08 -21.77 -18.31
N VAL B 477 -9.26 -21.50 -19.33
CA VAL B 477 -7.98 -22.18 -19.55
C VAL B 477 -6.97 -21.12 -19.98
N VAL B 478 -5.84 -21.07 -19.28
CA VAL B 478 -4.78 -20.09 -19.57
C VAL B 478 -3.68 -20.79 -20.34
N VAL B 479 -3.26 -20.19 -21.45
CA VAL B 479 -2.23 -20.74 -22.32
C VAL B 479 -1.13 -19.68 -22.47
N THR B 480 0.09 -20.04 -22.12
CA THR B 480 1.21 -19.11 -22.14
C THR B 480 2.45 -19.77 -22.72
N HIS B 481 3.02 -19.16 -23.76
CA HIS B 481 4.39 -19.45 -24.17
C HIS B 481 5.09 -18.13 -24.44
N GLY B 482 6.09 -17.81 -23.61
CA GLY B 482 6.96 -16.68 -23.86
C GLY B 482 6.22 -15.40 -24.17
N THR B 483 6.70 -14.70 -25.20
CA THR B 483 6.08 -13.50 -25.75
C THR B 483 5.16 -13.79 -26.93
N ASP B 484 4.91 -15.07 -27.22
CA ASP B 484 4.36 -15.49 -28.51
C ASP B 484 2.86 -15.31 -28.63
N ALA B 485 2.19 -14.74 -27.63
CA ALA B 485 0.79 -14.34 -27.79
C ALA B 485 0.78 -12.94 -28.40
N ASP B 486 0.28 -12.85 -29.62
CA ASP B 486 0.42 -11.65 -30.45
C ASP B 486 -0.70 -11.70 -31.48
N ASP B 487 -0.59 -10.87 -32.51
CA ASP B 487 -1.58 -10.87 -33.59
C ASP B 487 -1.00 -11.71 -34.72
N ARG B 488 -1.47 -12.96 -34.80
CA ARG B 488 -1.11 -13.93 -35.82
C ARG B 488 -2.19 -15.01 -35.80
N PHE B 489 -2.29 -15.77 -36.89
CA PHE B 489 -3.35 -16.76 -37.03
C PHE B 489 -2.85 -18.12 -36.56
N ALA B 490 -3.37 -18.59 -35.42
CA ALA B 490 -3.14 -19.93 -34.91
C ALA B 490 -1.66 -20.31 -34.96
N GLU B 491 -0.82 -19.43 -34.45
CA GLU B 491 0.62 -19.65 -34.49
C GLU B 491 0.98 -20.87 -33.64
N PRO B 492 1.58 -21.90 -34.23
CA PRO B 492 1.88 -23.12 -33.44
C PRO B 492 2.95 -22.91 -32.38
N ALA B 493 3.79 -21.88 -32.51
CA ALA B 493 4.77 -21.59 -31.48
C ALA B 493 4.12 -21.20 -30.16
N ASN B 494 2.86 -20.75 -30.20
CA ASN B 494 2.13 -20.36 -29.01
C ASN B 494 1.17 -21.46 -28.56
N GLN B 495 0.19 -21.81 -29.39
CA GLN B 495 -0.82 -22.79 -29.01
C GLN B 495 -0.19 -24.15 -28.71
N TRP B 496 0.78 -24.56 -29.53
CA TRP B 496 1.43 -25.88 -29.43
C TRP B 496 0.34 -26.93 -29.62
N ASN B 497 0.22 -27.93 -28.75
CA ASN B 497 -0.76 -28.99 -28.89
C ASN B 497 -2.04 -28.71 -28.11
N TYR B 498 -2.17 -27.53 -27.50
CA TYR B 498 -3.38 -27.18 -26.76
C TYR B 498 -4.40 -26.62 -27.74
N PRO B 499 -5.53 -27.30 -27.97
CA PRO B 499 -6.46 -26.84 -29.00
C PRO B 499 -7.27 -25.61 -28.57
N VAL B 500 -6.67 -24.44 -28.69
CA VAL B 500 -7.29 -23.21 -28.19
C VAL B 500 -8.60 -22.93 -28.90
N GLN B 501 -8.62 -23.12 -30.23
CA GLN B 501 -9.84 -22.82 -30.99
C GLN B 501 -10.98 -23.74 -30.62
N LEU B 502 -10.71 -25.05 -30.50
CA LEU B 502 -11.76 -25.99 -30.17
C LEU B 502 -12.22 -25.88 -28.72
N LEU B 503 -11.39 -25.33 -27.84
CA LEU B 503 -11.82 -25.08 -26.47
C LEU B 503 -12.94 -24.05 -26.42
N ALA B 504 -12.78 -22.95 -27.16
CA ALA B 504 -13.82 -21.93 -27.20
C ALA B 504 -15.10 -22.46 -27.84
N GLU B 505 -14.97 -23.37 -28.80
CA GLU B 505 -16.14 -23.99 -29.40
C GLU B 505 -16.90 -24.83 -28.37
N ARG B 506 -16.20 -25.38 -27.39
CA ARG B 506 -16.80 -26.25 -26.38
C ARG B 506 -17.27 -25.50 -25.15
N GLY B 507 -17.18 -24.17 -25.14
CA GLY B 507 -17.65 -23.36 -24.04
C GLY B 507 -16.58 -22.79 -23.13
N TYR B 508 -15.30 -23.09 -23.39
CA TYR B 508 -14.22 -22.54 -22.58
C TYR B 508 -13.93 -21.10 -22.97
N VAL B 509 -13.65 -20.27 -21.97
CA VAL B 509 -13.04 -18.97 -22.20
C VAL B 509 -11.53 -19.15 -22.06
N VAL B 510 -10.79 -18.73 -23.08
CA VAL B 510 -9.36 -18.98 -23.17
C VAL B 510 -8.63 -17.64 -23.05
N LEU B 511 -7.78 -17.52 -22.04
CA LEU B 511 -6.93 -16.36 -21.87
C LEU B 511 -5.52 -16.73 -22.34
N LEU B 512 -5.12 -16.18 -23.48
CA LEU B 512 -3.75 -16.33 -23.97
C LEU B 512 -2.97 -15.12 -23.48
N LEU B 513 -2.04 -15.35 -22.55
CA LEU B 513 -1.32 -14.27 -21.90
C LEU B 513 0.17 -14.57 -21.91
N ASN B 514 0.98 -13.57 -22.21
CA ASN B 514 2.42 -13.72 -22.23
C ASN B 514 2.99 -13.51 -20.83
N ASP B 515 4.30 -13.69 -20.71
CA ASP B 515 5.01 -13.26 -19.53
C ASP B 515 5.02 -11.73 -19.48
N PRO B 516 5.23 -11.14 -18.30
CA PRO B 516 5.46 -9.70 -18.25
C PRO B 516 6.62 -9.31 -19.16
N SER B 517 6.39 -8.34 -20.01
CA SER B 517 7.37 -7.97 -21.03
C SER B 517 8.65 -7.48 -20.36
N PRO B 518 9.81 -8.07 -20.67
CA PRO B 518 11.03 -7.69 -19.95
C PRO B 518 11.54 -6.30 -20.29
N GLY B 519 11.15 -5.74 -21.44
CA GLY B 519 11.62 -4.43 -21.82
C GLY B 519 10.90 -3.26 -21.16
N GLN B 520 9.89 -3.53 -20.34
CA GLN B 520 9.13 -2.45 -19.72
C GLN B 520 9.84 -1.86 -18.50
N SER B 521 10.64 -2.65 -17.80
CA SER B 521 11.23 -2.23 -16.53
C SER B 521 12.71 -2.58 -16.50
N LYS B 522 13.46 -1.79 -15.72
CA LYS B 522 14.87 -2.06 -15.51
C LYS B 522 15.07 -3.31 -14.66
N ASP B 523 14.11 -3.64 -13.80
CA ASP B 523 14.21 -4.84 -12.96
C ASP B 523 14.26 -6.10 -13.81
N LEU B 524 13.34 -6.20 -14.79
CA LEU B 524 13.25 -7.41 -15.58
C LEU B 524 14.45 -7.57 -16.52
N MET B 525 15.01 -6.46 -17.02
CA MET B 525 16.14 -6.57 -17.93
C MET B 525 17.41 -6.98 -17.20
N ASP B 526 17.63 -6.43 -16.00
CA ASP B 526 18.81 -6.81 -15.23
C ASP B 526 18.75 -8.28 -14.81
N ALA B 527 17.57 -8.75 -14.41
CA ALA B 527 17.43 -10.17 -14.09
C ALA B 527 17.54 -11.03 -15.34
N MET B 528 17.09 -10.52 -16.49
CA MET B 528 17.22 -11.27 -17.73
C MET B 528 18.67 -11.35 -18.18
N HIS B 529 19.44 -10.28 -17.98
CA HIS B 529 20.86 -10.30 -18.32
C HIS B 529 21.61 -11.31 -17.47
N ALA B 530 21.23 -11.45 -16.20
CA ALA B 530 21.89 -12.42 -15.32
C ALA B 530 21.63 -13.85 -15.80
N TRP B 531 20.42 -14.14 -16.27
CA TRP B 531 20.10 -15.49 -16.72
C TRP B 531 20.94 -15.87 -17.94
N LEU B 532 21.05 -14.95 -18.90
CA LEU B 532 21.84 -15.24 -20.09
C LEU B 532 23.34 -15.23 -19.79
N ARG B 533 23.77 -14.40 -18.84
CA ARG B 533 25.19 -14.34 -18.50
C ARG B 533 25.61 -15.57 -17.71
N GLY B 534 24.74 -16.10 -16.87
CA GLY B 534 25.06 -17.25 -16.05
C GLY B 534 25.50 -16.96 -14.64
N LYS B 535 25.26 -15.75 -14.14
CA LYS B 535 25.67 -15.33 -12.81
C LYS B 535 25.16 -13.92 -12.57
N GLY B 536 25.17 -13.51 -11.30
CA GLY B 536 24.66 -12.21 -10.91
C GLY B 536 25.66 -11.08 -11.07
N PRO B 537 25.29 -9.86 -10.63
CA PRO B 537 23.98 -9.55 -10.03
C PRO B 537 22.88 -9.43 -11.09
N PRO B 538 21.61 -9.26 -10.68
CA PRO B 538 21.04 -9.25 -9.33
C PRO B 538 21.10 -10.59 -8.61
N ASP B 539 20.59 -10.63 -7.38
CA ASP B 539 20.68 -11.81 -6.55
C ASP B 539 19.89 -12.97 -7.16
N PRO B 540 20.37 -14.21 -6.98
CA PRO B 540 19.60 -15.36 -7.46
C PRO B 540 18.20 -15.46 -6.87
N GLU B 541 17.98 -14.90 -5.69
CA GLU B 541 16.64 -14.87 -5.13
C GLU B 541 15.73 -13.92 -5.90
N THR B 542 16.29 -12.83 -6.44
CA THR B 542 15.51 -11.91 -7.25
C THR B 542 15.31 -12.42 -8.67
N VAL B 543 16.28 -13.18 -9.19
CA VAL B 543 16.14 -13.77 -10.53
C VAL B 543 14.93 -14.68 -10.58
N GLN B 544 14.69 -15.43 -9.51
CA GLN B 544 13.48 -16.25 -9.44
C GLN B 544 12.23 -15.38 -9.37
N GLN B 545 12.33 -14.20 -8.76
CA GLN B 545 11.17 -13.33 -8.59
C GLN B 545 10.79 -12.62 -9.88
N LYS B 546 11.77 -12.04 -10.57
CA LYS B 546 11.47 -11.22 -11.74
C LYS B 546 11.21 -12.07 -12.98
N LEU B 547 11.92 -13.17 -13.16
CA LEU B 547 11.72 -14.00 -14.33
C LEU B 547 10.62 -15.03 -14.16
N TRP B 548 10.21 -15.34 -12.93
CA TRP B 548 9.21 -16.38 -12.72
C TRP B 548 8.11 -15.95 -11.75
N LEU B 549 8.48 -15.68 -10.50
CA LEU B 549 7.49 -15.49 -9.43
C LEU B 549 6.54 -14.33 -9.72
N THR B 550 7.00 -13.31 -10.45
CA THR B 550 6.11 -12.22 -10.80
C THR B 550 5.11 -12.61 -11.89
N GLY B 551 5.37 -13.70 -12.60
CA GLY B 551 4.48 -14.15 -13.66
C GLY B 551 3.23 -14.82 -13.15
N VAL B 552 3.38 -15.66 -12.12
CA VAL B 552 2.20 -16.27 -11.50
C VAL B 552 1.30 -15.20 -10.89
N HIS B 553 1.90 -14.12 -10.39
CA HIS B 553 1.10 -12.99 -9.91
C HIS B 553 0.32 -12.36 -11.06
N SER B 554 0.99 -12.18 -12.22
CA SER B 554 0.28 -11.64 -13.38
C SER B 554 -0.82 -12.58 -13.84
N PHE B 555 -0.65 -13.89 -13.67
CA PHE B 555 -1.70 -14.83 -14.00
C PHE B 555 -2.83 -14.77 -12.99
N GLU B 556 -2.49 -14.77 -11.70
CA GLU B 556 -3.52 -14.74 -10.66
C GLU B 556 -4.31 -13.44 -10.70
N ASP B 557 -3.64 -12.31 -10.91
CA ASP B 557 -4.34 -11.03 -10.97
C ASP B 557 -5.18 -10.89 -12.23
N ALA B 558 -4.86 -11.63 -13.29
CA ALA B 558 -5.67 -11.57 -14.51
C ALA B 558 -6.94 -12.39 -14.39
N VAL B 559 -6.86 -13.54 -13.72
CA VAL B 559 -8.05 -14.38 -13.54
C VAL B 559 -9.05 -13.71 -12.61
N THR B 560 -8.56 -13.18 -11.48
CA THR B 560 -9.45 -12.50 -10.55
C THR B 560 -10.04 -11.23 -11.15
N GLU B 561 -9.32 -10.59 -12.07
CA GLU B 561 -9.84 -9.40 -12.73
C GLU B 561 -11.01 -9.75 -13.66
N LEU B 562 -10.87 -10.83 -14.42
CA LEU B 562 -11.96 -11.29 -15.27
C LEU B 562 -13.08 -11.90 -14.45
N ALA B 563 -12.76 -12.47 -13.30
CA ALA B 563 -13.81 -12.98 -12.41
C ALA B 563 -14.61 -11.85 -11.79
N ALA B 564 -13.96 -10.70 -11.53
CA ALA B 564 -14.67 -9.54 -11.02
C ALA B 564 -15.61 -8.93 -12.06
N GLU B 565 -15.34 -9.16 -13.34
CA GLU B 565 -16.21 -8.71 -14.42
C GLU B 565 -17.30 -9.71 -14.76
N GLY B 566 -17.31 -10.87 -14.12
CA GLY B 566 -18.32 -11.88 -14.37
C GLY B 566 -18.05 -12.78 -15.55
N LEU B 567 -16.85 -12.71 -16.15
CA LEU B 567 -16.55 -13.53 -17.31
C LEU B 567 -16.13 -14.95 -16.91
N ILE B 568 -15.33 -15.09 -15.87
CA ILE B 568 -14.67 -16.34 -15.52
C ILE B 568 -15.20 -16.86 -14.19
N ASP B 569 -15.46 -18.17 -14.14
CA ASP B 569 -15.74 -18.87 -12.90
C ASP B 569 -14.41 -19.23 -12.24
N PRO B 570 -14.10 -18.65 -11.08
CA PRO B 570 -12.81 -18.94 -10.43
C PRO B 570 -12.68 -20.38 -9.94
N ALA B 571 -13.80 -21.09 -9.76
CA ALA B 571 -13.73 -22.47 -9.26
C ALA B 571 -13.08 -23.39 -10.28
N ARG B 572 -13.43 -23.24 -11.56
CA ARG B 572 -12.87 -24.07 -12.63
C ARG B 572 -12.03 -23.19 -13.54
N VAL B 573 -10.71 -23.32 -13.45
CA VAL B 573 -9.79 -22.63 -14.35
C VAL B 573 -8.57 -23.50 -14.59
N GLY B 574 -8.16 -23.62 -15.85
CA GLY B 574 -6.98 -24.36 -16.23
C GLY B 574 -5.81 -23.45 -16.60
N ILE B 575 -4.65 -24.08 -16.76
CA ILE B 575 -3.46 -23.39 -17.25
C ILE B 575 -2.62 -24.40 -18.04
N ALA B 576 -1.96 -23.91 -19.09
CA ALA B 576 -1.19 -24.78 -19.96
C ALA B 576 -0.06 -23.99 -20.61
N GLY B 577 0.99 -24.71 -21.00
CA GLY B 577 2.13 -24.13 -21.66
C GLY B 577 3.25 -25.12 -21.87
N TYR B 578 4.19 -24.79 -22.77
CA TYR B 578 5.30 -25.68 -23.08
C TYR B 578 6.59 -24.87 -23.14
N SER B 579 7.71 -25.56 -22.92
CA SER B 579 9.05 -24.97 -22.94
C SER B 579 9.07 -23.82 -21.94
N ARG B 580 9.25 -22.57 -22.36
CA ARG B 580 9.18 -21.45 -21.43
C ARG B 580 7.85 -21.43 -20.69
N GLY B 581 6.75 -21.68 -21.40
CA GLY B 581 5.46 -21.74 -20.75
C GLY B 581 5.31 -22.93 -19.82
N SER B 582 6.03 -24.02 -20.10
CA SER B 582 6.01 -25.16 -19.20
C SER B 582 6.66 -24.81 -17.87
N GLN B 583 7.71 -23.98 -17.90
CA GLN B 583 8.35 -23.55 -16.66
C GLN B 583 7.37 -22.78 -15.78
N MET B 584 6.59 -21.89 -16.39
CA MET B 584 5.61 -21.12 -15.63
C MET B 584 4.54 -22.02 -15.04
N VAL B 585 4.00 -22.94 -15.85
CA VAL B 585 2.98 -23.87 -15.36
C VAL B 585 3.51 -24.65 -14.17
N ASN B 586 4.78 -25.07 -14.22
CA ASN B 586 5.37 -25.76 -13.09
C ASN B 586 5.54 -24.84 -11.88
N VAL B 587 5.80 -23.56 -12.12
CA VAL B 587 5.99 -22.62 -11.01
C VAL B 587 4.65 -22.20 -10.42
N THR B 588 3.66 -21.93 -11.27
CA THR B 588 2.35 -21.49 -10.78
C THR B 588 1.70 -22.57 -9.92
N VAL B 589 1.68 -23.81 -10.41
CA VAL B 589 0.98 -24.88 -9.70
C VAL B 589 1.58 -25.11 -8.31
N THR B 590 2.88 -24.88 -8.16
CA THR B 590 3.49 -25.02 -6.84
C THR B 590 3.21 -23.82 -5.95
N ASN B 591 3.28 -22.60 -6.51
CA ASN B 591 3.14 -21.38 -5.73
C ASN B 591 1.73 -20.81 -5.72
N SER B 592 0.76 -21.48 -6.36
CA SER B 592 -0.59 -20.96 -6.42
C SER B 592 -1.60 -22.08 -6.27
N LYS B 593 -2.63 -21.83 -5.47
CA LYS B 593 -3.74 -22.75 -5.29
C LYS B 593 -4.92 -22.42 -6.19
N MET B 594 -4.78 -21.42 -7.07
CA MET B 594 -5.89 -20.89 -7.84
C MET B 594 -6.26 -21.76 -9.04
N PHE B 595 -5.36 -22.59 -9.53
CA PHE B 595 -5.58 -23.37 -10.75
C PHE B 595 -5.88 -24.81 -10.39
N ARG B 596 -6.99 -25.34 -10.92
CA ARG B 596 -7.42 -26.69 -10.61
C ARG B 596 -6.69 -27.74 -11.45
N ALA B 597 -6.42 -27.44 -12.71
CA ALA B 597 -5.78 -28.41 -13.61
C ALA B 597 -4.71 -27.72 -14.43
N ALA B 598 -3.73 -28.49 -14.88
CA ALA B 598 -2.61 -27.94 -15.62
C ALA B 598 -2.04 -28.99 -16.56
N SER B 599 -1.42 -28.52 -17.63
CA SER B 599 -0.70 -29.37 -18.59
C SER B 599 0.61 -28.68 -18.96
N SER B 600 1.72 -29.36 -18.74
CA SER B 600 3.04 -28.81 -19.03
C SER B 600 3.68 -29.63 -20.15
N GLY B 601 3.72 -29.04 -21.35
CA GLY B 601 4.33 -29.71 -22.49
C GLY B 601 5.85 -29.64 -22.45
N ASP B 602 6.49 -30.81 -22.65
CA ASP B 602 7.92 -30.92 -22.98
C ASP B 602 8.78 -30.01 -22.11
N GLY B 603 8.58 -30.10 -20.80
CA GLY B 603 9.24 -29.23 -19.85
C GLY B 603 10.53 -29.79 -19.31
N GLY B 604 10.81 -29.51 -18.03
CA GLY B 604 11.99 -30.05 -17.37
C GLY B 604 13.05 -29.04 -17.01
N PHE B 605 12.95 -27.79 -17.43
CA PHE B 605 13.87 -26.79 -16.93
C PHE B 605 13.52 -26.45 -15.48
N LEU B 606 14.52 -25.99 -14.74
CA LEU B 606 14.51 -25.65 -13.31
C LEU B 606 14.59 -26.90 -12.43
N GLU B 607 14.58 -28.14 -13.00
CA GLU B 607 14.67 -29.33 -12.18
C GLU B 607 16.13 -29.70 -11.91
N PRO B 608 16.42 -30.25 -10.73
CA PRO B 608 17.82 -30.56 -10.39
C PRO B 608 18.44 -31.64 -11.26
N ALA B 609 17.63 -32.44 -11.95
CA ALA B 609 18.18 -33.53 -12.76
C ALA B 609 18.91 -33.03 -14.00
N GLY B 610 18.62 -31.82 -14.45
CA GLY B 610 19.23 -31.30 -15.66
C GLY B 610 20.32 -30.27 -15.42
N TYR B 611 20.85 -30.22 -14.19
CA TYR B 611 21.88 -29.23 -13.89
C TYR B 611 23.18 -29.53 -14.63
N ALA B 612 23.59 -30.80 -14.67
CA ALA B 612 24.89 -31.14 -15.23
C ALA B 612 24.99 -30.73 -16.70
N THR B 613 23.89 -30.82 -17.44
CA THR B 613 23.88 -30.36 -18.83
C THR B 613 23.69 -28.85 -18.92
N GLY B 614 22.88 -28.28 -18.02
CA GLY B 614 22.48 -26.88 -18.06
C GLY B 614 23.17 -25.96 -17.08
N ARG B 615 24.41 -26.29 -16.66
CA ARG B 615 25.03 -25.63 -15.53
C ARG B 615 24.93 -24.10 -15.61
N SER B 616 25.38 -23.51 -16.72
CA SER B 616 25.45 -22.06 -16.81
C SER B 616 24.08 -21.42 -16.69
N SER B 617 23.03 -22.06 -17.23
CA SER B 617 21.70 -21.51 -17.13
C SER B 617 21.14 -21.62 -15.71
N TYR B 618 21.51 -22.68 -14.99
CA TYR B 618 21.01 -22.87 -13.63
C TYR B 618 21.73 -21.99 -12.61
N ASP B 619 23.00 -21.66 -12.87
CA ASP B 619 23.79 -20.92 -11.88
C ASP B 619 23.19 -19.55 -11.58
N ALA B 620 22.52 -18.94 -12.56
CA ALA B 620 21.92 -17.64 -12.32
C ALA B 620 20.69 -17.76 -11.41
N VAL B 621 19.90 -18.81 -11.60
CA VAL B 621 18.66 -18.95 -10.84
C VAL B 621 18.95 -19.40 -9.40
N TYR B 622 19.68 -20.50 -9.24
CA TYR B 622 19.89 -21.09 -7.92
C TYR B 622 21.23 -20.74 -7.29
N GLY B 623 22.12 -20.04 -8.02
CA GLY B 623 23.40 -19.64 -7.47
C GLY B 623 24.49 -20.70 -7.52
N GLY B 624 24.14 -21.96 -7.71
CA GLY B 624 25.16 -22.99 -7.74
C GLY B 624 24.56 -24.37 -7.92
N ALA B 625 25.40 -25.38 -7.68
CA ALA B 625 25.01 -26.77 -7.88
C ALA B 625 23.86 -27.14 -6.94
N PRO B 626 23.09 -28.17 -7.29
CA PRO B 626 22.01 -28.61 -6.39
C PRO B 626 22.50 -29.14 -5.06
N LEU B 627 23.66 -29.81 -5.03
CA LEU B 627 24.19 -30.38 -3.79
C LEU B 627 25.17 -29.46 -3.08
N SER B 628 25.40 -28.25 -3.61
CA SER B 628 26.27 -27.28 -2.96
C SER B 628 25.52 -26.62 -1.81
N ASP B 629 26.08 -25.54 -1.26
CA ASP B 629 25.48 -24.81 -0.16
C ASP B 629 24.21 -24.06 -0.57
N ASN B 630 23.83 -24.10 -1.85
CA ASN B 630 22.70 -23.36 -2.39
C ASN B 630 21.38 -24.11 -2.26
N ILE B 631 21.38 -25.25 -1.54
CA ILE B 631 20.23 -26.16 -1.50
C ILE B 631 18.95 -25.41 -1.17
N GLU B 632 18.97 -24.60 -0.11
CA GLU B 632 17.75 -23.95 0.34
C GLU B 632 17.15 -23.06 -0.74
N ARG B 633 17.95 -22.63 -1.71
CA ARG B 633 17.38 -21.99 -2.89
C ARG B 633 16.73 -23.02 -3.81
N TRP B 634 17.33 -24.20 -3.93
CA TRP B 634 16.73 -25.27 -4.72
C TRP B 634 15.46 -25.80 -4.07
N ARG B 635 15.48 -26.02 -2.76
CA ARG B 635 14.31 -26.58 -2.08
C ARG B 635 13.14 -25.61 -2.06
N ARG B 636 13.41 -24.31 -1.94
CA ARG B 636 12.33 -23.33 -1.82
C ARG B 636 11.72 -22.96 -3.17
N PHE B 637 12.39 -23.26 -4.28
CA PHE B 637 11.93 -22.84 -5.60
C PHE B 637 11.61 -24.03 -6.51
N ALA B 638 12.59 -24.89 -6.80
CA ALA B 638 12.45 -25.93 -7.82
C ALA B 638 11.16 -26.71 -7.60
N PRO B 639 10.35 -26.91 -8.66
CA PRO B 639 9.01 -27.49 -8.47
C PRO B 639 9.04 -28.94 -8.00
N SER B 640 10.03 -29.73 -8.39
CA SER B 640 10.04 -31.15 -8.02
C SER B 640 10.16 -31.33 -6.50
N LEU B 641 10.92 -30.45 -5.85
CA LEU B 641 11.07 -30.53 -4.40
C LEU B 641 9.87 -29.95 -3.65
N ASN B 642 9.11 -29.06 -4.29
CA ASN B 642 7.98 -28.37 -3.68
C ASN B 642 6.65 -29.06 -3.94
N ALA B 643 6.66 -30.27 -4.52
CA ALA B 643 5.42 -30.95 -4.91
C ALA B 643 4.40 -31.03 -3.79
N ASP B 644 4.84 -30.96 -2.53
CA ASP B 644 3.89 -30.96 -1.41
C ASP B 644 3.00 -29.72 -1.40
N LYS B 645 3.36 -28.67 -2.13
CA LYS B 645 2.54 -27.47 -2.24
C LYS B 645 1.51 -27.56 -3.35
N VAL B 646 1.45 -28.68 -4.07
CA VAL B 646 0.68 -28.77 -5.31
C VAL B 646 -0.71 -29.28 -4.99
N CYS B 647 -1.72 -28.44 -5.19
CA CYS B 647 -3.12 -28.86 -5.28
C CYS B 647 -3.55 -28.60 -6.72
N ALA B 648 -3.67 -29.68 -7.51
CA ALA B 648 -3.96 -29.58 -8.94
C ALA B 648 -3.92 -30.93 -9.65
N ALA B 649 -4.30 -30.96 -10.92
CA ALA B 649 -4.07 -32.11 -11.79
C ALA B 649 -3.08 -31.71 -12.86
N VAL B 650 -1.88 -32.29 -12.83
CA VAL B 650 -0.77 -31.89 -13.69
C VAL B 650 -0.53 -33.00 -14.70
N LEU B 651 -0.75 -32.68 -15.98
CA LEU B 651 -0.46 -33.59 -17.08
C LEU B 651 0.82 -33.16 -17.77
N GLN B 652 1.67 -34.13 -18.08
CA GLN B 652 2.94 -33.87 -18.78
C GLN B 652 2.90 -34.56 -20.14
N GLN B 653 2.90 -33.77 -21.20
CA GLN B 653 3.04 -34.28 -22.56
C GLN B 653 4.49 -34.06 -22.98
N VAL B 654 5.20 -35.16 -23.19
CA VAL B 654 6.66 -35.16 -23.21
C VAL B 654 7.16 -35.89 -24.45
N ALA B 655 7.88 -35.17 -25.32
CA ALA B 655 8.53 -35.79 -26.47
C ALA B 655 9.90 -36.38 -26.13
N SER B 656 10.70 -35.67 -25.32
CA SER B 656 12.11 -36.03 -25.15
C SER B 656 12.33 -37.15 -24.14
N ALA B 657 11.48 -37.24 -23.11
CA ALA B 657 11.64 -38.20 -22.01
C ALA B 657 12.98 -38.02 -21.31
N SER B 658 13.32 -36.77 -21.03
CA SER B 658 14.53 -36.42 -20.31
C SER B 658 14.35 -36.73 -18.82
N PRO B 659 15.47 -36.92 -18.10
CA PRO B 659 15.35 -37.21 -16.66
C PRO B 659 14.72 -36.08 -15.87
N SER B 660 14.76 -34.86 -16.38
CA SER B 660 14.11 -33.74 -15.70
C SER B 660 12.60 -33.87 -15.72
N GLN B 661 12.05 -34.35 -16.85
CA GLN B 661 10.61 -34.54 -16.94
C GLN B 661 10.14 -35.72 -16.09
N ILE B 662 10.98 -36.75 -15.97
CA ILE B 662 10.62 -37.91 -15.17
C ILE B 662 10.77 -37.61 -13.69
N GLU B 663 11.73 -36.77 -13.31
CA GLU B 663 11.91 -36.42 -11.90
C GLU B 663 10.68 -35.71 -11.35
N LEU B 664 10.08 -34.83 -12.14
CA LEU B 664 8.89 -34.12 -11.67
C LEU B 664 7.71 -35.06 -11.52
N PHE B 665 7.57 -36.03 -12.43
CA PHE B 665 6.47 -36.99 -12.34
C PHE B 665 6.61 -37.86 -11.09
N GLU B 666 7.80 -38.42 -10.87
CA GLU B 666 8.01 -39.25 -9.68
C GLU B 666 7.87 -38.44 -8.40
N ALA B 667 8.18 -37.14 -8.46
CA ALA B 667 8.02 -36.29 -7.28
C ALA B 667 6.56 -36.00 -7.00
N LEU B 668 5.76 -35.77 -8.05
CA LEU B 668 4.33 -35.49 -7.85
C LEU B 668 3.61 -36.75 -7.39
N ARG B 669 3.88 -37.88 -8.04
CA ARG B 669 3.20 -39.13 -7.68
C ARG B 669 3.57 -39.58 -6.27
N ALA B 670 4.79 -39.29 -5.83
CA ALA B 670 5.18 -39.62 -4.47
C ALA B 670 4.50 -38.74 -3.43
N ALA B 671 4.01 -37.57 -3.85
CA ALA B 671 3.32 -36.65 -2.95
C ALA B 671 1.81 -36.86 -2.93
N GLY B 672 1.30 -37.87 -3.63
CA GLY B 672 -0.11 -38.11 -3.71
C GLY B 672 -0.87 -37.24 -4.68
N VAL B 673 -0.18 -36.34 -5.38
CA VAL B 673 -0.83 -35.47 -6.36
C VAL B 673 -1.25 -36.29 -7.56
N ALA B 674 -2.47 -36.04 -8.04
CA ALA B 674 -2.94 -36.68 -9.26
C ALA B 674 -2.18 -36.13 -10.45
N THR B 675 -1.51 -37.00 -11.19
CA THR B 675 -0.67 -36.57 -12.29
C THR B 675 -0.49 -37.71 -13.27
N GLN B 676 -0.12 -37.35 -14.50
CA GLN B 676 0.11 -38.33 -15.56
C GLN B 676 1.14 -37.76 -16.53
N ILE B 677 1.97 -38.64 -17.08
CA ILE B 677 2.96 -38.26 -18.07
C ILE B 677 2.71 -39.08 -19.33
N SER B 678 2.63 -38.41 -20.47
CA SER B 678 2.37 -39.05 -21.76
C SER B 678 3.59 -38.87 -22.65
N TYR B 679 4.24 -39.98 -23.00
CA TYR B 679 5.45 -39.97 -23.81
C TYR B 679 5.09 -40.37 -25.23
N TYR B 680 5.18 -39.41 -26.16
CA TYR B 680 4.81 -39.65 -27.56
C TYR B 680 6.03 -40.06 -28.37
N PRO B 681 5.96 -41.17 -29.11
CA PRO B 681 7.16 -41.66 -29.81
C PRO B 681 7.35 -41.05 -31.18
N GLY B 682 8.42 -41.44 -31.87
CA GLY B 682 8.68 -40.99 -33.22
C GLY B 682 7.99 -41.85 -34.25
N ALA B 683 8.51 -41.77 -35.49
CA ALA B 683 7.95 -42.57 -36.57
C ALA B 683 8.23 -44.06 -36.35
N THR B 684 9.48 -44.40 -36.08
CA THR B 684 9.89 -45.76 -35.77
C THR B 684 10.50 -45.79 -34.37
N ALA B 685 10.94 -46.98 -33.95
CA ALA B 685 11.69 -47.08 -32.70
C ALA B 685 13.07 -46.47 -32.82
N ALA B 686 13.52 -46.14 -34.03
CA ALA B 686 14.82 -45.52 -34.26
C ALA B 686 14.73 -44.01 -34.38
N SER B 687 13.55 -43.42 -34.27
CA SER B 687 13.34 -41.99 -34.41
C SER B 687 12.66 -41.44 -33.17
N ASP B 688 12.78 -40.13 -32.98
CA ASP B 688 12.17 -39.41 -31.88
C ASP B 688 11.16 -38.39 -32.41
N GLU B 689 10.54 -37.67 -31.48
CA GLU B 689 9.64 -36.57 -31.80
C GLU B 689 10.35 -35.26 -31.49
N THR B 690 10.12 -34.26 -32.32
CA THR B 690 10.77 -32.96 -32.15
C THR B 690 10.12 -32.20 -30.98
N HIS B 691 10.66 -31.02 -30.69
CA HIS B 691 10.12 -30.21 -29.61
C HIS B 691 8.66 -29.83 -29.89
N VAL B 692 8.40 -29.25 -31.06
CA VAL B 692 7.05 -29.11 -31.57
C VAL B 692 6.72 -30.36 -32.37
N PHE B 693 5.51 -30.87 -32.21
CA PHE B 693 5.18 -32.19 -32.76
C PHE B 693 5.00 -32.10 -34.26
N TYR B 694 5.79 -32.86 -35.01
CA TYR B 694 5.70 -32.92 -36.46
C TYR B 694 4.91 -34.12 -36.97
N LEU B 695 4.48 -35.01 -36.09
CA LEU B 695 3.73 -36.20 -36.50
C LEU B 695 2.25 -35.98 -36.23
N THR B 696 1.43 -36.13 -37.28
CA THR B 696 0.01 -35.78 -37.19
C THR B 696 -0.70 -36.63 -36.15
N THR B 697 -0.42 -37.94 -36.12
CA THR B 697 -1.08 -38.81 -35.14
C THR B 697 -0.71 -38.41 -33.72
N ASN B 698 0.47 -37.82 -33.51
CA ASN B 698 0.84 -37.33 -32.20
C ASN B 698 0.17 -36.00 -31.89
N ARG B 699 0.08 -35.11 -32.89
CA ARG B 699 -0.57 -33.83 -32.67
C ARG B 699 -2.05 -33.99 -32.36
N LEU B 700 -2.74 -34.86 -33.10
CA LEU B 700 -4.17 -35.02 -32.91
C LEU B 700 -4.49 -35.62 -31.54
N ARG B 701 -3.77 -36.67 -31.15
CA ARG B 701 -4.03 -37.30 -29.86
C ARG B 701 -3.59 -36.42 -28.69
N ALA B 702 -2.57 -35.58 -28.89
CA ALA B 702 -2.16 -34.67 -27.83
C ALA B 702 -3.22 -33.59 -27.61
N MET B 703 -3.85 -33.13 -28.69
CA MET B 703 -4.95 -32.17 -28.54
C MET B 703 -6.15 -32.81 -27.87
N ARG B 704 -6.49 -34.04 -28.26
CA ARG B 704 -7.62 -34.73 -27.64
C ARG B 704 -7.34 -35.07 -26.19
N GLU B 705 -6.08 -35.31 -25.82
CA GLU B 705 -5.76 -35.61 -24.43
C GLU B 705 -5.94 -34.36 -23.56
N ASN B 706 -5.52 -33.20 -24.05
CA ASN B 706 -5.75 -31.97 -23.30
C ASN B 706 -7.23 -31.68 -23.16
N ILE B 707 -8.02 -32.02 -24.18
CA ILE B 707 -9.47 -31.87 -24.09
C ILE B 707 -10.02 -32.73 -22.97
N ALA B 708 -9.72 -34.03 -23.01
CA ALA B 708 -10.24 -34.95 -22.00
C ALA B 708 -9.67 -34.68 -20.62
N TRP B 709 -8.45 -34.13 -20.55
CA TRP B 709 -7.84 -33.84 -19.25
C TRP B 709 -8.52 -32.65 -18.59
N PHE B 710 -8.74 -31.57 -19.34
CA PHE B 710 -9.40 -30.40 -18.78
C PHE B 710 -10.91 -30.57 -18.69
N ASP B 711 -11.51 -31.44 -19.51
CA ASP B 711 -12.93 -31.73 -19.36
C ASP B 711 -13.20 -32.53 -18.10
N TYR B 712 -12.29 -33.45 -17.76
CA TYR B 712 -12.51 -34.32 -16.60
C TYR B 712 -12.30 -33.56 -15.30
N TRP B 713 -11.18 -32.86 -15.17
CA TRP B 713 -10.84 -32.26 -13.88
C TRP B 713 -11.63 -30.98 -13.62
N LEU B 714 -11.70 -30.09 -14.61
CA LEU B 714 -12.42 -28.83 -14.41
C LEU B 714 -13.92 -29.06 -14.39
N LEU B 715 -14.47 -29.68 -15.42
CA LEU B 715 -15.92 -29.78 -15.61
C LEU B 715 -16.54 -31.04 -15.04
N ASP B 716 -15.73 -31.99 -14.56
CA ASP B 716 -16.23 -33.31 -14.17
C ASP B 716 -16.97 -33.98 -15.34
N LYS B 717 -16.44 -33.78 -16.54
CA LYS B 717 -17.06 -34.24 -17.78
C LYS B 717 -16.24 -35.37 -18.36
N ARG B 718 -16.81 -36.58 -18.36
CA ARG B 718 -16.18 -37.71 -19.02
C ARG B 718 -16.36 -37.60 -20.53
N ASP B 719 -15.30 -37.91 -21.27
CA ASP B 719 -15.28 -37.69 -22.71
C ASP B 719 -15.44 -39.02 -23.43
N ALA B 720 -16.46 -39.10 -24.29
CA ALA B 720 -16.63 -40.27 -25.15
C ALA B 720 -15.66 -40.28 -26.32
N ASP B 721 -15.08 -39.13 -26.65
CA ASP B 721 -14.06 -39.02 -27.69
C ASP B 721 -12.65 -39.14 -27.15
N ALA B 722 -12.52 -39.47 -25.85
CA ALA B 722 -11.21 -39.53 -25.21
C ALA B 722 -10.25 -40.40 -26.01
N PRO B 723 -9.00 -39.95 -26.23
CA PRO B 723 -8.10 -40.72 -27.08
C PRO B 723 -7.72 -42.08 -26.51
N PHE B 724 -7.52 -42.17 -25.19
CA PHE B 724 -7.17 -43.42 -24.53
C PHE B 724 -8.28 -43.85 -23.60
N PRO B 725 -9.03 -44.91 -23.93
CA PRO B 725 -10.26 -45.22 -23.17
C PRO B 725 -10.01 -45.66 -21.73
N ASP B 726 -8.89 -46.32 -21.45
CA ASP B 726 -8.64 -46.87 -20.12
C ASP B 726 -8.12 -45.82 -19.14
N HIS B 727 -7.95 -44.58 -19.57
CA HIS B 727 -7.39 -43.54 -18.72
C HIS B 727 -8.40 -43.04 -17.69
N VAL B 728 -9.55 -42.54 -18.16
CA VAL B 728 -10.55 -41.94 -17.26
C VAL B 728 -10.89 -42.85 -16.09
N VAL B 729 -10.76 -44.16 -16.28
CA VAL B 729 -10.93 -45.09 -15.15
C VAL B 729 -9.78 -44.91 -14.17
N LYS B 730 -8.54 -44.80 -14.67
CA LYS B 730 -7.40 -44.58 -13.80
C LYS B 730 -7.48 -43.21 -13.12
N TRP B 731 -7.95 -42.19 -13.85
CA TRP B 731 -8.06 -40.86 -13.27
C TRP B 731 -9.02 -40.82 -12.09
N ASP B 732 -9.98 -41.75 -12.05
CA ASP B 732 -10.84 -41.87 -10.87
C ASP B 732 -10.04 -42.35 -9.67
N ARG B 733 -9.12 -43.30 -9.87
CA ARG B 733 -8.26 -43.76 -8.79
C ARG B 733 -7.31 -42.65 -8.34
N LEU B 734 -6.95 -41.73 -9.24
CA LEU B 734 -6.12 -40.60 -8.84
C LEU B 734 -6.89 -39.64 -7.95
N LYS B 735 -8.17 -39.41 -8.27
CA LYS B 735 -8.97 -38.46 -7.48
C LYS B 735 -9.33 -39.04 -6.12
N LYS B 736 -9.58 -40.35 -6.05
CA LYS B 736 -9.93 -40.97 -4.78
C LYS B 736 -8.74 -41.00 -3.83
N ASN B 737 -7.52 -40.98 -4.36
CA ASN B 737 -6.30 -41.08 -3.57
C ASN B 737 -5.70 -39.72 -3.22
N LEU B 738 -6.39 -38.63 -3.56
CA LEU B 738 -5.87 -37.30 -3.25
C LEU B 738 -5.63 -37.15 -1.75
N PRO B 739 -4.64 -36.36 -1.36
CA PRO B 739 -4.27 -36.26 0.06
C PRO B 739 -5.33 -35.54 0.88
N ASP B 740 -5.22 -35.71 2.21
CA ASP B 740 -6.15 -35.06 3.12
C ASP B 740 -6.09 -33.54 3.01
N ARG B 741 -4.88 -32.99 2.90
CA ARG B 741 -4.71 -31.55 2.84
C ARG B 741 -5.33 -30.92 1.60
N CYS B 742 -5.67 -31.72 0.59
CA CYS B 742 -6.32 -31.18 -0.59
C CYS B 742 -7.74 -31.75 -0.73
N GLY C 51 -23.36 52.22 3.28
CA GLY C 51 -22.47 51.07 3.27
C GLY C 51 -21.85 50.78 4.62
N ARG C 52 -21.72 49.47 4.96
CA ARG C 52 -21.14 49.06 6.22
C ARG C 52 -19.62 48.98 6.12
N PRO C 53 -18.91 49.13 7.23
CA PRO C 53 -17.45 49.08 7.19
C PRO C 53 -16.94 47.67 6.96
N TRP C 54 -15.67 47.59 6.57
CA TRP C 54 -15.01 46.31 6.36
C TRP C 54 -14.86 45.56 7.68
N THR C 55 -14.99 44.23 7.61
CA THR C 55 -14.66 43.36 8.73
C THR C 55 -13.56 42.41 8.30
N LEU C 56 -13.10 41.59 9.25
CA LEU C 56 -12.02 40.65 8.94
C LEU C 56 -12.52 39.51 8.07
N GLU C 57 -13.78 39.11 8.23
CA GLU C 57 -14.33 38.03 7.44
C GLU C 57 -14.60 38.44 5.99
N ASP C 58 -14.75 39.74 5.74
CA ASP C 58 -14.95 40.21 4.37
C ASP C 58 -13.70 40.01 3.53
N ILE C 59 -12.52 40.29 4.09
CA ILE C 59 -11.27 40.04 3.39
C ILE C 59 -11.05 38.54 3.18
N LEU C 60 -11.64 37.70 4.03
CA LEU C 60 -11.48 36.26 3.89
C LEU C 60 -12.40 35.69 2.81
N THR C 61 -13.62 36.21 2.71
CA THR C 61 -14.64 35.65 1.84
C THR C 61 -14.70 36.31 0.46
N VAL C 62 -13.77 37.20 0.16
CA VAL C 62 -13.74 37.83 -1.16
C VAL C 62 -13.51 36.75 -2.23
N PRO C 63 -14.44 36.58 -3.16
CA PRO C 63 -14.35 35.45 -4.08
C PRO C 63 -13.29 35.63 -5.16
N GLU C 64 -12.70 34.51 -5.55
CA GLU C 64 -11.82 34.41 -6.70
C GLU C 64 -12.53 33.65 -7.80
N VAL C 65 -12.48 34.16 -9.02
CA VAL C 65 -12.95 33.44 -10.19
C VAL C 65 -11.76 33.26 -11.13
N ASN C 66 -11.24 32.04 -11.19
CA ASN C 66 -10.21 31.69 -12.16
C ASN C 66 -10.76 30.91 -13.34
N GLU C 67 -12.05 30.59 -13.34
CA GLU C 67 -12.65 29.73 -14.36
C GLU C 67 -13.92 30.36 -14.88
N ILE C 68 -13.94 30.71 -16.17
CA ILE C 68 -15.14 31.19 -16.82
C ILE C 68 -15.13 30.70 -18.26
N ALA C 69 -16.29 30.27 -18.76
CA ALA C 69 -16.40 29.73 -20.10
C ALA C 69 -17.70 30.19 -20.73
N LEU C 70 -17.63 30.67 -21.97
CA LEU C 70 -18.79 31.11 -22.72
C LEU C 70 -19.16 30.05 -23.76
N SER C 71 -20.47 29.89 -23.98
CA SER C 71 -20.94 28.89 -24.94
C SER C 71 -20.51 29.26 -26.35
N ASP C 72 -20.48 28.25 -27.23
CA ASP C 72 -20.10 28.47 -28.61
C ASP C 72 -21.07 29.41 -29.31
N ASN C 73 -22.37 29.17 -29.16
CA ASN C 73 -23.35 30.09 -29.70
C ASN C 73 -23.35 31.43 -28.94
N GLY C 74 -22.98 31.40 -27.67
CA GLY C 74 -22.85 32.61 -26.89
C GLY C 74 -24.06 32.98 -26.05
N ARG C 75 -25.05 32.11 -25.94
CA ARG C 75 -26.24 32.41 -25.15
C ARG C 75 -26.15 31.93 -23.70
N LEU C 76 -25.14 31.14 -23.35
CA LEU C 76 -24.99 30.62 -22.00
C LEU C 76 -23.53 30.68 -21.58
N ALA C 77 -23.30 30.70 -20.27
CA ALA C 77 -21.94 30.77 -19.74
C ALA C 77 -21.92 30.18 -18.34
N ILE C 78 -20.72 29.78 -17.91
CA ILE C 78 -20.49 29.18 -16.61
C ILE C 78 -19.24 29.80 -15.99
N TYR C 79 -19.29 30.06 -14.69
CA TYR C 79 -18.12 30.50 -13.96
C TYR C 79 -18.17 29.90 -12.56
N ALA C 80 -17.00 29.76 -11.95
CA ALA C 80 -16.87 29.20 -10.61
C ALA C 80 -16.20 30.21 -9.69
N ALA C 81 -16.84 30.48 -8.56
CA ALA C 81 -16.33 31.44 -7.58
C ALA C 81 -15.80 30.69 -6.37
N GLU C 82 -14.51 30.87 -6.09
CA GLU C 82 -13.87 30.27 -4.92
C GLU C 82 -14.07 31.20 -3.72
N ILE C 83 -14.78 30.70 -2.70
CA ILE C 83 -15.10 31.48 -1.52
C ILE C 83 -14.68 30.68 -0.30
N ALA C 84 -13.96 31.32 0.62
CA ALA C 84 -13.54 30.66 1.84
C ALA C 84 -14.76 30.29 2.68
N ASP C 85 -14.85 29.02 3.06
CA ASP C 85 -15.98 28.47 3.79
C ASP C 85 -15.58 28.24 5.25
N LEU C 86 -16.39 28.75 6.17
CA LEU C 86 -16.07 28.59 7.59
C LEU C 86 -16.35 27.18 8.08
N ASP C 87 -17.36 26.51 7.54
CA ASP C 87 -17.64 25.14 7.94
C ASP C 87 -16.52 24.20 7.47
N ALA C 88 -16.13 24.29 6.20
CA ALA C 88 -15.09 23.43 5.67
C ALA C 88 -13.69 23.83 6.13
N GLY C 89 -13.53 25.06 6.62
CA GLY C 89 -12.22 25.56 7.00
C GLY C 89 -11.26 25.76 5.86
N LYS C 90 -11.75 25.79 4.62
CA LYS C 90 -10.92 25.94 3.43
C LYS C 90 -11.78 26.49 2.29
N PRO C 91 -11.21 26.81 1.13
CA PRO C 91 -12.06 27.31 0.03
C PRO C 91 -12.86 26.21 -0.62
N ARG C 92 -14.05 26.58 -1.09
CA ARG C 92 -14.92 25.71 -1.88
C ARG C 92 -15.43 26.50 -3.08
N SER C 93 -15.44 25.86 -4.24
CA SER C 93 -15.82 26.52 -5.48
C SER C 93 -17.32 26.38 -5.72
N HIS C 94 -17.99 27.51 -5.94
CA HIS C 94 -19.41 27.54 -6.25
C HIS C 94 -19.59 27.67 -7.75
N ILE C 95 -20.13 26.64 -8.38
CA ILE C 95 -20.38 26.64 -9.82
C ILE C 95 -21.73 27.29 -10.09
N ARG C 96 -21.75 28.23 -11.03
CA ARG C 96 -22.97 28.96 -11.36
C ARG C 96 -23.12 29.04 -12.88
N ILE C 97 -24.36 28.91 -13.35
CA ILE C 97 -24.69 29.05 -14.76
C ILE C 97 -25.37 30.40 -14.95
N VAL C 98 -25.11 31.02 -16.10
CA VAL C 98 -25.53 32.39 -16.36
C VAL C 98 -26.13 32.46 -17.75
N ASP C 99 -27.29 33.10 -17.87
CA ASP C 99 -27.88 33.45 -19.15
C ASP C 99 -27.47 34.89 -19.48
N VAL C 100 -26.67 35.05 -20.52
CA VAL C 100 -26.11 36.37 -20.83
C VAL C 100 -27.18 37.29 -21.39
N GLU C 101 -28.19 36.74 -22.07
CA GLU C 101 -29.27 37.57 -22.59
C GLU C 101 -30.09 38.19 -21.47
N THR C 102 -30.63 37.34 -20.58
CA THR C 102 -31.49 37.83 -19.51
C THR C 102 -30.69 38.41 -18.35
N GLY C 103 -29.60 37.75 -17.98
CA GLY C 103 -28.85 38.11 -16.80
C GLY C 103 -29.09 37.24 -15.59
N ARG C 104 -29.87 36.18 -15.73
CA ARG C 104 -30.14 35.29 -14.60
C ARG C 104 -28.91 34.46 -14.27
N THR C 105 -28.60 34.37 -12.98
CA THR C 105 -27.48 33.56 -12.49
C THR C 105 -28.04 32.50 -11.55
N LYS C 106 -27.97 31.24 -11.97
CA LYS C 106 -28.46 30.12 -11.19
C LYS C 106 -27.29 29.42 -10.51
N GLU C 107 -27.44 29.10 -9.23
CA GLU C 107 -26.41 28.41 -8.47
C GLU C 107 -26.64 26.91 -8.60
N LEU C 108 -25.70 26.22 -9.24
CA LEU C 108 -25.86 24.80 -9.56
C LEU C 108 -25.39 23.92 -8.41
N LEU C 109 -24.07 23.86 -8.20
CA LEU C 109 -23.50 22.93 -7.23
C LEU C 109 -22.24 23.53 -6.64
N THR C 110 -21.98 23.21 -5.39
CA THR C 110 -20.74 23.59 -4.72
C THR C 110 -19.81 22.39 -4.67
N VAL C 111 -18.53 22.62 -5.00
CA VAL C 111 -17.52 21.58 -5.07
C VAL C 111 -16.29 22.03 -4.30
N ASP C 112 -15.28 21.17 -4.28
CA ASP C 112 -14.02 21.51 -3.62
C ASP C 112 -13.13 22.33 -4.54
N THR C 113 -12.64 21.72 -5.63
CA THR C 113 -11.81 22.39 -6.61
C THR C 113 -12.36 22.15 -8.00
N ILE C 114 -12.15 23.12 -8.88
CA ILE C 114 -12.50 23.00 -10.30
C ILE C 114 -11.44 23.71 -11.13
N LYS C 115 -11.01 23.07 -12.20
CA LYS C 115 -9.98 23.61 -13.08
C LYS C 115 -10.30 23.25 -14.52
N SER C 116 -9.69 23.99 -15.45
CA SER C 116 -9.74 23.69 -16.88
C SER C 116 -11.18 23.61 -17.38
N LEU C 117 -11.95 24.67 -17.13
CA LEU C 117 -13.34 24.73 -17.58
C LEU C 117 -13.37 25.23 -19.02
N ARG C 118 -13.85 24.39 -19.93
CA ARG C 118 -13.98 24.73 -21.33
C ARG C 118 -15.32 24.22 -21.86
N SER C 119 -15.70 24.71 -23.04
CA SER C 119 -16.90 24.23 -23.72
C SER C 119 -16.52 23.12 -24.69
N VAL C 120 -17.28 22.03 -24.66
CA VAL C 120 -17.01 20.88 -25.53
C VAL C 120 -17.31 21.27 -26.97
N PRO C 121 -16.33 21.28 -27.86
CA PRO C 121 -16.60 21.66 -29.25
C PRO C 121 -17.47 20.62 -29.95
N GLY C 122 -18.39 21.13 -30.77
CA GLY C 122 -19.35 20.30 -31.46
C GLY C 122 -20.68 20.13 -30.74
N THR C 123 -20.74 20.44 -29.46
CA THR C 123 -21.97 20.34 -28.67
C THR C 123 -22.17 21.63 -27.88
N GLN C 124 -23.27 21.68 -27.14
CA GLN C 124 -23.60 22.81 -26.28
C GLN C 124 -23.16 22.60 -24.84
N ASP C 125 -22.51 21.48 -24.54
CA ASP C 125 -22.11 21.14 -23.18
C ASP C 125 -20.73 21.72 -22.88
N TRP C 126 -20.28 21.50 -21.64
CA TRP C 126 -18.96 21.94 -21.19
C TRP C 126 -18.20 20.74 -20.61
N SER C 127 -16.96 20.99 -20.20
CA SER C 127 -16.14 19.98 -19.55
C SER C 127 -15.18 20.67 -18.59
N ALA C 128 -14.87 20.00 -17.49
CA ALA C 128 -13.99 20.58 -16.49
C ALA C 128 -13.37 19.46 -15.66
N LEU C 129 -12.30 19.81 -14.96
CA LEU C 129 -11.67 18.92 -13.98
C LEU C 129 -12.11 19.38 -12.60
N VAL C 130 -12.97 18.59 -11.95
CA VAL C 130 -13.56 18.97 -10.68
C VAL C 130 -13.22 17.91 -9.64
N ASP C 131 -13.31 18.30 -8.38
CA ASP C 131 -13.05 17.42 -7.25
C ASP C 131 -14.24 17.52 -6.29
N LEU C 132 -14.96 16.42 -6.13
CA LEU C 132 -16.10 16.34 -5.23
C LEU C 132 -15.73 15.84 -3.85
N GLY C 133 -14.45 15.62 -3.59
CA GLY C 133 -13.97 14.99 -2.37
C GLY C 133 -13.45 13.59 -2.58
N GLU C 134 -13.72 12.97 -3.72
CA GLU C 134 -13.18 11.67 -4.08
C GLU C 134 -11.93 11.77 -4.93
N GLY C 135 -11.43 12.98 -5.17
CA GLY C 135 -10.30 13.20 -6.04
C GLY C 135 -10.71 13.88 -7.34
N GLN C 136 -9.73 14.53 -7.97
CA GLN C 136 -9.99 15.30 -9.18
C GLN C 136 -10.18 14.37 -10.37
N GLN C 137 -11.33 14.49 -11.04
CA GLN C 137 -11.65 13.70 -12.21
C GLN C 137 -12.14 14.62 -13.32
N LEU C 138 -12.44 14.04 -14.47
CA LEU C 138 -12.94 14.78 -15.62
C LEU C 138 -14.45 14.60 -15.72
N TYR C 139 -15.18 15.71 -15.70
CA TYR C 139 -16.63 15.69 -15.67
C TYR C 139 -17.21 16.41 -16.88
N ARG C 140 -18.49 16.12 -17.15
CA ARG C 140 -19.23 16.74 -18.23
C ARG C 140 -20.39 17.55 -17.64
N ILE C 141 -20.57 18.76 -18.14
CA ILE C 141 -21.66 19.63 -17.72
C ILE C 141 -22.61 19.80 -18.89
N ASP C 142 -23.80 19.21 -18.78
CA ASP C 142 -24.78 19.30 -19.84
C ASP C 142 -25.40 20.70 -19.90
N THR C 143 -26.03 21.00 -21.03
CA THR C 143 -26.52 22.35 -21.29
C THR C 143 -27.47 22.87 -20.22
N GLU C 144 -28.08 21.99 -19.42
CA GLU C 144 -28.93 22.43 -18.33
C GLU C 144 -28.17 22.63 -17.03
N GLY C 145 -26.90 22.21 -16.96
CA GLY C 145 -26.02 22.58 -15.86
C GLY C 145 -25.78 21.53 -14.79
N LYS C 146 -26.15 20.27 -15.02
CA LYS C 146 -25.89 19.22 -14.04
C LYS C 146 -24.71 18.37 -14.47
N LEU C 147 -23.88 18.00 -13.50
CA LEU C 147 -22.64 17.28 -13.77
C LEU C 147 -22.86 15.78 -13.77
N LEU C 148 -22.15 15.09 -14.67
CA LEU C 148 -22.09 13.64 -14.71
C LEU C 148 -20.68 13.25 -15.15
N PRO C 149 -20.17 12.12 -14.65
CA PRO C 149 -18.77 11.78 -14.92
C PRO C 149 -18.49 11.54 -16.40
N LEU C 150 -17.26 11.85 -16.80
CA LEU C 150 -16.79 11.60 -18.16
C LEU C 150 -15.70 10.53 -18.13
N ILE C 151 -14.54 10.83 -17.53
CA ILE C 151 -13.47 9.87 -17.34
C ILE C 151 -13.09 9.87 -15.87
N VAL C 152 -13.06 8.69 -15.26
CA VAL C 152 -12.80 8.55 -13.83
C VAL C 152 -11.67 7.54 -13.64
N ASN C 153 -10.59 7.98 -13.03
CA ASN C 153 -9.51 7.07 -12.62
C ASN C 153 -9.86 6.44 -11.29
N PRO C 154 -10.07 5.12 -11.24
CA PRO C 154 -10.56 4.51 -9.99
C PRO C 154 -9.61 4.61 -8.81
N ASN C 155 -8.32 4.85 -9.04
CA ASN C 155 -7.34 4.98 -7.98
C ASN C 155 -6.47 6.21 -8.22
N PRO C 156 -6.90 7.37 -7.74
CA PRO C 156 -6.07 8.58 -7.84
C PRO C 156 -4.93 8.57 -6.85
N VAL C 157 -3.83 9.22 -7.23
CA VAL C 157 -2.64 9.28 -6.38
C VAL C 157 -2.71 10.53 -5.50
N PRO C 158 -2.27 10.45 -4.25
CA PRO C 158 -2.23 11.64 -3.41
C PRO C 158 -1.14 12.60 -3.85
N VAL C 159 -1.37 13.89 -3.61
CA VAL C 159 -0.47 14.92 -4.11
C VAL C 159 -0.47 16.07 -3.12
N GLY C 160 0.36 17.09 -3.38
CA GLY C 160 0.51 18.21 -2.46
C GLY C 160 1.69 18.01 -1.53
N LYS C 161 1.72 18.82 -0.48
CA LYS C 161 2.69 18.59 0.60
C LYS C 161 1.98 17.76 1.66
N ALA C 162 2.32 16.48 1.72
CA ALA C 162 1.68 15.54 2.63
C ALA C 162 2.55 14.30 2.74
N ASP C 163 2.31 13.52 3.79
CA ASP C 163 2.99 12.24 3.90
C ASP C 163 2.51 11.30 2.80
N MET C 164 3.46 10.54 2.24
CA MET C 164 3.16 9.53 1.22
C MET C 164 2.42 10.14 0.02
N SER C 165 2.92 11.28 -0.45
CA SER C 165 2.31 11.99 -1.56
C SER C 165 3.39 12.39 -2.57
N PHE C 166 2.94 12.76 -3.77
CA PHE C 166 3.82 13.22 -4.84
C PHE C 166 3.84 14.74 -4.87
N PRO C 167 5.00 15.36 -4.92
CA PRO C 167 5.09 16.83 -4.99
C PRO C 167 5.11 17.40 -6.42
N LEU C 168 3.93 17.58 -7.01
CA LEU C 168 3.81 18.25 -8.30
C LEU C 168 4.54 19.59 -8.30
N GLY C 169 4.03 20.55 -7.53
CA GLY C 169 4.63 21.87 -7.46
C GLY C 169 3.61 22.99 -7.41
N ILE C 172 1.42 21.87 -4.08
CA ILE C 172 0.18 22.63 -4.06
C ILE C 172 -0.70 22.07 -2.94
N ARG C 173 -1.98 22.45 -2.93
CA ARG C 173 -2.90 22.01 -1.89
C ARG C 173 -2.97 20.48 -1.86
N PRO C 174 -2.93 19.86 -0.67
CA PRO C 174 -3.00 18.40 -0.60
C PRO C 174 -4.33 17.88 -1.11
N SER C 175 -4.28 16.82 -1.91
CA SER C 175 -5.45 16.26 -2.57
C SER C 175 -5.10 15.01 -3.36
N HIS C 176 -6.09 14.36 -3.95
CA HIS C 176 -5.90 13.24 -4.86
C HIS C 176 -6.29 13.67 -6.26
N ILE C 177 -5.42 13.39 -7.22
CA ILE C 177 -5.64 13.77 -8.62
C ILE C 177 -5.80 12.50 -9.43
N GLY C 178 -7.02 12.23 -9.87
CA GLY C 178 -7.30 11.14 -10.78
C GLY C 178 -6.93 11.45 -12.21
N ILE C 179 -7.33 12.64 -12.68
CA ILE C 179 -7.05 13.09 -14.04
C ILE C 179 -6.19 14.35 -13.93
N LEU C 180 -5.02 14.32 -14.55
CA LEU C 180 -4.10 15.45 -14.47
C LEU C 180 -4.52 16.58 -15.42
N ASP C 181 -4.41 16.33 -16.73
CA ASP C 181 -4.78 17.31 -17.75
C ASP C 181 -5.60 16.62 -18.83
N TYR C 182 -6.29 17.43 -19.62
CA TYR C 182 -7.09 16.93 -20.74
C TYR C 182 -7.19 18.03 -21.79
N ASP C 183 -7.38 17.62 -23.05
CA ASP C 183 -7.68 18.56 -24.12
C ASP C 183 -8.54 17.87 -25.17
N TRP C 184 -9.52 18.60 -25.68
CA TRP C 184 -10.36 18.10 -26.76
C TRP C 184 -9.69 18.31 -28.11
N SER C 185 -10.05 17.48 -29.08
CA SER C 185 -9.70 17.74 -30.46
C SER C 185 -10.52 18.93 -30.98
N PRO C 186 -10.07 19.56 -32.06
CA PRO C 186 -10.85 20.71 -32.59
C PRO C 186 -12.29 20.36 -32.92
N ASP C 187 -12.57 19.12 -33.32
CA ASP C 187 -13.91 18.68 -33.66
C ASP C 187 -14.64 18.02 -32.50
N GLY C 188 -13.98 17.84 -31.36
CA GLY C 188 -14.61 17.26 -30.20
C GLY C 188 -14.81 15.75 -30.23
N LYS C 189 -14.44 15.09 -31.33
CA LYS C 189 -14.61 13.65 -31.42
C LYS C 189 -13.51 12.89 -30.68
N TRP C 190 -12.29 13.41 -30.69
CA TRP C 190 -11.16 12.78 -30.02
C TRP C 190 -10.87 13.50 -28.69
N LEU C 191 -10.46 12.72 -27.70
CA LEU C 191 -10.19 13.23 -26.37
C LEU C 191 -8.81 12.75 -25.91
N TRP C 192 -7.95 13.71 -25.56
CA TRP C 192 -6.62 13.43 -25.05
C TRP C 192 -6.58 13.79 -23.57
N TYR C 193 -6.05 12.89 -22.75
CA TYR C 193 -5.98 13.15 -21.32
C TYR C 193 -4.81 12.37 -20.72
N SER C 194 -4.30 12.88 -19.60
CA SER C 194 -3.22 12.24 -18.86
C SER C 194 -3.64 12.03 -17.42
N GLN C 195 -3.08 11.00 -16.80
CA GLN C 195 -3.36 10.71 -15.40
C GLN C 195 -2.10 10.19 -14.72
N LEU C 196 -2.01 10.44 -13.42
CA LEU C 196 -0.86 9.99 -12.64
C LEU C 196 -1.08 8.55 -12.18
N ARG C 197 -0.04 7.74 -12.32
CA ARG C 197 -0.06 6.35 -11.90
C ARG C 197 1.01 6.14 -10.84
N ALA C 198 0.60 5.76 -9.64
CA ALA C 198 1.54 5.55 -8.56
C ALA C 198 2.45 4.37 -8.88
N LYS C 199 3.76 4.61 -8.82
CA LYS C 199 4.74 3.56 -9.11
C LYS C 199 4.81 2.61 -7.93
N SER C 200 4.55 1.34 -8.17
CA SER C 200 4.52 0.33 -7.11
C SER C 200 5.77 -0.52 -7.21
N ASP C 201 6.70 -0.32 -6.29
CA ASP C 201 7.86 -1.19 -6.12
C ASP C 201 8.42 -0.95 -4.72
N GLY C 202 9.19 -1.92 -4.24
CA GLY C 202 9.81 -1.81 -2.94
C GLY C 202 10.85 -0.71 -2.90
N PRO C 203 11.21 -0.26 -1.69
CA PRO C 203 12.26 0.75 -1.58
C PRO C 203 13.61 0.18 -1.99
N ARG C 204 14.42 1.03 -2.61
CA ARG C 204 15.69 0.61 -3.18
C ARG C 204 16.82 1.51 -2.70
N VAL C 205 18.03 1.03 -2.85
CA VAL C 205 19.23 1.80 -2.49
C VAL C 205 19.47 2.85 -3.57
N ARG C 206 19.70 4.09 -3.14
CA ARG C 206 19.94 5.20 -4.04
C ARG C 206 21.38 5.65 -3.96
N PHE C 207 21.90 6.17 -5.06
CA PHE C 207 23.32 6.47 -5.19
C PHE C 207 23.53 7.85 -5.81
N ASP C 208 24.55 8.55 -5.30
CA ASP C 208 25.09 9.77 -5.90
C ASP C 208 23.98 10.82 -6.04
N GLU C 209 23.69 11.30 -7.25
CA GLU C 209 22.72 12.38 -7.42
C GLU C 209 21.32 12.02 -6.93
N GLU C 210 21.02 10.72 -6.81
CA GLU C 210 19.75 10.31 -6.25
C GLU C 210 19.63 10.73 -4.79
N VAL C 211 20.75 10.73 -4.06
CA VAL C 211 20.74 11.11 -2.65
C VAL C 211 20.69 12.62 -2.50
N THR C 212 21.44 13.36 -3.33
CA THR C 212 21.51 14.81 -3.19
C THR C 212 20.16 15.46 -3.46
N ALA C 213 19.32 14.85 -4.29
CA ALA C 213 18.01 15.41 -4.57
C ALA C 213 17.07 15.33 -3.37
N LEU C 214 17.42 14.52 -2.37
CA LEU C 214 16.63 14.37 -1.16
C LEU C 214 17.09 15.28 -0.03
N LEU C 215 18.04 16.18 -0.30
CA LEU C 215 18.63 17.00 0.77
C LEU C 215 17.58 17.83 1.50
N GLY C 216 16.61 18.36 0.77
CA GLY C 216 15.63 19.25 1.38
C GLY C 216 14.30 18.62 1.73
N ARG C 217 14.28 17.30 1.89
CA ARG C 217 13.02 16.61 2.15
C ARG C 217 12.55 16.86 3.58
N ARG C 218 11.31 17.32 3.73
CA ARG C 218 10.67 17.40 5.03
C ARG C 218 9.70 16.25 5.31
N ARG C 219 9.46 15.37 4.34
CA ARG C 219 8.36 14.43 4.45
C ARG C 219 8.63 13.22 3.57
N SER C 220 7.88 12.16 3.83
CA SER C 220 7.92 10.97 2.99
C SER C 220 7.18 11.23 1.68
N THR C 221 7.79 10.83 0.57
CA THR C 221 7.22 11.02 -0.75
C THR C 221 7.08 9.68 -1.45
N ILE C 222 6.21 9.66 -2.46
CA ILE C 222 6.06 8.49 -3.32
C ILE C 222 6.54 8.87 -4.71
N ASP C 223 6.53 7.92 -5.64
CA ASP C 223 6.97 8.16 -7.00
C ASP C 223 5.86 7.75 -7.96
N VAL C 224 5.70 8.52 -9.03
CA VAL C 224 4.63 8.30 -10.00
C VAL C 224 5.18 8.44 -11.41
N GLU C 225 4.42 7.91 -12.36
CA GLU C 225 4.61 8.16 -13.78
C GLU C 225 3.34 8.74 -14.36
N VAL C 226 3.48 9.44 -15.47
CA VAL C 226 2.35 10.10 -16.13
C VAL C 226 2.02 9.32 -17.39
N ASP C 227 0.85 8.69 -17.39
CA ASP C 227 0.37 7.98 -18.56
C ASP C 227 -0.43 8.92 -19.45
N PHE C 228 -0.24 8.80 -20.76
CA PHE C 228 -0.97 9.58 -21.74
C PHE C 228 -1.91 8.66 -22.50
N PHE C 229 -3.20 9.02 -22.50
CA PHE C 229 -4.23 8.24 -23.16
C PHE C 229 -4.89 9.04 -24.27
N LEU C 230 -5.46 8.32 -25.23
CA LEU C 230 -6.22 8.92 -26.32
C LEU C 230 -7.46 8.09 -26.56
N ARG C 231 -8.62 8.72 -26.55
CA ARG C 231 -9.90 8.03 -26.74
C ARG C 231 -10.46 8.36 -28.11
N ASN C 232 -10.83 7.32 -28.86
CA ASN C 232 -11.41 7.49 -30.18
C ASN C 232 -12.89 7.87 -30.06
N PRO C 233 -13.49 8.37 -31.15
CA PRO C 233 -14.92 8.71 -31.11
C PRO C 233 -15.82 7.54 -30.73
N GLU C 234 -15.37 6.30 -30.91
CA GLU C 234 -16.18 5.14 -30.56
C GLU C 234 -16.16 4.84 -29.06
N GLY C 235 -15.24 5.42 -28.30
CA GLY C 235 -15.18 5.22 -26.86
C GLY C 235 -14.07 4.31 -26.38
N ASP C 236 -13.22 3.79 -27.27
CA ASP C 236 -12.12 2.94 -26.87
C ASP C 236 -10.88 3.79 -26.59
N THR C 237 -10.19 3.45 -25.50
CA THR C 237 -9.04 4.21 -25.03
C THR C 237 -7.75 3.45 -25.28
N THR C 238 -6.73 4.18 -25.73
CA THR C 238 -5.40 3.62 -25.97
C THR C 238 -4.36 4.48 -25.27
N ARG C 239 -3.40 3.84 -24.62
CA ARG C 239 -2.35 4.56 -23.91
C ARG C 239 -1.24 4.94 -24.89
N ILE C 240 -1.02 6.25 -25.04
CA ILE C 240 0.00 6.72 -25.98
C ILE C 240 1.38 6.34 -25.51
N MET C 241 1.73 6.75 -24.29
CA MET C 241 3.06 6.49 -23.74
C MET C 241 3.01 6.78 -22.24
N ALA C 242 4.15 6.59 -21.58
CA ALA C 242 4.31 6.89 -20.18
C ALA C 242 5.56 7.74 -19.99
N ARG C 243 5.50 8.67 -19.06
CA ARG C 243 6.63 9.56 -18.80
C ARG C 243 7.01 9.52 -17.33
N PRO C 244 8.31 9.56 -17.03
CA PRO C 244 8.75 9.59 -15.63
C PRO C 244 8.45 10.92 -14.97
N SER C 245 8.52 10.91 -13.64
CA SER C 245 8.22 12.12 -12.87
C SER C 245 9.23 13.23 -13.15
N THR C 246 10.42 12.90 -13.65
CA THR C 246 11.41 13.92 -14.01
C THR C 246 10.96 14.79 -15.17
N ASP C 247 9.93 14.39 -15.90
CA ASP C 247 9.38 15.23 -16.96
C ASP C 247 8.46 16.28 -16.32
N ARG C 248 8.82 17.56 -16.45
CA ARG C 248 8.07 18.60 -15.78
C ARG C 248 6.83 19.00 -16.56
N VAL C 249 6.92 19.12 -17.88
CA VAL C 249 5.75 19.50 -18.67
C VAL C 249 4.70 18.41 -18.64
N ALA C 250 5.12 17.15 -18.42
CA ALA C 250 4.16 16.06 -18.30
C ALA C 250 3.44 16.10 -16.95
N THR C 251 4.16 16.40 -15.88
CA THR C 251 3.56 16.45 -14.56
C THR C 251 2.79 17.74 -14.32
N ARG C 252 3.33 18.87 -14.76
CA ARG C 252 2.68 20.16 -14.59
C ARG C 252 1.45 20.29 -15.49
N ARG C 256 0.00 21.49 -24.04
CA ARG C 256 0.94 21.79 -25.12
C ARG C 256 0.62 20.94 -26.35
N VAL C 257 -0.62 20.47 -26.43
CA VAL C 257 -1.03 19.51 -27.45
C VAL C 257 -1.50 20.25 -28.69
N LEU C 258 -1.09 19.74 -29.86
CA LEU C 258 -1.56 20.21 -31.15
C LEU C 258 -2.19 19.05 -31.91
N TRP C 259 -3.06 19.39 -32.87
CA TRP C 259 -3.75 18.39 -33.67
C TRP C 259 -3.52 18.73 -35.14
N ARG C 260 -2.78 17.86 -35.84
CA ARG C 260 -2.50 18.03 -37.26
C ARG C 260 -2.84 16.74 -37.98
N GLY C 261 -3.89 16.78 -38.81
CA GLY C 261 -4.26 15.61 -39.59
C GLY C 261 -4.56 14.40 -38.71
N ASN C 262 -3.88 13.29 -39.01
CA ASN C 262 -4.04 12.06 -38.26
C ASN C 262 -3.16 12.00 -37.02
N GLU C 263 -2.35 13.03 -36.76
CA GLU C 263 -1.40 13.03 -35.66
C GLU C 263 -1.88 13.93 -34.53
N VAL C 264 -1.57 13.51 -33.31
CA VAL C 264 -1.73 14.34 -32.12
C VAL C 264 -0.34 14.56 -31.53
N GLN C 265 0.07 15.82 -31.45
CA GLN C 265 1.43 16.19 -31.08
C GLN C 265 1.42 16.93 -29.74
N PHE C 266 2.32 16.55 -28.85
CA PHE C 266 2.52 17.25 -27.59
C PHE C 266 4.01 17.33 -27.29
N ARG C 267 4.35 17.97 -26.18
CA ARG C 267 5.73 18.27 -25.82
C ARG C 267 6.12 17.50 -24.57
N ILE C 268 7.32 16.91 -24.59
CA ILE C 268 7.84 16.15 -23.46
C ILE C 268 9.27 16.61 -23.18
N GLU C 269 9.68 16.49 -21.92
CA GLU C 269 11.03 16.80 -21.50
C GLU C 269 11.77 15.53 -21.14
N THR C 270 13.02 15.44 -21.58
CA THR C 270 13.83 14.26 -21.30
C THR C 270 14.91 14.56 -20.26
N ALA C 278 16.84 19.65 -23.59
CA ALA C 278 16.29 18.55 -22.81
C ALA C 278 14.80 18.34 -23.13
N PHE C 279 14.33 19.01 -24.17
CA PHE C 279 12.92 18.98 -24.56
C PHE C 279 12.79 18.36 -25.95
N GLU C 280 11.60 17.83 -26.22
CA GLU C 280 11.32 17.20 -27.50
C GLU C 280 9.86 17.39 -27.86
N PHE C 281 9.58 17.34 -29.16
CA PHE C 281 8.22 17.33 -29.69
C PHE C 281 7.96 15.98 -30.32
N VAL C 282 6.96 15.27 -29.83
CA VAL C 282 6.62 13.93 -30.30
C VAL C 282 5.21 13.95 -30.88
N ALA C 283 4.94 12.99 -31.76
CA ALA C 283 3.66 12.89 -32.44
C ALA C 283 3.15 11.46 -32.35
N TRP C 284 1.88 11.31 -32.01
CA TRP C 284 1.20 10.02 -31.96
C TRP C 284 0.19 9.93 -33.09
N ASN C 285 0.25 8.84 -33.84
CA ASN C 285 -0.65 8.63 -34.96
C ASN C 285 -1.93 7.96 -34.46
N ARG C 286 -3.08 8.56 -34.77
CA ARG C 286 -4.33 8.09 -34.19
C ARG C 286 -4.78 6.76 -34.78
N VAL C 287 -4.36 6.44 -36.01
CA VAL C 287 -4.70 5.16 -36.63
C VAL C 287 -3.51 4.22 -36.57
N ASN C 288 -2.38 4.64 -37.17
CA ASN C 288 -1.18 3.80 -37.21
C ASN C 288 -0.72 3.39 -35.81
N ARG C 289 -1.00 4.21 -34.80
CA ARG C 289 -0.56 3.95 -33.43
C ARG C 289 0.96 3.83 -33.34
N THR C 290 1.65 4.82 -33.91
CA THR C 290 3.10 4.89 -33.88
C THR C 290 3.55 6.25 -33.37
N VAL C 291 4.82 6.35 -33.00
CA VAL C 291 5.40 7.56 -32.46
C VAL C 291 6.66 7.91 -33.25
N ARG C 292 7.11 9.15 -33.07
CA ARG C 292 8.30 9.67 -33.75
C ARG C 292 8.55 11.08 -33.23
N THR C 293 9.76 11.57 -33.47
CA THR C 293 10.16 12.92 -33.10
C THR C 293 10.18 13.82 -34.32
N LEU C 294 9.81 15.09 -34.11
CA LEU C 294 9.69 16.04 -35.21
C LEU C 294 10.98 16.84 -35.38
N ILE C 305 1.72 30.14 -28.07
CA ILE C 305 0.82 31.16 -27.54
C ILE C 305 1.15 32.52 -28.17
N LEU C 306 0.15 33.41 -28.18
CA LEU C 306 0.28 34.77 -28.69
C LEU C 306 0.68 34.77 -30.17
N VAL C 307 -0.26 34.33 -30.99
CA VAL C 307 -0.13 34.34 -32.45
C VAL C 307 -1.12 35.35 -33.01
N GLY C 308 -0.70 36.10 -34.01
CA GLY C 308 -1.54 37.10 -34.64
C GLY C 308 -2.28 36.54 -35.84
N PRO C 309 -3.12 37.37 -36.48
CA PRO C 309 -3.86 36.89 -37.66
C PRO C 309 -2.95 36.47 -38.80
N ARG C 310 -1.93 37.26 -39.11
CA ARG C 310 -1.02 36.90 -40.19
C ARG C 310 -0.10 35.74 -39.84
N GLY C 311 -0.15 35.24 -38.60
CA GLY C 311 0.61 34.08 -38.18
C GLY C 311 1.87 34.43 -37.43
N GLY C 312 2.39 35.63 -37.59
CA GLY C 312 3.56 36.05 -36.87
C GLY C 312 3.26 36.19 -35.40
N GLN C 313 4.31 36.03 -34.58
CA GLN C 313 4.13 36.12 -33.14
C GLN C 313 3.90 37.58 -32.73
N LEU C 314 3.65 37.81 -31.44
CA LEU C 314 3.36 39.13 -30.90
C LEU C 314 4.35 39.46 -29.79
N SER C 315 5.10 40.54 -29.99
CA SER C 315 6.03 41.03 -28.99
C SER C 315 5.92 42.55 -28.96
N THR C 316 6.41 43.15 -27.88
CA THR C 316 6.31 44.59 -27.68
C THR C 316 7.69 45.21 -27.51
N SER C 317 7.93 46.28 -28.27
CA SER C 317 9.09 47.14 -28.22
C SER C 317 8.60 48.55 -27.85
N GLY C 318 9.48 49.53 -27.97
CA GLY C 318 9.06 50.86 -27.54
C GLY C 318 9.02 51.03 -26.03
N LEU C 319 10.21 51.01 -25.42
CA LEU C 319 10.34 51.13 -23.98
C LEU C 319 9.90 52.54 -23.53
N GLY C 320 10.00 52.80 -22.24
CA GLY C 320 9.51 54.06 -21.69
C GLY C 320 8.00 54.07 -21.55
N SER C 321 7.37 55.17 -21.97
CA SER C 321 5.98 55.44 -21.62
C SER C 321 5.01 54.56 -22.39
N ASP C 322 4.85 54.79 -23.67
CA ASP C 322 4.00 53.95 -24.50
C ASP C 322 4.82 52.78 -25.04
N ARG C 323 4.15 51.89 -25.78
CA ARG C 323 4.81 50.74 -26.39
C ARG C 323 4.35 50.61 -27.83
N GLU C 324 5.10 49.85 -28.61
CA GLU C 324 4.74 49.54 -30.00
C GLU C 324 4.45 48.05 -30.12
N LEU C 325 3.34 47.72 -30.77
CA LEU C 325 2.92 46.34 -30.96
C LEU C 325 3.28 45.89 -32.37
N ILE C 326 4.03 44.80 -32.48
CA ILE C 326 4.53 44.31 -33.75
C ILE C 326 4.21 42.84 -33.88
N GLU C 327 3.95 42.41 -35.12
CA GLU C 327 3.64 41.02 -35.44
C GLU C 327 4.74 40.50 -36.36
N THR C 328 5.54 39.56 -35.87
CA THR C 328 6.78 39.13 -36.52
C THR C 328 6.69 37.67 -36.93
N SER C 329 6.86 37.42 -38.22
CA SER C 329 6.91 36.05 -38.74
C SER C 329 8.34 35.66 -39.11
N PRO C 334 7.74 41.27 -40.58
CA PRO C 334 7.95 42.27 -39.52
C PRO C 334 6.92 43.41 -39.53
N HIS C 335 5.66 43.07 -39.26
CA HIS C 335 4.60 44.07 -39.21
C HIS C 335 4.75 44.98 -37.99
N SER C 336 4.12 46.15 -38.06
CA SER C 336 4.02 47.04 -36.94
C SER C 336 2.60 47.59 -36.87
N TYR C 337 1.93 47.40 -35.74
CA TYR C 337 0.57 47.89 -35.54
C TYR C 337 0.52 49.27 -34.93
N GLY C 338 1.66 49.85 -34.57
CA GLY C 338 1.69 51.21 -34.06
C GLY C 338 1.86 51.24 -32.55
N ARG C 339 1.75 52.46 -32.02
CA ARG C 339 1.92 52.68 -30.60
C ARG C 339 0.73 52.15 -29.82
N VAL C 340 1.03 51.51 -28.68
CA VAL C 340 0.00 50.99 -27.77
C VAL C 340 0.35 51.42 -26.36
N ALA C 341 -0.69 51.51 -25.52
CA ALA C 341 -0.56 51.99 -24.16
C ALA C 341 -0.38 50.88 -23.13
N PHE C 342 -0.28 49.63 -23.55
CA PHE C 342 -0.31 48.50 -22.63
C PHE C 342 0.85 47.54 -22.90
N ASP C 343 1.09 46.65 -21.95
CA ASP C 343 1.96 45.51 -22.15
C ASP C 343 1.13 44.31 -22.61
N ILE C 344 1.79 43.19 -22.88
CA ILE C 344 1.16 42.09 -23.59
C ILE C 344 1.24 40.82 -22.76
N GLY C 345 0.17 40.02 -22.80
CA GLY C 345 0.15 38.66 -22.34
C GLY C 345 0.66 38.38 -20.94
N ASP C 346 0.13 39.11 -19.95
CA ASP C 346 0.45 38.80 -18.56
C ASP C 346 -0.47 37.70 -18.04
N SER C 347 0.06 36.87 -17.15
CA SER C 347 -0.70 35.76 -16.61
C SER C 347 -1.97 36.21 -15.91
N ARG C 348 -2.00 37.45 -15.41
CA ARG C 348 -3.16 37.98 -14.72
C ARG C 348 -4.21 38.57 -15.65
N SER C 349 -3.90 38.68 -16.94
CA SER C 349 -4.83 39.24 -17.91
C SER C 349 -5.76 38.15 -18.42
N ALA C 350 -6.54 38.48 -19.46
CA ALA C 350 -7.53 37.55 -20.00
C ALA C 350 -6.92 36.46 -20.88
N GLY C 351 -5.63 36.53 -21.17
CA GLY C 351 -5.00 35.52 -22.02
C GLY C 351 -5.09 35.85 -23.49
N TRP C 352 -5.17 34.81 -24.33
CA TRP C 352 -5.17 34.98 -25.77
C TRP C 352 -6.12 33.97 -26.41
N LYS C 353 -6.80 34.41 -27.47
CA LYS C 353 -7.73 33.56 -28.20
C LYS C 353 -7.69 33.95 -29.68
N ARG C 354 -7.79 32.95 -30.54
CA ARG C 354 -7.75 33.15 -31.98
C ARG C 354 -9.05 32.65 -32.61
N SER C 355 -9.53 33.37 -33.62
CA SER C 355 -10.72 32.96 -34.34
C SER C 355 -10.46 31.69 -35.15
N ARG C 356 -11.55 31.01 -35.51
CA ARG C 356 -11.43 29.79 -36.31
C ARG C 356 -10.75 30.07 -37.65
N ASP C 357 -11.27 31.06 -38.38
CA ASP C 357 -10.68 31.41 -39.67
C ASP C 357 -9.26 31.96 -39.51
N GLY C 358 -8.97 32.61 -38.38
CA GLY C 358 -7.66 33.14 -38.12
C GLY C 358 -7.45 34.59 -38.49
N LYS C 359 -8.52 35.32 -38.81
CA LYS C 359 -8.40 36.72 -39.18
C LYS C 359 -8.57 37.67 -38.01
N ARG C 360 -8.98 37.19 -36.84
CA ARG C 360 -9.20 38.02 -35.67
C ARG C 360 -8.69 37.31 -34.43
N VAL C 361 -7.98 38.06 -33.56
CA VAL C 361 -7.48 37.54 -32.29
C VAL C 361 -7.78 38.55 -31.20
N VAL C 362 -7.79 38.06 -29.96
CA VAL C 362 -7.99 38.88 -28.78
C VAL C 362 -6.90 38.54 -27.78
N ILE C 363 -6.29 39.58 -27.19
CA ILE C 363 -5.21 39.40 -26.23
C ILE C 363 -5.51 40.20 -24.97
N GLY C 364 -5.10 39.65 -23.83
CA GLY C 364 -5.20 40.38 -22.57
C GLY C 364 -4.09 41.42 -22.45
N THR C 365 -4.45 42.57 -21.91
CA THR C 365 -3.54 43.70 -21.80
C THR C 365 -3.37 44.11 -20.35
N ARG C 366 -2.19 44.65 -20.05
CA ARG C 366 -1.93 45.32 -18.78
C ARG C 366 -1.26 46.65 -19.10
N GLY C 367 -1.95 47.75 -18.78
CA GLY C 367 -1.43 49.06 -19.12
C GLY C 367 -0.37 49.55 -18.14
N LEU C 368 0.63 50.24 -18.67
CA LEU C 368 1.56 50.98 -17.83
C LEU C 368 0.83 52.17 -17.19
N GLY C 369 1.43 52.73 -16.14
CA GLY C 369 0.69 53.72 -15.39
C GLY C 369 -0.45 53.09 -14.60
N ASP C 370 -1.69 53.44 -14.95
CA ASP C 370 -2.87 53.07 -14.19
C ASP C 370 -2.94 51.58 -13.84
N ALA C 371 -2.22 50.73 -14.58
CA ALA C 371 -2.12 49.29 -14.28
C ALA C 371 -3.49 48.63 -14.28
N ARG C 372 -4.21 48.80 -15.38
CA ARG C 372 -5.53 48.22 -15.57
C ARG C 372 -5.48 47.13 -16.63
N TYR C 373 -6.27 46.08 -16.44
CA TYR C 373 -6.32 44.97 -17.38
C TYR C 373 -7.46 45.17 -18.38
N GLY C 374 -7.24 44.75 -19.62
CA GLY C 374 -8.23 44.94 -20.64
C GLY C 374 -7.99 44.04 -21.83
N LEU C 375 -8.73 44.31 -22.91
CA LEU C 375 -8.67 43.51 -24.11
C LEU C 375 -8.18 44.35 -25.28
N ALA C 376 -7.64 43.66 -26.30
CA ALA C 376 -7.21 44.29 -27.53
C ALA C 376 -7.58 43.39 -28.70
N LEU C 377 -8.20 43.98 -29.72
CA LEU C 377 -8.62 43.24 -30.91
C LEU C 377 -7.67 43.56 -32.06
N ILE C 378 -7.13 42.51 -32.67
CA ILE C 378 -6.21 42.64 -33.79
C ILE C 378 -6.85 42.01 -35.02
N ASP C 379 -6.73 42.68 -36.16
CA ASP C 379 -7.44 42.29 -37.37
C ASP C 379 -6.54 42.61 -38.57
N LYS C 380 -7.11 42.50 -39.77
CA LYS C 380 -6.41 42.85 -41.00
C LYS C 380 -6.45 44.36 -41.27
N THR C 381 -7.05 45.13 -40.37
CA THR C 381 -6.96 46.58 -40.44
C THR C 381 -5.86 47.08 -39.52
N GLY C 382 -6.03 46.87 -38.23
CA GLY C 382 -5.03 47.30 -37.27
C GLY C 382 -5.37 46.81 -35.88
N VAL C 383 -4.72 47.42 -34.89
CA VAL C 383 -4.93 47.10 -33.48
C VAL C 383 -5.91 48.11 -32.90
N ARG C 384 -6.96 47.60 -32.24
CA ARG C 384 -7.94 48.44 -31.57
C ARG C 384 -8.27 47.81 -30.23
N GLU C 385 -8.09 48.56 -29.14
CA GLU C 385 -8.40 48.07 -27.81
C GLU C 385 -9.67 48.74 -27.30
N LEU C 386 -10.53 47.93 -26.69
CA LEU C 386 -11.74 48.44 -26.05
C LEU C 386 -11.43 48.79 -24.60
N ARG C 387 -12.03 49.88 -24.12
CA ARG C 387 -11.80 50.36 -22.77
C ARG C 387 -13.09 50.39 -21.98
N ALA C 388 -13.01 49.96 -20.73
CA ALA C 388 -14.09 50.06 -19.77
C ALA C 388 -13.66 50.95 -18.62
N ASP C 389 -14.54 51.14 -17.65
CA ASP C 389 -14.25 51.94 -16.48
C ASP C 389 -13.55 51.15 -15.39
N ALA C 390 -13.30 49.87 -15.61
CA ALA C 390 -12.55 49.03 -14.67
C ALA C 390 -11.77 48.00 -15.47
N SER C 391 -11.17 47.06 -14.77
CA SER C 391 -10.31 46.05 -15.39
C SER C 391 -11.07 44.76 -15.64
N LEU C 392 -10.80 44.14 -16.79
CA LEU C 392 -11.39 42.85 -17.14
C LEU C 392 -10.33 41.78 -16.97
N THR C 393 -10.52 40.91 -15.99
CA THR C 393 -9.49 39.92 -15.63
C THR C 393 -9.71 38.61 -16.40
N ARG C 394 -10.79 37.89 -16.08
CA ARG C 394 -11.10 36.63 -16.73
C ARG C 394 -12.21 36.83 -17.76
N CYS C 395 -12.03 36.22 -18.93
CA CYS C 395 -12.98 36.38 -20.03
C CYS C 395 -13.18 35.06 -20.75
N GLY C 396 -14.45 34.76 -21.05
CA GLY C 396 -14.80 33.71 -21.98
C GLY C 396 -15.13 34.29 -23.34
N PHE C 397 -15.08 33.43 -24.36
CA PHE C 397 -15.35 33.85 -25.73
C PHE C 397 -16.15 32.77 -26.44
N ASP C 398 -16.85 33.18 -27.49
CA ASP C 398 -17.55 32.25 -28.35
C ASP C 398 -16.63 31.81 -29.49
N GLY C 399 -17.19 31.02 -30.42
CA GLY C 399 -16.38 30.49 -31.50
C GLY C 399 -15.97 31.53 -32.52
N MET C 400 -16.84 32.50 -32.80
CA MET C 400 -16.58 33.51 -33.82
C MET C 400 -15.90 34.76 -33.26
N LEU C 401 -15.64 34.81 -31.95
CA LEU C 401 -15.00 35.96 -31.31
C LEU C 401 -15.79 37.23 -31.52
N ARG C 402 -17.12 37.12 -31.58
CA ARG C 402 -17.99 38.29 -31.70
C ARG C 402 -18.47 38.82 -30.35
N SER C 403 -18.26 38.07 -29.26
CA SER C 403 -18.79 38.47 -27.97
C SER C 403 -17.96 37.81 -26.88
N ALA C 404 -18.10 38.35 -25.67
CA ALA C 404 -17.36 37.84 -24.52
C ALA C 404 -18.14 38.09 -23.25
N ILE C 405 -17.93 37.21 -22.27
CA ILE C 405 -18.41 37.42 -20.90
C ILE C 405 -17.18 37.47 -20.00
N CYS C 406 -17.10 38.52 -19.18
CA CYS C 406 -15.88 38.82 -18.44
C CYS C 406 -16.21 39.18 -17.00
N VAL C 407 -15.17 39.23 -16.19
CA VAL C 407 -15.25 39.65 -14.79
C VAL C 407 -14.66 41.05 -14.70
N GLU C 408 -15.51 42.04 -14.45
CA GLU C 408 -15.06 43.42 -14.29
C GLU C 408 -14.66 43.64 -12.83
N GLU C 409 -13.43 44.10 -12.62
CA GLU C 409 -12.84 44.19 -11.30
C GLU C 409 -12.18 45.55 -11.13
N GLY C 410 -12.18 46.04 -9.89
CA GLY C 410 -11.59 47.33 -9.58
C GLY C 410 -11.02 47.34 -8.18
N MET C 411 -10.18 48.35 -7.91
CA MET C 411 -9.48 48.42 -6.63
C MET C 411 -10.46 48.48 -5.47
N SER C 412 -11.33 49.50 -5.46
CA SER C 412 -12.38 49.62 -4.47
C SER C 412 -13.73 49.11 -4.96
N ARG C 413 -13.79 48.59 -6.18
CA ARG C 413 -15.06 48.14 -6.77
C ARG C 413 -15.12 46.62 -6.72
N PRO C 414 -16.14 46.03 -6.11
CA PRO C 414 -16.24 44.57 -6.03
C PRO C 414 -16.45 43.96 -7.40
N PRO C 415 -16.15 42.68 -7.58
CA PRO C 415 -16.26 42.07 -8.91
C PRO C 415 -17.70 41.94 -9.37
N ARG C 416 -17.88 42.02 -10.69
CA ARG C 416 -19.20 41.95 -11.30
C ARG C 416 -19.05 41.36 -12.70
N LEU C 417 -20.07 40.62 -13.13
CA LEU C 417 -20.08 40.03 -14.45
C LEU C 417 -20.62 41.02 -15.47
N VAL C 418 -19.99 41.07 -16.64
CA VAL C 418 -20.40 41.93 -17.75
C VAL C 418 -20.30 41.15 -19.05
N ARG C 419 -21.10 41.56 -20.03
CA ARG C 419 -21.01 41.03 -21.37
C ARG C 419 -20.42 42.09 -22.29
N VAL C 420 -19.51 41.67 -23.17
CA VAL C 420 -18.82 42.56 -24.07
C VAL C 420 -19.18 42.20 -25.50
N ASP C 421 -19.65 43.18 -26.27
CA ASP C 421 -19.87 43.02 -27.70
C ASP C 421 -18.60 43.51 -28.40
N LEU C 422 -17.86 42.57 -29.01
CA LEU C 422 -16.53 42.90 -29.51
C LEU C 422 -16.58 43.73 -30.79
N GLY C 423 -17.67 43.64 -31.55
CA GLY C 423 -17.79 44.45 -32.76
C GLY C 423 -18.12 45.91 -32.48
N THR C 424 -19.09 46.14 -31.60
CA THR C 424 -19.56 47.48 -31.28
C THR C 424 -18.91 48.07 -30.03
N ASP C 425 -18.06 47.30 -29.34
CA ASP C 425 -17.29 47.79 -28.18
C ASP C 425 -18.19 48.29 -27.05
N LYS C 426 -19.42 47.79 -26.97
CA LYS C 426 -20.33 48.15 -25.89
C LYS C 426 -20.31 47.07 -24.82
N ILE C 427 -20.39 47.50 -23.56
CA ILE C 427 -20.35 46.60 -22.42
C ILE C 427 -21.70 46.69 -21.71
N THR C 428 -22.46 45.60 -21.76
CA THR C 428 -23.73 45.49 -21.04
C THR C 428 -23.48 44.80 -19.71
N ASP C 429 -24.16 45.28 -18.67
CA ASP C 429 -23.86 44.90 -17.30
C ASP C 429 -24.78 43.78 -16.83
N LEU C 430 -24.23 42.87 -16.03
CA LEU C 430 -24.97 41.79 -15.39
C LEU C 430 -24.87 41.92 -13.87
N GLY C 431 -25.43 40.96 -13.16
CA GLY C 431 -25.48 40.99 -11.72
C GLY C 431 -24.11 40.92 -11.06
N PRO C 432 -24.03 41.29 -9.80
CA PRO C 432 -22.76 41.24 -9.07
C PRO C 432 -22.37 39.83 -8.69
N ILE C 433 -21.06 39.62 -8.54
CA ILE C 433 -20.56 38.30 -8.16
C ILE C 433 -20.78 38.04 -6.68
N SER C 434 -20.42 39.01 -5.83
CA SER C 434 -20.50 38.85 -4.38
C SER C 434 -21.36 39.97 -3.82
N PRO C 435 -22.67 39.76 -3.67
CA PRO C 435 -23.51 40.79 -3.04
C PRO C 435 -23.11 41.09 -1.61
N ARG C 436 -22.34 40.22 -0.96
CA ARG C 436 -21.85 40.52 0.39
C ARG C 436 -20.91 41.72 0.38
N HIS C 437 -20.09 41.86 -0.66
CA HIS C 437 -19.14 42.95 -0.74
C HIS C 437 -19.70 44.20 -1.42
N GLU C 438 -20.90 44.11 -2.00
CA GLU C 438 -21.54 45.30 -2.57
C GLU C 438 -22.11 46.22 -1.51
N GLU C 439 -22.33 45.72 -0.29
CA GLU C 439 -22.89 46.51 0.79
C GLU C 439 -21.82 47.19 1.63
N ILE C 440 -20.55 47.07 1.26
CA ILE C 440 -19.45 47.68 2.00
C ILE C 440 -19.17 49.06 1.43
N GLU C 441 -19.03 50.05 2.30
CA GLU C 441 -18.72 51.41 1.88
C GLU C 441 -17.32 51.45 1.28
N PRO C 442 -17.18 51.81 0.01
CA PRO C 442 -15.85 51.77 -0.63
C PRO C 442 -14.89 52.74 0.04
N LEU C 443 -13.70 52.24 0.36
CA LEU C 443 -12.63 53.08 0.88
C LEU C 443 -12.05 53.94 -0.25
N GLN C 444 -11.36 55.01 0.14
CA GLN C 444 -10.77 55.92 -0.82
C GLN C 444 -9.40 55.41 -1.25
N THR C 445 -9.26 55.09 -2.53
CA THR C 445 -8.02 54.58 -3.10
C THR C 445 -7.55 55.54 -4.20
N ILE C 446 -6.30 55.98 -4.10
CA ILE C 446 -5.72 56.90 -5.07
C ILE C 446 -4.50 56.23 -5.70
N ALA C 447 -4.59 55.96 -7.00
CA ALA C 447 -3.45 55.44 -7.74
C ALA C 447 -2.38 56.52 -7.85
N ARG C 448 -1.15 56.18 -7.45
CA ARG C 448 -0.07 57.15 -7.46
C ARG C 448 1.25 56.44 -7.74
N THR C 449 2.12 57.10 -8.49
CA THR C 449 3.45 56.60 -8.77
C THR C 449 4.49 57.53 -8.16
N PHE C 450 5.66 56.98 -7.83
CA PHE C 450 6.70 57.70 -7.12
C PHE C 450 8.03 57.48 -7.81
N VAL C 451 8.84 58.54 -7.89
CA VAL C 451 10.18 58.48 -8.45
C VAL C 451 11.18 58.50 -7.32
N SER C 452 12.19 57.64 -7.41
CA SER C 452 13.17 57.46 -6.35
C SER C 452 14.45 58.25 -6.66
N ARG C 453 15.42 58.14 -5.74
CA ARG C 453 16.70 58.83 -5.91
C ARG C 453 17.52 58.24 -7.05
N ASP C 454 17.22 57.01 -7.46
CA ASP C 454 17.95 56.35 -8.55
C ASP C 454 17.30 56.58 -9.91
N GLY C 455 16.21 57.36 -9.97
CA GLY C 455 15.56 57.67 -11.22
C GLY C 455 14.55 56.65 -11.70
N TYR C 456 14.14 55.72 -10.85
CA TYR C 456 13.18 54.69 -11.21
C TYR C 456 11.83 54.99 -10.58
N TRP C 457 10.76 54.74 -11.33
CA TRP C 457 9.40 54.97 -10.86
C TRP C 457 8.76 53.65 -10.44
N SER C 458 7.97 53.69 -9.37
CA SER C 458 7.31 52.52 -8.82
C SER C 458 5.83 52.79 -8.71
N SER C 459 5.02 52.05 -9.45
CA SER C 459 3.58 52.20 -9.39
C SER C 459 3.02 51.59 -8.10
N GLY C 460 1.82 52.02 -7.74
CA GLY C 460 1.18 51.50 -6.55
C GLY C 460 -0.14 52.19 -6.28
N TYR C 461 -0.64 51.99 -5.07
CA TYR C 461 -1.88 52.60 -4.62
C TYR C 461 -1.73 53.06 -3.18
N VAL C 462 -2.24 54.24 -2.88
CA VAL C 462 -2.35 54.74 -1.51
C VAL C 462 -3.80 54.67 -1.10
N LEU C 463 -4.06 54.13 0.09
CA LEU C 463 -5.41 53.86 0.57
C LEU C 463 -5.62 54.63 1.86
N LEU C 464 -6.58 55.57 1.83
CA LEU C 464 -6.82 56.46 2.96
C LEU C 464 -7.65 55.77 4.04
N PRO C 465 -7.42 56.11 5.31
CA PRO C 465 -8.24 55.55 6.39
C PRO C 465 -9.67 56.06 6.32
N ARG C 466 -10.56 55.35 7.00
CA ARG C 466 -11.95 55.78 7.06
C ARG C 466 -12.07 57.03 7.91
N GLY C 467 -12.89 57.97 7.44
CA GLY C 467 -13.04 59.24 8.14
C GLY C 467 -11.85 60.16 8.00
N HIS C 468 -11.17 60.12 6.85
CA HIS C 468 -9.98 60.93 6.63
C HIS C 468 -10.36 62.28 6.03
N ARG C 469 -9.80 63.34 6.60
CA ARG C 469 -9.92 64.69 6.08
C ARG C 469 -8.54 65.22 5.73
N ALA C 470 -8.50 66.24 4.88
CA ALA C 470 -7.24 66.80 4.43
C ALA C 470 -6.45 67.36 5.62
N ALA C 471 -5.12 67.34 5.48
CA ALA C 471 -4.19 67.82 6.52
C ALA C 471 -4.35 67.01 7.81
N ASP C 472 -4.32 65.69 7.68
CA ASP C 472 -4.35 64.78 8.80
C ASP C 472 -3.14 63.85 8.76
N ARG C 473 -2.47 63.71 9.90
CA ARG C 473 -1.35 62.78 10.04
C ARG C 473 -1.86 61.42 10.48
N HIS C 474 -1.26 60.36 9.93
CA HIS C 474 -1.67 59.00 10.23
C HIS C 474 -0.46 58.09 10.24
N PRO C 475 -0.48 57.03 11.05
CA PRO C 475 0.59 56.02 10.98
C PRO C 475 0.45 55.20 9.71
N ALA C 476 1.60 54.78 9.19
CA ALA C 476 1.66 54.15 7.87
C ALA C 476 2.13 52.70 7.96
N VAL C 477 1.70 51.90 6.99
CA VAL C 477 2.16 50.53 6.80
C VAL C 477 2.32 50.31 5.30
N VAL C 478 3.49 49.82 4.89
CA VAL C 478 3.81 49.59 3.49
C VAL C 478 3.69 48.09 3.20
N VAL C 479 2.90 47.74 2.19
CA VAL C 479 2.70 46.35 1.79
C VAL C 479 3.15 46.21 0.34
N THR C 480 4.08 45.29 0.10
CA THR C 480 4.66 45.13 -1.23
C THR C 480 4.77 43.64 -1.57
N HIS C 481 4.17 43.25 -2.70
CA HIS C 481 4.48 41.97 -3.33
C HIS C 481 4.63 42.20 -4.82
N GLY C 482 5.85 42.03 -5.33
CA GLY C 482 6.11 42.06 -6.76
C GLY C 482 5.50 43.26 -7.44
N THR C 483 4.92 43.01 -8.62
CA THR C 483 4.20 44.01 -9.40
C THR C 483 2.70 43.98 -9.13
N ASP C 484 2.25 43.23 -8.11
CA ASP C 484 0.85 42.86 -7.97
C ASP C 484 -0.02 43.96 -7.37
N ALA C 485 0.53 45.14 -7.09
CA ALA C 485 -0.32 46.27 -6.75
C ALA C 485 -0.81 46.90 -8.05
N ASP C 486 -2.12 46.87 -8.26
CA ASP C 486 -2.74 47.16 -9.54
C ASP C 486 -4.21 47.47 -9.28
N ASP C 487 -5.01 47.50 -10.34
CA ASP C 487 -6.44 47.73 -10.18
C ASP C 487 -7.11 46.37 -10.18
N ARG C 488 -7.45 45.89 -8.99
CA ARG C 488 -8.13 44.62 -8.74
C ARG C 488 -8.70 44.69 -7.34
N PHE C 489 -9.70 43.85 -7.07
CA PHE C 489 -10.40 43.88 -5.79
C PHE C 489 -9.78 42.88 -4.83
N ALA C 490 -9.10 43.39 -3.80
CA ALA C 490 -8.58 42.60 -2.70
C ALA C 490 -7.85 41.34 -3.18
N GLU C 491 -6.94 41.53 -4.11
CA GLU C 491 -6.21 40.40 -4.68
C GLU C 491 -5.34 39.74 -3.62
N PRO C 492 -5.58 38.47 -3.28
CA PRO C 492 -4.78 37.82 -2.24
C PRO C 492 -3.33 37.61 -2.62
N ALA C 493 -3.00 37.68 -3.92
CA ALA C 493 -1.60 37.60 -4.33
C ALA C 493 -0.80 38.81 -3.86
N ASN C 494 -1.47 39.92 -3.58
CA ASN C 494 -0.83 41.14 -3.09
C ASN C 494 -0.94 41.29 -1.59
N GLN C 495 -2.16 41.38 -1.07
CA GLN C 495 -2.37 41.58 0.36
C GLN C 495 -1.83 40.41 1.18
N TRP C 496 -2.08 39.19 0.71
CA TRP C 496 -1.72 37.95 1.42
C TRP C 496 -2.47 37.96 2.76
N ASN C 497 -1.79 37.76 3.89
CA ASN C 497 -2.44 37.77 5.20
C ASN C 497 -2.41 39.14 5.86
N TYR C 498 -1.92 40.17 5.18
CA TYR C 498 -1.90 41.52 5.72
C TYR C 498 -3.22 42.20 5.40
N PRO C 499 -4.13 42.50 6.45
CA PRO C 499 -5.47 43.06 6.18
C PRO C 499 -5.45 44.58 5.94
N VAL C 500 -5.13 44.95 4.70
CA VAL C 500 -5.00 46.37 4.36
C VAL C 500 -6.34 47.09 4.46
N GLN C 501 -7.45 46.38 4.24
CA GLN C 501 -8.76 47.00 4.37
C GLN C 501 -9.08 47.28 5.83
N LEU C 502 -8.83 46.32 6.71
CA LEU C 502 -9.11 46.51 8.14
C LEU C 502 -8.11 47.44 8.80
N LEU C 503 -6.91 47.58 8.23
CA LEU C 503 -5.97 48.57 8.77
C LEU C 503 -6.47 49.98 8.50
N ALA C 504 -7.05 50.21 7.33
CA ALA C 504 -7.59 51.54 7.01
C ALA C 504 -8.77 51.88 7.91
N GLU C 505 -9.63 50.90 8.21
CA GLU C 505 -10.77 51.14 9.08
C GLU C 505 -10.35 51.48 10.50
N ARG C 506 -9.17 51.06 10.93
CA ARG C 506 -8.69 51.31 12.28
C ARG C 506 -7.83 52.56 12.41
N GLY C 507 -7.66 53.32 11.33
CA GLY C 507 -6.91 54.56 11.36
C GLY C 507 -5.54 54.51 10.72
N TYR C 508 -5.13 53.38 10.15
CA TYR C 508 -3.87 53.31 9.43
C TYR C 508 -4.04 53.78 7.99
N VAL C 509 -3.03 54.50 7.51
CA VAL C 509 -2.90 54.74 6.08
C VAL C 509 -1.93 53.69 5.54
N VAL C 510 -2.37 52.95 4.52
CA VAL C 510 -1.60 51.84 3.98
C VAL C 510 -1.14 52.22 2.58
N LEU C 511 0.17 52.07 2.35
CA LEU C 511 0.77 52.33 1.04
C LEU C 511 1.05 50.99 0.37
N LEU C 512 0.30 50.70 -0.69
CA LEU C 512 0.54 49.52 -1.51
C LEU C 512 1.45 49.95 -2.66
N LEU C 513 2.69 49.48 -2.63
CA LEU C 513 3.71 49.94 -3.56
C LEU C 513 4.45 48.74 -4.14
N ASN C 514 4.62 48.73 -5.46
CA ASN C 514 5.33 47.65 -6.12
C ASN C 514 6.83 47.89 -6.08
N ASP C 515 7.59 46.94 -6.64
CA ASP C 515 8.98 47.17 -6.93
C ASP C 515 9.09 48.16 -8.09
N PRO C 516 10.26 48.76 -8.30
CA PRO C 516 10.46 49.52 -9.53
C PRO C 516 10.23 48.63 -10.74
N SER C 517 9.39 49.10 -11.65
CA SER C 517 8.97 48.28 -12.79
C SER C 517 10.18 47.93 -13.65
N PRO C 518 10.47 46.64 -13.87
CA PRO C 518 11.67 46.28 -14.62
C PRO C 518 11.58 46.63 -16.11
N GLY C 519 10.37 46.78 -16.66
CA GLY C 519 10.24 47.12 -18.06
C GLY C 519 10.59 48.55 -18.40
N GLN C 520 10.87 49.39 -17.40
CA GLN C 520 11.14 50.80 -17.65
C GLN C 520 12.59 51.09 -17.98
N SER C 521 13.51 50.15 -17.74
CA SER C 521 14.92 50.43 -17.92
C SER C 521 15.65 49.15 -18.31
N LYS C 522 16.66 49.30 -19.16
CA LYS C 522 17.53 48.18 -19.51
C LYS C 522 18.39 47.75 -18.33
N ASP C 523 18.58 48.62 -17.34
CA ASP C 523 19.37 48.26 -16.17
C ASP C 523 18.65 47.22 -15.31
N LEU C 524 17.31 47.31 -15.23
CA LEU C 524 16.55 46.37 -14.42
C LEU C 524 16.35 45.04 -15.12
N MET C 525 16.17 45.06 -16.44
CA MET C 525 15.95 43.81 -17.17
C MET C 525 17.23 42.99 -17.26
N ASP C 526 18.37 43.65 -17.49
CA ASP C 526 19.63 42.93 -17.58
C ASP C 526 19.97 42.25 -16.27
N ALA C 527 19.72 42.92 -15.14
CA ALA C 527 19.95 42.31 -13.83
C ALA C 527 18.95 41.18 -13.59
N MET C 528 17.71 41.36 -14.04
CA MET C 528 16.72 40.30 -13.91
C MET C 528 17.09 39.11 -14.78
N HIS C 529 17.67 39.35 -15.95
CA HIS C 529 18.12 38.25 -16.80
C HIS C 529 19.22 37.44 -16.12
N ALA C 530 20.17 38.11 -15.47
CA ALA C 530 21.26 37.41 -14.81
C ALA C 530 20.75 36.57 -13.65
N TRP C 531 19.70 37.02 -12.96
CA TRP C 531 19.13 36.24 -11.87
C TRP C 531 18.50 34.95 -12.39
N LEU C 532 17.70 35.05 -13.46
CA LEU C 532 17.08 33.87 -14.04
C LEU C 532 18.12 32.97 -14.72
N ARG C 533 19.17 33.57 -15.30
CA ARG C 533 20.18 32.77 -15.98
C ARG C 533 21.09 32.04 -14.99
N GLY C 534 21.31 32.61 -13.82
CA GLY C 534 22.15 31.99 -12.83
C GLY C 534 23.60 32.42 -12.85
N LYS C 535 23.91 33.53 -13.52
CA LYS C 535 25.25 34.08 -13.60
C LYS C 535 25.19 35.38 -14.38
N GLY C 536 26.26 36.17 -14.26
CA GLY C 536 26.35 37.44 -14.96
C GLY C 536 26.79 37.29 -16.41
N PRO C 537 26.96 38.42 -17.11
CA PRO C 537 26.77 39.80 -16.65
C PRO C 537 25.29 40.15 -16.45
N PRO C 538 24.99 41.21 -15.67
CA PRO C 538 25.92 42.15 -15.02
C PRO C 538 26.62 41.63 -13.77
N ASP C 539 27.35 42.53 -13.11
CA ASP C 539 28.12 42.19 -11.93
C ASP C 539 27.17 41.81 -10.78
N PRO C 540 27.49 40.75 -10.01
CA PRO C 540 26.64 40.40 -8.86
C PRO C 540 26.34 41.54 -7.91
N GLU C 541 27.32 42.44 -7.67
CA GLU C 541 27.05 43.58 -6.78
C GLU C 541 26.02 44.53 -7.38
N THR C 542 25.92 44.61 -8.70
CA THR C 542 24.87 45.40 -9.33
C THR C 542 23.53 44.67 -9.34
N VAL C 543 23.55 43.34 -9.26
CA VAL C 543 22.30 42.58 -9.18
C VAL C 543 21.63 42.82 -7.83
N GLN C 544 22.43 42.94 -6.76
CA GLN C 544 21.88 43.31 -5.47
C GLN C 544 21.29 44.72 -5.51
N GLN C 545 21.92 45.62 -6.29
CA GLN C 545 21.47 47.00 -6.34
C GLN C 545 20.20 47.16 -7.16
N LYS C 546 20.12 46.49 -8.33
CA LYS C 546 19.00 46.72 -9.23
C LYS C 546 17.75 45.95 -8.81
N LEU C 547 17.91 44.73 -8.30
CA LEU C 547 16.75 43.92 -7.93
C LEU C 547 16.34 44.06 -6.48
N TRP C 548 17.17 44.67 -5.63
CA TRP C 548 16.83 44.80 -4.22
C TRP C 548 17.05 46.20 -3.67
N LEU C 549 18.31 46.66 -3.67
CA LEU C 549 18.67 47.89 -2.96
C LEU C 549 17.91 49.10 -3.50
N THR C 550 17.71 49.18 -4.82
CA THR C 550 16.97 50.32 -5.36
C THR C 550 15.50 50.27 -4.99
N GLY C 551 14.96 49.09 -4.67
CA GLY C 551 13.61 49.01 -4.14
C GLY C 551 13.51 49.52 -2.71
N VAL C 552 14.60 49.41 -1.95
CA VAL C 552 14.65 50.01 -0.62
C VAL C 552 14.53 51.52 -0.73
N HIS C 553 15.25 52.13 -1.68
CA HIS C 553 15.21 53.56 -1.85
C HIS C 553 13.84 54.03 -2.30
N SER C 554 13.17 53.25 -3.16
CA SER C 554 11.83 53.60 -3.61
C SER C 554 10.86 53.68 -2.44
N PHE C 555 11.00 52.77 -1.46
CA PHE C 555 10.17 52.83 -0.27
C PHE C 555 10.51 54.06 0.58
N GLU C 556 11.80 54.31 0.78
CA GLU C 556 12.22 55.45 1.61
C GLU C 556 11.84 56.78 0.96
N ASP C 557 12.02 56.89 -0.36
CA ASP C 557 11.74 58.15 -1.03
C ASP C 557 10.24 58.40 -1.14
N ALA C 558 9.43 57.34 -1.18
CA ALA C 558 7.99 57.53 -1.24
C ALA C 558 7.40 57.86 0.13
N VAL C 559 8.04 57.40 1.21
CA VAL C 559 7.55 57.70 2.55
C VAL C 559 7.83 59.15 2.91
N THR C 560 9.07 59.60 2.69
CA THR C 560 9.41 60.99 2.98
C THR C 560 8.65 61.96 2.07
N GLU C 561 8.31 61.52 0.86
CA GLU C 561 7.49 62.36 -0.02
C GLU C 561 6.09 62.54 0.55
N LEU C 562 5.50 61.48 1.10
CA LEU C 562 4.19 61.60 1.72
C LEU C 562 4.28 62.29 3.07
N ALA C 563 5.41 62.16 3.77
CA ALA C 563 5.60 62.88 5.02
C ALA C 563 5.70 64.38 4.80
N ALA C 564 6.29 64.79 3.68
CA ALA C 564 6.36 66.22 3.34
C ALA C 564 4.99 66.80 3.03
N GLU C 565 4.03 65.98 2.63
CA GLU C 565 2.68 66.44 2.35
C GLU C 565 1.78 66.42 3.58
N GLY C 566 2.27 65.91 4.70
CA GLY C 566 1.49 65.87 5.92
C GLY C 566 0.57 64.67 6.06
N LEU C 567 0.67 63.68 5.17
CA LEU C 567 -0.19 62.51 5.25
C LEU C 567 0.32 61.47 6.23
N ILE C 568 1.63 61.33 6.38
CA ILE C 568 2.23 60.21 7.09
C ILE C 568 3.07 60.74 8.25
N ASP C 569 2.95 60.07 9.40
CA ASP C 569 3.86 60.26 10.53
C ASP C 569 5.11 59.42 10.30
N PRO C 570 6.27 60.05 10.09
CA PRO C 570 7.49 59.27 9.84
C PRO C 570 7.95 58.45 11.04
N ALA C 571 7.60 58.86 12.27
CA ALA C 571 8.07 58.14 13.44
C ALA C 571 7.50 56.73 13.51
N ARG C 572 6.22 56.57 13.18
CA ARG C 572 5.56 55.27 13.19
C ARG C 572 5.18 54.89 11.76
N VAL C 573 5.93 53.95 11.18
CA VAL C 573 5.62 53.44 9.85
C VAL C 573 6.03 51.97 9.80
N GLY C 574 5.15 51.13 9.25
CA GLY C 574 5.43 49.72 9.09
C GLY C 574 5.74 49.32 7.65
N ILE C 575 6.20 48.09 7.49
CA ILE C 575 6.45 47.50 6.18
C ILE C 575 6.16 46.01 6.27
N ALA C 576 5.57 45.46 5.21
CA ALA C 576 5.18 44.05 5.21
C ALA C 576 5.19 43.51 3.79
N GLY C 577 5.33 42.19 3.69
CA GLY C 577 5.36 41.51 2.41
C GLY C 577 5.70 40.05 2.54
N TYR C 578 5.45 39.27 1.48
CA TYR C 578 5.73 37.84 1.47
C TYR C 578 6.36 37.46 0.13
N SER C 579 7.10 36.36 0.15
CA SER C 579 7.78 35.83 -1.04
C SER C 579 8.71 36.92 -1.56
N ARG C 580 8.50 37.44 -2.78
CA ARG C 580 9.29 38.56 -3.27
C ARG C 580 9.26 39.73 -2.30
N GLY C 581 8.07 40.06 -1.79
CA GLY C 581 7.97 41.13 -0.81
C GLY C 581 8.64 40.83 0.51
N SER C 582 8.71 39.54 0.87
CA SER C 582 9.47 39.15 2.05
C SER C 582 10.95 39.49 1.88
N GLN C 583 11.49 39.27 0.69
CA GLN C 583 12.88 39.62 0.42
C GLN C 583 13.10 41.12 0.52
N MET C 584 12.15 41.91 0.02
CA MET C 584 12.26 43.37 0.14
C MET C 584 12.18 43.80 1.59
N VAL C 585 11.28 43.20 2.37
CA VAL C 585 11.18 43.53 3.78
C VAL C 585 12.48 43.19 4.51
N ASN C 586 13.13 42.09 4.11
CA ASN C 586 14.35 41.69 4.80
C ASN C 586 15.53 42.59 4.47
N VAL C 587 15.58 43.12 3.24
CA VAL C 587 16.71 43.96 2.87
C VAL C 587 16.53 45.39 3.38
N THR C 588 15.29 45.90 3.41
CA THR C 588 15.06 47.25 3.89
C THR C 588 15.41 47.37 5.36
N VAL C 589 14.84 46.49 6.19
CA VAL C 589 15.08 46.53 7.63
C VAL C 589 16.57 46.45 7.95
N THR C 590 17.35 45.76 7.12
CA THR C 590 18.79 45.75 7.30
C THR C 590 19.44 47.02 6.78
N ASN C 591 18.95 47.55 5.65
CA ASN C 591 19.58 48.69 5.00
C ASN C 591 18.92 50.03 5.33
N SER C 592 17.91 50.05 6.19
CA SER C 592 17.17 51.28 6.45
C SER C 592 16.83 51.41 7.93
N LYS C 593 16.93 52.64 8.44
CA LYS C 593 16.49 52.98 9.78
C LYS C 593 15.09 53.58 9.81
N MET C 594 14.44 53.69 8.66
CA MET C 594 13.19 54.45 8.54
C MET C 594 11.97 53.69 9.04
N PHE C 595 12.00 52.36 9.06
CA PHE C 595 10.83 51.55 9.39
C PHE C 595 10.93 51.02 10.81
N ARG C 596 9.86 51.22 11.58
CA ARG C 596 9.84 50.79 12.98
C ARG C 596 9.52 49.31 13.13
N ALA C 597 8.55 48.80 12.36
CA ALA C 597 8.11 47.42 12.48
C ALA C 597 8.03 46.78 11.11
N ALA C 598 8.14 45.45 11.08
CA ALA C 598 8.13 44.72 9.83
C ALA C 598 7.52 43.34 10.03
N SER C 599 6.86 42.84 8.98
CA SER C 599 6.33 41.48 8.96
C SER C 599 6.69 40.84 7.63
N SER C 600 7.45 39.75 7.67
CA SER C 600 7.92 39.06 6.46
C SER C 600 7.26 37.69 6.39
N GLY C 601 6.29 37.55 5.49
CA GLY C 601 5.62 36.27 5.31
C GLY C 601 6.44 35.27 4.51
N ASP C 602 6.58 34.06 5.06
CA ASP C 602 7.07 32.87 4.37
C ASP C 602 8.26 33.19 3.44
N GLY C 603 9.35 33.62 4.06
CA GLY C 603 10.53 34.10 3.37
C GLY C 603 11.62 33.04 3.28
N GLY C 604 12.86 33.50 3.38
CA GLY C 604 14.02 32.63 3.40
C GLY C 604 14.94 32.71 2.21
N PHE C 605 14.56 33.39 1.14
CA PHE C 605 15.52 33.60 0.05
C PHE C 605 16.60 34.57 0.49
N LEU C 606 17.77 34.46 -0.15
CA LEU C 606 18.99 35.24 0.07
C LEU C 606 19.76 34.77 1.31
N GLU C 607 19.21 33.82 2.09
CA GLU C 607 19.94 33.42 3.29
C GLU C 607 20.92 32.29 2.97
N PRO C 608 22.05 32.24 3.69
CA PRO C 608 23.09 31.24 3.37
C PRO C 608 22.66 29.81 3.61
N ALA C 609 21.65 29.56 4.45
CA ALA C 609 21.23 28.20 4.73
C ALA C 609 20.57 27.51 3.54
N GLY C 610 20.02 28.28 2.60
CA GLY C 610 19.32 27.71 1.47
C GLY C 610 20.13 27.70 0.19
N TYR C 611 21.45 27.79 0.29
CA TYR C 611 22.28 27.84 -0.91
C TYR C 611 22.32 26.49 -1.61
N ALA C 612 22.51 25.40 -0.85
CA ALA C 612 22.72 24.10 -1.45
C ALA C 612 21.54 23.69 -2.33
N THR C 613 20.32 24.07 -1.96
CA THR C 613 19.16 23.74 -2.79
C THR C 613 19.01 24.72 -3.95
N GLY C 614 19.27 26.00 -3.71
CA GLY C 614 19.01 27.04 -4.68
C GLY C 614 20.22 27.57 -5.44
N ARG C 615 21.25 26.73 -5.59
CA ARG C 615 22.57 27.21 -6.03
C ARG C 615 22.49 28.16 -7.22
N SER C 616 21.73 27.79 -8.26
CA SER C 616 21.71 28.58 -9.48
C SER C 616 21.16 29.98 -9.22
N SER C 617 20.05 30.09 -8.48
CA SER C 617 19.48 31.40 -8.21
C SER C 617 20.36 32.22 -7.26
N TYR C 618 21.14 31.55 -6.41
CA TYR C 618 22.03 32.26 -5.51
C TYR C 618 23.32 32.70 -6.19
N ASP C 619 23.78 31.98 -7.21
CA ASP C 619 25.06 32.29 -7.82
C ASP C 619 25.06 33.65 -8.50
N ALA C 620 23.91 34.10 -8.99
CA ALA C 620 23.84 35.41 -9.61
C ALA C 620 24.03 36.53 -8.59
N VAL C 621 23.39 36.39 -7.42
CA VAL C 621 23.43 37.46 -6.42
C VAL C 621 24.80 37.55 -5.75
N TYR C 622 25.25 36.43 -5.19
CA TYR C 622 26.47 36.43 -4.36
C TYR C 622 27.71 35.96 -5.11
N GLY C 623 27.59 35.52 -6.35
CA GLY C 623 28.73 35.09 -7.13
C GLY C 623 29.22 33.68 -6.87
N GLY C 624 28.79 33.05 -5.77
CA GLY C 624 29.27 31.72 -5.47
C GLY C 624 28.77 31.25 -4.12
N ALA C 625 29.47 30.25 -3.58
CA ALA C 625 29.05 29.61 -2.34
C ALA C 625 29.37 30.51 -1.15
N PRO C 626 28.65 30.33 -0.03
CA PRO C 626 28.91 31.17 1.15
C PRO C 626 30.29 30.95 1.76
N LEU C 627 30.84 29.74 1.67
CA LEU C 627 32.15 29.45 2.23
C LEU C 627 33.28 29.65 1.24
N SER C 628 32.98 30.06 0.01
CA SER C 628 34.00 30.28 -1.01
C SER C 628 34.62 31.66 -0.82
N ASP C 629 35.41 32.10 -1.81
CA ASP C 629 36.02 33.42 -1.75
C ASP C 629 35.00 34.54 -1.91
N ASN C 630 33.74 34.22 -2.19
CA ASN C 630 32.66 35.20 -2.30
C ASN C 630 32.05 35.57 -0.95
N ILE C 631 32.60 35.05 0.16
CA ILE C 631 31.98 35.23 1.47
C ILE C 631 31.77 36.71 1.78
N GLU C 632 32.70 37.57 1.37
CA GLU C 632 32.59 38.99 1.70
C GLU C 632 31.36 39.61 1.04
N ARG C 633 30.89 39.04 -0.08
CA ARG C 633 29.65 39.51 -0.67
C ARG C 633 28.45 39.03 0.14
N TRP C 634 28.56 37.88 0.80
CA TRP C 634 27.49 37.41 1.67
C TRP C 634 27.39 38.27 2.93
N ARG C 635 28.53 38.66 3.49
CA ARG C 635 28.52 39.40 4.74
C ARG C 635 28.00 40.82 4.57
N ARG C 636 28.14 41.40 3.38
CA ARG C 636 27.66 42.76 3.15
C ARG C 636 26.16 42.82 2.88
N PHE C 637 25.60 41.78 2.26
CA PHE C 637 24.25 41.83 1.71
C PHE C 637 23.26 40.96 2.48
N ALA C 638 23.52 39.65 2.56
CA ALA C 638 22.55 38.70 3.10
C ALA C 638 22.03 39.17 4.45
N PRO C 639 20.71 39.22 4.64
CA PRO C 639 20.17 39.81 5.89
C PRO C 639 20.52 39.05 7.14
N SER C 640 20.72 37.72 7.06
CA SER C 640 21.02 36.94 8.25
C SER C 640 22.30 37.40 8.91
N LEU C 641 23.30 37.80 8.11
CA LEU C 641 24.57 38.27 8.63
C LEU C 641 24.56 39.76 8.97
N ASN C 642 23.55 40.50 8.51
CA ASN C 642 23.44 41.94 8.72
C ASN C 642 22.58 42.32 9.92
N ALA C 643 22.17 41.33 10.73
CA ALA C 643 21.21 41.59 11.82
C ALA C 643 21.64 42.73 12.73
N ASP C 644 22.95 42.98 12.83
CA ASP C 644 23.42 44.07 13.69
C ASP C 644 22.93 45.43 13.21
N LYS C 645 22.66 45.58 11.91
CA LYS C 645 22.18 46.83 11.35
C LYS C 645 20.68 47.03 11.53
N VAL C 646 19.99 46.07 12.16
CA VAL C 646 18.54 46.07 12.26
C VAL C 646 18.15 46.66 13.60
N CYS C 647 17.51 47.83 13.55
CA CYS C 647 16.72 48.33 14.67
C CYS C 647 15.27 48.40 14.21
N ALA C 648 14.46 47.46 14.66
CA ALA C 648 13.08 47.32 14.23
C ALA C 648 12.50 46.09 14.91
N ALA C 649 11.22 45.87 14.66
CA ALA C 649 10.50 44.70 15.13
C ALA C 649 10.15 43.86 13.92
N VAL C 650 10.73 42.67 13.81
CA VAL C 650 10.60 41.82 12.64
C VAL C 650 9.81 40.58 13.01
N LEU C 651 8.63 40.43 12.41
CA LEU C 651 7.80 39.25 12.59
C LEU C 651 7.86 38.39 11.34
N GLN C 652 7.96 37.07 11.54
CA GLN C 652 7.97 36.11 10.45
C GLN C 652 6.77 35.19 10.57
N GLN C 653 5.88 35.24 9.59
CA GLN C 653 4.78 34.30 9.48
C GLN C 653 5.17 33.24 8.45
N VAL C 654 5.29 31.99 8.90
CA VAL C 654 6.03 30.97 8.18
C VAL C 654 5.18 29.71 8.06
N ALA C 655 4.88 29.32 6.81
CA ALA C 655 4.23 28.05 6.54
C ALA C 655 5.22 26.90 6.44
N SER C 656 6.36 27.12 5.77
CA SER C 656 7.25 26.01 5.40
C SER C 656 8.15 25.55 6.53
N ALA C 657 8.57 26.47 7.42
CA ALA C 657 9.56 26.20 8.46
C ALA C 657 10.90 25.79 7.85
N SER C 658 11.34 26.57 6.86
CA SER C 658 12.58 26.29 6.16
C SER C 658 13.79 26.58 7.05
N PRO C 659 14.92 25.93 6.78
CA PRO C 659 16.14 26.25 7.55
C PRO C 659 16.64 27.65 7.32
N SER C 660 16.28 28.28 6.20
CA SER C 660 16.67 29.66 5.95
C SER C 660 15.87 30.62 6.83
N GLN C 661 14.58 30.34 7.01
CA GLN C 661 13.74 31.17 7.88
C GLN C 661 14.20 31.06 9.33
N ILE C 662 14.56 29.86 9.77
CA ILE C 662 15.03 29.68 11.15
C ILE C 662 16.36 30.39 11.35
N GLU C 663 17.22 30.38 10.31
CA GLU C 663 18.50 31.07 10.41
C GLU C 663 18.33 32.56 10.56
N LEU C 664 17.31 33.13 9.91
CA LEU C 664 17.05 34.56 10.04
C LEU C 664 16.54 34.90 11.44
N PHE C 665 15.72 34.03 12.02
CA PHE C 665 15.21 34.27 13.36
C PHE C 665 16.31 34.14 14.40
N GLU C 666 17.09 33.05 14.33
CA GLU C 666 18.17 32.86 15.29
C GLU C 666 19.24 33.94 15.18
N ALA C 667 19.36 34.59 14.03
CA ALA C 667 20.33 35.65 13.87
C ALA C 667 19.84 36.96 14.50
N LEU C 668 18.56 37.29 14.29
CA LEU C 668 18.02 38.52 14.87
C LEU C 668 17.96 38.43 16.40
N ARG C 669 17.54 37.27 16.93
CA ARG C 669 17.47 37.11 18.38
C ARG C 669 18.85 37.17 19.01
N ALA C 670 19.86 36.61 18.35
CA ALA C 670 21.22 36.65 18.88
C ALA C 670 21.80 38.05 18.87
N ALA C 671 21.26 38.95 18.05
CA ALA C 671 21.73 40.33 17.97
C ALA C 671 20.96 41.26 18.88
N GLY C 672 20.04 40.75 19.69
CA GLY C 672 19.25 41.56 20.58
C GLY C 672 18.03 42.21 19.95
N VAL C 673 17.77 41.97 18.66
CA VAL C 673 16.61 42.55 18.01
C VAL C 673 15.35 41.82 18.48
N ALA C 674 14.28 42.58 18.69
CA ALA C 674 13.00 41.99 19.04
C ALA C 674 12.39 41.35 17.80
N THR C 675 12.15 40.03 17.86
CA THR C 675 11.66 39.31 16.71
C THR C 675 10.88 38.08 17.17
N GLN C 676 10.00 37.61 16.30
CA GLN C 676 9.17 36.44 16.57
C GLN C 676 8.87 35.75 15.25
N ILE C 677 8.85 34.41 15.27
CA ILE C 677 8.54 33.61 14.11
C ILE C 677 7.31 32.75 14.43
N SER C 678 6.28 32.88 13.60
CA SER C 678 5.03 32.15 13.78
C SER C 678 4.92 31.08 12.70
N TYR C 679 4.81 29.82 13.14
CA TYR C 679 4.77 28.67 12.23
C TYR C 679 3.37 28.08 12.25
N TYR C 680 2.64 28.23 11.15
CA TYR C 680 1.26 27.79 11.04
C TYR C 680 1.20 26.40 10.43
N PRO C 681 0.48 25.45 11.05
CA PRO C 681 0.46 24.07 10.54
C PRO C 681 -0.63 23.85 9.51
N GLY C 682 -0.69 22.63 8.98
CA GLY C 682 -1.72 22.24 8.03
C GLY C 682 -2.94 21.67 8.72
N ALA C 683 -3.71 20.89 7.96
CA ALA C 683 -4.93 20.30 8.52
C ALA C 683 -4.58 19.22 9.54
N THR C 684 -3.56 18.42 9.26
CA THR C 684 -3.11 17.35 10.14
C THR C 684 -1.61 17.53 10.37
N ALA C 685 -1.02 16.71 11.23
CA ALA C 685 0.43 16.67 11.35
C ALA C 685 1.07 16.02 10.14
N ALA C 686 0.28 15.35 9.30
CA ALA C 686 0.78 14.73 8.08
C ALA C 686 0.71 15.66 6.88
N SER C 687 0.12 16.85 7.02
CA SER C 687 -0.02 17.79 5.93
C SER C 687 0.62 19.12 6.31
N ASP C 688 0.88 19.94 5.30
CA ASP C 688 1.49 21.25 5.49
C ASP C 688 0.49 22.34 5.11
N GLU C 689 0.93 23.58 5.27
CA GLU C 689 0.20 24.75 4.78
C GLU C 689 0.90 25.25 3.52
N THR C 690 0.09 25.62 2.52
CA THR C 690 0.64 26.05 1.24
C THR C 690 1.30 27.42 1.40
N HIS C 691 1.87 27.92 0.29
CA HIS C 691 2.56 29.21 0.33
C HIS C 691 1.58 30.34 0.65
N VAL C 692 0.47 30.39 -0.07
CA VAL C 692 -0.68 31.18 0.33
C VAL C 692 -1.57 30.31 1.19
N PHE C 693 -2.07 30.86 2.29
CA PHE C 693 -2.76 30.06 3.30
C PHE C 693 -4.15 29.69 2.78
N TYR C 694 -4.43 28.39 2.70
CA TYR C 694 -5.74 27.91 2.29
C TYR C 694 -6.63 27.53 3.48
N LEU C 695 -6.13 27.62 4.70
CA LEU C 695 -6.90 27.25 5.89
C LEU C 695 -7.43 28.52 6.54
N THR C 696 -8.76 28.60 6.68
CA THR C 696 -9.39 29.82 7.19
C THR C 696 -8.94 30.12 8.62
N THR C 697 -8.80 29.08 9.44
CA THR C 697 -8.31 29.29 10.80
C THR C 697 -6.89 29.85 10.80
N ASN C 698 -6.07 29.48 9.81
CA ASN C 698 -4.73 30.04 9.70
C ASN C 698 -4.74 31.43 9.08
N ARG C 699 -5.64 31.70 8.14
CA ARG C 699 -5.72 33.02 7.54
C ARG C 699 -6.17 34.06 8.54
N LEU C 700 -7.26 33.77 9.27
CA LEU C 700 -7.81 34.74 10.21
C LEU C 700 -6.80 35.06 11.30
N ARG C 701 -6.14 34.04 11.86
CA ARG C 701 -5.18 34.29 12.92
C ARG C 701 -3.92 34.99 12.40
N ALA C 702 -3.58 34.77 11.13
CA ALA C 702 -2.42 35.47 10.56
C ALA C 702 -2.73 36.95 10.35
N MET C 703 -3.96 37.27 9.98
CA MET C 703 -4.35 38.67 9.84
C MET C 703 -4.40 39.37 11.20
N ARG C 704 -4.93 38.69 12.22
CA ARG C 704 -5.00 39.28 13.55
C ARG C 704 -3.61 39.48 14.15
N GLU C 705 -2.67 38.58 13.86
CA GLU C 705 -1.33 38.73 14.42
C GLU C 705 -0.62 39.94 13.83
N ASN C 706 -0.86 40.23 12.56
CA ASN C 706 -0.24 41.43 11.96
C ASN C 706 -0.81 42.70 12.57
N ILE C 707 -2.12 42.74 12.80
CA ILE C 707 -2.73 43.90 13.44
C ILE C 707 -2.17 44.08 14.85
N ALA C 708 -2.15 43.00 15.64
CA ALA C 708 -1.63 43.08 16.99
C ALA C 708 -0.14 43.39 17.01
N TRP C 709 0.59 43.02 15.96
CA TRP C 709 2.01 43.31 15.90
C TRP C 709 2.26 44.78 15.57
N PHE C 710 1.54 45.31 14.58
CA PHE C 710 1.74 46.70 14.19
C PHE C 710 1.09 47.67 15.17
N ASP C 711 0.00 47.27 15.83
CA ASP C 711 -0.60 48.13 16.84
C ASP C 711 0.32 48.28 18.05
N TYR C 712 1.00 47.20 18.44
CA TYR C 712 1.85 47.26 19.62
C TYR C 712 3.11 48.07 19.35
N TRP C 713 3.81 47.77 18.26
CA TRP C 713 5.11 48.39 18.04
C TRP C 713 4.99 49.82 17.50
N LEU C 714 4.10 50.05 16.54
CA LEU C 714 3.96 51.40 16.00
C LEU C 714 3.22 52.32 16.98
N LEU C 715 2.03 51.91 17.42
CA LEU C 715 1.13 52.79 18.16
C LEU C 715 1.22 52.63 19.68
N ASP C 716 2.04 51.70 20.18
CA ASP C 716 2.06 51.37 21.61
C ASP C 716 0.66 50.98 22.09
N LYS C 717 -0.08 50.31 21.22
CA LYS C 717 -1.49 49.98 21.44
C LYS C 717 -1.62 48.49 21.71
N ARG C 718 -1.95 48.13 22.94
CA ARG C 718 -2.23 46.74 23.29
C ARG C 718 -3.64 46.36 22.85
N ASP C 719 -3.76 45.15 22.30
CA ASP C 719 -4.98 44.72 21.64
C ASP C 719 -5.72 43.71 22.51
N ALA C 720 -7.00 43.97 22.77
CA ALA C 720 -7.86 42.98 23.40
C ALA C 720 -8.32 41.91 22.42
N ASP C 721 -8.09 42.11 21.12
CA ASP C 721 -8.44 41.17 20.08
C ASP C 721 -7.28 40.26 19.71
N ALA C 722 -6.15 40.36 20.41
CA ALA C 722 -4.93 39.66 20.04
C ALA C 722 -5.19 38.15 19.91
N PRO C 723 -4.70 37.51 18.85
CA PRO C 723 -4.99 36.08 18.67
C PRO C 723 -4.35 35.19 19.72
N PHE C 724 -3.10 35.45 20.09
CA PHE C 724 -2.40 34.67 21.11
C PHE C 724 -2.07 35.56 22.29
N PRO C 725 -2.71 35.38 23.45
CA PRO C 725 -2.54 36.35 24.54
C PRO C 725 -1.18 36.29 25.21
N ASP C 726 -0.50 35.14 25.20
CA ASP C 726 0.78 35.01 25.90
C ASP C 726 1.87 35.90 25.35
N HIS C 727 1.64 36.53 24.19
CA HIS C 727 2.69 37.23 23.45
C HIS C 727 2.99 38.60 24.06
N VAL C 728 1.98 39.48 24.14
CA VAL C 728 2.19 40.87 24.52
C VAL C 728 3.02 40.99 25.80
N VAL C 729 2.95 40.00 26.69
CA VAL C 729 3.84 39.99 27.85
C VAL C 729 5.27 39.70 27.40
N LYS C 730 5.44 38.74 26.50
CA LYS C 730 6.77 38.44 25.95
C LYS C 730 7.30 39.58 25.10
N TRP C 731 6.42 40.29 24.39
CA TRP C 731 6.85 41.45 23.61
C TRP C 731 7.39 42.55 24.51
N ASP C 732 6.86 42.67 25.74
CA ASP C 732 7.40 43.63 26.69
C ASP C 732 8.82 43.28 27.09
N ARG C 733 9.10 41.98 27.31
CA ARG C 733 10.45 41.55 27.62
C ARG C 733 11.41 41.76 26.45
N LEU C 734 10.88 41.73 25.22
CA LEU C 734 11.71 42.03 24.05
C LEU C 734 12.03 43.52 23.99
N LYS C 735 11.04 44.37 24.29
CA LYS C 735 11.27 45.81 24.23
C LYS C 735 12.26 46.27 25.30
N LYS C 736 12.20 45.66 26.48
CA LYS C 736 13.09 46.07 27.56
C LYS C 736 14.54 45.68 27.28
N ASN C 737 14.75 44.61 26.51
CA ASN C 737 16.08 44.09 26.24
C ASN C 737 16.69 44.65 24.96
N LEU C 738 16.02 45.58 24.29
CA LEU C 738 16.54 46.13 23.05
C LEU C 738 17.89 46.81 23.27
N PRO C 739 18.80 46.72 22.31
CA PRO C 739 20.08 47.44 22.43
C PRO C 739 19.96 48.89 22.00
N ASP C 740 21.09 49.59 21.92
CA ASP C 740 21.10 50.99 21.49
C ASP C 740 21.15 51.09 19.97
N GLY D 51 -38.46 -7.91 -11.86
CA GLY D 51 -37.77 -8.51 -10.73
C GLY D 51 -37.55 -10.00 -10.89
N ARG D 52 -36.44 -10.49 -10.32
CA ARG D 52 -36.11 -11.91 -10.39
C ARG D 52 -36.79 -12.68 -9.26
N PRO D 53 -37.01 -13.97 -9.44
CA PRO D 53 -37.64 -14.77 -8.38
C PRO D 53 -36.69 -15.03 -7.22
N TRP D 54 -37.26 -15.43 -6.09
CA TRP D 54 -36.48 -15.76 -4.92
C TRP D 54 -35.59 -16.97 -5.19
N THR D 55 -34.41 -16.95 -4.59
CA THR D 55 -33.55 -18.13 -4.55
C THR D 55 -33.35 -18.54 -3.09
N LEU D 56 -32.63 -19.64 -2.88
CA LEU D 56 -32.38 -20.09 -1.52
C LEU D 56 -31.34 -19.21 -0.83
N GLU D 57 -30.36 -18.73 -1.58
CA GLU D 57 -29.32 -17.88 -1.00
C GLU D 57 -29.86 -16.51 -0.60
N ASP D 58 -30.96 -16.07 -1.21
CA ASP D 58 -31.55 -14.79 -0.81
C ASP D 58 -32.11 -14.85 0.61
N ILE D 59 -32.82 -15.94 0.94
CA ILE D 59 -33.36 -16.09 2.29
C ILE D 59 -32.24 -16.17 3.31
N LEU D 60 -31.08 -16.68 2.91
CA LEU D 60 -29.94 -16.77 3.82
C LEU D 60 -29.28 -15.42 4.02
N THR D 61 -29.21 -14.60 2.97
CA THR D 61 -28.50 -13.33 3.00
C THR D 61 -29.36 -12.15 3.44
N VAL D 62 -30.61 -12.39 3.86
CA VAL D 62 -31.46 -11.32 4.37
C VAL D 62 -30.76 -10.66 5.55
N PRO D 63 -30.41 -9.38 5.46
CA PRO D 63 -29.64 -8.75 6.53
C PRO D 63 -30.47 -8.43 7.77
N GLU D 64 -29.81 -8.52 8.92
CA GLU D 64 -30.38 -8.12 10.19
C GLU D 64 -29.62 -6.90 10.70
N VAL D 65 -30.34 -5.85 11.05
CA VAL D 65 -29.76 -4.70 11.73
C VAL D 65 -30.35 -4.65 13.13
N ASN D 66 -29.56 -5.06 14.11
CA ASN D 66 -29.92 -4.90 15.52
C ASN D 66 -29.24 -3.71 16.17
N GLU D 67 -28.35 -3.02 15.45
CA GLU D 67 -27.55 -1.95 16.01
C GLU D 67 -27.63 -0.73 15.11
N ILE D 68 -28.21 0.36 15.61
CA ILE D 68 -28.21 1.63 14.91
C ILE D 68 -28.16 2.74 15.95
N ALA D 69 -27.36 3.77 15.67
CA ALA D 69 -27.17 4.87 16.60
C ALA D 69 -27.06 6.18 15.84
N LEU D 70 -27.71 7.21 16.36
CA LEU D 70 -27.71 8.53 15.76
C LEU D 70 -26.84 9.47 16.59
N SER D 71 -26.12 10.35 15.90
CA SER D 71 -25.24 11.30 16.57
C SER D 71 -26.07 12.28 17.41
N ASP D 72 -25.40 12.86 18.41
CA ASP D 72 -26.09 13.79 19.31
C ASP D 72 -26.58 15.01 18.55
N ASN D 73 -25.73 15.60 17.72
CA ASN D 73 -26.17 16.70 16.86
C ASN D 73 -27.16 16.23 15.81
N GLY D 74 -27.11 14.94 15.45
CA GLY D 74 -28.06 14.36 14.53
C GLY D 74 -27.66 14.41 13.07
N ARG D 75 -26.44 14.81 12.76
CA ARG D 75 -25.99 14.91 11.37
C ARG D 75 -25.32 13.63 10.86
N LEU D 76 -25.03 12.67 11.72
CA LEU D 76 -24.36 11.44 11.32
C LEU D 76 -24.97 10.26 12.05
N ALA D 77 -24.84 9.07 11.45
CA ALA D 77 -25.32 7.85 12.06
C ALA D 77 -24.50 6.68 11.54
N ILE D 78 -24.44 5.61 12.35
CA ILE D 78 -23.81 4.37 11.95
C ILE D 78 -24.72 3.22 12.31
N TYR D 79 -24.65 2.15 11.50
CA TYR D 79 -25.46 0.96 11.76
C TYR D 79 -24.69 -0.25 11.24
N ALA D 80 -25.08 -1.42 11.73
CA ALA D 80 -24.42 -2.67 11.39
C ALA D 80 -25.44 -3.68 10.89
N ALA D 81 -25.20 -4.24 9.71
CA ALA D 81 -26.09 -5.21 9.09
C ALA D 81 -25.43 -6.58 9.10
N GLU D 82 -26.04 -7.52 9.81
CA GLU D 82 -25.52 -8.89 9.86
C GLU D 82 -25.96 -9.65 8.61
N ILE D 83 -24.99 -10.13 7.84
CA ILE D 83 -25.25 -10.84 6.60
C ILE D 83 -24.50 -12.17 6.63
N ALA D 84 -25.20 -13.25 6.33
CA ALA D 84 -24.56 -14.56 6.29
C ALA D 84 -23.50 -14.60 5.20
N ASP D 85 -22.28 -14.99 5.58
CA ASP D 85 -21.15 -14.99 4.67
C ASP D 85 -20.86 -16.42 4.23
N LEU D 86 -20.65 -16.61 2.92
CA LEU D 86 -20.36 -17.94 2.40
C LEU D 86 -18.91 -18.34 2.63
N ASP D 87 -17.98 -17.37 2.62
CA ASP D 87 -16.58 -17.69 2.84
C ASP D 87 -16.32 -18.05 4.30
N ALA D 88 -16.92 -17.32 5.23
CA ALA D 88 -16.70 -17.58 6.65
C ALA D 88 -17.60 -18.70 7.18
N GLY D 89 -18.65 -19.07 6.44
CA GLY D 89 -19.58 -20.07 6.93
C GLY D 89 -20.44 -19.62 8.08
N LYS D 90 -20.51 -18.32 8.35
CA LYS D 90 -21.28 -17.79 9.47
C LYS D 90 -21.56 -16.32 9.17
N PRO D 91 -22.37 -15.65 10.00
CA PRO D 91 -22.65 -14.23 9.74
C PRO D 91 -21.48 -13.33 10.08
N ARG D 92 -21.44 -12.19 9.40
CA ARG D 92 -20.47 -11.14 9.67
C ARG D 92 -21.18 -9.79 9.57
N SER D 93 -20.98 -8.94 10.57
CA SER D 93 -21.66 -7.65 10.63
C SER D 93 -20.88 -6.59 9.86
N HIS D 94 -21.55 -5.91 8.95
CA HIS D 94 -20.95 -4.84 8.16
C HIS D 94 -21.31 -3.50 8.79
N ILE D 95 -20.29 -2.80 9.28
CA ILE D 95 -20.48 -1.48 9.89
C ILE D 95 -20.44 -0.43 8.80
N ARG D 96 -21.42 0.48 8.82
CA ARG D 96 -21.53 1.52 7.81
C ARG D 96 -21.83 2.85 8.49
N ILE D 97 -21.33 3.93 7.90
CA ILE D 97 -21.61 5.28 8.36
C ILE D 97 -22.57 5.93 7.36
N VAL D 98 -23.49 6.76 7.87
CA VAL D 98 -24.55 7.35 7.07
C VAL D 98 -24.61 8.85 7.38
N ASP D 99 -24.61 9.67 6.32
CA ASP D 99 -24.91 11.09 6.44
C ASP D 99 -26.41 11.27 6.26
N VAL D 100 -27.08 11.75 7.30
CA VAL D 100 -28.54 11.84 7.25
C VAL D 100 -28.98 12.95 6.31
N GLU D 101 -28.16 13.99 6.16
CA GLU D 101 -28.53 15.09 5.26
C GLU D 101 -28.46 14.66 3.80
N THR D 102 -27.33 14.10 3.39
CA THR D 102 -27.14 13.70 2.00
C THR D 102 -27.82 12.36 1.70
N GLY D 103 -27.83 11.45 2.66
CA GLY D 103 -28.21 10.07 2.40
C GLY D 103 -27.05 9.19 2.01
N ARG D 104 -25.82 9.72 2.02
CA ARG D 104 -24.65 8.94 1.63
C ARG D 104 -24.30 7.91 2.69
N THR D 105 -24.18 6.66 2.27
CA THR D 105 -23.82 5.55 3.16
C THR D 105 -22.48 4.99 2.70
N LYS D 106 -21.52 4.95 3.62
CA LYS D 106 -20.17 4.48 3.34
C LYS D 106 -19.89 3.22 4.15
N GLU D 107 -19.29 2.22 3.50
CA GLU D 107 -18.93 0.97 4.17
C GLU D 107 -17.58 1.15 4.87
N LEU D 108 -17.58 0.99 6.19
CA LEU D 108 -16.36 1.21 6.97
C LEU D 108 -15.51 -0.06 7.00
N LEU D 109 -15.95 -1.07 7.75
CA LEU D 109 -15.26 -2.34 7.79
C LEU D 109 -16.25 -3.41 8.26
N THR D 110 -15.92 -4.66 7.99
CA THR D 110 -16.71 -5.79 8.44
C THR D 110 -16.03 -6.44 9.63
N VAL D 111 -16.84 -6.88 10.60
CA VAL D 111 -16.36 -7.52 11.82
C VAL D 111 -17.15 -8.81 12.04
N ASP D 112 -16.82 -9.50 13.12
CA ASP D 112 -17.54 -10.73 13.47
C ASP D 112 -18.87 -10.39 14.15
N THR D 113 -18.80 -9.84 15.36
CA THR D 113 -19.99 -9.43 16.08
C THR D 113 -19.83 -7.99 16.57
N ILE D 114 -20.95 -7.29 16.70
CA ILE D 114 -20.99 -5.95 17.26
C ILE D 114 -22.27 -5.80 18.06
N LYS D 115 -22.16 -5.24 19.26
CA LYS D 115 -23.29 -5.11 20.18
C LYS D 115 -23.17 -3.81 20.96
N SER D 116 -24.32 -3.35 21.47
CA SER D 116 -24.40 -2.17 22.33
C SER D 116 -23.79 -0.94 21.64
N LEU D 117 -24.26 -0.66 20.43
CA LEU D 117 -23.79 0.49 19.68
C LEU D 117 -24.45 1.75 20.21
N ARG D 118 -23.64 2.69 20.69
CA ARG D 118 -24.13 3.93 21.28
C ARG D 118 -23.20 5.07 20.90
N SER D 119 -23.72 6.29 21.03
CA SER D 119 -22.93 7.48 20.85
C SER D 119 -22.43 7.96 22.21
N VAL D 120 -21.12 8.17 22.31
CA VAL D 120 -20.54 8.60 23.59
C VAL D 120 -20.91 10.06 23.85
N PRO D 121 -21.48 10.37 25.02
CA PRO D 121 -21.91 11.75 25.27
C PRO D 121 -20.74 12.68 25.47
N GLY D 122 -20.92 13.93 25.05
CA GLY D 122 -19.90 14.93 25.14
C GLY D 122 -19.02 15.07 23.92
N THR D 123 -18.92 14.02 23.10
CA THR D 123 -18.15 14.06 21.86
C THR D 123 -19.01 13.58 20.72
N GLN D 124 -18.45 13.60 19.51
CA GLN D 124 -19.14 13.19 18.31
C GLN D 124 -18.83 11.75 17.90
N ASP D 125 -18.04 11.02 18.70
CA ASP D 125 -17.68 9.65 18.39
C ASP D 125 -18.77 8.69 18.87
N TRP D 126 -18.54 7.40 18.63
CA TRP D 126 -19.43 6.33 19.08
C TRP D 126 -18.64 5.33 19.91
N SER D 127 -19.36 4.34 20.45
CA SER D 127 -18.75 3.26 21.21
C SER D 127 -19.60 2.00 21.03
N ALA D 128 -18.92 0.86 20.95
CA ALA D 128 -19.62 -0.41 20.76
C ALA D 128 -18.73 -1.54 21.27
N LEU D 129 -19.35 -2.70 21.45
CA LEU D 129 -18.64 -3.93 21.80
C LEU D 129 -18.50 -4.76 20.53
N VAL D 130 -17.29 -4.84 19.99
CA VAL D 130 -17.06 -5.54 18.74
C VAL D 130 -16.08 -6.68 18.97
N ASP D 131 -16.14 -7.66 18.07
CA ASP D 131 -15.23 -8.81 18.07
C ASP D 131 -14.57 -8.87 16.71
N LEU D 132 -13.26 -8.66 16.68
CA LEU D 132 -12.47 -8.73 15.45
C LEU D 132 -11.94 -10.13 15.18
N GLY D 133 -12.33 -11.11 16.00
CA GLY D 133 -11.77 -12.45 15.97
C GLY D 133 -10.85 -12.75 17.13
N GLU D 134 -10.41 -11.74 17.86
CA GLU D 134 -9.59 -11.90 19.06
C GLU D 134 -10.41 -11.89 20.33
N GLY D 135 -11.72 -11.84 20.24
CA GLY D 135 -12.60 -11.71 21.38
C GLY D 135 -13.27 -10.35 21.44
N GLN D 136 -14.41 -10.31 22.11
CA GLN D 136 -15.22 -9.09 22.17
C GLN D 136 -14.60 -8.10 23.15
N GLN D 137 -14.31 -6.89 22.66
CA GLN D 137 -13.75 -5.83 23.48
C GLN D 137 -14.59 -4.57 23.30
N LEU D 138 -14.23 -3.52 24.02
CA LEU D 138 -14.90 -2.23 23.94
C LEU D 138 -14.08 -1.31 23.04
N TYR D 139 -14.69 -0.85 21.94
CA TYR D 139 -14.01 -0.06 20.94
C TYR D 139 -14.65 1.32 20.81
N ARG D 140 -13.84 2.27 20.35
CA ARG D 140 -14.31 3.61 20.01
C ARG D 140 -14.30 3.79 18.50
N ILE D 141 -15.36 4.40 17.98
CA ILE D 141 -15.45 4.75 16.57
C ILE D 141 -15.44 6.28 16.47
N ASP D 142 -14.35 6.82 15.95
CA ASP D 142 -14.22 8.26 15.83
C ASP D 142 -15.21 8.83 14.82
N THR D 143 -15.42 10.14 14.89
CA THR D 143 -16.39 10.81 14.02
C THR D 143 -16.14 10.54 12.54
N GLU D 144 -14.91 10.17 12.15
CA GLU D 144 -14.63 9.83 10.76
C GLU D 144 -14.95 8.37 10.43
N GLY D 145 -15.21 7.53 11.44
CA GLY D 145 -15.67 6.19 11.20
C GLY D 145 -14.66 5.07 11.29
N LYS D 146 -13.47 5.32 11.84
CA LYS D 146 -12.46 4.28 11.98
C LYS D 146 -12.39 3.80 13.43
N LEU D 147 -12.07 2.53 13.60
CA LEU D 147 -12.08 1.89 14.91
C LEU D 147 -10.71 1.94 15.58
N LEU D 148 -10.71 2.20 16.87
CA LEU D 148 -9.53 2.07 17.72
C LEU D 148 -9.99 1.57 19.08
N PRO D 149 -9.17 0.74 19.75
CA PRO D 149 -9.61 0.14 21.02
C PRO D 149 -9.85 1.19 22.10
N LEU D 150 -10.70 0.82 23.05
CA LEU D 150 -10.97 1.66 24.21
C LEU D 150 -10.65 0.93 25.51
N ILE D 151 -11.36 -0.15 25.82
CA ILE D 151 -11.03 -1.02 26.95
C ILE D 151 -10.86 -2.43 26.39
N VAL D 152 -9.70 -3.03 26.67
CA VAL D 152 -9.38 -4.36 26.15
C VAL D 152 -8.97 -5.25 27.30
N ASN D 153 -9.69 -6.35 27.49
CA ASN D 153 -9.29 -7.38 28.44
C ASN D 153 -8.26 -8.28 27.77
N PRO D 154 -7.01 -8.26 28.24
CA PRO D 154 -5.94 -8.93 27.49
C PRO D 154 -6.14 -10.43 27.34
N ASN D 155 -6.85 -11.08 28.25
CA ASN D 155 -7.12 -12.50 28.18
C ASN D 155 -8.61 -12.76 28.44
N PRO D 156 -9.43 -12.75 27.38
CA PRO D 156 -10.86 -13.02 27.56
C PRO D 156 -11.14 -14.45 27.95
N VAL D 157 -12.41 -14.80 28.15
CA VAL D 157 -12.79 -16.15 28.54
C VAL D 157 -13.71 -16.73 27.47
N PRO D 158 -13.64 -18.03 27.20
CA PRO D 158 -14.56 -18.64 26.24
C PRO D 158 -15.96 -18.81 26.82
N VAL D 159 -16.97 -18.57 25.98
CA VAL D 159 -18.37 -18.70 26.36
C VAL D 159 -19.11 -19.36 25.20
N GLY D 160 -20.35 -19.76 25.48
CA GLY D 160 -21.18 -20.42 24.50
C GLY D 160 -21.15 -21.93 24.66
N LYS D 161 -21.65 -22.61 23.64
CA LYS D 161 -21.66 -24.07 23.64
C LYS D 161 -20.40 -24.55 22.95
N ALA D 162 -19.46 -25.08 23.73
CA ALA D 162 -18.16 -25.54 23.27
C ALA D 162 -17.40 -26.07 24.48
N ASP D 163 -16.34 -26.83 24.22
CA ASP D 163 -15.54 -27.40 25.29
C ASP D 163 -14.86 -26.30 26.09
N MET D 164 -14.74 -26.53 27.40
CA MET D 164 -13.99 -25.64 28.30
C MET D 164 -14.50 -24.20 28.21
N SER D 165 -15.81 -24.04 28.07
CA SER D 165 -16.43 -22.73 27.94
C SER D 165 -17.48 -22.53 29.03
N PHE D 166 -17.87 -21.27 29.21
CA PHE D 166 -18.88 -20.92 30.21
C PHE D 166 -20.24 -20.82 29.53
N PRO D 167 -21.26 -21.52 30.03
CA PRO D 167 -22.59 -21.43 29.41
C PRO D 167 -23.27 -20.11 29.73
N LEU D 168 -22.95 -19.07 28.94
CA LEU D 168 -23.35 -17.72 29.28
C LEU D 168 -24.84 -17.50 29.08
N GLY D 169 -25.29 -17.49 27.83
CA GLY D 169 -26.69 -17.25 27.54
C GLY D 169 -27.12 -17.65 26.14
N ILE D 172 -25.00 -19.13 23.72
CA ILE D 172 -25.05 -18.33 22.49
C ILE D 172 -23.91 -18.79 21.58
N ARG D 173 -23.63 -18.03 20.52
CA ARG D 173 -22.59 -18.39 19.57
C ARG D 173 -21.25 -18.55 20.28
N PRO D 174 -20.51 -19.63 20.04
CA PRO D 174 -19.22 -19.81 20.72
C PRO D 174 -18.23 -18.72 20.32
N SER D 175 -17.63 -18.10 21.33
CA SER D 175 -16.70 -16.99 21.12
C SER D 175 -16.01 -16.70 22.44
N HIS D 176 -15.16 -15.67 22.43
CA HIS D 176 -14.50 -15.19 23.63
C HIS D 176 -15.01 -13.78 23.94
N ILE D 177 -15.25 -13.51 25.22
CA ILE D 177 -15.78 -12.22 25.66
C ILE D 177 -14.74 -11.57 26.57
N GLY D 178 -14.11 -10.51 26.10
CA GLY D 178 -13.23 -9.71 26.94
C GLY D 178 -13.99 -8.77 27.85
N ILE D 179 -14.94 -8.03 27.28
CA ILE D 179 -15.74 -7.04 28.00
C ILE D 179 -17.20 -7.43 27.88
N LEU D 180 -17.84 -7.67 29.01
CA LEU D 180 -19.21 -8.18 29.02
C LEU D 180 -20.22 -7.09 28.73
N ASP D 181 -20.12 -5.96 29.43
CA ASP D 181 -21.09 -4.88 29.29
C ASP D 181 -20.45 -3.58 29.75
N TYR D 182 -21.05 -2.47 29.34
CA TYR D 182 -20.52 -1.15 29.66
C TYR D 182 -21.65 -0.12 29.62
N ASP D 183 -21.43 1.00 30.29
CA ASP D 183 -22.31 2.17 30.16
C ASP D 183 -21.52 3.43 30.44
N TRP D 184 -21.80 4.48 29.67
CA TRP D 184 -21.22 5.80 29.89
C TRP D 184 -21.97 6.56 30.99
N SER D 185 -21.26 7.49 31.62
CA SER D 185 -21.88 8.48 32.47
C SER D 185 -22.57 9.53 31.59
N PRO D 186 -23.52 10.30 32.17
CA PRO D 186 -24.20 11.31 31.35
C PRO D 186 -23.28 12.35 30.73
N ASP D 187 -22.17 12.67 31.39
CA ASP D 187 -21.22 13.65 30.86
C ASP D 187 -20.09 13.03 30.05
N GLY D 188 -20.04 11.69 29.96
CA GLY D 188 -19.03 11.03 29.17
C GLY D 188 -17.66 10.95 29.80
N LYS D 189 -17.46 11.51 30.99
CA LYS D 189 -16.14 11.45 31.63
C LYS D 189 -15.91 10.12 32.33
N TRP D 190 -16.94 9.53 32.93
CA TRP D 190 -16.83 8.30 33.68
C TRP D 190 -17.31 7.12 32.84
N LEU D 191 -16.65 5.97 33.00
CA LEU D 191 -16.97 4.77 32.24
C LEU D 191 -17.11 3.59 33.18
N TRP D 192 -18.27 2.95 33.16
CA TRP D 192 -18.54 1.73 33.92
C TRP D 192 -18.59 0.55 32.96
N TYR D 193 -17.87 -0.52 33.29
CA TYR D 193 -17.86 -1.69 32.43
C TYR D 193 -17.63 -2.94 33.26
N SER D 194 -18.10 -4.07 32.73
CA SER D 194 -17.96 -5.37 33.38
C SER D 194 -17.26 -6.35 32.46
N GLN D 195 -16.44 -7.22 33.04
CA GLN D 195 -15.73 -8.23 32.27
C GLN D 195 -15.72 -9.54 33.06
N LEU D 196 -15.62 -10.64 32.32
CA LEU D 196 -15.63 -11.98 32.90
C LEU D 196 -14.21 -12.42 33.25
N ARG D 197 -14.05 -12.95 34.45
CA ARG D 197 -12.78 -13.52 34.89
C ARG D 197 -12.95 -15.02 35.06
N ALA D 198 -12.14 -15.81 34.35
CA ALA D 198 -12.21 -17.25 34.49
C ALA D 198 -11.69 -17.65 35.86
N LYS D 199 -12.51 -18.36 36.63
CA LYS D 199 -12.13 -18.77 37.97
C LYS D 199 -11.05 -19.84 37.89
N SER D 200 -9.91 -19.59 38.53
CA SER D 200 -8.76 -20.49 38.44
C SER D 200 -8.64 -21.28 39.74
N ASP D 201 -9.00 -22.55 39.68
CA ASP D 201 -8.76 -23.49 40.76
C ASP D 201 -8.83 -24.89 40.20
N GLY D 202 -8.24 -25.84 40.93
CA GLY D 202 -8.26 -27.22 40.52
C GLY D 202 -9.64 -27.82 40.61
N PRO D 203 -9.85 -28.97 39.97
CA PRO D 203 -11.14 -29.65 40.09
C PRO D 203 -11.37 -30.15 41.51
N ARG D 204 -12.60 -30.00 41.98
CA ARG D 204 -12.95 -30.29 43.36
C ARG D 204 -14.18 -31.19 43.41
N VAL D 205 -14.41 -31.76 44.59
CA VAL D 205 -15.57 -32.62 44.81
C VAL D 205 -16.80 -31.75 45.01
N ARG D 206 -17.86 -32.06 44.27
CA ARG D 206 -19.12 -31.32 44.36
C ARG D 206 -20.15 -32.15 45.13
N PHE D 207 -21.01 -31.44 45.86
CA PHE D 207 -21.94 -32.10 46.76
C PHE D 207 -23.35 -31.58 46.58
N ASP D 208 -24.32 -32.48 46.62
CA ASP D 208 -25.75 -32.17 46.71
C ASP D 208 -26.17 -31.32 45.52
N GLU D 209 -26.70 -30.12 45.71
CA GLU D 209 -27.25 -29.34 44.61
C GLU D 209 -26.20 -28.98 43.56
N GLU D 210 -24.92 -28.97 43.92
CA GLU D 210 -23.88 -28.74 42.92
C GLU D 210 -23.86 -29.86 41.89
N VAL D 211 -24.18 -31.08 42.30
CA VAL D 211 -24.18 -32.21 41.38
C VAL D 211 -25.46 -32.23 40.53
N THR D 212 -26.60 -31.89 41.15
CA THR D 212 -27.87 -31.95 40.44
C THR D 212 -27.92 -30.98 39.27
N ALA D 213 -27.23 -29.84 39.39
CA ALA D 213 -27.18 -28.86 38.31
C ALA D 213 -26.42 -29.36 37.10
N LEU D 214 -25.65 -30.45 37.23
CA LEU D 214 -24.85 -31.01 36.15
C LEU D 214 -25.59 -32.11 35.38
N LEU D 215 -26.87 -32.32 35.68
CA LEU D 215 -27.59 -33.46 35.09
C LEU D 215 -27.58 -33.39 33.57
N GLY D 216 -27.88 -32.22 33.00
CA GLY D 216 -28.02 -32.13 31.56
C GLY D 216 -26.77 -31.72 30.82
N ARG D 217 -25.60 -31.88 31.43
CA ARG D 217 -24.37 -31.41 30.82
C ARG D 217 -24.01 -32.26 29.60
N ARG D 218 -23.81 -31.61 28.46
CA ARG D 218 -23.31 -32.31 27.28
C ARG D 218 -21.82 -32.11 27.03
N ARG D 219 -21.15 -31.23 27.78
CA ARG D 219 -19.79 -30.85 27.47
C ARG D 219 -19.09 -30.34 28.73
N SER D 220 -17.77 -30.29 28.67
CA SER D 220 -16.98 -29.73 29.76
C SER D 220 -17.16 -28.22 29.82
N THR D 221 -17.34 -27.70 31.04
CA THR D 221 -17.53 -26.29 31.25
C THR D 221 -16.50 -25.77 32.25
N ILE D 222 -16.34 -24.45 32.28
CA ILE D 222 -15.49 -23.80 33.27
C ILE D 222 -16.38 -22.94 34.16
N ASP D 223 -15.77 -22.33 35.18
CA ASP D 223 -16.49 -21.46 36.10
C ASP D 223 -15.85 -20.08 36.08
N VAL D 224 -16.67 -19.04 36.20
CA VAL D 224 -16.21 -17.66 36.05
C VAL D 224 -16.90 -16.79 37.11
N GLU D 225 -16.37 -15.58 37.27
CA GLU D 225 -17.00 -14.53 38.05
C GLU D 225 -17.05 -13.27 37.20
N VAL D 226 -17.88 -12.32 37.61
CA VAL D 226 -18.09 -11.08 36.88
C VAL D 226 -17.54 -9.93 37.70
N ASP D 227 -16.59 -9.20 37.12
CA ASP D 227 -16.02 -8.02 37.76
C ASP D 227 -16.69 -6.76 37.23
N PHE D 228 -16.93 -5.80 38.11
CA PHE D 228 -17.45 -4.49 37.75
C PHE D 228 -16.35 -3.47 37.97
N PHE D 229 -16.00 -2.71 36.93
CA PHE D 229 -14.94 -1.72 36.99
C PHE D 229 -15.51 -0.34 36.72
N LEU D 230 -14.78 0.66 37.21
CA LEU D 230 -15.13 2.07 36.99
C LEU D 230 -13.85 2.83 36.71
N ARG D 231 -13.84 3.59 35.61
CA ARG D 231 -12.70 4.41 35.22
C ARG D 231 -13.05 5.88 35.39
N ASN D 232 -12.14 6.63 36.02
CA ASN D 232 -12.38 8.03 36.32
C ASN D 232 -11.92 8.90 35.13
N PRO D 233 -12.13 10.22 35.17
CA PRO D 233 -11.67 11.05 34.04
C PRO D 233 -10.16 11.04 33.87
N GLU D 234 -9.39 10.81 34.93
CA GLU D 234 -7.93 10.82 34.83
C GLU D 234 -7.36 9.54 34.22
N GLY D 235 -8.17 8.51 34.04
CA GLY D 235 -7.72 7.32 33.34
C GLY D 235 -7.33 6.14 34.21
N ASP D 236 -7.67 6.16 35.51
CA ASP D 236 -7.38 5.03 36.38
C ASP D 236 -8.67 4.27 36.70
N THR D 237 -8.54 2.96 36.84
CA THR D 237 -9.66 2.07 37.02
C THR D 237 -9.69 1.51 38.45
N THR D 238 -10.91 1.23 38.93
CA THR D 238 -11.12 0.66 40.25
C THR D 238 -12.19 -0.40 40.15
N ARG D 239 -11.95 -1.57 40.74
CA ARG D 239 -12.93 -2.65 40.71
C ARG D 239 -13.99 -2.40 41.78
N ILE D 240 -15.24 -2.26 41.35
CA ILE D 240 -16.33 -2.03 42.28
C ILE D 240 -16.55 -3.26 43.17
N MET D 241 -16.77 -4.41 42.56
CA MET D 241 -16.97 -5.66 43.28
C MET D 241 -16.92 -6.81 42.26
N ALA D 242 -17.04 -8.03 42.77
CA ALA D 242 -17.07 -9.22 41.95
C ALA D 242 -18.33 -10.02 42.28
N ARG D 243 -18.91 -10.63 41.25
CA ARG D 243 -20.15 -11.37 41.42
C ARG D 243 -20.00 -12.81 40.96
N PRO D 244 -20.65 -13.75 41.64
CA PRO D 244 -20.57 -15.16 41.21
C PRO D 244 -21.41 -15.40 39.97
N SER D 245 -21.16 -16.57 39.34
CA SER D 245 -21.90 -16.96 38.16
C SER D 245 -23.40 -17.11 38.42
N THR D 246 -23.79 -17.32 39.68
CA THR D 246 -25.20 -17.45 40.03
C THR D 246 -25.98 -16.16 39.84
N ASP D 247 -25.31 -15.05 39.55
CA ASP D 247 -25.97 -13.77 39.37
C ASP D 247 -26.33 -13.63 37.89
N ARG D 248 -27.63 -13.67 37.59
CA ARG D 248 -28.05 -13.70 36.20
C ARG D 248 -27.98 -12.33 35.54
N VAL D 249 -28.34 -11.25 36.26
CA VAL D 249 -28.26 -9.93 35.65
C VAL D 249 -26.81 -9.53 35.41
N ALA D 250 -25.89 -10.04 36.23
CA ALA D 250 -24.48 -9.72 36.04
C ALA D 250 -23.87 -10.52 34.89
N THR D 251 -24.12 -11.83 34.84
CA THR D 251 -23.54 -12.66 33.78
C THR D 251 -24.19 -12.40 32.44
N ARG D 252 -25.51 -12.21 32.41
CA ARG D 252 -26.21 -11.99 31.15
C ARG D 252 -25.71 -10.72 30.47
N GLY D 253 -25.56 -10.80 29.15
CA GLY D 253 -25.26 -9.61 28.37
C GLY D 253 -26.46 -8.68 28.37
N GLY D 254 -26.21 -7.40 28.62
CA GLY D 254 -27.27 -6.42 28.71
C GLY D 254 -27.65 -6.12 30.14
N GLY D 255 -28.10 -4.90 30.38
CA GLY D 255 -28.44 -4.47 31.72
C GLY D 255 -28.72 -2.98 31.75
N ARG D 256 -28.78 -2.43 32.96
CA ARG D 256 -29.01 -1.00 33.12
C ARG D 256 -28.34 -0.53 34.39
N VAL D 257 -27.86 0.70 34.38
CA VAL D 257 -27.18 1.31 35.51
C VAL D 257 -27.48 2.80 35.53
N LEU D 258 -27.70 3.34 36.73
CA LEU D 258 -28.08 4.74 36.91
C LEU D 258 -26.94 5.53 37.52
N TRP D 259 -26.85 6.80 37.13
CA TRP D 259 -25.86 7.74 37.65
C TRP D 259 -26.60 8.83 38.43
N ARG D 260 -26.45 8.84 39.74
CA ARG D 260 -27.05 9.85 40.60
C ARG D 260 -25.94 10.56 41.37
N GLY D 261 -25.73 11.84 41.03
CA GLY D 261 -24.70 12.61 41.72
C GLY D 261 -23.34 11.97 41.58
N ASN D 262 -22.68 11.76 42.72
CA ASN D 262 -21.41 11.05 42.77
C ASN D 262 -21.59 9.55 42.97
N GLU D 263 -22.83 9.06 42.99
CA GLU D 263 -23.11 7.64 43.14
C GLU D 263 -23.44 7.02 41.80
N VAL D 264 -23.00 5.78 41.59
CA VAL D 264 -23.37 4.97 40.44
C VAL D 264 -24.13 3.76 40.97
N GLN D 265 -25.31 3.53 40.41
CA GLN D 265 -26.25 2.55 40.96
C GLN D 265 -26.68 1.56 39.88
N PHE D 266 -26.51 0.27 40.16
CA PHE D 266 -26.93 -0.78 39.25
C PHE D 266 -27.59 -1.90 40.05
N ARG D 267 -28.00 -2.95 39.35
CA ARG D 267 -28.83 -4.01 39.90
C ARG D 267 -28.06 -5.33 39.93
N ILE D 268 -28.21 -6.09 41.02
CA ILE D 268 -27.56 -7.38 41.19
C ILE D 268 -28.55 -8.37 41.79
N GLU D 269 -28.21 -9.65 41.68
CA GLU D 269 -29.04 -10.73 42.18
C GLU D 269 -28.21 -11.66 43.07
N THR D 270 -28.83 -12.18 44.11
CA THR D 270 -28.20 -13.17 44.98
C THR D 270 -28.98 -14.48 44.91
N SER D 271 -28.29 -15.57 45.26
CA SER D 271 -28.87 -16.91 45.22
C SER D 271 -29.32 -17.29 43.81
N ALA D 278 -33.27 -13.57 44.97
CA ALA D 278 -33.29 -12.28 45.66
C ALA D 278 -32.51 -11.22 44.88
N PHE D 279 -33.14 -10.08 44.65
CA PHE D 279 -32.57 -9.00 43.86
C PHE D 279 -32.41 -7.75 44.73
N GLU D 280 -31.31 -7.04 44.52
CA GLU D 280 -31.04 -5.79 45.23
C GLU D 280 -30.54 -4.74 44.26
N PHE D 281 -30.79 -3.48 44.59
CA PHE D 281 -30.19 -2.35 43.90
C PHE D 281 -29.03 -1.84 44.74
N VAL D 282 -27.85 -1.78 44.15
CA VAL D 282 -26.63 -1.44 44.88
C VAL D 282 -26.11 -0.11 44.36
N ALA D 283 -25.37 0.60 45.23
CA ALA D 283 -24.85 1.92 44.93
C ALA D 283 -23.37 1.97 45.26
N TRP D 284 -22.57 2.53 44.36
CA TRP D 284 -21.13 2.66 44.53
C TRP D 284 -20.76 4.13 44.48
N ASN D 285 -19.98 4.58 45.46
CA ASN D 285 -19.59 5.98 45.56
C ASN D 285 -18.29 6.21 44.78
N ARG D 286 -18.32 7.17 43.87
CA ARG D 286 -17.20 7.40 42.97
C ARG D 286 -15.96 7.91 43.70
N VAL D 287 -16.15 8.64 44.79
CA VAL D 287 -15.02 9.20 45.54
C VAL D 287 -14.77 8.38 46.81
N ASN D 288 -15.77 8.32 47.69
CA ASN D 288 -15.62 7.57 48.94
C ASN D 288 -15.23 6.12 48.71
N ARG D 289 -15.57 5.55 47.54
CA ARG D 289 -15.31 4.15 47.23
C ARG D 289 -15.93 3.23 48.27
N THR D 290 -17.21 3.47 48.56
CA THR D 290 -17.98 2.65 49.47
C THR D 290 -19.21 2.10 48.76
N VAL D 291 -19.77 1.04 49.33
CA VAL D 291 -20.93 0.35 48.77
C VAL D 291 -22.14 0.67 49.64
N ARG D 292 -23.27 0.91 48.99
CA ARG D 292 -24.52 1.28 49.67
C ARG D 292 -25.62 0.30 49.30
N THR D 293 -26.79 0.50 49.91
CA THR D 293 -27.96 -0.35 49.68
C THR D 293 -29.21 0.52 49.76
N LEU D 294 -30.24 0.10 49.04
CA LEU D 294 -31.51 0.83 49.02
C LEU D 294 -32.65 -0.07 48.55
N ILE D 305 -37.46 1.79 33.78
CA ILE D 305 -37.64 1.47 32.38
C ILE D 305 -39.12 1.53 32.03
N LEU D 306 -39.42 2.07 30.84
CA LEU D 306 -40.78 2.33 30.38
C LEU D 306 -41.49 3.30 31.33
N VAL D 307 -40.97 4.52 31.34
CA VAL D 307 -41.46 5.61 32.19
C VAL D 307 -41.79 6.79 31.29
N GLY D 308 -42.95 7.40 31.51
CA GLY D 308 -43.46 8.43 30.62
C GLY D 308 -43.17 9.85 31.09
N PRO D 309 -43.88 10.82 30.49
CA PRO D 309 -43.58 12.23 30.81
C PRO D 309 -43.90 12.61 32.25
N ARG D 310 -44.96 12.05 32.83
CA ARG D 310 -45.30 12.34 34.23
C ARG D 310 -44.27 11.80 35.21
N GLY D 311 -43.29 11.03 34.75
CA GLY D 311 -42.33 10.40 35.64
C GLY D 311 -42.88 9.18 36.35
N GLY D 312 -43.63 8.34 35.65
CA GLY D 312 -44.28 7.20 36.26
C GLY D 312 -44.40 6.06 35.27
N GLN D 313 -44.90 4.94 35.76
CA GLN D 313 -44.92 3.70 34.99
C GLN D 313 -45.89 3.79 33.82
N LEU D 314 -45.41 3.44 32.63
CA LEU D 314 -46.24 3.37 31.43
C LEU D 314 -46.87 1.99 31.31
N SER D 315 -48.17 1.94 31.05
CA SER D 315 -48.87 0.69 30.91
C SER D 315 -50.12 0.90 30.07
N THR D 316 -50.62 -0.20 29.51
CA THR D 316 -51.85 -0.20 28.72
C THR D 316 -52.83 -1.19 29.33
N SER D 317 -54.07 -0.76 29.52
CA SER D 317 -55.11 -1.59 30.12
C SER D 317 -56.35 -1.58 29.23
N GLY D 318 -57.06 -2.69 29.24
CA GLY D 318 -58.24 -2.87 28.43
C GLY D 318 -57.99 -3.83 27.27
N LEU D 319 -59.08 -4.40 26.76
CA LEU D 319 -58.97 -5.34 25.64
C LEU D 319 -58.72 -4.59 24.33
N ASP D 322 -59.35 -3.43 24.16
CA ASP D 322 -58.83 -2.37 23.28
C ASP D 322 -58.26 -1.33 24.24
N ARG D 323 -56.93 -1.18 24.20
CA ARG D 323 -56.22 -0.67 25.37
C ARG D 323 -56.44 0.83 25.55
N GLU D 324 -55.91 1.33 26.66
CA GLU D 324 -55.80 2.75 26.96
C GLU D 324 -54.45 2.96 27.64
N LEU D 325 -53.74 4.01 27.23
CA LEU D 325 -52.38 4.23 27.69
C LEU D 325 -52.44 5.10 28.94
N ILE D 326 -52.01 4.54 30.08
CA ILE D 326 -52.09 5.21 31.36
C ILE D 326 -50.70 5.33 31.97
N GLU D 327 -50.58 6.26 32.92
CA GLU D 327 -49.34 6.47 33.66
C GLU D 327 -49.68 6.70 35.12
N THR D 328 -48.93 6.05 36.02
CA THR D 328 -49.22 6.06 37.44
C THR D 328 -47.97 6.43 38.22
N SER D 329 -48.16 7.20 39.30
CA SER D 329 -47.07 7.58 40.18
C SER D 329 -46.51 6.37 40.91
N ARG D 333 -52.64 7.33 41.72
CA ARG D 333 -53.08 8.44 40.88
C ARG D 333 -52.74 8.17 39.42
N PRO D 334 -53.51 7.29 38.76
CA PRO D 334 -53.27 7.01 37.34
C PRO D 334 -53.75 8.16 36.45
N HIS D 335 -52.98 8.41 35.40
CA HIS D 335 -53.34 9.40 34.38
C HIS D 335 -53.50 8.66 33.06
N SER D 336 -54.72 8.66 32.53
CA SER D 336 -55.03 8.00 31.28
C SER D 336 -54.85 8.97 30.11
N TYR D 337 -54.16 8.52 29.07
CA TYR D 337 -53.92 9.32 27.88
C TYR D 337 -54.94 9.05 26.77
N GLY D 338 -55.92 8.21 27.01
CA GLY D 338 -56.96 7.91 26.04
C GLY D 338 -56.78 6.54 25.43
N ARG D 339 -57.71 6.22 24.52
CA ARG D 339 -57.70 4.92 23.86
C ARG D 339 -56.53 4.81 22.89
N VAL D 340 -55.95 3.61 22.81
CA VAL D 340 -54.83 3.33 21.92
C VAL D 340 -55.07 1.99 21.24
N ALA D 341 -54.67 1.89 19.97
CA ALA D 341 -54.87 0.69 19.16
C ALA D 341 -53.66 -0.23 19.15
N PHE D 342 -52.62 0.07 19.93
CA PHE D 342 -51.36 -0.65 19.86
C PHE D 342 -50.99 -1.22 21.23
N ASP D 343 -50.06 -2.18 21.21
CA ASP D 343 -49.47 -2.74 22.41
C ASP D 343 -48.14 -2.06 22.68
N ILE D 344 -47.83 -1.86 23.96
CA ILE D 344 -46.70 -1.05 24.37
C ILE D 344 -45.54 -1.94 24.78
N GLY D 345 -44.32 -1.49 24.49
CA GLY D 345 -43.13 -2.08 25.06
C GLY D 345 -42.78 -3.47 24.60
N ASP D 346 -42.93 -3.75 23.30
CA ASP D 346 -42.49 -5.03 22.76
C ASP D 346 -41.00 -5.00 22.47
N SER D 347 -40.35 -6.15 22.67
CA SER D 347 -38.92 -6.23 22.44
C SER D 347 -38.55 -6.13 20.96
N ARG D 348 -39.52 -6.30 20.07
CA ARG D 348 -39.28 -6.18 18.64
C ARG D 348 -39.54 -4.78 18.11
N SER D 349 -40.03 -3.87 18.95
CA SER D 349 -40.37 -2.52 18.54
C SER D 349 -39.15 -1.60 18.68
N ALA D 350 -39.37 -0.28 18.54
CA ALA D 350 -38.28 0.68 18.60
C ALA D 350 -37.74 0.90 20.01
N GLY D 351 -38.36 0.30 21.03
CA GLY D 351 -37.91 0.51 22.40
C GLY D 351 -38.49 1.77 23.00
N TRP D 352 -37.73 2.42 23.89
CA TRP D 352 -38.20 3.63 24.55
C TRP D 352 -37.02 4.56 24.81
N LYS D 353 -37.26 5.85 24.66
CA LYS D 353 -36.25 6.88 24.88
C LYS D 353 -36.92 8.10 25.51
N ARG D 354 -36.22 8.72 26.47
CA ARG D 354 -36.73 9.90 27.16
C ARG D 354 -35.79 11.07 26.90
N SER D 355 -36.38 12.25 26.74
CA SER D 355 -35.60 13.45 26.48
C SER D 355 -34.88 13.91 27.75
N ARG D 356 -33.84 14.74 27.56
CA ARG D 356 -33.06 15.22 28.70
C ARG D 356 -33.94 16.01 29.67
N ASP D 357 -34.77 16.92 29.14
CA ASP D 357 -35.64 17.71 30.01
C ASP D 357 -36.77 16.89 30.62
N GLY D 358 -37.08 15.73 30.05
CA GLY D 358 -38.14 14.89 30.56
C GLY D 358 -39.53 15.24 30.09
N LYS D 359 -39.66 16.21 29.17
CA LYS D 359 -40.95 16.64 28.67
C LYS D 359 -41.43 15.83 27.48
N ARG D 360 -40.58 15.00 26.88
CA ARG D 360 -40.92 14.29 25.66
C ARG D 360 -40.32 12.89 25.70
N VAL D 361 -41.13 11.90 25.33
CA VAL D 361 -40.70 10.51 25.29
C VAL D 361 -41.24 9.86 24.01
N VAL D 362 -40.52 8.85 23.55
CA VAL D 362 -40.92 8.06 22.38
C VAL D 362 -40.92 6.60 22.78
N ILE D 363 -41.96 5.87 22.39
CA ILE D 363 -42.10 4.46 22.73
C ILE D 363 -42.40 3.67 21.47
N GLY D 364 -41.84 2.46 21.39
CA GLY D 364 -42.17 1.56 20.29
C GLY D 364 -43.53 0.91 20.51
N THR D 365 -44.27 0.77 19.43
CA THR D 365 -45.63 0.26 19.47
C THR D 365 -45.76 -0.99 18.61
N ARG D 366 -46.72 -1.84 18.97
CA ARG D 366 -47.15 -2.93 18.12
C ARG D 366 -48.67 -2.91 18.08
N GLY D 367 -49.23 -2.66 16.89
CA GLY D 367 -50.66 -2.50 16.77
C GLY D 367 -51.40 -3.84 16.74
N LEU D 368 -52.58 -3.85 17.37
CA LEU D 368 -53.48 -4.98 17.20
C LEU D 368 -53.99 -5.00 15.77
N GLY D 369 -54.53 -6.15 15.36
CA GLY D 369 -54.85 -6.27 13.95
C GLY D 369 -53.60 -6.36 13.10
N ASP D 370 -53.38 -5.34 12.26
CA ASP D 370 -52.33 -5.38 11.23
C ASP D 370 -50.96 -5.79 11.76
N ALA D 371 -50.71 -5.65 13.07
CA ALA D 371 -49.46 -6.12 13.70
C ALA D 371 -48.24 -5.43 13.10
N ARG D 372 -48.29 -4.11 13.07
CA ARG D 372 -47.21 -3.27 12.55
C ARG D 372 -46.57 -2.50 13.69
N TYR D 373 -45.25 -2.30 13.59
CA TYR D 373 -44.51 -1.59 14.62
C TYR D 373 -44.37 -0.11 14.24
N GLY D 374 -44.46 0.75 15.24
CA GLY D 374 -44.39 2.18 14.99
C GLY D 374 -43.98 2.94 16.23
N LEU D 375 -44.01 4.26 16.12
CA LEU D 375 -43.59 5.16 17.18
C LEU D 375 -44.79 5.92 17.73
N ALA D 376 -44.71 6.27 19.01
CA ALA D 376 -45.75 7.06 19.67
C ALA D 376 -45.07 8.14 20.51
N LEU D 377 -45.52 9.39 20.34
CA LEU D 377 -44.94 10.53 21.03
C LEU D 377 -45.88 10.97 22.15
N ILE D 378 -45.33 11.13 23.36
CA ILE D 378 -46.13 11.43 24.54
C ILE D 378 -45.58 12.69 25.20
N ASP D 379 -46.45 13.65 25.46
CA ASP D 379 -46.13 14.87 26.20
C ASP D 379 -47.40 15.37 26.87
N LYS D 380 -47.35 16.61 27.38
CA LYS D 380 -48.53 17.18 28.02
C LYS D 380 -49.73 17.23 27.07
N THR D 381 -49.49 17.40 25.77
CA THR D 381 -50.58 17.48 24.81
C THR D 381 -51.40 16.19 24.79
N GLY D 382 -50.72 15.05 24.92
CA GLY D 382 -51.39 13.76 24.92
C GLY D 382 -50.47 12.71 24.35
N VAL D 383 -51.08 11.62 23.89
CA VAL D 383 -50.38 10.58 23.14
C VAL D 383 -50.76 10.71 21.68
N ARG D 384 -49.75 10.78 20.81
CA ARG D 384 -49.97 10.82 19.37
C ARG D 384 -48.90 9.98 18.70
N GLU D 385 -49.32 9.16 17.73
CA GLU D 385 -48.41 8.30 17.00
C GLU D 385 -48.31 8.76 15.55
N LEU D 386 -47.10 8.77 15.01
CA LEU D 386 -46.91 9.02 13.60
C LEU D 386 -47.16 7.74 12.82
N ARG D 387 -47.68 7.91 11.61
CA ARG D 387 -48.05 6.78 10.77
C ARG D 387 -47.14 6.71 9.55
N ALA D 388 -46.75 5.48 9.20
CA ALA D 388 -45.99 5.20 7.99
C ALA D 388 -46.70 4.10 7.23
N ASP D 389 -46.30 3.91 5.98
CA ASP D 389 -46.90 2.88 5.14
C ASP D 389 -46.31 1.49 5.41
N ALA D 390 -45.34 1.39 6.31
CA ALA D 390 -44.74 0.11 6.66
C ALA D 390 -44.31 0.17 8.13
N SER D 391 -43.57 -0.85 8.56
CA SER D 391 -43.20 -0.99 9.95
C SER D 391 -41.83 -0.38 10.23
N LEU D 392 -41.69 0.21 11.42
CA LEU D 392 -40.43 0.78 11.88
C LEU D 392 -39.95 -0.04 13.07
N THR D 393 -38.82 -0.74 12.89
CA THR D 393 -38.33 -1.67 13.91
C THR D 393 -37.24 -1.05 14.78
N ARG D 394 -36.06 -0.84 14.22
CA ARG D 394 -34.94 -0.25 14.94
C ARG D 394 -34.85 1.23 14.65
N CYS D 395 -34.62 2.03 15.70
CA CYS D 395 -34.58 3.47 15.57
C CYS D 395 -33.51 4.07 16.48
N GLY D 396 -32.75 5.01 15.94
CA GLY D 396 -31.89 5.85 16.74
C GLY D 396 -32.53 7.20 17.00
N PHE D 397 -32.01 7.91 18.00
CA PHE D 397 -32.52 9.22 18.37
C PHE D 397 -31.38 10.14 18.73
N ASP D 398 -31.62 11.45 18.59
CA ASP D 398 -30.68 12.45 19.03
C ASP D 398 -30.96 12.83 20.49
N GLY D 399 -30.19 13.77 21.02
CA GLY D 399 -30.34 14.15 22.41
C GLY D 399 -31.64 14.91 22.68
N MET D 400 -32.05 15.74 21.73
CA MET D 400 -33.25 16.56 21.88
C MET D 400 -34.53 15.83 21.51
N LEU D 401 -34.43 14.61 20.97
CA LEU D 401 -35.59 13.81 20.55
C LEU D 401 -36.44 14.53 19.50
N ARG D 402 -35.79 15.37 18.69
CA ARG D 402 -36.49 16.05 17.60
C ARG D 402 -36.41 15.30 16.28
N SER D 403 -35.59 14.26 16.17
CA SER D 403 -35.44 13.54 14.91
C SER D 403 -34.99 12.11 15.20
N ALA D 404 -35.17 11.26 14.19
CA ALA D 404 -34.82 9.85 14.32
C ALA D 404 -34.46 9.27 12.97
N ILE D 405 -33.55 8.29 12.98
CA ILE D 405 -33.23 7.49 11.81
C ILE D 405 -33.62 6.05 12.12
N CYS D 406 -34.41 5.45 11.24
CA CYS D 406 -35.04 4.16 11.52
C CYS D 406 -34.85 3.20 10.35
N VAL D 407 -35.15 1.94 10.62
CA VAL D 407 -35.17 0.89 9.61
C VAL D 407 -36.64 0.61 9.27
N GLU D 408 -37.04 0.99 8.06
CA GLU D 408 -38.41 0.76 7.61
C GLU D 408 -38.51 -0.62 6.99
N GLU D 409 -39.43 -1.43 7.49
CA GLU D 409 -39.51 -2.84 7.13
C GLU D 409 -40.96 -3.20 6.81
N GLY D 410 -41.13 -4.17 5.90
CA GLY D 410 -42.45 -4.64 5.53
C GLY D 410 -42.41 -6.11 5.20
N MET D 411 -43.59 -6.72 5.14
CA MET D 411 -43.68 -8.16 4.93
C MET D 411 -43.03 -8.57 3.62
N SER D 412 -43.49 -7.98 2.51
CA SER D 412 -42.93 -8.26 1.19
C SER D 412 -41.91 -7.22 0.74
N ARG D 413 -41.66 -6.19 1.54
CA ARG D 413 -40.76 -5.12 1.11
C ARG D 413 -39.45 -5.19 1.87
N PRO D 414 -38.31 -5.21 1.17
CA PRO D 414 -37.01 -5.29 1.85
C PRO D 414 -36.76 -4.07 2.72
N PRO D 415 -35.85 -4.16 3.69
CA PRO D 415 -35.65 -3.05 4.62
C PRO D 415 -34.93 -1.88 3.97
N ARG D 416 -35.27 -0.68 4.44
CA ARG D 416 -34.68 0.56 3.94
C ARG D 416 -34.39 1.48 5.12
N LEU D 417 -33.47 2.41 4.90
CA LEU D 417 -33.17 3.46 5.87
C LEU D 417 -33.99 4.69 5.56
N VAL D 418 -34.57 5.28 6.62
CA VAL D 418 -35.36 6.50 6.50
C VAL D 418 -35.05 7.40 7.68
N ARG D 419 -35.19 8.71 7.49
CA ARG D 419 -35.06 9.70 8.55
C ARG D 419 -36.44 10.21 8.91
N VAL D 420 -36.74 10.25 10.20
CA VAL D 420 -38.04 10.68 10.70
C VAL D 420 -37.82 11.96 11.48
N ASP D 421 -38.52 13.02 11.07
CA ASP D 421 -38.55 14.27 11.82
C ASP D 421 -39.75 14.21 12.75
N LEU D 422 -39.50 14.12 14.05
CA LEU D 422 -40.57 13.88 15.01
C LEU D 422 -41.48 15.08 15.19
N GLY D 423 -41.03 16.27 14.84
CA GLY D 423 -41.87 17.45 14.95
C GLY D 423 -42.92 17.53 13.86
N THR D 424 -42.51 17.34 12.60
CA THR D 424 -43.41 17.44 11.46
C THR D 424 -43.98 16.10 11.01
N ASP D 425 -43.59 14.99 11.64
CA ASP D 425 -44.07 13.65 11.31
C ASP D 425 -43.81 13.27 9.86
N LYS D 426 -42.81 13.88 9.23
CA LYS D 426 -42.47 13.64 7.84
C LYS D 426 -41.34 12.64 7.74
N ILE D 427 -41.56 11.57 6.98
CA ILE D 427 -40.55 10.53 6.77
C ILE D 427 -39.86 10.80 5.44
N THR D 428 -38.55 11.00 5.48
CA THR D 428 -37.74 11.21 4.29
C THR D 428 -36.91 9.96 4.05
N ASP D 429 -36.97 9.45 2.82
CA ASP D 429 -36.41 8.15 2.50
C ASP D 429 -34.93 8.27 2.10
N LEU D 430 -34.14 7.30 2.56
CA LEU D 430 -32.74 7.15 2.18
C LEU D 430 -32.56 5.87 1.38
N GLY D 431 -31.32 5.55 1.05
CA GLY D 431 -31.01 4.39 0.26
C GLY D 431 -31.43 3.08 0.90
N PRO D 432 -31.57 2.04 0.08
CA PRO D 432 -31.97 0.74 0.62
C PRO D 432 -30.81 0.06 1.35
N ILE D 433 -31.18 -0.84 2.26
CA ILE D 433 -30.17 -1.54 3.06
C ILE D 433 -29.51 -2.64 2.24
N SER D 434 -30.31 -3.43 1.52
CA SER D 434 -29.83 -4.59 0.78
C SER D 434 -30.22 -4.46 -0.69
N PRO D 435 -29.35 -3.89 -1.52
CA PRO D 435 -29.64 -3.82 -2.96
C PRO D 435 -29.87 -5.17 -3.61
N ARG D 436 -29.41 -6.26 -2.98
CA ARG D 436 -29.64 -7.58 -3.52
C ARG D 436 -31.12 -7.95 -3.47
N HIS D 437 -31.81 -7.59 -2.39
CA HIS D 437 -33.21 -7.95 -2.22
C HIS D 437 -34.17 -6.95 -2.86
N GLU D 438 -33.68 -5.82 -3.36
CA GLU D 438 -34.52 -4.86 -4.05
C GLU D 438 -34.85 -5.29 -5.47
N GLU D 439 -34.10 -6.23 -6.04
CA GLU D 439 -34.32 -6.71 -7.39
C GLU D 439 -35.21 -7.95 -7.44
N ILE D 440 -35.76 -8.38 -6.30
CA ILE D 440 -36.61 -9.56 -6.26
C ILE D 440 -38.06 -9.12 -6.38
N GLU D 441 -38.82 -9.82 -7.23
CA GLU D 441 -40.23 -9.50 -7.43
C GLU D 441 -41.02 -9.86 -6.17
N PRO D 442 -41.70 -8.90 -5.53
CA PRO D 442 -42.39 -9.19 -4.28
C PRO D 442 -43.56 -10.16 -4.49
N LEU D 443 -43.64 -11.16 -3.62
CA LEU D 443 -44.74 -12.10 -3.62
C LEU D 443 -46.00 -11.45 -3.03
N GLN D 444 -47.14 -12.04 -3.34
CA GLN D 444 -48.41 -11.57 -2.80
C GLN D 444 -48.59 -12.09 -1.38
N THR D 445 -48.72 -11.18 -0.43
CA THR D 445 -48.94 -11.52 0.98
C THR D 445 -50.19 -10.82 1.46
N ILE D 446 -51.12 -11.57 2.05
CA ILE D 446 -52.39 -11.06 2.52
C ILE D 446 -52.43 -11.21 4.03
N ALA D 447 -52.41 -10.08 4.74
CA ALA D 447 -52.59 -10.11 6.18
C ALA D 447 -54.03 -10.48 6.51
N ARG D 448 -54.22 -11.45 7.39
CA ARG D 448 -55.55 -11.96 7.67
C ARG D 448 -55.62 -12.49 9.09
N THR D 449 -56.80 -12.34 9.70
CA THR D 449 -57.09 -12.82 11.04
C THR D 449 -58.15 -13.91 10.97
N PHE D 450 -58.02 -14.91 11.85
CA PHE D 450 -58.93 -16.04 11.87
C PHE D 450 -59.47 -16.23 13.28
N VAL D 451 -60.78 -16.46 13.38
CA VAL D 451 -61.42 -16.83 14.65
C VAL D 451 -61.70 -18.33 14.61
N SER D 452 -61.59 -18.97 15.76
CA SER D 452 -61.64 -20.43 15.87
C SER D 452 -62.92 -20.87 16.57
N ARG D 453 -63.05 -22.19 16.75
CA ARG D 453 -64.23 -22.75 17.39
C ARG D 453 -64.35 -22.32 18.85
N ASP D 454 -63.22 -22.02 19.50
CA ASP D 454 -63.22 -21.58 20.88
C ASP D 454 -63.46 -20.07 21.02
N GLY D 455 -63.58 -19.35 19.92
CA GLY D 455 -63.82 -17.92 19.97
C GLY D 455 -62.59 -17.06 20.12
N TYR D 456 -61.43 -17.56 19.74
CA TYR D 456 -60.18 -16.81 19.84
C TYR D 456 -59.63 -16.52 18.45
N TRP D 457 -59.11 -15.31 18.28
CA TRP D 457 -58.59 -14.85 17.01
C TRP D 457 -57.07 -14.95 16.99
N SER D 458 -56.52 -15.28 15.82
CA SER D 458 -55.09 -15.46 15.65
C SER D 458 -54.63 -14.67 14.44
N SER D 459 -53.71 -13.74 14.67
CA SER D 459 -53.18 -12.93 13.58
C SER D 459 -52.24 -13.76 12.71
N GLY D 460 -52.06 -13.32 11.47
CA GLY D 460 -51.16 -14.01 10.57
C GLY D 460 -51.17 -13.39 9.19
N TYR D 461 -50.49 -14.07 8.27
CA TYR D 461 -50.35 -13.62 6.89
C TYR D 461 -50.52 -14.81 5.95
N VAL D 462 -51.29 -14.60 4.89
CA VAL D 462 -51.48 -15.60 3.84
C VAL D 462 -50.55 -15.26 2.69
N LEU D 463 -49.64 -16.17 2.38
CA LEU D 463 -48.59 -15.93 1.38
C LEU D 463 -48.89 -16.80 0.16
N LEU D 464 -49.21 -16.13 -0.99
CA LEU D 464 -49.65 -16.74 -2.24
C LEU D 464 -48.46 -17.16 -3.11
N PRO D 465 -48.62 -18.23 -3.88
CA PRO D 465 -47.52 -18.69 -4.75
C PRO D 465 -47.33 -17.77 -5.94
N ARG D 466 -46.18 -17.91 -6.58
CA ARG D 466 -45.90 -17.15 -7.78
C ARG D 466 -46.74 -17.66 -8.94
N GLY D 467 -47.28 -16.73 -9.72
CA GLY D 467 -48.16 -17.11 -10.81
C GLY D 467 -49.54 -17.54 -10.36
N HIS D 468 -50.01 -17.02 -9.23
CA HIS D 468 -51.31 -17.41 -8.70
C HIS D 468 -52.42 -16.60 -9.37
N ARG D 469 -53.48 -17.31 -9.75
CA ARG D 469 -54.69 -16.70 -10.28
C ARG D 469 -55.88 -17.12 -9.41
N ALA D 470 -56.96 -16.36 -9.52
CA ALA D 470 -58.15 -16.63 -8.72
C ALA D 470 -58.72 -18.00 -9.09
N ALA D 471 -59.39 -18.62 -8.10
CA ALA D 471 -60.03 -19.92 -8.27
C ALA D 471 -59.01 -21.00 -8.60
N ASP D 472 -57.84 -20.94 -7.97
CA ASP D 472 -56.84 -21.98 -8.03
C ASP D 472 -56.51 -22.46 -6.62
N ARG D 473 -56.56 -23.77 -6.41
CA ARG D 473 -56.20 -24.36 -5.14
C ARG D 473 -54.80 -24.96 -5.22
N HIS D 474 -54.05 -24.85 -4.13
CA HIS D 474 -52.66 -25.26 -4.09
C HIS D 474 -52.40 -26.03 -2.81
N PRO D 475 -51.36 -26.85 -2.77
CA PRO D 475 -50.94 -27.47 -1.51
C PRO D 475 -50.45 -26.41 -0.52
N ALA D 476 -50.68 -26.69 0.75
CA ALA D 476 -50.46 -25.70 1.81
C ALA D 476 -49.40 -26.19 2.79
N VAL D 477 -48.72 -25.24 3.41
CA VAL D 477 -47.81 -25.49 4.53
C VAL D 477 -48.02 -24.40 5.56
N VAL D 478 -48.27 -24.80 6.81
CA VAL D 478 -48.49 -23.86 7.90
C VAL D 478 -47.18 -23.69 8.67
N VAL D 479 -46.80 -22.44 8.93
CA VAL D 479 -45.58 -22.11 9.65
C VAL D 479 -45.96 -21.22 10.82
N THR D 480 -45.61 -21.64 12.03
CA THR D 480 -45.98 -20.91 13.24
C THR D 480 -44.81 -20.84 14.21
N HIS D 481 -44.46 -19.64 14.64
CA HIS D 481 -43.64 -19.45 15.84
C HIS D 481 -44.22 -18.31 16.65
N GLY D 482 -44.68 -18.62 17.86
CA GLY D 482 -45.12 -17.60 18.80
C GLY D 482 -46.07 -16.59 18.21
N THR D 483 -45.84 -15.32 18.55
CA THR D 483 -46.54 -14.18 17.99
C THR D 483 -45.80 -13.54 16.82
N ASP D 484 -44.71 -14.17 16.35
CA ASP D 484 -43.73 -13.53 15.50
C ASP D 484 -44.15 -13.42 14.04
N ALA D 485 -45.33 -13.88 13.66
CA ALA D 485 -45.84 -13.59 12.32
C ALA D 485 -46.48 -12.21 12.35
N ASP D 486 -45.91 -11.28 11.60
CA ASP D 486 -46.21 -9.86 11.70
C ASP D 486 -45.70 -9.19 10.43
N ASP D 487 -45.68 -7.86 10.44
CA ASP D 487 -45.16 -7.13 9.28
C ASP D 487 -43.68 -6.91 9.51
N ARG D 488 -42.86 -7.71 8.84
CA ARG D 488 -41.41 -7.62 8.83
C ARG D 488 -40.91 -8.40 7.61
N PHE D 489 -39.69 -8.12 7.20
CA PHE D 489 -39.14 -8.74 5.98
C PHE D 489 -38.31 -9.96 6.37
N ALA D 490 -38.82 -11.14 6.01
CA ALA D 490 -38.09 -12.41 6.15
C ALA D 490 -37.46 -12.55 7.52
N GLU D 491 -38.25 -12.30 8.55
CA GLU D 491 -37.75 -12.36 9.92
C GLU D 491 -37.34 -13.78 10.26
N PRO D 492 -36.08 -14.05 10.55
CA PRO D 492 -35.66 -15.43 10.87
C PRO D 492 -36.22 -15.93 12.19
N ALA D 493 -36.69 -15.05 13.08
CA ALA D 493 -37.31 -15.50 14.31
C ALA D 493 -38.61 -16.25 14.05
N ASN D 494 -39.22 -16.04 12.88
CA ASN D 494 -40.45 -16.73 12.48
C ASN D 494 -40.16 -17.87 11.52
N GLN D 495 -39.61 -17.55 10.34
CA GLN D 495 -39.36 -18.56 9.32
C GLN D 495 -38.42 -19.65 9.83
N TRP D 496 -37.35 -19.26 10.54
CA TRP D 496 -36.29 -20.17 10.98
C TRP D 496 -35.68 -20.78 9.71
N ASN D 497 -35.50 -22.10 9.64
CA ASN D 497 -34.94 -22.76 8.47
C ASN D 497 -35.99 -23.23 7.49
N TYR D 498 -37.27 -22.91 7.72
CA TYR D 498 -38.30 -23.25 6.77
C TYR D 498 -38.34 -22.19 5.69
N PRO D 499 -37.92 -22.57 4.27
CA PRO D 499 -37.86 -21.55 3.18
C PRO D 499 -39.25 -21.19 2.65
N VAL D 500 -39.91 -20.28 3.38
CA VAL D 500 -41.27 -19.87 3.02
C VAL D 500 -41.31 -19.23 1.65
N GLN D 501 -40.35 -18.35 1.36
CA GLN D 501 -40.35 -17.67 0.06
C GLN D 501 -40.14 -18.64 -1.09
N LEU D 502 -39.22 -19.60 -0.92
CA LEU D 502 -38.97 -20.57 -1.98
C LEU D 502 -40.10 -21.58 -2.12
N LEU D 503 -40.92 -21.75 -1.08
CA LEU D 503 -42.11 -22.59 -1.21
C LEU D 503 -43.13 -21.96 -2.16
N ALA D 504 -43.28 -20.64 -2.08
CA ALA D 504 -44.21 -19.95 -2.98
C ALA D 504 -43.77 -20.08 -4.43
N GLU D 505 -42.48 -19.88 -4.70
CA GLU D 505 -41.98 -19.99 -6.06
C GLU D 505 -42.19 -21.38 -6.64
N ARG D 506 -42.33 -22.40 -5.79
CA ARG D 506 -42.55 -23.77 -6.24
C ARG D 506 -44.02 -24.15 -6.26
N GLY D 507 -44.92 -23.22 -5.97
CA GLY D 507 -46.34 -23.49 -6.03
C GLY D 507 -47.03 -23.82 -4.72
N TYR D 508 -46.41 -23.52 -3.58
CA TYR D 508 -47.02 -23.78 -2.28
C TYR D 508 -47.70 -22.53 -1.75
N VAL D 509 -48.88 -22.72 -1.17
CA VAL D 509 -49.52 -21.69 -0.36
C VAL D 509 -49.00 -21.82 1.05
N VAL D 510 -48.43 -20.75 1.58
CA VAL D 510 -47.86 -20.75 2.93
C VAL D 510 -48.74 -19.88 3.81
N LEU D 511 -49.29 -20.48 4.86
CA LEU D 511 -50.07 -19.77 5.86
C LEU D 511 -49.19 -19.56 7.08
N LEU D 512 -48.78 -18.32 7.31
CA LEU D 512 -48.04 -17.96 8.52
C LEU D 512 -49.05 -17.46 9.53
N LEU D 513 -49.26 -18.23 10.60
CA LEU D 513 -50.34 -17.98 11.55
C LEU D 513 -49.78 -18.12 12.96
N ASN D 514 -49.94 -17.08 13.76
CA ASN D 514 -49.44 -17.10 15.13
C ASN D 514 -50.33 -17.98 16.01
N ASP D 515 -49.92 -18.11 17.27
CA ASP D 515 -50.80 -18.63 18.29
C ASP D 515 -51.92 -17.62 18.54
N PRO D 516 -53.00 -18.04 19.21
CA PRO D 516 -53.99 -17.04 19.66
C PRO D 516 -53.34 -16.03 20.58
N SER D 517 -53.52 -14.75 20.27
CA SER D 517 -52.85 -13.70 21.01
C SER D 517 -53.28 -13.71 22.47
N PRO D 518 -52.35 -13.85 23.43
CA PRO D 518 -52.78 -14.05 24.81
C PRO D 518 -53.48 -12.85 25.42
N GLY D 519 -53.18 -11.63 24.97
CA GLY D 519 -53.77 -10.44 25.55
C GLY D 519 -55.23 -10.21 25.22
N GLN D 520 -55.84 -11.05 24.39
CA GLN D 520 -57.22 -10.84 23.97
C GLN D 520 -58.23 -11.32 25.01
N SER D 521 -57.86 -12.24 25.89
CA SER D 521 -58.80 -12.86 26.82
C SER D 521 -58.17 -13.01 28.19
N LYS D 522 -59.03 -13.09 29.20
CA LYS D 522 -58.57 -13.35 30.56
C LYS D 522 -58.17 -14.80 30.74
N ASP D 523 -58.79 -15.71 29.99
CA ASP D 523 -58.45 -17.12 30.11
C ASP D 523 -57.02 -17.41 29.67
N LEU D 524 -56.57 -16.74 28.60
CA LEU D 524 -55.24 -17.00 28.07
C LEU D 524 -54.14 -16.46 28.98
N MET D 525 -54.35 -15.26 29.54
CA MET D 525 -53.34 -14.69 30.43
C MET D 525 -53.30 -15.41 31.77
N ASP D 526 -54.45 -15.90 32.26
CA ASP D 526 -54.45 -16.66 33.50
C ASP D 526 -53.73 -17.99 33.33
N ALA D 527 -53.96 -18.67 32.21
CA ALA D 527 -53.22 -19.89 31.93
C ALA D 527 -51.75 -19.60 31.65
N MET D 528 -51.45 -18.47 31.02
CA MET D 528 -50.07 -18.08 30.80
C MET D 528 -49.36 -17.77 32.11
N HIS D 529 -50.09 -17.15 33.05
CA HIS D 529 -49.50 -16.88 34.36
C HIS D 529 -49.20 -18.16 35.11
N ALA D 530 -50.07 -19.16 35.01
CA ALA D 530 -49.85 -20.43 35.70
C ALA D 530 -48.61 -21.14 35.17
N TRP D 531 -48.41 -21.11 33.84
CA TRP D 531 -47.21 -21.69 33.24
C TRP D 531 -45.95 -21.05 33.81
N LEU D 532 -45.79 -19.75 33.60
CA LEU D 532 -44.58 -19.06 34.06
C LEU D 532 -44.37 -19.19 35.56
N ARG D 533 -45.46 -19.26 36.33
CA ARG D 533 -45.34 -19.29 37.79
C ARG D 533 -44.95 -20.67 38.32
N GLY D 534 -45.32 -21.73 37.62
CA GLY D 534 -45.00 -23.08 38.04
C GLY D 534 -46.07 -23.80 38.81
N LYS D 535 -47.32 -23.33 38.77
CA LYS D 535 -48.43 -23.93 39.49
C LYS D 535 -49.69 -23.16 39.13
N GLY D 536 -50.84 -23.77 39.44
CA GLY D 536 -52.13 -23.17 39.22
C GLY D 536 -52.58 -22.29 40.38
N PRO D 537 -53.82 -21.80 40.34
CA PRO D 537 -54.83 -21.97 39.28
C PRO D 537 -54.47 -21.21 38.01
N PRO D 538 -55.11 -21.56 36.86
CA PRO D 538 -56.17 -22.54 36.66
C PRO D 538 -55.70 -24.00 36.70
N ASP D 539 -56.62 -24.92 36.40
CA ASP D 539 -56.33 -26.33 36.47
C ASP D 539 -55.28 -26.74 35.43
N PRO D 540 -54.43 -27.71 35.76
CA PRO D 540 -53.49 -28.21 34.75
C PRO D 540 -54.17 -28.77 33.50
N GLU D 541 -55.42 -29.22 33.62
CA GLU D 541 -56.16 -29.65 32.43
C GLU D 541 -56.52 -28.46 31.56
N THR D 542 -56.83 -27.32 32.17
CA THR D 542 -57.15 -26.13 31.40
C THR D 542 -55.91 -25.44 30.84
N VAL D 543 -54.76 -25.61 31.51
CA VAL D 543 -53.51 -25.04 31.00
C VAL D 543 -53.14 -25.70 29.67
N GLN D 544 -53.36 -27.02 29.56
CA GLN D 544 -53.14 -27.70 28.29
C GLN D 544 -54.09 -27.19 27.23
N GLN D 545 -55.31 -26.80 27.61
CA GLN D 545 -56.30 -26.35 26.64
C GLN D 545 -55.97 -24.95 26.12
N LYS D 546 -55.68 -24.02 27.03
CA LYS D 546 -55.57 -22.61 26.65
C LYS D 546 -54.24 -22.30 25.97
N LEU D 547 -53.14 -22.89 26.44
CA LEU D 547 -51.84 -22.59 25.87
C LEU D 547 -51.46 -23.54 24.73
N TRP D 548 -52.17 -24.65 24.55
CA TRP D 548 -51.79 -25.61 23.52
C TRP D 548 -52.98 -26.03 22.66
N LEU D 549 -53.97 -26.67 23.27
CA LEU D 549 -55.04 -27.31 22.51
C LEU D 549 -55.82 -26.31 21.66
N THR D 550 -56.14 -25.14 22.22
CA THR D 550 -56.92 -24.17 21.46
C THR D 550 -56.15 -23.62 20.27
N GLY D 551 -54.82 -23.67 20.30
CA GLY D 551 -54.05 -23.31 19.12
C GLY D 551 -54.18 -24.32 18.01
N VAL D 552 -54.41 -25.59 18.36
CA VAL D 552 -54.65 -26.61 17.35
C VAL D 552 -55.95 -26.32 16.62
N HIS D 553 -56.97 -25.84 17.35
CA HIS D 553 -58.24 -25.52 16.71
C HIS D 553 -58.12 -24.29 15.81
N SER D 554 -57.28 -23.33 16.20
CA SER D 554 -57.06 -22.17 15.35
C SER D 554 -56.38 -22.56 14.05
N PHE D 555 -55.60 -23.64 14.05
CA PHE D 555 -54.99 -24.15 12.83
C PHE D 555 -56.02 -24.94 12.00
N GLU D 556 -56.80 -25.79 12.65
CA GLU D 556 -57.78 -26.60 11.94
C GLU D 556 -58.86 -25.73 11.31
N ASP D 557 -59.43 -24.81 12.09
CA ASP D 557 -60.49 -23.96 11.56
C ASP D 557 -60.00 -22.99 10.50
N ALA D 558 -58.70 -22.65 10.50
CA ALA D 558 -58.16 -21.76 9.48
C ALA D 558 -58.00 -22.48 8.14
N VAL D 559 -57.40 -23.67 8.15
CA VAL D 559 -57.16 -24.38 6.89
C VAL D 559 -58.47 -24.84 6.26
N THR D 560 -59.49 -25.16 7.09
CA THR D 560 -60.80 -25.46 6.53
C THR D 560 -61.50 -24.21 6.04
N GLU D 561 -61.16 -23.05 6.61
CA GLU D 561 -61.72 -21.79 6.12
C GLU D 561 -61.12 -21.43 4.76
N LEU D 562 -59.83 -21.71 4.56
CA LEU D 562 -59.22 -21.46 3.25
C LEU D 562 -59.62 -22.53 2.24
N ALA D 563 -59.88 -23.76 2.71
CA ALA D 563 -60.35 -24.81 1.82
C ALA D 563 -61.77 -24.53 1.33
N ALA D 564 -62.59 -23.87 2.14
CA ALA D 564 -63.93 -23.52 1.69
C ALA D 564 -63.89 -22.45 0.59
N GLU D 565 -62.82 -21.65 0.56
CA GLU D 565 -62.63 -20.65 -0.48
C GLU D 565 -61.97 -21.23 -1.73
N GLY D 566 -61.67 -22.52 -1.75
CA GLY D 566 -61.00 -23.12 -2.88
C GLY D 566 -59.54 -22.73 -3.03
N LEU D 567 -58.94 -22.12 -2.02
CA LEU D 567 -57.52 -21.77 -2.07
C LEU D 567 -56.62 -22.95 -1.72
N ILE D 568 -57.05 -23.80 -0.80
CA ILE D 568 -56.23 -24.86 -0.24
C ILE D 568 -56.82 -26.22 -0.62
N ASP D 569 -55.94 -27.16 -0.99
CA ASP D 569 -56.31 -28.55 -1.14
C ASP D 569 -56.19 -29.22 0.22
N PRO D 570 -57.30 -29.62 0.86
CA PRO D 570 -57.20 -30.20 2.20
C PRO D 570 -56.43 -31.51 2.26
N ALA D 571 -56.34 -32.24 1.13
CA ALA D 571 -55.62 -33.50 1.12
C ALA D 571 -54.12 -33.29 1.33
N ARG D 572 -53.57 -32.22 0.78
CA ARG D 572 -52.15 -31.92 0.89
C ARG D 572 -51.99 -30.65 1.72
N VAL D 573 -51.55 -30.80 2.96
CA VAL D 573 -51.23 -29.65 3.82
C VAL D 573 -50.14 -30.06 4.79
N GLY D 574 -49.17 -29.17 4.98
CA GLY D 574 -48.12 -29.36 5.96
C GLY D 574 -48.28 -28.42 7.16
N ILE D 575 -47.39 -28.65 8.13
CA ILE D 575 -47.27 -27.76 9.28
C ILE D 575 -45.82 -27.81 9.75
N ALA D 576 -45.30 -26.67 10.20
CA ALA D 576 -43.91 -26.56 10.62
C ALA D 576 -43.78 -25.50 11.71
N GLY D 577 -42.77 -25.68 12.56
CA GLY D 577 -42.48 -24.72 13.62
C GLY D 577 -41.30 -25.13 14.49
N TYR D 578 -40.71 -24.19 15.21
CA TYR D 578 -39.58 -24.49 16.09
C TYR D 578 -39.80 -23.82 17.43
N SER D 579 -39.17 -24.38 18.46
CA SER D 579 -39.26 -23.87 19.83
C SER D 579 -40.73 -23.87 20.23
N ARG D 580 -41.34 -22.71 20.50
CA ARG D 580 -42.77 -22.66 20.76
C ARG D 580 -43.56 -23.30 19.63
N GLY D 581 -43.21 -22.96 18.39
CA GLY D 581 -43.88 -23.55 17.24
C GLY D 581 -43.68 -25.05 17.14
N SER D 582 -42.54 -25.55 17.66
CA SER D 582 -42.32 -26.98 17.69
C SER D 582 -43.29 -27.67 18.64
N GLN D 583 -43.63 -27.01 19.75
CA GLN D 583 -44.61 -27.57 20.66
C GLN D 583 -45.99 -27.65 20.01
N MET D 584 -46.34 -26.64 19.19
CA MET D 584 -47.60 -26.67 18.48
C MET D 584 -47.66 -27.83 17.50
N VAL D 585 -46.60 -27.99 16.70
CA VAL D 585 -46.58 -29.06 15.69
C VAL D 585 -46.73 -30.43 16.34
N ASN D 586 -46.09 -30.64 17.48
CA ASN D 586 -46.19 -31.93 18.15
C ASN D 586 -47.58 -32.14 18.76
N VAL D 587 -48.25 -31.06 19.17
CA VAL D 587 -49.59 -31.20 19.73
C VAL D 587 -50.64 -31.36 18.63
N THR D 588 -50.49 -30.63 17.52
CA THR D 588 -51.46 -30.75 16.43
C THR D 588 -51.41 -32.14 15.81
N VAL D 589 -50.22 -32.60 15.41
CA VAL D 589 -50.10 -33.92 14.80
C VAL D 589 -50.62 -35.00 15.75
N THR D 590 -50.52 -34.77 17.05
CA THR D 590 -51.12 -35.69 18.01
C THR D 590 -52.65 -35.63 17.98
N ASN D 591 -53.21 -34.43 18.08
CA ASN D 591 -54.64 -34.23 18.27
C ASN D 591 -55.41 -33.96 16.98
N SER D 592 -54.75 -33.98 15.82
CA SER D 592 -55.42 -33.67 14.56
C SER D 592 -55.01 -34.67 13.48
N LYS D 593 -55.98 -35.11 12.70
CA LYS D 593 -55.76 -35.93 11.52
C LYS D 593 -55.65 -35.11 10.25
N MET D 594 -55.70 -33.78 10.35
CA MET D 594 -55.85 -32.91 9.19
C MET D 594 -54.54 -32.67 8.45
N PHE D 595 -53.40 -32.85 9.10
CA PHE D 595 -52.11 -32.52 8.51
C PHE D 595 -51.40 -33.79 8.04
N ARG D 596 -50.94 -33.77 6.78
CA ARG D 596 -50.29 -34.94 6.19
C ARG D 596 -48.83 -35.04 6.61
N ALA D 597 -48.11 -33.92 6.65
CA ALA D 597 -46.69 -33.91 6.98
C ALA D 597 -46.41 -32.82 8.01
N ALA D 598 -45.27 -32.97 8.69
CA ALA D 598 -44.88 -32.01 9.73
C ALA D 598 -43.36 -31.98 9.85
N SER D 599 -42.85 -30.84 10.31
CA SER D 599 -41.43 -30.69 10.64
C SER D 599 -41.32 -29.89 11.92
N SER D 600 -40.68 -30.46 12.94
CA SER D 600 -40.54 -29.82 14.24
C SER D 600 -39.07 -29.52 14.50
N GLY D 601 -38.71 -28.24 14.40
CA GLY D 601 -37.33 -27.83 14.68
C GLY D 601 -37.02 -27.76 16.16
N ASP D 602 -35.91 -28.40 16.56
CA ASP D 602 -35.25 -28.19 17.85
C ASP D 602 -36.24 -28.13 19.01
N GLY D 603 -37.12 -29.13 19.07
CA GLY D 603 -38.19 -29.16 20.05
C GLY D 603 -37.84 -29.93 21.31
N GLY D 604 -38.84 -30.61 21.88
CA GLY D 604 -38.63 -31.46 23.04
C GLY D 604 -39.30 -31.00 24.31
N PHE D 605 -39.88 -29.80 24.35
CA PHE D 605 -40.70 -29.49 25.51
C PHE D 605 -41.99 -30.32 25.48
N LEU D 606 -42.58 -30.51 26.66
CA LEU D 606 -43.75 -31.32 26.96
C LEU D 606 -43.41 -32.81 27.05
N GLU D 607 -42.14 -33.22 26.74
CA GLU D 607 -41.81 -34.64 26.79
C GLU D 607 -41.34 -35.03 28.18
N PRO D 608 -41.64 -36.26 28.62
CA PRO D 608 -41.29 -36.68 29.97
C PRO D 608 -39.79 -36.77 30.22
N ALA D 609 -38.97 -36.89 29.17
CA ALA D 609 -37.53 -36.99 29.35
C ALA D 609 -36.93 -35.71 29.89
N GLY D 610 -37.54 -34.56 29.60
CA GLY D 610 -37.04 -33.28 30.04
C GLY D 610 -37.63 -32.77 31.33
N TYR D 611 -38.34 -33.61 32.08
CA TYR D 611 -38.97 -33.14 33.31
C TYR D 611 -37.95 -32.82 34.39
N ALA D 612 -36.95 -33.70 34.55
CA ALA D 612 -36.02 -33.55 35.67
C ALA D 612 -35.28 -32.21 35.61
N THR D 613 -34.88 -31.79 34.41
CA THR D 613 -34.22 -30.50 34.24
C THR D 613 -35.20 -29.34 34.25
N GLY D 614 -36.38 -29.54 33.66
CA GLY D 614 -37.34 -28.47 33.40
C GLY D 614 -38.55 -28.38 34.31
N ARG D 615 -38.44 -28.86 35.56
CA ARG D 615 -39.58 -29.09 36.45
C ARG D 615 -40.66 -28.02 36.47
N SER D 616 -40.33 -26.81 36.93
CA SER D 616 -41.36 -25.84 37.28
C SER D 616 -42.30 -25.56 36.12
N SER D 617 -41.76 -25.40 34.90
CA SER D 617 -42.62 -25.17 33.74
C SER D 617 -43.44 -26.41 33.39
N TYR D 618 -42.94 -27.59 33.72
CA TYR D 618 -43.71 -28.82 33.51
C TYR D 618 -44.81 -28.98 34.54
N ASP D 619 -44.56 -28.56 35.79
CA ASP D 619 -45.51 -28.80 36.87
C ASP D 619 -46.83 -28.09 36.65
N ALA D 620 -46.82 -26.95 35.95
CA ALA D 620 -48.08 -26.28 35.65
C ALA D 620 -48.90 -27.06 34.64
N VAL D 621 -48.25 -27.68 33.66
CA VAL D 621 -48.97 -28.39 32.61
C VAL D 621 -49.54 -29.71 33.14
N TYR D 622 -48.68 -30.57 33.67
CA TYR D 622 -49.07 -31.92 34.05
C TYR D 622 -49.37 -32.09 35.54
N GLY D 623 -49.15 -31.05 36.35
CA GLY D 623 -49.44 -31.13 37.77
C GLY D 623 -48.35 -31.74 38.62
N GLY D 624 -47.41 -32.48 38.03
CA GLY D 624 -46.38 -33.12 38.82
C GLY D 624 -45.50 -34.03 37.96
N ALA D 625 -44.81 -34.93 38.65
CA ALA D 625 -43.83 -35.80 38.01
C ALA D 625 -44.51 -36.79 37.07
N PRO D 626 -43.78 -37.30 36.08
CA PRO D 626 -44.39 -38.29 35.17
C PRO D 626 -44.73 -39.60 35.82
N LEU D 627 -44.02 -40.01 36.87
CA LEU D 627 -44.30 -41.26 37.57
C LEU D 627 -45.18 -41.09 38.80
N SER D 628 -45.59 -39.86 39.12
CA SER D 628 -46.43 -39.62 40.27
C SER D 628 -47.88 -39.95 39.94
N ASP D 629 -48.80 -39.61 40.85
CA ASP D 629 -50.22 -39.90 40.64
C ASP D 629 -50.84 -39.05 39.54
N ASN D 630 -50.11 -38.08 38.99
CA ASN D 630 -50.59 -37.23 37.91
C ASN D 630 -50.31 -37.81 36.53
N ILE D 631 -49.81 -39.05 36.46
CA ILE D 631 -49.31 -39.57 35.19
C ILE D 631 -50.42 -39.63 34.15
N GLU D 632 -51.66 -39.92 34.57
CA GLU D 632 -52.75 -39.97 33.62
C GLU D 632 -52.88 -38.65 32.85
N ARG D 633 -52.46 -37.54 33.45
CA ARG D 633 -52.35 -36.29 32.71
C ARG D 633 -51.23 -36.36 31.68
N TRP D 634 -50.10 -36.99 32.03
CA TRP D 634 -49.01 -37.14 31.08
C TRP D 634 -49.43 -38.01 29.89
N ARG D 635 -50.14 -39.10 30.15
CA ARG D 635 -50.50 -40.01 29.08
C ARG D 635 -51.54 -39.42 28.15
N ARG D 636 -52.39 -38.51 28.64
CA ARG D 636 -53.42 -37.93 27.80
C ARG D 636 -52.87 -36.83 26.88
N PHE D 637 -51.81 -36.15 27.30
CA PHE D 637 -51.34 -34.95 26.61
C PHE D 637 -50.00 -35.15 25.92
N ALA D 638 -48.95 -35.50 26.66
CA ALA D 638 -47.58 -35.50 26.15
C ALA D 638 -47.50 -36.26 24.82
N PRO D 639 -46.90 -35.66 23.78
CA PRO D 639 -46.96 -36.28 22.45
C PRO D 639 -46.22 -37.60 22.33
N SER D 640 -45.12 -37.79 23.06
CA SER D 640 -44.33 -39.02 22.91
C SER D 640 -45.16 -40.25 23.29
N LEU D 641 -45.98 -40.14 24.33
CA LEU D 641 -46.84 -41.25 24.72
C LEU D 641 -48.04 -41.40 23.81
N ASN D 642 -48.42 -40.36 23.09
CA ASN D 642 -49.59 -40.33 22.22
C ASN D 642 -49.27 -40.67 20.77
N ALA D 643 -48.05 -41.13 20.48
CA ALA D 643 -47.64 -41.39 19.10
C ALA D 643 -48.62 -42.29 18.35
N ASP D 644 -49.38 -43.11 19.07
CA ASP D 644 -50.41 -43.94 18.43
C ASP D 644 -51.50 -43.11 17.77
N LYS D 645 -51.69 -41.87 18.21
CA LYS D 645 -52.67 -40.97 17.61
C LYS D 645 -52.11 -40.23 16.39
N VAL D 646 -50.86 -40.49 16.02
CA VAL D 646 -50.17 -39.70 15.00
C VAL D 646 -50.32 -40.39 13.65
N CYS D 647 -51.03 -39.74 12.73
CA CYS D 647 -50.98 -40.09 11.31
C CYS D 647 -50.38 -38.89 10.58
N ALA D 648 -49.12 -39.03 10.17
CA ALA D 648 -48.37 -37.95 9.54
C ALA D 648 -46.93 -38.39 9.28
N ALA D 649 -46.17 -37.53 8.63
CA ALA D 649 -44.73 -37.70 8.46
C ALA D 649 -44.05 -36.59 9.24
N VAL D 650 -43.37 -36.95 10.33
CA VAL D 650 -42.79 -36.00 11.26
C VAL D 650 -41.28 -36.00 11.09
N LEU D 651 -40.72 -34.86 10.68
CA LEU D 651 -39.29 -34.67 10.58
C LEU D 651 -38.83 -33.77 11.72
N GLN D 652 -37.73 -34.15 12.38
CA GLN D 652 -37.15 -33.37 13.46
C GLN D 652 -35.79 -32.86 13.02
N GLN D 653 -35.68 -31.54 12.86
CA GLN D 653 -34.39 -30.87 12.64
C GLN D 653 -33.90 -30.37 13.99
N VAL D 654 -32.76 -30.88 14.42
CA VAL D 654 -32.37 -30.83 15.83
C VAL D 654 -30.92 -30.39 15.94
N ALA D 655 -30.69 -29.26 16.60
CA ALA D 655 -29.32 -28.84 16.92
C ALA D 655 -28.81 -29.47 18.22
N SER D 656 -29.64 -29.53 19.25
CA SER D 656 -29.17 -29.88 20.59
C SER D 656 -29.01 -31.39 20.81
N ALA D 657 -29.85 -32.21 20.18
CA ALA D 657 -29.88 -33.66 20.37
C ALA D 657 -30.21 -34.02 21.82
N SER D 658 -31.18 -33.31 22.39
CA SER D 658 -31.58 -33.54 23.76
C SER D 658 -32.29 -34.89 23.89
N PRO D 659 -32.32 -35.45 25.10
CA PRO D 659 -33.08 -36.71 25.29
C PRO D 659 -34.57 -36.55 25.04
N SER D 660 -35.10 -35.32 25.12
CA SER D 660 -36.51 -35.12 24.84
C SER D 660 -36.81 -35.22 23.36
N GLN D 661 -35.88 -34.77 22.52
CA GLN D 661 -36.05 -34.90 21.07
C GLN D 661 -35.85 -36.34 20.63
N ILE D 662 -34.97 -37.09 21.29
CA ILE D 662 -34.75 -38.48 20.94
C ILE D 662 -35.93 -39.34 21.40
N GLU D 663 -36.50 -39.02 22.57
CA GLU D 663 -37.63 -39.78 23.09
C GLU D 663 -38.81 -39.72 22.14
N LEU D 664 -39.03 -38.57 21.50
CA LEU D 664 -40.14 -38.45 20.56
C LEU D 664 -39.88 -39.24 19.29
N PHE D 665 -38.62 -39.27 18.83
CA PHE D 665 -38.28 -40.03 17.64
C PHE D 665 -38.41 -41.53 17.89
N GLU D 666 -37.90 -42.00 19.03
CA GLU D 666 -37.96 -43.43 19.34
C GLU D 666 -39.40 -43.88 19.59
N ALA D 667 -40.25 -42.99 20.08
CA ALA D 667 -41.65 -43.34 20.28
C ALA D 667 -42.41 -43.35 18.96
N LEU D 668 -42.05 -42.45 18.05
CA LEU D 668 -42.71 -42.41 16.74
C LEU D 668 -42.33 -43.63 15.90
N ARG D 669 -41.03 -43.96 15.86
CA ARG D 669 -40.58 -45.10 15.08
C ARG D 669 -41.12 -46.42 15.64
N ALA D 670 -41.32 -46.48 16.96
CA ALA D 670 -41.88 -47.68 17.57
C ALA D 670 -43.37 -47.83 17.29
N ALA D 671 -44.05 -46.75 16.92
CA ALA D 671 -45.47 -46.79 16.61
C ALA D 671 -45.74 -47.00 15.12
N GLY D 672 -44.71 -47.19 14.31
CA GLY D 672 -44.87 -47.38 12.89
C GLY D 672 -45.00 -46.10 12.09
N VAL D 673 -45.06 -44.94 12.73
CA VAL D 673 -45.15 -43.68 12.01
C VAL D 673 -43.86 -43.44 11.25
N ALA D 674 -43.97 -42.87 10.06
CA ALA D 674 -42.80 -42.52 9.27
C ALA D 674 -42.19 -41.24 9.83
N THR D 675 -40.95 -41.31 10.28
CA THR D 675 -40.33 -40.18 10.95
C THR D 675 -38.83 -40.20 10.72
N GLN D 676 -38.20 -39.05 10.88
CA GLN D 676 -36.77 -38.90 10.74
C GLN D 676 -36.30 -37.77 11.64
N ILE D 677 -35.09 -37.91 12.18
CA ILE D 677 -34.47 -36.88 13.01
C ILE D 677 -33.11 -36.54 12.40
N SER D 678 -32.88 -35.26 12.16
CA SER D 678 -31.64 -34.78 11.55
C SER D 678 -30.90 -33.92 12.56
N TYR D 679 -29.67 -34.31 12.87
CA TYR D 679 -28.85 -33.67 13.89
C TYR D 679 -27.71 -32.93 13.20
N TYR D 680 -27.76 -31.59 13.23
CA TYR D 680 -26.78 -30.75 12.56
C TYR D 680 -25.65 -30.38 13.51
N PRO D 681 -24.39 -30.48 13.08
CA PRO D 681 -23.28 -30.27 14.00
C PRO D 681 -22.84 -28.82 14.08
N GLY D 682 -21.81 -28.57 14.89
CA GLY D 682 -21.20 -27.25 14.99
C GLY D 682 -20.07 -27.09 14.00
N ALA D 683 -19.19 -26.12 14.30
CA ALA D 683 -18.04 -25.88 13.43
C ALA D 683 -17.06 -27.04 13.51
N THR D 684 -16.78 -27.51 14.72
CA THR D 684 -15.89 -28.64 14.95
C THR D 684 -16.58 -29.65 15.86
N ALA D 685 -15.86 -30.72 16.20
CA ALA D 685 -16.37 -31.67 17.18
C ALA D 685 -16.41 -31.10 18.58
N ALA D 686 -15.71 -29.99 18.83
CA ALA D 686 -15.70 -29.34 20.13
C ALA D 686 -16.75 -28.24 20.26
N SER D 687 -17.53 -27.99 19.22
CA SER D 687 -18.52 -26.94 19.21
C SER D 687 -19.89 -27.52 18.87
N ASP D 688 -20.93 -26.78 19.21
CA ASP D 688 -22.31 -27.14 18.92
C ASP D 688 -22.91 -26.17 17.90
N GLU D 689 -24.18 -26.39 17.59
CA GLU D 689 -24.97 -25.48 16.78
C GLU D 689 -25.98 -24.77 17.68
N THR D 690 -26.19 -23.49 17.43
CA THR D 690 -27.08 -22.70 18.27
C THR D 690 -28.53 -23.08 18.03
N HIS D 691 -29.43 -22.47 18.81
CA HIS D 691 -30.86 -22.75 18.64
C HIS D 691 -31.35 -22.32 17.27
N VAL D 692 -31.07 -21.08 16.90
CA VAL D 692 -31.18 -20.64 15.51
C VAL D 692 -29.84 -20.91 14.84
N PHE D 693 -29.88 -21.50 13.65
CA PHE D 693 -28.65 -21.97 13.01
C PHE D 693 -27.83 -20.78 12.56
N TYR D 694 -26.59 -20.68 13.03
CA TYR D 694 -25.67 -19.64 12.60
C TYR D 694 -24.68 -20.11 11.54
N LEU D 695 -24.69 -21.39 11.18
CA LEU D 695 -23.76 -21.92 10.18
C LEU D 695 -24.49 -22.02 8.84
N THR D 696 -23.91 -21.38 7.81
CA THR D 696 -24.56 -21.34 6.51
C THR D 696 -24.74 -22.73 5.93
N THR D 697 -23.74 -23.60 6.08
CA THR D 697 -23.85 -24.95 5.55
C THR D 697 -24.96 -25.73 6.27
N ASN D 698 -25.26 -25.38 7.52
CA ASN D 698 -26.38 -26.00 8.21
C ASN D 698 -27.70 -25.37 7.80
N ARG D 699 -27.73 -24.04 7.63
CA ARG D 699 -28.97 -23.38 7.25
C ARG D 699 -29.42 -23.80 5.85
N LEU D 700 -28.49 -23.86 4.90
CA LEU D 700 -28.85 -24.18 3.53
C LEU D 700 -29.40 -25.60 3.43
N ARG D 701 -28.75 -26.57 4.08
CA ARG D 701 -29.20 -27.95 3.99
C ARG D 701 -30.47 -28.20 4.80
N ALA D 702 -30.69 -27.42 5.86
CA ALA D 702 -31.93 -27.54 6.60
C ALA D 702 -33.12 -27.04 5.78
N MET D 703 -32.90 -26.00 4.98
CA MET D 703 -33.96 -25.50 4.10
C MET D 703 -34.25 -26.51 2.99
N ARG D 704 -33.21 -27.04 2.35
CA ARG D 704 -33.40 -28.02 1.30
C ARG D 704 -34.02 -29.30 1.82
N GLU D 705 -33.77 -29.64 3.08
CA GLU D 705 -34.37 -30.83 3.67
C GLU D 705 -35.88 -30.64 3.86
N ASN D 706 -36.29 -29.44 4.29
CA ASN D 706 -37.72 -29.17 4.40
C ASN D 706 -38.39 -29.15 3.04
N ILE D 707 -37.66 -28.72 2.00
CA ILE D 707 -38.20 -28.76 0.64
C ILE D 707 -38.46 -30.20 0.22
N ALA D 708 -37.44 -31.06 0.34
CA ALA D 708 -37.58 -32.44 -0.09
C ALA D 708 -38.55 -33.22 0.79
N TRP D 709 -38.66 -32.86 2.07
CA TRP D 709 -39.57 -33.58 2.96
C TRP D 709 -41.03 -33.27 2.65
N PHE D 710 -41.34 -31.99 2.43
CA PHE D 710 -42.72 -31.64 2.11
C PHE D 710 -43.08 -31.95 0.67
N ASP D 711 -42.11 -31.93 -0.24
CA ASP D 711 -42.40 -32.33 -1.63
C ASP D 711 -42.70 -33.81 -1.71
N TYR D 712 -41.99 -34.63 -0.92
CA TYR D 712 -42.16 -36.08 -1.02
C TYR D 712 -43.48 -36.53 -0.43
N TRP D 713 -43.79 -36.09 0.79
CA TRP D 713 -44.98 -36.60 1.47
C TRP D 713 -46.26 -35.94 0.95
N LEU D 714 -46.25 -34.61 0.77
CA LEU D 714 -47.46 -33.94 0.32
C LEU D 714 -47.71 -34.16 -1.18
N LEU D 715 -46.70 -33.89 -2.01
CA LEU D 715 -46.88 -33.89 -3.46
C LEU D 715 -46.45 -35.18 -4.14
N ASP D 716 -45.91 -36.14 -3.38
CA ASP D 716 -45.31 -37.35 -3.97
C ASP D 716 -44.26 -36.97 -5.02
N LYS D 717 -43.57 -35.85 -4.81
CA LYS D 717 -42.60 -35.32 -5.75
C LYS D 717 -41.19 -35.58 -5.24
N ARG D 718 -40.44 -36.39 -5.99
CA ARG D 718 -39.07 -36.70 -5.61
C ARG D 718 -38.15 -35.59 -6.09
N ASP D 719 -37.27 -35.12 -5.21
CA ASP D 719 -36.35 -34.05 -5.53
C ASP D 719 -35.04 -34.62 -6.07
N ALA D 720 -34.58 -34.10 -7.21
CA ALA D 720 -33.29 -34.50 -7.75
C ALA D 720 -32.14 -33.82 -7.03
N ASP D 721 -32.36 -32.60 -6.53
CA ASP D 721 -31.35 -31.84 -5.81
C ASP D 721 -31.43 -32.02 -4.30
N ALA D 722 -32.24 -32.97 -3.82
CA ALA D 722 -32.44 -33.17 -2.39
C ALA D 722 -31.09 -33.29 -1.69
N PRO D 723 -30.95 -32.73 -0.48
CA PRO D 723 -29.60 -32.59 0.10
C PRO D 723 -28.93 -33.91 0.41
N PHE D 724 -29.68 -34.92 0.83
CA PHE D 724 -29.12 -36.21 1.17
C PHE D 724 -29.62 -37.26 0.19
N PRO D 725 -28.74 -37.85 -0.63
CA PRO D 725 -29.22 -38.59 -1.81
C PRO D 725 -30.09 -39.81 -1.50
N ASP D 726 -29.69 -40.64 -0.55
CA ASP D 726 -30.35 -41.92 -0.34
C ASP D 726 -31.49 -41.87 0.66
N HIS D 727 -31.82 -40.68 1.19
CA HIS D 727 -32.92 -40.58 2.13
C HIS D 727 -34.27 -40.81 1.46
N VAL D 728 -34.40 -40.44 0.20
CA VAL D 728 -35.67 -40.67 -0.51
C VAL D 728 -35.94 -42.15 -0.66
N VAL D 729 -34.87 -42.96 -0.76
CA VAL D 729 -35.05 -44.41 -0.78
C VAL D 729 -35.52 -44.92 0.56
N LYS D 730 -34.96 -44.38 1.66
CA LYS D 730 -35.39 -44.78 2.99
C LYS D 730 -36.82 -44.33 3.27
N TRP D 731 -37.21 -43.16 2.75
CA TRP D 731 -38.57 -42.69 2.94
C TRP D 731 -39.58 -43.61 2.26
N ASP D 732 -39.18 -44.27 1.18
CA ASP D 732 -40.06 -45.26 0.56
C ASP D 732 -40.28 -46.46 1.47
N ARG D 733 -39.21 -46.92 2.13
CA ARG D 733 -39.35 -47.99 3.11
C ARG D 733 -40.14 -47.54 4.33
N LEU D 734 -40.18 -46.24 4.62
CA LEU D 734 -41.05 -45.74 5.68
C LEU D 734 -42.51 -45.80 5.27
N LYS D 735 -42.81 -45.45 4.01
CA LYS D 735 -44.19 -45.45 3.54
C LYS D 735 -44.77 -46.86 3.49
N LYS D 736 -43.97 -47.84 3.09
CA LYS D 736 -44.45 -49.21 3.00
C LYS D 736 -44.71 -49.83 4.37
N ASN D 737 -44.14 -49.27 5.43
CA ASN D 737 -44.31 -49.79 6.78
C ASN D 737 -45.42 -49.10 7.56
N LEU D 738 -46.14 -48.17 6.94
CA LEU D 738 -47.18 -47.43 7.64
C LEU D 738 -48.28 -48.38 8.12
N PRO D 739 -48.86 -48.11 9.29
CA PRO D 739 -49.90 -49.01 9.82
C PRO D 739 -51.19 -48.92 9.03
N ASP D 740 -52.03 -49.94 9.22
CA ASP D 740 -53.31 -50.00 8.51
C ASP D 740 -54.31 -48.98 9.04
N ARG D 741 -54.09 -48.44 10.24
CA ARG D 741 -54.99 -47.43 10.77
C ARG D 741 -54.94 -46.12 9.97
N CYS D 742 -53.97 -45.96 9.08
CA CYS D 742 -53.89 -44.80 8.19
C CYS D 742 -53.18 -45.16 6.90
#